data_2PNG
#
_entry.id   2PNG
#
_entity_poly.entity_id   1
_entity_poly.type   'polypeptide(L)'
_entity_poly.pdbx_seq_one_letter_code
;GDGEAQRDLVKAVAHILGIRDLAGINLDSSLADLGLDSLMGVEVRQILEREHDLVLPIREVRQLTLRKLQEMSSKAGSDT
ELAAPKSKN
;
_entity_poly.pdbx_strand_id   A
#
# COMPACT_ATOMS: atom_id res chain seq x y z
N GLY A 1 -19.28 -0.72 -4.13
CA GLY A 1 -19.24 0.73 -4.25
C GLY A 1 -18.36 1.36 -3.21
N ASP A 2 -18.44 0.87 -1.99
CA ASP A 2 -17.62 1.39 -0.92
C ASP A 2 -16.99 0.23 -0.18
N GLY A 3 -15.75 0.40 0.23
CA GLY A 3 -15.04 -0.66 0.87
C GLY A 3 -15.22 -0.66 2.36
N GLU A 4 -15.82 -1.71 2.86
CA GLU A 4 -16.05 -1.90 4.29
C GLU A 4 -14.78 -2.42 4.92
N ALA A 5 -14.04 -3.15 4.13
CA ALA A 5 -12.81 -3.72 4.55
C ALA A 5 -11.73 -3.30 3.60
N GLN A 6 -10.54 -3.24 4.07
CA GLN A 6 -9.41 -2.88 3.27
C GLN A 6 -8.19 -3.63 3.75
N ARG A 7 -7.36 -4.01 2.83
CA ARG A 7 -6.18 -4.78 3.11
C ARG A 7 -4.95 -3.90 3.01
N ASP A 8 -3.82 -4.43 3.46
CA ASP A 8 -2.56 -3.74 3.31
C ASP A 8 -2.21 -3.82 1.87
N LEU A 9 -1.62 -2.79 1.34
CA LEU A 9 -1.26 -2.77 -0.07
C LEU A 9 -0.14 -3.75 -0.37
N VAL A 10 0.45 -4.31 0.67
CA VAL A 10 1.46 -5.33 0.53
C VAL A 10 0.82 -6.63 0.00
N LYS A 11 -0.41 -6.88 0.38
CA LYS A 11 -1.07 -8.10 -0.06
C LYS A 11 -1.69 -7.89 -1.44
N ALA A 12 -1.39 -6.76 -2.03
CA ALA A 12 -1.83 -6.44 -3.36
C ALA A 12 -0.62 -6.20 -4.25
N VAL A 13 0.11 -5.13 -3.97
CA VAL A 13 1.26 -4.70 -4.76
C VAL A 13 2.40 -5.68 -4.64
N ALA A 14 2.74 -6.05 -3.40
CA ALA A 14 3.82 -6.99 -3.19
C ALA A 14 3.41 -8.35 -3.72
N HIS A 15 2.13 -8.62 -3.72
CA HIS A 15 1.62 -9.88 -4.20
C HIS A 15 1.74 -9.96 -5.74
N ILE A 16 1.93 -8.81 -6.40
CA ILE A 16 2.18 -8.77 -7.85
C ILE A 16 3.61 -9.27 -8.10
N LEU A 17 4.48 -8.99 -7.14
CA LEU A 17 5.88 -9.42 -7.17
C LEU A 17 6.02 -10.81 -6.57
N GLY A 18 4.97 -11.26 -5.94
CA GLY A 18 4.97 -12.55 -5.30
C GLY A 18 5.58 -12.50 -3.93
N ILE A 19 5.48 -11.36 -3.29
CA ILE A 19 6.01 -11.18 -1.96
C ILE A 19 4.94 -10.76 -0.98
N ARG A 20 5.31 -10.75 0.28
CA ARG A 20 4.44 -10.35 1.38
C ARG A 20 5.24 -10.39 2.66
N ASP A 21 6.02 -11.44 2.79
CA ASP A 21 6.82 -11.68 3.98
C ASP A 21 8.19 -11.03 3.86
N LEU A 22 8.76 -11.03 2.65
CA LEU A 22 10.04 -10.35 2.37
C LEU A 22 11.20 -11.02 3.07
N ALA A 23 11.10 -12.35 3.23
CA ALA A 23 12.09 -13.19 3.93
C ALA A 23 13.51 -12.87 3.53
N GLY A 24 13.70 -12.73 2.28
CA GLY A 24 15.00 -12.40 1.75
C GLY A 24 14.94 -11.35 0.68
N ILE A 25 13.96 -10.48 0.79
CA ILE A 25 13.80 -9.43 -0.20
C ILE A 25 13.97 -8.09 0.51
N ASN A 26 14.83 -7.27 -0.05
CA ASN A 26 15.19 -5.98 0.55
C ASN A 26 14.01 -5.00 0.58
N LEU A 27 13.89 -4.26 1.70
CA LEU A 27 12.78 -3.32 1.93
C LEU A 27 13.19 -1.86 1.75
N ASP A 28 14.42 -1.63 1.37
CA ASP A 28 14.91 -0.26 1.14
C ASP A 28 14.80 0.07 -0.32
N SER A 29 14.55 -0.95 -1.09
CA SER A 29 14.44 -0.84 -2.51
C SER A 29 13.20 -0.04 -2.90
N SER A 30 13.39 0.87 -3.82
CA SER A 30 12.31 1.64 -4.36
C SER A 30 11.34 0.71 -5.12
N LEU A 31 10.10 1.09 -5.23
CA LEU A 31 9.09 0.27 -5.91
C LEU A 31 9.44 0.08 -7.39
N ALA A 32 10.10 1.06 -7.97
CA ALA A 32 10.51 0.94 -9.36
C ALA A 32 11.66 -0.03 -9.48
N ASP A 33 12.45 -0.14 -8.42
CA ASP A 33 13.57 -1.07 -8.37
C ASP A 33 13.02 -2.47 -8.33
N LEU A 34 11.92 -2.61 -7.61
CA LEU A 34 11.22 -3.87 -7.46
C LEU A 34 10.71 -4.33 -8.84
N GLY A 35 10.05 -3.42 -9.54
CA GLY A 35 9.57 -3.76 -10.86
C GLY A 35 8.53 -2.80 -11.40
N LEU A 36 8.26 -1.72 -10.68
CA LEU A 36 7.29 -0.74 -11.14
C LEU A 36 7.68 -0.03 -12.43
N ASP A 37 6.87 -0.30 -13.42
CA ASP A 37 6.92 0.36 -14.69
C ASP A 37 5.52 0.48 -15.24
N SER A 38 4.75 -0.59 -15.16
CA SER A 38 3.41 -0.59 -15.69
C SER A 38 2.32 -0.85 -14.60
N LEU A 39 2.05 -2.12 -14.32
CA LEU A 39 0.94 -2.52 -13.44
C LEU A 39 1.19 -2.12 -12.01
N MET A 40 2.44 -2.09 -11.61
CA MET A 40 2.81 -1.79 -10.22
C MET A 40 2.64 -0.32 -9.89
N GLY A 41 2.10 0.42 -10.83
CA GLY A 41 1.74 1.79 -10.62
C GLY A 41 0.27 1.99 -10.90
N VAL A 42 -0.24 1.27 -11.91
CA VAL A 42 -1.63 1.37 -12.31
C VAL A 42 -2.50 0.80 -11.22
N GLU A 43 -2.15 -0.40 -10.77
CA GLU A 43 -2.88 -1.12 -9.74
C GLU A 43 -2.99 -0.22 -8.52
N VAL A 44 -1.86 0.38 -8.15
CA VAL A 44 -1.76 1.26 -7.00
C VAL A 44 -2.72 2.43 -7.14
N ARG A 45 -2.62 3.12 -8.25
CA ARG A 45 -3.48 4.26 -8.53
C ARG A 45 -4.96 3.87 -8.53
N GLN A 46 -5.28 2.77 -9.20
CA GLN A 46 -6.67 2.32 -9.27
C GLN A 46 -7.20 1.92 -7.90
N ILE A 47 -6.31 1.55 -6.99
CA ILE A 47 -6.71 1.24 -5.63
C ILE A 47 -6.93 2.54 -4.89
N LEU A 48 -5.86 3.27 -4.71
CA LEU A 48 -5.86 4.46 -3.86
C LEU A 48 -6.83 5.55 -4.29
N GLU A 49 -6.98 5.76 -5.60
CA GLU A 49 -7.91 6.77 -6.11
C GLU A 49 -9.36 6.43 -5.74
N ARG A 50 -9.68 5.15 -5.66
CA ARG A 50 -11.03 4.72 -5.35
C ARG A 50 -11.22 4.46 -3.87
N GLU A 51 -10.17 3.98 -3.23
CA GLU A 51 -10.21 3.67 -1.82
C GLU A 51 -10.24 4.92 -0.96
N HIS A 52 -9.31 5.82 -1.22
CA HIS A 52 -9.13 6.97 -0.36
C HIS A 52 -8.99 8.27 -1.17
N ASP A 53 -9.16 8.16 -2.50
CA ASP A 53 -9.05 9.31 -3.45
C ASP A 53 -7.60 9.86 -3.47
N LEU A 54 -6.69 9.03 -3.03
CA LEU A 54 -5.32 9.40 -2.90
C LEU A 54 -4.55 9.07 -4.17
N VAL A 55 -4.51 9.99 -5.08
CA VAL A 55 -3.78 9.76 -6.29
C VAL A 55 -2.37 10.27 -6.21
N LEU A 56 -1.50 9.37 -5.87
CA LEU A 56 -0.11 9.63 -5.89
C LEU A 56 0.40 9.07 -7.18
N PRO A 57 0.99 9.89 -8.01
CA PRO A 57 1.49 9.50 -9.32
C PRO A 57 2.78 8.70 -9.24
N ILE A 58 3.23 8.22 -10.39
CA ILE A 58 4.37 7.31 -10.50
C ILE A 58 5.64 7.86 -9.87
N ARG A 59 5.91 9.14 -10.08
CA ARG A 59 7.10 9.79 -9.52
C ARG A 59 7.21 9.67 -8.00
N GLU A 60 6.07 9.47 -7.34
CA GLU A 60 6.05 9.30 -5.88
C GLU A 60 5.94 7.82 -5.54
N VAL A 61 5.07 7.13 -6.26
CA VAL A 61 4.82 5.69 -6.07
C VAL A 61 6.10 4.87 -6.25
N ARG A 62 7.00 5.36 -7.08
CA ARG A 62 8.26 4.67 -7.34
C ARG A 62 9.16 4.52 -6.12
N GLN A 63 8.89 5.26 -5.05
CA GLN A 63 9.73 5.18 -3.86
C GLN A 63 9.00 4.50 -2.74
N LEU A 64 7.87 3.90 -3.05
CA LEU A 64 7.15 3.14 -2.06
C LEU A 64 7.90 1.83 -1.83
N THR A 65 8.62 1.77 -0.77
CA THR A 65 9.54 0.71 -0.43
C THR A 65 8.89 -0.58 0.07
N LEU A 66 7.90 -1.04 -0.67
CA LEU A 66 7.17 -2.27 -0.41
C LEU A 66 6.33 -2.17 0.88
N ARG A 67 6.96 -2.09 2.03
CA ARG A 67 6.22 -1.96 3.27
C ARG A 67 5.66 -0.57 3.44
N LYS A 68 6.15 0.37 2.65
CA LYS A 68 5.58 1.70 2.66
C LYS A 68 4.17 1.64 2.07
N LEU A 69 3.96 0.65 1.20
CA LEU A 69 2.62 0.41 0.61
C LEU A 69 1.57 0.20 1.69
N GLN A 70 1.91 -0.55 2.72
CA GLN A 70 0.96 -0.79 3.79
C GLN A 70 0.91 0.38 4.76
N GLU A 71 1.94 1.19 4.74
CA GLU A 71 2.00 2.37 5.57
C GLU A 71 1.04 3.43 5.04
N MET A 72 0.94 3.52 3.73
CA MET A 72 0.01 4.43 3.09
C MET A 72 -1.21 3.68 2.58
N SER A 73 -1.52 2.54 3.20
CA SER A 73 -2.63 1.70 2.78
C SER A 73 -3.96 2.45 2.88
N SER A 74 -3.98 3.46 3.78
CA SER A 74 -5.10 4.38 3.98
C SER A 74 -6.14 3.85 4.95
N LYS A 75 -5.77 2.83 5.68
CA LYS A 75 -6.59 2.30 6.74
C LYS A 75 -5.97 2.69 8.06
N ALA A 76 -6.77 3.33 8.92
CA ALA A 76 -6.34 3.81 10.25
C ALA A 76 -5.21 4.84 10.13
N GLY A 77 -5.09 5.45 8.98
CA GLY A 77 -4.05 6.42 8.74
C GLY A 77 -4.58 7.81 8.89
N SER A 78 -5.70 8.06 8.27
CA SER A 78 -6.31 9.35 8.36
C SER A 78 -7.34 9.32 9.46
N ASP A 79 -6.93 9.68 10.64
CA ASP A 79 -7.86 9.76 11.73
C ASP A 79 -8.53 11.09 11.65
N THR A 80 -7.75 12.11 11.41
CA THR A 80 -8.24 13.45 11.22
C THR A 80 -7.24 14.21 10.34
N GLU A 81 -7.62 14.43 9.08
CA GLU A 81 -6.82 15.17 8.10
C GLU A 81 -5.49 14.47 7.76
N LEU A 82 -5.56 13.15 7.64
CA LEU A 82 -4.42 12.29 7.31
C LEU A 82 -3.30 12.36 8.36
N ALA A 83 -2.41 13.30 8.24
CA ALA A 83 -1.33 13.43 9.18
C ALA A 83 -1.46 14.74 9.93
N ALA A 84 -2.31 15.62 9.40
CA ALA A 84 -2.57 16.96 9.89
C ALA A 84 -1.30 17.81 9.99
N PRO A 85 -1.00 18.62 8.97
CA PRO A 85 0.12 19.54 9.01
C PRO A 85 -0.16 20.63 10.04
N LYS A 86 0.35 20.41 11.22
CA LYS A 86 0.08 21.29 12.33
C LYS A 86 1.30 21.31 13.22
N SER A 87 1.88 22.44 13.35
CA SER A 87 3.02 22.64 14.20
C SER A 87 2.99 24.05 14.72
N LYS A 88 3.23 24.20 16.01
CA LYS A 88 3.14 25.48 16.69
C LYS A 88 4.12 26.51 16.12
N ASN A 89 5.38 26.23 16.24
CA ASN A 89 6.40 27.15 15.80
C ASN A 89 7.55 26.40 15.21
N GLY A 1 -12.79 -5.05 9.65
CA GLY A 1 -12.14 -5.27 8.35
C GLY A 1 -11.03 -4.27 8.09
N ASP A 2 -9.82 -4.78 7.90
CA ASP A 2 -8.68 -3.91 7.66
C ASP A 2 -8.30 -3.92 6.22
N GLY A 3 -8.56 -2.81 5.55
CA GLY A 3 -8.22 -2.65 4.16
C GLY A 3 -8.99 -3.57 3.25
N GLU A 4 -10.20 -3.22 2.95
CA GLU A 4 -11.00 -4.05 2.10
C GLU A 4 -10.98 -3.51 0.69
N ALA A 5 -11.24 -2.24 0.55
CA ALA A 5 -11.17 -1.58 -0.72
C ALA A 5 -9.74 -1.10 -0.92
N GLN A 6 -9.34 -0.13 -0.12
CA GLN A 6 -7.98 0.31 -0.13
C GLN A 6 -7.30 -0.40 1.02
N ARG A 7 -6.28 -1.14 0.71
CA ARG A 7 -5.66 -2.03 1.68
C ARG A 7 -4.19 -1.79 1.74
N ASP A 8 -3.51 -2.64 2.51
CA ASP A 8 -2.06 -2.63 2.57
C ASP A 8 -1.61 -2.99 1.19
N LEU A 9 -0.97 -2.06 0.53
CA LEU A 9 -0.59 -2.25 -0.87
C LEU A 9 0.45 -3.36 -1.04
N VAL A 10 1.00 -3.81 0.07
CA VAL A 10 1.94 -4.91 0.05
C VAL A 10 1.23 -6.20 -0.23
N LYS A 11 0.05 -6.33 0.32
CA LYS A 11 -0.75 -7.52 0.13
C LYS A 11 -1.55 -7.44 -1.18
N ALA A 12 -1.07 -6.57 -2.05
CA ALA A 12 -1.63 -6.39 -3.37
C ALA A 12 -0.49 -6.35 -4.39
N VAL A 13 0.35 -5.32 -4.30
CA VAL A 13 1.43 -5.07 -5.26
C VAL A 13 2.55 -6.08 -5.08
N ALA A 14 3.00 -6.25 -3.86
CA ALA A 14 4.07 -7.20 -3.59
C ALA A 14 3.57 -8.60 -3.84
N HIS A 15 2.27 -8.80 -3.65
CA HIS A 15 1.66 -10.09 -3.86
C HIS A 15 1.67 -10.43 -5.36
N ILE A 16 1.73 -9.41 -6.22
CA ILE A 16 1.86 -9.62 -7.67
C ILE A 16 3.26 -10.19 -7.99
N LEU A 17 4.26 -9.72 -7.24
CA LEU A 17 5.63 -10.20 -7.39
C LEU A 17 5.78 -11.59 -6.78
N GLY A 18 4.99 -11.85 -5.78
CA GLY A 18 5.04 -13.12 -5.10
C GLY A 18 5.59 -12.97 -3.70
N ILE A 19 5.66 -11.74 -3.24
CA ILE A 19 6.16 -11.44 -1.92
C ILE A 19 5.05 -10.97 -1.01
N ARG A 20 5.26 -11.12 0.26
CA ARG A 20 4.28 -10.73 1.23
C ARG A 20 4.96 -10.44 2.56
N ASP A 21 5.75 -11.38 3.01
CA ASP A 21 6.41 -11.25 4.30
C ASP A 21 7.72 -10.55 4.18
N LEU A 22 8.42 -10.76 3.06
CA LEU A 22 9.71 -10.07 2.78
C LEU A 22 10.76 -10.42 3.82
N ALA A 23 10.76 -11.66 4.25
CA ALA A 23 11.67 -12.11 5.31
C ALA A 23 13.08 -12.35 4.78
N GLY A 24 13.21 -12.24 3.49
CA GLY A 24 14.48 -12.43 2.86
C GLY A 24 14.68 -11.49 1.69
N ILE A 25 13.93 -10.41 1.69
CA ILE A 25 14.00 -9.46 0.61
C ILE A 25 14.15 -8.06 1.22
N ASN A 26 14.85 -7.19 0.53
CA ASN A 26 15.08 -5.83 1.01
C ASN A 26 13.82 -5.01 1.06
N LEU A 27 13.62 -4.36 2.18
CA LEU A 27 12.48 -3.50 2.42
C LEU A 27 12.87 -2.07 2.11
N ASP A 28 14.10 -1.92 1.65
CA ASP A 28 14.65 -0.62 1.29
C ASP A 28 14.67 -0.47 -0.21
N SER A 29 14.14 -1.44 -0.90
CA SER A 29 14.12 -1.43 -2.34
C SER A 29 13.00 -0.56 -2.86
N SER A 30 13.32 0.30 -3.80
CA SER A 30 12.34 1.14 -4.45
C SER A 30 11.39 0.26 -5.26
N LEU A 31 10.15 0.68 -5.39
CA LEU A 31 9.15 -0.07 -6.12
C LEU A 31 9.56 -0.23 -7.59
N ALA A 32 10.33 0.72 -8.06
CA ALA A 32 10.86 0.69 -9.42
C ALA A 32 11.79 -0.49 -9.61
N ASP A 33 12.53 -0.83 -8.56
CA ASP A 33 13.51 -1.92 -8.60
C ASP A 33 12.82 -3.24 -8.56
N LEU A 34 11.72 -3.27 -7.86
CA LEU A 34 10.92 -4.47 -7.66
C LEU A 34 10.35 -4.96 -8.98
N GLY A 35 9.85 -4.04 -9.77
CA GLY A 35 9.33 -4.44 -11.04
C GLY A 35 8.28 -3.53 -11.60
N LEU A 36 8.03 -2.39 -10.95
CA LEU A 36 7.07 -1.42 -11.47
C LEU A 36 7.47 -0.93 -12.85
N ASP A 37 6.77 -1.44 -13.83
CA ASP A 37 6.93 -1.09 -15.21
C ASP A 37 5.95 0.03 -15.54
N SER A 38 4.71 -0.19 -15.14
CA SER A 38 3.60 0.67 -15.33
C SER A 38 2.43 0.14 -14.51
N LEU A 39 2.16 -1.18 -14.61
CA LEU A 39 0.99 -1.78 -13.93
C LEU A 39 1.12 -1.65 -12.43
N MET A 40 2.33 -1.81 -11.94
CA MET A 40 2.63 -1.73 -10.51
C MET A 40 2.64 -0.28 -10.01
N GLY A 41 2.00 0.57 -10.78
CA GLY A 41 1.81 1.95 -10.43
C GLY A 41 0.38 2.34 -10.77
N VAL A 42 -0.10 1.86 -11.92
CA VAL A 42 -1.46 2.15 -12.36
C VAL A 42 -2.48 1.42 -11.49
N GLU A 43 -2.25 0.11 -11.24
CA GLU A 43 -3.19 -0.66 -10.43
C GLU A 43 -3.20 -0.14 -9.01
N VAL A 44 -2.05 0.37 -8.58
CA VAL A 44 -1.93 0.99 -7.27
C VAL A 44 -2.85 2.20 -7.24
N ARG A 45 -2.77 3.03 -8.26
CA ARG A 45 -3.60 4.22 -8.37
C ARG A 45 -5.08 3.90 -8.58
N GLN A 46 -5.38 2.72 -9.04
CA GLN A 46 -6.77 2.29 -9.12
C GLN A 46 -7.29 2.07 -7.70
N ILE A 47 -6.49 1.42 -6.88
CA ILE A 47 -6.82 1.19 -5.48
C ILE A 47 -6.80 2.54 -4.74
N LEU A 48 -5.92 3.42 -5.15
CA LEU A 48 -5.78 4.71 -4.53
C LEU A 48 -6.88 5.68 -4.97
N GLU A 49 -6.83 6.12 -6.20
CA GLU A 49 -7.72 7.15 -6.73
C GLU A 49 -9.17 6.70 -6.87
N ARG A 50 -9.42 5.41 -7.05
CA ARG A 50 -10.80 4.99 -7.22
C ARG A 50 -11.46 4.69 -5.86
N GLU A 51 -10.84 3.80 -5.10
CA GLU A 51 -11.42 3.33 -3.82
C GLU A 51 -11.54 4.43 -2.77
N HIS A 52 -10.45 5.10 -2.50
CA HIS A 52 -10.44 6.05 -1.40
C HIS A 52 -10.14 7.47 -1.90
N ASP A 53 -10.05 7.61 -3.22
CA ASP A 53 -9.71 8.89 -3.89
C ASP A 53 -8.43 9.48 -3.31
N LEU A 54 -7.34 8.86 -3.67
CA LEU A 54 -6.04 9.20 -3.14
C LEU A 54 -5.08 9.37 -4.29
N VAL A 55 -4.67 10.58 -4.55
CA VAL A 55 -3.78 10.83 -5.65
C VAL A 55 -2.33 10.70 -5.22
N LEU A 56 -1.82 9.51 -5.32
CA LEU A 56 -0.42 9.27 -5.14
C LEU A 56 0.11 8.86 -6.48
N PRO A 57 0.84 9.74 -7.13
CA PRO A 57 1.36 9.51 -8.47
C PRO A 57 2.51 8.51 -8.47
N ILE A 58 2.99 8.15 -9.65
CA ILE A 58 4.11 7.23 -9.77
C ILE A 58 5.35 7.94 -9.23
N ARG A 59 5.34 9.27 -9.31
CA ARG A 59 6.40 10.12 -8.76
C ARG A 59 6.46 10.00 -7.23
N GLU A 60 5.50 9.32 -6.65
CA GLU A 60 5.44 9.04 -5.24
C GLU A 60 5.60 7.52 -5.05
N VAL A 61 4.70 6.79 -5.68
CA VAL A 61 4.58 5.34 -5.56
C VAL A 61 5.85 4.58 -6.00
N ARG A 62 6.54 5.08 -6.99
CA ARG A 62 7.71 4.39 -7.55
C ARG A 62 8.89 4.33 -6.56
N GLN A 63 8.83 5.15 -5.52
CA GLN A 63 9.88 5.18 -4.53
C GLN A 63 9.38 4.61 -3.23
N LEU A 64 8.18 4.03 -3.24
CA LEU A 64 7.65 3.41 -2.06
C LEU A 64 8.39 2.10 -1.84
N THR A 65 9.08 2.03 -0.75
CA THR A 65 9.92 0.92 -0.44
C THR A 65 9.17 -0.23 0.18
N LEU A 66 8.56 -1.04 -0.69
CA LEU A 66 7.78 -2.26 -0.36
C LEU A 66 6.80 -2.04 0.81
N ARG A 67 7.29 -2.05 2.03
CA ARG A 67 6.45 -1.86 3.21
C ARG A 67 5.95 -0.43 3.31
N LYS A 68 6.58 0.47 2.59
CA LYS A 68 6.09 1.82 2.51
C LYS A 68 4.74 1.83 1.73
N LEU A 69 4.52 0.77 0.96
CA LEU A 69 3.20 0.56 0.29
C LEU A 69 2.09 0.37 1.36
N GLN A 70 2.45 -0.12 2.55
CA GLN A 70 1.49 -0.26 3.65
C GLN A 70 1.67 0.82 4.68
N GLU A 71 2.37 1.83 4.28
CA GLU A 71 2.56 3.01 5.08
C GLU A 71 1.71 4.10 4.47
N MET A 72 1.69 4.12 3.14
CA MET A 72 0.95 5.09 2.36
C MET A 72 -0.36 4.47 1.89
N SER A 73 -0.64 3.29 2.42
CA SER A 73 -1.81 2.50 2.07
C SER A 73 -3.10 3.25 2.35
N SER A 74 -3.09 4.01 3.43
CA SER A 74 -4.17 4.91 3.82
C SER A 74 -5.50 4.18 4.13
N LYS A 75 -5.51 3.49 5.27
CA LYS A 75 -6.70 2.78 5.73
C LYS A 75 -7.82 3.76 5.99
N ALA A 76 -7.47 4.89 6.55
CA ALA A 76 -8.39 5.94 6.85
C ALA A 76 -7.65 7.25 6.77
N GLY A 77 -8.36 8.31 6.49
CA GLY A 77 -7.76 9.63 6.40
C GLY A 77 -7.19 10.05 7.73
N SER A 78 -5.92 10.34 7.74
CA SER A 78 -5.18 10.74 8.93
C SER A 78 -5.85 11.95 9.60
N ASP A 79 -6.30 11.76 10.82
CA ASP A 79 -6.97 12.82 11.58
C ASP A 79 -5.95 13.79 12.16
N THR A 80 -6.29 15.05 12.21
CA THR A 80 -5.37 16.06 12.69
C THR A 80 -5.56 16.29 14.21
N GLU A 81 -6.78 16.52 14.60
CA GLU A 81 -7.11 16.84 15.98
C GLU A 81 -8.41 16.17 16.34
N LEU A 82 -9.45 16.57 15.66
CA LEU A 82 -10.78 16.06 15.79
C LEU A 82 -11.42 16.21 14.45
N ALA A 83 -12.27 15.29 14.09
CA ALA A 83 -12.94 15.37 12.82
C ALA A 83 -14.03 16.41 12.89
N ALA A 84 -13.67 17.61 12.48
CA ALA A 84 -14.61 18.70 12.43
C ALA A 84 -15.58 18.44 11.31
N PRO A 85 -16.88 18.24 11.65
CA PRO A 85 -17.94 17.89 10.70
C PRO A 85 -17.91 18.69 9.41
N LYS A 86 -17.49 18.04 8.35
CA LYS A 86 -17.41 18.66 7.05
C LYS A 86 -18.76 18.46 6.42
N SER A 87 -19.23 17.25 6.56
CA SER A 87 -20.50 16.85 6.09
C SER A 87 -21.32 16.45 7.29
N LYS A 88 -22.27 17.29 7.67
CA LYS A 88 -23.15 17.01 8.80
C LYS A 88 -23.96 15.77 8.47
N ASN A 89 -24.77 15.88 7.42
CA ASN A 89 -25.54 14.78 6.84
C ASN A 89 -26.37 14.05 7.87
N GLY A 1 -7.50 -2.00 9.90
CA GLY A 1 -7.20 -1.73 8.49
C GLY A 1 -6.43 -2.86 7.86
N ASP A 2 -7.03 -4.03 7.82
CA ASP A 2 -6.35 -5.21 7.27
C ASP A 2 -6.85 -5.52 5.86
N GLY A 3 -8.10 -5.19 5.58
CA GLY A 3 -8.62 -5.41 4.25
C GLY A 3 -10.01 -6.02 4.24
N GLU A 4 -10.91 -5.43 5.00
CA GLU A 4 -12.29 -5.88 5.07
C GLU A 4 -13.04 -5.39 3.82
N ALA A 5 -12.69 -4.20 3.44
CA ALA A 5 -13.14 -3.54 2.24
C ALA A 5 -11.91 -2.86 1.76
N GLN A 6 -11.63 -2.92 0.47
CA GLN A 6 -10.37 -2.46 -0.11
C GLN A 6 -9.28 -3.42 0.34
N ARG A 7 -8.72 -4.16 -0.57
CA ARG A 7 -7.75 -5.16 -0.19
C ARG A 7 -6.46 -4.51 0.28
N ASP A 8 -5.71 -5.23 1.10
CA ASP A 8 -4.44 -4.73 1.61
C ASP A 8 -3.50 -4.51 0.47
N LEU A 9 -3.07 -3.28 0.36
CA LEU A 9 -2.23 -2.78 -0.69
C LEU A 9 -0.97 -3.64 -0.83
N VAL A 10 -0.43 -4.07 0.26
CA VAL A 10 0.79 -4.83 0.26
C VAL A 10 0.56 -6.24 -0.21
N LYS A 11 -0.50 -6.87 0.26
CA LYS A 11 -0.83 -8.23 -0.20
C LYS A 11 -1.46 -8.21 -1.59
N ALA A 12 -1.46 -7.05 -2.18
CA ALA A 12 -1.83 -6.85 -3.53
C ALA A 12 -0.56 -6.69 -4.34
N VAL A 13 0.16 -5.60 -4.10
CA VAL A 13 1.37 -5.25 -4.83
C VAL A 13 2.50 -6.27 -4.62
N ALA A 14 2.72 -6.68 -3.39
CA ALA A 14 3.77 -7.64 -3.11
C ALA A 14 3.38 -9.00 -3.67
N HIS A 15 2.08 -9.24 -3.79
CA HIS A 15 1.58 -10.51 -4.30
C HIS A 15 1.70 -10.55 -5.84
N ILE A 16 1.96 -9.40 -6.44
CA ILE A 16 2.21 -9.32 -7.88
C ILE A 16 3.60 -9.90 -8.15
N LEU A 17 4.51 -9.64 -7.22
CA LEU A 17 5.86 -10.20 -7.29
C LEU A 17 5.85 -11.63 -6.80
N GLY A 18 5.25 -11.83 -5.67
CA GLY A 18 5.18 -13.14 -5.08
C GLY A 18 5.76 -13.12 -3.70
N ILE A 19 5.42 -12.09 -2.97
CA ILE A 19 5.86 -11.88 -1.61
C ILE A 19 4.72 -11.39 -0.76
N ARG A 20 4.93 -11.35 0.53
CA ARG A 20 3.92 -10.86 1.45
C ARG A 20 4.56 -10.52 2.77
N ASP A 21 5.47 -11.36 3.20
CA ASP A 21 6.11 -11.22 4.47
C ASP A 21 7.28 -10.29 4.37
N LEU A 22 8.02 -10.42 3.26
CA LEU A 22 9.20 -9.58 2.99
C LEU A 22 10.27 -9.85 4.03
N ALA A 23 10.44 -11.10 4.36
CA ALA A 23 11.39 -11.48 5.38
C ALA A 23 12.79 -11.69 4.80
N GLY A 24 12.90 -11.52 3.50
CA GLY A 24 14.17 -11.68 2.83
C GLY A 24 14.41 -10.63 1.76
N ILE A 25 13.33 -10.24 1.08
CA ILE A 25 13.39 -9.20 0.04
C ILE A 25 13.90 -7.90 0.65
N ASN A 26 14.72 -7.20 -0.10
CA ASN A 26 15.29 -5.95 0.34
C ASN A 26 14.24 -4.87 0.37
N LEU A 27 14.14 -4.19 1.48
CA LEU A 27 13.12 -3.19 1.68
C LEU A 27 13.66 -1.77 1.56
N ASP A 28 14.86 -1.61 1.04
CA ASP A 28 15.38 -0.27 0.81
C ASP A 28 15.40 0.03 -0.68
N SER A 29 14.92 -0.93 -1.44
CA SER A 29 14.84 -0.81 -2.87
C SER A 29 13.65 0.05 -3.28
N SER A 30 13.89 0.97 -4.19
CA SER A 30 12.85 1.78 -4.75
C SER A 30 11.83 0.88 -5.47
N LEU A 31 10.55 1.25 -5.45
CA LEU A 31 9.48 0.44 -6.03
C LEU A 31 9.69 0.24 -7.52
N ALA A 32 10.32 1.21 -8.14
CA ALA A 32 10.58 1.14 -9.55
C ALA A 32 11.60 0.05 -9.88
N ASP A 33 12.51 -0.18 -8.94
CA ASP A 33 13.55 -1.21 -9.06
C ASP A 33 12.96 -2.60 -8.94
N LEU A 34 11.76 -2.67 -8.43
CA LEU A 34 11.04 -3.93 -8.26
C LEU A 34 10.33 -4.32 -9.54
N GLY A 35 10.05 -3.35 -10.37
CA GLY A 35 9.36 -3.63 -11.60
C GLY A 35 8.28 -2.64 -11.90
N LEU A 36 8.11 -1.62 -11.05
CA LEU A 36 7.14 -0.58 -11.32
C LEU A 36 7.46 0.20 -12.57
N ASP A 37 6.58 0.07 -13.50
CA ASP A 37 6.62 0.75 -14.77
C ASP A 37 5.20 1.02 -15.24
N SER A 38 4.36 0.01 -15.16
CA SER A 38 3.01 0.15 -15.59
C SER A 38 2.01 -0.33 -14.54
N LEU A 39 1.86 -1.65 -14.38
CA LEU A 39 0.84 -2.19 -13.49
C LEU A 39 1.08 -1.79 -12.04
N MET A 40 2.34 -1.71 -11.64
CA MET A 40 2.70 -1.37 -10.26
C MET A 40 2.50 0.11 -9.97
N GLY A 41 2.00 0.82 -10.95
CA GLY A 41 1.67 2.20 -10.78
C GLY A 41 0.19 2.41 -11.04
N VAL A 42 -0.33 1.66 -11.99
CA VAL A 42 -1.73 1.77 -12.35
C VAL A 42 -2.61 1.11 -11.32
N GLU A 43 -2.28 -0.12 -10.89
CA GLU A 43 -3.16 -0.80 -9.94
C GLU A 43 -3.12 -0.09 -8.60
N VAL A 44 -1.97 0.48 -8.27
CA VAL A 44 -1.82 1.25 -7.03
C VAL A 44 -2.78 2.44 -7.08
N ARG A 45 -2.82 3.10 -8.21
CA ARG A 45 -3.74 4.20 -8.41
C ARG A 45 -5.19 3.72 -8.41
N GLN A 46 -5.44 2.50 -8.88
CA GLN A 46 -6.78 1.92 -8.87
C GLN A 46 -7.14 1.38 -7.48
N ILE A 47 -6.26 1.57 -6.54
CA ILE A 47 -6.55 1.29 -5.16
C ILE A 47 -6.78 2.62 -4.47
N LEU A 48 -5.76 3.43 -4.45
CA LEU A 48 -5.79 4.71 -3.76
C LEU A 48 -6.83 5.68 -4.32
N GLU A 49 -6.86 5.86 -5.63
CA GLU A 49 -7.80 6.81 -6.25
C GLU A 49 -9.20 6.23 -6.31
N ARG A 50 -9.28 4.93 -6.42
CA ARG A 50 -10.57 4.29 -6.57
C ARG A 50 -11.30 4.23 -5.24
N GLU A 51 -10.63 3.71 -4.24
CA GLU A 51 -11.27 3.46 -2.96
C GLU A 51 -11.28 4.72 -2.08
N HIS A 52 -10.29 5.60 -2.25
CA HIS A 52 -10.20 6.82 -1.40
C HIS A 52 -9.91 8.12 -2.16
N ASP A 53 -9.82 8.06 -3.49
CA ASP A 53 -9.54 9.24 -4.36
C ASP A 53 -8.15 9.83 -4.15
N LEU A 54 -7.24 9.05 -3.62
CA LEU A 54 -5.87 9.52 -3.48
C LEU A 54 -5.10 9.32 -4.76
N VAL A 55 -4.89 10.39 -5.47
CA VAL A 55 -4.10 10.35 -6.67
C VAL A 55 -2.64 10.39 -6.26
N LEU A 56 -2.05 9.23 -6.16
CA LEU A 56 -0.66 9.12 -5.85
C LEU A 56 0.11 8.93 -7.13
N PRO A 57 0.85 9.95 -7.53
CA PRO A 57 1.62 9.92 -8.76
C PRO A 57 2.78 8.93 -8.66
N ILE A 58 3.20 8.41 -9.78
CA ILE A 58 4.28 7.41 -9.85
C ILE A 58 5.58 8.02 -9.33
N ARG A 59 5.70 9.34 -9.46
CA ARG A 59 6.85 10.09 -8.93
C ARG A 59 6.92 10.04 -7.39
N GLU A 60 5.85 9.60 -6.75
CA GLU A 60 5.83 9.37 -5.31
C GLU A 60 5.95 7.88 -5.08
N VAL A 61 5.12 7.15 -5.81
CA VAL A 61 4.99 5.70 -5.71
C VAL A 61 6.33 4.97 -5.94
N ARG A 62 7.16 5.49 -6.82
CA ARG A 62 8.44 4.89 -7.14
C ARG A 62 9.41 4.78 -5.96
N GLN A 63 9.20 5.56 -4.92
CA GLN A 63 10.11 5.53 -3.80
C GLN A 63 9.54 4.74 -2.64
N LEU A 64 8.38 4.17 -2.86
CA LEU A 64 7.72 3.38 -1.83
C LEU A 64 8.35 1.99 -1.82
N THR A 65 9.07 1.70 -0.77
CA THR A 65 9.91 0.53 -0.66
C THR A 65 9.15 -0.77 -0.32
N LEU A 66 8.09 -1.03 -1.06
CA LEU A 66 7.23 -2.22 -0.95
C LEU A 66 6.49 -2.26 0.39
N ARG A 67 7.19 -2.41 1.50
CA ARG A 67 6.55 -2.45 2.80
C ARG A 67 6.08 -1.09 3.22
N LYS A 68 6.67 -0.05 2.65
CA LYS A 68 6.27 1.32 2.92
C LYS A 68 4.83 1.55 2.45
N LEU A 69 4.41 0.76 1.47
CA LEU A 69 3.02 0.77 0.94
C LEU A 69 1.96 0.53 2.04
N GLN A 70 2.36 -0.06 3.16
CA GLN A 70 1.48 -0.33 4.28
C GLN A 70 1.07 0.98 4.95
N GLU A 71 2.00 1.93 4.97
CA GLU A 71 1.77 3.22 5.59
C GLU A 71 1.23 4.19 4.53
N MET A 72 1.05 3.67 3.35
CA MET A 72 0.55 4.42 2.22
C MET A 72 -0.71 3.74 1.73
N SER A 73 -1.33 2.99 2.63
CA SER A 73 -2.44 2.15 2.30
C SER A 73 -3.75 2.94 2.23
N SER A 74 -3.76 4.12 2.88
CA SER A 74 -4.90 5.02 3.01
C SER A 74 -5.86 4.50 4.09
N LYS A 75 -5.46 3.42 4.71
CA LYS A 75 -6.20 2.82 5.79
C LYS A 75 -5.55 3.25 7.08
N ALA A 76 -6.33 3.54 8.08
CA ALA A 76 -5.77 3.86 9.36
C ALA A 76 -5.33 2.57 10.04
N GLY A 77 -4.08 2.52 10.43
CA GLY A 77 -3.53 1.36 11.07
C GLY A 77 -3.87 1.30 12.54
N SER A 78 -5.12 1.56 12.84
CA SER A 78 -5.63 1.52 14.19
C SER A 78 -6.00 0.08 14.51
N ASP A 79 -5.00 -0.74 14.52
CA ASP A 79 -5.15 -2.14 14.76
C ASP A 79 -5.11 -2.38 16.24
N THR A 80 -3.95 -2.09 16.81
CA THR A 80 -3.66 -2.16 18.22
C THR A 80 -4.26 -3.39 18.93
N GLU A 81 -3.64 -4.54 18.73
CA GLU A 81 -4.06 -5.75 19.39
C GLU A 81 -3.53 -5.77 20.83
N LEU A 82 -2.49 -4.99 21.08
CA LEU A 82 -1.93 -4.87 22.40
C LEU A 82 -2.84 -4.07 23.31
N ALA A 83 -3.47 -4.76 24.21
CA ALA A 83 -4.33 -4.15 25.19
C ALA A 83 -3.62 -4.18 26.54
N ALA A 84 -2.70 -5.09 26.66
CA ALA A 84 -1.91 -5.23 27.86
C ALA A 84 -0.46 -5.45 27.47
N PRO A 85 0.46 -4.64 28.00
CA PRO A 85 1.87 -4.74 27.67
C PRO A 85 2.51 -5.98 28.29
N LYS A 86 3.31 -6.67 27.51
CA LYS A 86 4.04 -7.83 27.98
C LYS A 86 5.48 -7.47 28.28
N SER A 87 5.85 -6.23 28.00
CA SER A 87 7.16 -5.70 28.34
C SER A 87 7.27 -5.74 29.86
N LYS A 88 6.20 -5.30 30.47
CA LYS A 88 5.96 -5.31 31.86
C LYS A 88 4.50 -5.08 32.00
N ASN A 89 3.89 -5.57 33.02
CA ASN A 89 2.51 -5.32 33.23
C ASN A 89 2.35 -4.91 34.68
N GLY A 1 -15.31 -10.73 4.33
CA GLY A 1 -14.87 -9.79 3.32
C GLY A 1 -15.49 -10.10 2.00
N ASP A 2 -16.65 -9.53 1.75
CA ASP A 2 -17.36 -9.73 0.51
C ASP A 2 -17.25 -8.48 -0.34
N GLY A 3 -17.46 -7.34 0.30
CA GLY A 3 -17.40 -6.07 -0.38
C GLY A 3 -16.00 -5.55 -0.45
N GLU A 4 -15.13 -6.34 -1.03
CA GLU A 4 -13.73 -6.02 -1.14
C GLU A 4 -13.50 -5.14 -2.35
N ALA A 5 -13.07 -3.94 -2.14
CA ALA A 5 -12.76 -3.04 -3.22
C ALA A 5 -11.31 -2.63 -3.11
N GLN A 6 -10.95 -2.14 -1.94
CA GLN A 6 -9.59 -1.75 -1.68
C GLN A 6 -8.77 -2.95 -1.30
N ARG A 7 -7.78 -3.22 -2.08
CA ARG A 7 -6.87 -4.30 -1.83
C ARG A 7 -5.68 -3.72 -1.08
N ASP A 8 -5.19 -4.42 -0.07
CA ASP A 8 -4.02 -3.96 0.70
C ASP A 8 -2.84 -3.89 -0.24
N LEU A 9 -2.06 -2.84 -0.13
CA LEU A 9 -0.98 -2.62 -1.06
C LEU A 9 0.14 -3.64 -0.99
N VAL A 10 0.34 -4.29 0.14
CA VAL A 10 1.34 -5.32 0.22
C VAL A 10 0.73 -6.65 -0.19
N LYS A 11 -0.55 -6.82 0.07
CA LYS A 11 -1.23 -8.00 -0.42
C LYS A 11 -1.48 -7.89 -1.93
N ALA A 12 -1.24 -6.71 -2.47
CA ALA A 12 -1.37 -6.45 -3.88
C ALA A 12 -0.02 -6.44 -4.55
N VAL A 13 0.75 -5.37 -4.32
CA VAL A 13 2.03 -5.12 -4.98
C VAL A 13 3.03 -6.23 -4.68
N ALA A 14 3.16 -6.58 -3.42
CA ALA A 14 4.09 -7.62 -3.04
C ALA A 14 3.63 -8.95 -3.60
N HIS A 15 2.33 -9.15 -3.73
CA HIS A 15 1.79 -10.41 -4.25
C HIS A 15 2.02 -10.49 -5.76
N ILE A 16 2.12 -9.34 -6.42
CA ILE A 16 2.45 -9.24 -7.84
C ILE A 16 3.88 -9.74 -8.06
N LEU A 17 4.72 -9.50 -7.07
CA LEU A 17 6.11 -9.96 -7.08
C LEU A 17 6.17 -11.41 -6.60
N GLY A 18 5.33 -11.72 -5.63
CA GLY A 18 5.28 -13.05 -5.07
C GLY A 18 5.78 -13.06 -3.63
N ILE A 19 5.53 -11.98 -2.93
CA ILE A 19 5.94 -11.82 -1.55
C ILE A 19 4.84 -11.27 -0.68
N ARG A 20 5.13 -11.23 0.61
CA ARG A 20 4.27 -10.67 1.65
C ARG A 20 5.01 -10.70 2.96
N ASP A 21 5.65 -11.83 3.21
CA ASP A 21 6.38 -12.08 4.45
C ASP A 21 7.52 -11.10 4.67
N LEU A 22 8.34 -10.90 3.61
CA LEU A 22 9.45 -9.94 3.64
C LEU A 22 10.49 -10.28 4.73
N ALA A 23 10.60 -11.58 5.08
CA ALA A 23 11.50 -11.99 6.15
C ALA A 23 12.96 -11.96 5.71
N GLY A 24 13.17 -11.86 4.45
CA GLY A 24 14.53 -11.78 3.94
C GLY A 24 14.61 -10.97 2.68
N ILE A 25 13.55 -10.29 2.37
CA ILE A 25 13.48 -9.55 1.14
C ILE A 25 13.84 -8.10 1.43
N ASN A 26 14.62 -7.50 0.55
CA ASN A 26 15.09 -6.13 0.69
C ASN A 26 13.96 -5.11 0.80
N LEU A 27 14.03 -4.33 1.84
CA LEU A 27 13.09 -3.24 2.11
C LEU A 27 13.75 -1.93 1.71
N ASP A 28 14.90 -2.06 1.13
CA ASP A 28 15.70 -0.93 0.68
C ASP A 28 15.64 -0.80 -0.83
N SER A 29 14.73 -1.53 -1.41
CA SER A 29 14.51 -1.48 -2.82
C SER A 29 13.34 -0.57 -3.08
N SER A 30 13.46 0.29 -4.04
CA SER A 30 12.40 1.18 -4.38
C SER A 30 11.39 0.42 -5.20
N LEU A 31 10.17 0.91 -5.28
CA LEU A 31 9.13 0.29 -6.05
C LEU A 31 9.52 0.34 -7.55
N ALA A 32 10.32 1.33 -7.88
CA ALA A 32 10.84 1.47 -9.22
C ALA A 32 11.83 0.35 -9.54
N ASP A 33 12.56 -0.11 -8.51
CA ASP A 33 13.54 -1.19 -8.68
C ASP A 33 12.83 -2.49 -8.94
N LEU A 34 11.63 -2.57 -8.41
CA LEU A 34 10.81 -3.74 -8.54
C LEU A 34 10.28 -3.85 -9.97
N GLY A 35 10.12 -2.70 -10.60
CA GLY A 35 9.69 -2.69 -11.97
C GLY A 35 8.47 -1.81 -12.21
N LEU A 36 8.22 -0.86 -11.34
CA LEU A 36 7.10 0.04 -11.55
C LEU A 36 7.27 0.95 -12.77
N ASP A 37 6.47 0.63 -13.76
CA ASP A 37 6.31 1.42 -14.96
C ASP A 37 4.88 1.27 -15.46
N SER A 38 4.33 0.08 -15.36
CA SER A 38 2.98 -0.14 -15.82
C SER A 38 2.01 -0.54 -14.68
N LEU A 39 1.87 -1.83 -14.41
CA LEU A 39 0.84 -2.32 -13.48
C LEU A 39 1.10 -1.90 -12.05
N MET A 40 2.37 -1.76 -11.68
CA MET A 40 2.77 -1.43 -10.31
C MET A 40 2.44 0.01 -9.95
N GLY A 41 1.81 0.71 -10.88
CA GLY A 41 1.36 2.04 -10.62
C GLY A 41 -0.11 2.16 -10.94
N VAL A 42 -0.54 1.45 -11.99
CA VAL A 42 -1.93 1.50 -12.42
C VAL A 42 -2.85 0.84 -11.40
N GLU A 43 -2.47 -0.34 -10.88
CA GLU A 43 -3.33 -1.00 -9.91
C GLU A 43 -3.39 -0.18 -8.64
N VAL A 44 -2.25 0.44 -8.29
CA VAL A 44 -2.15 1.29 -7.12
C VAL A 44 -3.13 2.45 -7.24
N ARG A 45 -3.09 3.12 -8.38
CA ARG A 45 -3.99 4.22 -8.64
C ARG A 45 -5.45 3.80 -8.59
N GLN A 46 -5.77 2.63 -9.09
CA GLN A 46 -7.17 2.19 -9.07
C GLN A 46 -7.61 1.75 -7.69
N ILE A 47 -6.70 1.62 -6.78
CA ILE A 47 -7.06 1.33 -5.41
C ILE A 47 -7.19 2.65 -4.66
N LEU A 48 -6.12 3.40 -4.62
CA LEU A 48 -6.05 4.61 -3.83
C LEU A 48 -6.94 5.74 -4.34
N GLU A 49 -6.99 5.94 -5.64
CA GLU A 49 -7.83 7.00 -6.21
C GLU A 49 -9.30 6.63 -6.10
N ARG A 50 -9.61 5.39 -6.34
CA ARG A 50 -10.98 4.90 -6.32
C ARG A 50 -11.56 4.87 -4.90
N GLU A 51 -10.77 4.39 -3.97
CA GLU A 51 -11.24 4.23 -2.61
C GLU A 51 -11.01 5.43 -1.72
N HIS A 52 -9.95 6.16 -1.95
CA HIS A 52 -9.60 7.20 -1.02
C HIS A 52 -9.45 8.55 -1.70
N ASP A 53 -9.65 8.59 -3.05
CA ASP A 53 -9.44 9.84 -3.87
C ASP A 53 -7.96 10.28 -3.74
N LEU A 54 -7.17 9.32 -3.34
CA LEU A 54 -5.81 9.51 -3.00
C LEU A 54 -4.95 9.30 -4.23
N VAL A 55 -4.67 10.37 -4.91
CA VAL A 55 -3.82 10.33 -6.06
C VAL A 55 -2.41 10.36 -5.61
N LEU A 56 -1.78 9.24 -5.73
CA LEU A 56 -0.39 9.14 -5.45
C LEU A 56 0.28 8.96 -6.79
N PRO A 57 0.95 10.00 -7.28
CA PRO A 57 1.62 9.96 -8.57
C PRO A 57 2.76 8.96 -8.55
N ILE A 58 3.03 8.34 -9.68
CA ILE A 58 4.06 7.30 -9.78
C ILE A 58 5.44 7.89 -9.51
N ARG A 59 5.55 9.19 -9.72
CA ARG A 59 6.78 9.93 -9.44
C ARG A 59 7.05 9.94 -7.91
N GLU A 60 6.00 9.67 -7.15
CA GLU A 60 6.05 9.59 -5.71
C GLU A 60 6.00 8.10 -5.28
N VAL A 61 5.11 7.36 -5.92
CA VAL A 61 4.89 5.92 -5.65
C VAL A 61 6.16 5.09 -5.88
N ARG A 62 6.98 5.49 -6.83
CA ARG A 62 8.23 4.76 -7.15
C ARG A 62 9.20 4.64 -5.99
N GLN A 63 9.05 5.48 -4.99
CA GLN A 63 9.95 5.48 -3.88
C GLN A 63 9.37 4.75 -2.70
N LEU A 64 8.19 4.19 -2.88
CA LEU A 64 7.57 3.41 -1.81
C LEU A 64 8.28 2.06 -1.73
N THR A 65 9.07 1.90 -0.70
CA THR A 65 9.91 0.73 -0.55
C THR A 65 9.19 -0.51 -0.02
N LEU A 66 8.27 -1.02 -0.85
CA LEU A 66 7.47 -2.24 -0.61
C LEU A 66 6.54 -2.09 0.61
N ARG A 67 7.10 -1.89 1.77
CA ARG A 67 6.34 -1.75 2.98
C ARG A 67 5.80 -0.35 3.13
N LYS A 68 6.40 0.60 2.46
CA LYS A 68 5.89 1.96 2.46
C LYS A 68 4.55 1.99 1.70
N LEU A 69 4.35 0.98 0.89
CA LEU A 69 3.04 0.77 0.24
C LEU A 69 1.94 0.66 1.30
N GLN A 70 2.13 -0.21 2.29
CA GLN A 70 1.14 -0.40 3.37
C GLN A 70 1.26 0.69 4.44
N GLU A 71 2.00 1.70 4.13
CA GLU A 71 2.11 2.87 4.95
C GLU A 71 1.18 3.94 4.35
N MET A 72 0.85 3.74 3.08
CA MET A 72 0.01 4.65 2.30
C MET A 72 -1.20 3.88 1.77
N SER A 73 -1.43 2.71 2.34
CA SER A 73 -2.43 1.78 1.86
C SER A 73 -3.86 2.16 2.31
N SER A 74 -3.95 3.16 3.20
CA SER A 74 -5.21 3.64 3.77
C SER A 74 -5.77 2.68 4.86
N LYS A 75 -5.72 1.39 4.61
CA LYS A 75 -6.11 0.39 5.60
C LYS A 75 -4.91 -0.51 5.85
N ALA A 76 -4.97 -1.32 6.87
CA ALA A 76 -3.91 -2.24 7.16
C ALA A 76 -4.41 -3.66 6.99
N GLY A 77 -3.96 -4.32 5.95
CA GLY A 77 -4.32 -5.69 5.73
C GLY A 77 -3.38 -6.62 6.45
N SER A 78 -3.62 -6.80 7.71
CA SER A 78 -2.77 -7.60 8.53
C SER A 78 -3.36 -8.97 8.77
N ASP A 79 -4.70 -9.01 8.86
CA ASP A 79 -5.47 -10.22 9.20
C ASP A 79 -5.12 -10.65 10.62
N THR A 80 -4.04 -11.38 10.71
CA THR A 80 -3.43 -11.87 11.92
C THR A 80 -2.43 -12.94 11.49
N GLU A 81 -2.83 -13.68 10.43
CA GLU A 81 -2.06 -14.76 9.83
C GLU A 81 -1.71 -15.82 10.85
N LEU A 82 -2.59 -16.79 10.97
CA LEU A 82 -2.37 -17.89 11.88
C LEU A 82 -1.33 -18.82 11.28
N ALA A 83 -0.62 -19.51 12.15
CA ALA A 83 0.49 -20.40 11.80
C ALA A 83 1.75 -19.61 11.46
N ALA A 84 2.58 -19.51 12.44
CA ALA A 84 3.87 -18.87 12.39
C ALA A 84 4.77 -19.83 13.13
N PRO A 85 6.12 -19.73 13.03
CA PRO A 85 7.05 -20.67 13.70
C PRO A 85 6.76 -20.86 15.20
N LYS A 86 6.04 -21.89 15.49
CA LYS A 86 5.67 -22.25 16.84
C LYS A 86 5.97 -23.73 17.03
N SER A 87 5.73 -24.47 15.98
CA SER A 87 6.04 -25.86 15.96
C SER A 87 7.45 -25.99 15.41
N LYS A 88 8.32 -26.65 16.17
CA LYS A 88 9.68 -26.87 15.74
C LYS A 88 9.69 -27.77 14.52
N ASN A 89 8.88 -28.78 14.55
CA ASN A 89 8.72 -29.66 13.43
C ASN A 89 7.41 -29.34 12.74
N GLY A 1 -11.51 -2.66 -9.33
CA GLY A 1 -10.79 -1.48 -8.87
C GLY A 1 -10.73 -1.46 -7.39
N ASP A 2 -11.79 -1.00 -6.77
CA ASP A 2 -11.87 -0.94 -5.32
C ASP A 2 -12.33 -2.26 -4.76
N GLY A 3 -11.79 -2.62 -3.65
CA GLY A 3 -12.20 -3.80 -2.97
C GLY A 3 -12.90 -3.44 -1.70
N GLU A 4 -13.75 -4.30 -1.23
CA GLU A 4 -14.42 -4.06 0.03
C GLU A 4 -13.70 -4.82 1.11
N ALA A 5 -13.79 -4.32 2.34
CA ALA A 5 -12.98 -4.82 3.48
C ALA A 5 -11.52 -4.57 3.14
N GLN A 6 -11.08 -3.38 3.44
CA GLN A 6 -9.76 -2.88 3.07
C GLN A 6 -8.64 -3.81 3.52
N ARG A 7 -7.77 -4.15 2.59
CA ARG A 7 -6.66 -5.04 2.84
C ARG A 7 -5.39 -4.20 3.06
N ASP A 8 -4.30 -4.87 3.39
CA ASP A 8 -3.01 -4.17 3.49
C ASP A 8 -2.47 -4.06 2.09
N LEU A 9 -1.70 -3.05 1.81
CA LEU A 9 -1.21 -2.86 0.44
C LEU A 9 -0.10 -3.83 0.11
N VAL A 10 0.42 -4.50 1.10
CA VAL A 10 1.41 -5.52 0.86
C VAL A 10 0.74 -6.75 0.24
N LYS A 11 -0.49 -7.01 0.63
CA LYS A 11 -1.24 -8.10 0.05
C LYS A 11 -1.97 -7.62 -1.23
N ALA A 12 -1.48 -6.53 -1.79
CA ALA A 12 -2.04 -5.96 -3.00
C ALA A 12 -0.91 -5.64 -3.99
N VAL A 13 -0.02 -4.75 -3.59
CA VAL A 13 1.10 -4.32 -4.42
C VAL A 13 2.19 -5.39 -4.43
N ALA A 14 2.59 -5.82 -3.25
CA ALA A 14 3.62 -6.85 -3.11
C ALA A 14 3.11 -8.17 -3.70
N HIS A 15 1.79 -8.32 -3.66
CA HIS A 15 1.05 -9.47 -4.23
C HIS A 15 1.32 -9.60 -5.75
N ILE A 16 1.65 -8.50 -6.39
CA ILE A 16 1.93 -8.50 -7.82
C ILE A 16 3.35 -9.03 -8.07
N LEU A 17 4.24 -8.69 -7.17
CA LEU A 17 5.65 -9.08 -7.28
C LEU A 17 5.85 -10.51 -6.82
N GLY A 18 5.03 -10.95 -5.90
CA GLY A 18 5.12 -12.28 -5.36
C GLY A 18 5.62 -12.29 -3.94
N ILE A 19 5.33 -11.22 -3.24
CA ILE A 19 5.75 -11.06 -1.88
C ILE A 19 4.61 -10.67 -0.98
N ARG A 20 4.84 -10.83 0.29
CA ARG A 20 3.89 -10.50 1.34
C ARG A 20 4.62 -10.57 2.66
N ASP A 21 5.33 -11.65 2.86
CA ASP A 21 6.01 -11.91 4.10
C ASP A 21 7.27 -11.09 4.26
N LEU A 22 8.00 -10.89 3.15
CA LEU A 22 9.20 -10.04 3.12
C LEU A 22 10.28 -10.53 4.09
N ALA A 23 10.31 -11.83 4.31
CA ALA A 23 11.22 -12.43 5.29
C ALA A 23 12.64 -12.58 4.74
N GLY A 24 12.84 -12.13 3.53
CA GLY A 24 14.15 -12.16 2.93
C GLY A 24 14.18 -11.32 1.69
N ILE A 25 13.55 -10.17 1.78
CA ILE A 25 13.43 -9.26 0.68
C ILE A 25 13.86 -7.88 1.18
N ASN A 26 14.47 -7.09 0.33
CA ASN A 26 14.86 -5.73 0.68
C ASN A 26 13.65 -4.85 0.94
N LEU A 27 13.66 -4.16 2.07
CA LEU A 27 12.57 -3.26 2.47
C LEU A 27 13.01 -1.84 2.16
N ASP A 28 14.13 -1.73 1.52
CA ASP A 28 14.73 -0.46 1.15
C ASP A 28 14.73 -0.31 -0.36
N SER A 29 14.07 -1.23 -1.02
CA SER A 29 13.95 -1.17 -2.45
C SER A 29 12.67 -0.47 -2.83
N SER A 30 12.81 0.50 -3.68
CA SER A 30 11.74 1.30 -4.14
C SER A 30 11.01 0.56 -5.24
N LEU A 31 9.78 0.93 -5.52
CA LEU A 31 9.03 0.29 -6.60
C LEU A 31 9.69 0.57 -7.95
N ALA A 32 10.50 1.63 -8.01
CA ALA A 32 11.31 1.90 -9.18
C ALA A 32 12.34 0.79 -9.36
N ASP A 33 12.81 0.26 -8.23
CA ASP A 33 13.78 -0.84 -8.21
C ASP A 33 13.10 -2.12 -8.63
N LEU A 34 11.80 -2.19 -8.38
CA LEU A 34 11.04 -3.39 -8.72
C LEU A 34 10.56 -3.37 -10.16
N GLY A 35 10.73 -2.23 -10.81
CA GLY A 35 10.40 -2.12 -12.20
C GLY A 35 9.02 -1.56 -12.49
N LEU A 36 8.49 -0.78 -11.59
CA LEU A 36 7.19 -0.16 -11.80
C LEU A 36 7.30 0.97 -12.82
N ASP A 37 6.66 0.80 -13.96
CA ASP A 37 6.65 1.81 -15.00
C ASP A 37 5.27 1.95 -15.63
N SER A 38 4.61 0.84 -15.91
CA SER A 38 3.36 0.90 -16.61
C SER A 38 2.19 0.32 -15.82
N LEU A 39 1.95 -1.00 -15.91
CA LEU A 39 0.82 -1.62 -15.21
C LEU A 39 0.98 -1.46 -13.72
N MET A 40 2.22 -1.55 -13.29
CA MET A 40 2.56 -1.39 -11.90
C MET A 40 2.18 -0.02 -11.39
N GLY A 41 2.21 0.97 -12.27
CA GLY A 41 1.85 2.31 -11.88
C GLY A 41 0.35 2.52 -11.96
N VAL A 42 -0.33 1.63 -12.63
CA VAL A 42 -1.78 1.73 -12.81
C VAL A 42 -2.50 0.99 -11.71
N GLU A 43 -2.14 -0.27 -11.45
CA GLU A 43 -2.89 -1.05 -10.48
C GLU A 43 -2.72 -0.50 -9.07
N VAL A 44 -1.57 0.12 -8.79
CA VAL A 44 -1.35 0.78 -7.51
C VAL A 44 -2.34 1.93 -7.37
N ARG A 45 -2.58 2.61 -8.46
CA ARG A 45 -3.52 3.68 -8.48
C ARG A 45 -4.95 3.16 -8.42
N GLN A 46 -5.18 1.98 -8.91
CA GLN A 46 -6.51 1.39 -8.81
C GLN A 46 -6.84 1.07 -7.34
N ILE A 47 -5.81 1.05 -6.53
CA ILE A 47 -5.95 0.84 -5.12
C ILE A 47 -5.97 2.21 -4.40
N LEU A 48 -4.93 2.98 -4.59
CA LEU A 48 -4.84 4.26 -3.92
C LEU A 48 -5.81 5.28 -4.49
N GLU A 49 -5.72 5.50 -5.78
CA GLU A 49 -6.51 6.49 -6.50
C GLU A 49 -7.99 6.10 -6.58
N ARG A 50 -8.22 4.83 -6.76
CA ARG A 50 -9.56 4.37 -7.06
C ARG A 50 -10.35 3.87 -5.82
N GLU A 51 -9.67 3.49 -4.75
CA GLU A 51 -10.41 3.08 -3.54
C GLU A 51 -10.37 4.20 -2.51
N HIS A 52 -9.16 4.52 -2.12
CA HIS A 52 -8.88 5.38 -0.98
C HIS A 52 -8.97 6.85 -1.34
N ASP A 53 -9.02 7.13 -2.62
CA ASP A 53 -8.95 8.48 -3.18
C ASP A 53 -7.62 9.16 -2.83
N LEU A 54 -6.57 8.52 -3.22
CA LEU A 54 -5.22 9.04 -3.10
C LEU A 54 -4.59 9.05 -4.46
N VAL A 55 -4.58 10.18 -5.10
CA VAL A 55 -3.94 10.26 -6.38
C VAL A 55 -2.48 10.43 -6.17
N LEU A 56 -1.84 9.31 -6.00
CA LEU A 56 -0.42 9.24 -5.87
C LEU A 56 0.12 8.85 -7.22
N PRO A 57 0.73 9.78 -7.92
CA PRO A 57 1.28 9.51 -9.23
C PRO A 57 2.52 8.62 -9.13
N ILE A 58 2.98 8.12 -10.25
CA ILE A 58 4.14 7.22 -10.34
C ILE A 58 5.39 7.89 -9.76
N ARG A 59 5.39 9.20 -9.80
CA ARG A 59 6.50 10.00 -9.29
C ARG A 59 6.60 9.85 -7.77
N GLU A 60 5.49 9.54 -7.12
CA GLU A 60 5.46 9.34 -5.67
C GLU A 60 5.48 7.84 -5.37
N VAL A 61 4.83 7.09 -6.22
CA VAL A 61 4.71 5.66 -6.06
C VAL A 61 6.06 4.94 -6.24
N ARG A 62 6.90 5.45 -7.12
CA ARG A 62 8.18 4.81 -7.38
C ARG A 62 9.14 4.73 -6.20
N GLN A 63 8.91 5.53 -5.16
CA GLN A 63 9.81 5.53 -4.00
C GLN A 63 9.15 4.82 -2.84
N LEU A 64 8.08 4.12 -3.12
CA LEU A 64 7.47 3.29 -2.12
C LEU A 64 8.35 2.05 -1.96
N THR A 65 8.90 1.89 -0.78
CA THR A 65 9.88 0.85 -0.49
C THR A 65 9.26 -0.48 -0.10
N LEU A 66 8.20 -0.83 -0.79
CA LEU A 66 7.43 -2.05 -0.61
C LEU A 66 6.75 -2.08 0.78
N ARG A 67 7.50 -2.04 1.86
CA ARG A 67 6.92 -2.05 3.17
C ARG A 67 6.34 -0.72 3.55
N LYS A 68 6.73 0.31 2.81
CA LYS A 68 6.13 1.62 2.96
C LYS A 68 4.66 1.54 2.51
N LEU A 69 4.35 0.53 1.69
CA LEU A 69 2.98 0.28 1.24
C LEU A 69 2.04 -0.03 2.39
N GLN A 70 2.54 -0.61 3.46
CA GLN A 70 1.67 -0.90 4.57
C GLN A 70 1.65 0.23 5.59
N GLU A 71 2.32 1.31 5.26
CA GLU A 71 2.19 2.53 6.02
C GLU A 71 1.24 3.43 5.24
N MET A 72 1.40 3.40 3.94
CA MET A 72 0.60 4.19 3.00
C MET A 72 -0.67 3.44 2.63
N SER A 73 -0.93 2.36 3.36
CA SER A 73 -2.06 1.47 3.13
C SER A 73 -3.38 2.19 3.30
N SER A 74 -3.33 3.26 4.10
CA SER A 74 -4.42 4.14 4.36
C SER A 74 -5.55 3.44 5.10
N LYS A 75 -5.36 3.32 6.39
CA LYS A 75 -6.30 2.73 7.28
C LYS A 75 -6.33 3.58 8.52
N ALA A 76 -7.38 4.32 8.72
CA ALA A 76 -7.49 5.10 9.92
C ALA A 76 -7.91 4.19 11.06
N GLY A 77 -6.98 3.93 11.96
CA GLY A 77 -7.24 3.03 13.09
C GLY A 77 -8.01 3.69 14.21
N SER A 78 -8.67 4.76 13.90
CA SER A 78 -9.46 5.49 14.83
C SER A 78 -10.75 5.88 14.13
N ASP A 79 -11.86 5.58 14.76
CA ASP A 79 -13.15 5.81 14.15
C ASP A 79 -13.87 6.93 14.90
N THR A 80 -13.95 6.76 16.20
CA THR A 80 -14.64 7.71 17.07
C THR A 80 -13.80 8.97 17.24
N GLU A 81 -12.53 8.78 17.49
CA GLU A 81 -11.65 9.88 17.74
C GLU A 81 -10.67 10.02 16.60
N LEU A 82 -10.02 11.16 16.54
CA LEU A 82 -9.02 11.46 15.53
C LEU A 82 -7.85 12.14 16.20
N ALA A 83 -6.91 12.64 15.43
CA ALA A 83 -5.74 13.29 15.97
C ALA A 83 -6.10 14.66 16.52
N ALA A 84 -5.56 14.97 17.68
CA ALA A 84 -5.80 16.22 18.34
C ALA A 84 -4.53 16.64 19.05
N PRO A 85 -4.17 17.94 18.97
CA PRO A 85 -2.93 18.46 19.59
C PRO A 85 -3.01 18.49 21.10
N LYS A 86 -4.20 18.38 21.58
CA LYS A 86 -4.49 18.37 22.98
C LYS A 86 -4.57 16.93 23.43
N SER A 87 -3.61 16.53 24.21
CA SER A 87 -3.52 15.17 24.68
C SER A 87 -4.48 14.95 25.86
N LYS A 88 -4.39 15.81 26.85
CA LYS A 88 -5.21 15.70 28.04
C LYS A 88 -6.02 16.96 28.17
N ASN A 89 -5.30 18.05 28.28
CA ASN A 89 -5.85 19.36 28.40
C ASN A 89 -5.17 20.21 27.39
N GLY A 1 -22.87 -4.05 7.78
CA GLY A 1 -22.08 -3.98 9.00
C GLY A 1 -21.09 -2.85 8.91
N ASP A 2 -19.91 -3.06 9.44
CA ASP A 2 -18.85 -2.06 9.37
C ASP A 2 -17.56 -2.78 9.06
N GLY A 3 -16.73 -2.17 8.27
CA GLY A 3 -15.50 -2.79 7.94
C GLY A 3 -14.92 -2.26 6.67
N GLU A 4 -14.36 -1.09 6.74
CA GLU A 4 -13.65 -0.56 5.62
C GLU A 4 -12.22 -1.03 5.75
N ALA A 5 -11.97 -2.15 5.18
CA ALA A 5 -10.68 -2.76 5.23
C ALA A 5 -9.89 -2.35 4.01
N GLN A 6 -10.63 -1.89 2.99
CA GLN A 6 -10.08 -1.37 1.72
C GLN A 6 -9.35 -2.47 0.95
N ARG A 7 -8.11 -2.68 1.31
CA ARG A 7 -7.24 -3.67 0.76
C ARG A 7 -5.91 -3.48 1.45
N ASP A 8 -5.28 -4.55 1.82
CA ASP A 8 -3.96 -4.42 2.34
C ASP A 8 -3.02 -4.46 1.18
N LEU A 9 -2.28 -3.41 1.01
CA LEU A 9 -1.44 -3.23 -0.15
C LEU A 9 -0.28 -4.20 -0.23
N VAL A 10 0.03 -4.88 0.85
CA VAL A 10 1.09 -5.83 0.77
C VAL A 10 0.60 -7.12 0.11
N LYS A 11 -0.63 -7.49 0.38
CA LYS A 11 -1.18 -8.69 -0.25
C LYS A 11 -1.85 -8.31 -1.58
N ALA A 12 -1.56 -7.11 -2.02
CA ALA A 12 -2.04 -6.60 -3.28
C ALA A 12 -0.86 -6.29 -4.19
N VAL A 13 -0.09 -5.26 -3.84
CA VAL A 13 1.02 -4.78 -4.64
C VAL A 13 2.19 -5.74 -4.59
N ALA A 14 2.56 -6.15 -3.40
CA ALA A 14 3.67 -7.08 -3.25
C ALA A 14 3.30 -8.43 -3.85
N HIS A 15 2.02 -8.72 -3.81
CA HIS A 15 1.49 -9.96 -4.36
C HIS A 15 1.58 -9.96 -5.90
N ILE A 16 1.73 -8.78 -6.50
CA ILE A 16 1.92 -8.65 -7.95
C ILE A 16 3.31 -9.16 -8.31
N LEU A 17 4.26 -8.89 -7.44
CA LEU A 17 5.64 -9.31 -7.66
C LEU A 17 5.85 -10.73 -7.17
N GLY A 18 5.16 -11.07 -6.09
CA GLY A 18 5.27 -12.39 -5.51
C GLY A 18 5.92 -12.34 -4.15
N ILE A 19 5.74 -11.24 -3.47
CA ILE A 19 6.31 -11.03 -2.16
C ILE A 19 5.22 -10.74 -1.13
N ARG A 20 5.58 -10.94 0.12
CA ARG A 20 4.68 -10.75 1.26
C ARG A 20 5.51 -10.83 2.54
N ASP A 21 6.35 -11.84 2.59
CA ASP A 21 7.25 -12.06 3.72
C ASP A 21 8.45 -11.16 3.63
N LEU A 22 8.89 -10.87 2.39
CA LEU A 22 10.02 -9.96 2.12
C LEU A 22 11.30 -10.49 2.73
N ALA A 23 11.45 -11.79 2.67
CA ALA A 23 12.60 -12.44 3.26
C ALA A 23 13.82 -12.31 2.36
N GLY A 24 13.59 -11.85 1.16
CA GLY A 24 14.63 -11.67 0.20
C GLY A 24 14.44 -10.42 -0.62
N ILE A 25 13.82 -9.44 -0.02
CA ILE A 25 13.61 -8.16 -0.65
C ILE A 25 13.87 -7.13 0.41
N ASN A 26 14.60 -6.12 0.07
CA ASN A 26 14.93 -5.10 1.04
C ASN A 26 13.84 -4.09 1.10
N LEU A 27 13.62 -3.56 2.26
CA LEU A 27 12.54 -2.62 2.48
C LEU A 27 13.09 -1.21 2.40
N ASP A 28 14.29 -1.13 1.89
CA ASP A 28 14.97 0.13 1.64
C ASP A 28 15.04 0.35 0.16
N SER A 29 14.52 -0.61 -0.57
CA SER A 29 14.54 -0.58 -2.00
C SER A 29 13.32 0.15 -2.52
N SER A 30 13.54 1.01 -3.46
CA SER A 30 12.49 1.74 -4.11
C SER A 30 11.67 0.78 -4.99
N LEU A 31 10.39 1.09 -5.18
CA LEU A 31 9.47 0.23 -5.96
C LEU A 31 9.96 0.07 -7.38
N ALA A 32 10.66 1.07 -7.86
CA ALA A 32 11.20 1.01 -9.20
C ALA A 32 12.32 -0.02 -9.28
N ASP A 33 13.01 -0.23 -8.19
CA ASP A 33 14.09 -1.20 -8.14
C ASP A 33 13.54 -2.59 -7.92
N LEU A 34 12.33 -2.63 -7.41
CA LEU A 34 11.65 -3.88 -7.14
C LEU A 34 11.17 -4.51 -8.43
N GLY A 35 10.40 -3.78 -9.18
CA GLY A 35 9.89 -4.32 -10.42
C GLY A 35 8.61 -3.69 -10.85
N LEU A 36 8.58 -2.39 -10.88
CA LEU A 36 7.41 -1.69 -11.32
C LEU A 36 7.49 -1.35 -12.79
N ASP A 37 6.68 -2.02 -13.56
CA ASP A 37 6.55 -1.79 -14.97
C ASP A 37 5.35 -0.89 -15.23
N SER A 38 4.17 -1.45 -15.09
CA SER A 38 2.96 -0.71 -15.36
C SER A 38 1.92 -0.99 -14.28
N LEU A 39 1.53 -2.26 -14.16
CA LEU A 39 0.48 -2.66 -13.20
C LEU A 39 0.84 -2.28 -11.78
N MET A 40 2.13 -2.32 -11.50
CA MET A 40 2.69 -2.02 -10.18
C MET A 40 2.54 -0.54 -9.84
N GLY A 41 2.02 0.24 -10.77
CA GLY A 41 1.74 1.62 -10.52
C GLY A 41 0.29 1.92 -10.84
N VAL A 42 -0.25 1.25 -11.85
CA VAL A 42 -1.63 1.44 -12.26
C VAL A 42 -2.60 0.91 -11.21
N GLU A 43 -2.34 -0.29 -10.70
CA GLU A 43 -3.26 -0.88 -9.74
C GLU A 43 -3.16 -0.13 -8.40
N VAL A 44 -1.96 0.40 -8.12
CA VAL A 44 -1.74 1.22 -6.92
C VAL A 44 -2.65 2.44 -7.00
N ARG A 45 -2.68 3.07 -8.15
CA ARG A 45 -3.57 4.18 -8.40
C ARG A 45 -5.02 3.78 -8.22
N GLN A 46 -5.38 2.61 -8.71
CA GLN A 46 -6.75 2.13 -8.60
C GLN A 46 -7.12 1.73 -7.15
N ILE A 47 -6.18 1.80 -6.26
CA ILE A 47 -6.46 1.58 -4.87
C ILE A 47 -6.58 2.94 -4.17
N LEU A 48 -5.52 3.72 -4.23
CA LEU A 48 -5.48 5.00 -3.51
C LEU A 48 -6.39 6.05 -4.12
N GLU A 49 -6.37 6.18 -5.43
CA GLU A 49 -7.16 7.18 -6.15
C GLU A 49 -8.63 6.81 -6.07
N ARG A 50 -8.90 5.54 -6.19
CA ARG A 50 -10.25 5.03 -6.24
C ARG A 50 -10.92 5.06 -4.86
N GLU A 51 -10.20 4.64 -3.82
CA GLU A 51 -10.80 4.57 -2.49
C GLU A 51 -10.71 5.87 -1.71
N HIS A 52 -9.59 6.56 -1.78
CA HIS A 52 -9.40 7.75 -0.94
C HIS A 52 -9.16 9.01 -1.74
N ASP A 53 -9.25 8.89 -3.05
CA ASP A 53 -9.09 10.02 -4.01
C ASP A 53 -7.63 10.52 -4.03
N LEU A 54 -6.71 9.69 -3.55
CA LEU A 54 -5.29 10.03 -3.57
C LEU A 54 -4.68 9.72 -4.90
N VAL A 55 -4.53 10.71 -5.71
CA VAL A 55 -3.85 10.54 -6.96
C VAL A 55 -2.37 10.55 -6.68
N LEU A 56 -1.84 9.38 -6.47
CA LEU A 56 -0.43 9.23 -6.28
C LEU A 56 0.17 8.84 -7.59
N PRO A 57 0.86 9.77 -8.23
CA PRO A 57 1.49 9.50 -9.50
C PRO A 57 2.68 8.59 -9.30
N ILE A 58 3.16 8.03 -10.37
CA ILE A 58 4.25 7.07 -10.33
C ILE A 58 5.55 7.71 -9.83
N ARG A 59 5.56 9.05 -9.86
CA ARG A 59 6.68 9.83 -9.35
C ARG A 59 6.80 9.63 -7.83
N GLU A 60 5.69 9.29 -7.19
CA GLU A 60 5.66 8.98 -5.77
C GLU A 60 5.71 7.46 -5.59
N VAL A 61 4.97 6.78 -6.44
CA VAL A 61 4.84 5.32 -6.42
C VAL A 61 6.21 4.61 -6.52
N ARG A 62 7.13 5.15 -7.31
CA ARG A 62 8.45 4.50 -7.51
C ARG A 62 9.32 4.46 -6.25
N GLN A 63 8.94 5.18 -5.20
CA GLN A 63 9.71 5.17 -3.97
C GLN A 63 9.02 4.35 -2.91
N LEU A 64 7.91 3.74 -3.26
CA LEU A 64 7.20 2.90 -2.32
C LEU A 64 8.01 1.63 -2.04
N THR A 65 8.61 1.58 -0.88
CA THR A 65 9.56 0.54 -0.49
C THR A 65 8.92 -0.78 -0.07
N LEU A 66 7.86 -1.11 -0.76
CA LEU A 66 7.08 -2.33 -0.58
C LEU A 66 6.32 -2.31 0.76
N ARG A 67 7.01 -2.22 1.87
CA ARG A 67 6.32 -2.16 3.16
C ARG A 67 5.72 -0.80 3.38
N LYS A 68 6.18 0.16 2.62
CA LYS A 68 5.61 1.48 2.64
C LYS A 68 4.18 1.43 2.04
N LEU A 69 3.90 0.37 1.30
CA LEU A 69 2.57 0.14 0.72
C LEU A 69 1.52 -0.05 1.80
N GLN A 70 1.83 -0.84 2.81
CA GLN A 70 0.91 -1.02 3.93
C GLN A 70 1.01 0.16 4.87
N GLU A 71 2.19 0.73 4.91
CA GLU A 71 2.53 1.86 5.75
C GLU A 71 1.70 3.09 5.39
N MET A 72 1.47 3.29 4.11
CA MET A 72 0.62 4.40 3.67
C MET A 72 -0.56 3.86 2.86
N SER A 73 -1.02 2.67 3.27
CA SER A 73 -2.15 1.99 2.64
C SER A 73 -3.41 2.84 2.75
N SER A 74 -3.40 3.68 3.79
CA SER A 74 -4.45 4.65 4.08
C SER A 74 -5.73 3.99 4.62
N LYS A 75 -5.62 2.76 5.07
CA LYS A 75 -6.76 2.13 5.71
C LYS A 75 -6.73 2.44 7.19
N ALA A 76 -7.87 2.82 7.70
CA ALA A 76 -7.98 3.27 9.06
C ALA A 76 -8.22 2.10 10.02
N GLY A 77 -8.40 2.43 11.27
CA GLY A 77 -8.57 1.45 12.30
C GLY A 77 -7.58 1.68 13.40
N SER A 78 -8.05 1.96 14.58
CA SER A 78 -7.18 2.23 15.69
C SER A 78 -7.78 1.67 16.97
N ASP A 79 -7.02 1.70 18.04
CA ASP A 79 -7.47 1.22 19.35
C ASP A 79 -8.26 2.33 20.07
N THR A 80 -9.30 2.82 19.38
CA THR A 80 -10.16 3.91 19.85
C THR A 80 -9.44 5.29 19.81
N GLU A 81 -8.33 5.37 20.46
CA GLU A 81 -7.48 6.52 20.46
C GLU A 81 -6.05 6.03 20.52
N LEU A 82 -5.11 6.86 20.17
CA LEU A 82 -3.75 6.43 20.16
C LEU A 82 -2.97 7.10 21.28
N ALA A 83 -3.07 6.51 22.44
CA ALA A 83 -2.41 6.96 23.64
C ALA A 83 -2.56 5.88 24.66
N ALA A 84 -1.86 6.01 25.75
CA ALA A 84 -1.97 5.07 26.83
C ALA A 84 -2.37 5.84 28.07
N PRO A 85 -3.05 5.20 29.04
CA PRO A 85 -3.40 5.86 30.29
C PRO A 85 -2.14 6.29 31.04
N LYS A 86 -2.00 7.59 31.24
CA LYS A 86 -0.87 8.14 31.93
C LYS A 86 -1.21 8.24 33.39
N SER A 87 -2.32 8.88 33.65
CA SER A 87 -2.77 9.07 34.98
C SER A 87 -3.71 7.95 35.40
N LYS A 88 -3.14 6.97 36.08
CA LYS A 88 -3.91 5.88 36.67
C LYS A 88 -3.83 6.01 38.17
N ASN A 89 -3.07 6.98 38.59
CA ASN A 89 -2.91 7.31 39.96
C ASN A 89 -3.85 8.45 40.25
N GLY A 1 -21.68 -1.45 -1.71
CA GLY A 1 -21.56 -1.95 -0.35
C GLY A 1 -20.21 -2.57 -0.13
N ASP A 2 -19.89 -2.89 1.09
CA ASP A 2 -18.62 -3.51 1.41
C ASP A 2 -18.80 -5.00 1.61
N GLY A 3 -18.65 -5.73 0.54
CA GLY A 3 -18.73 -7.17 0.60
C GLY A 3 -17.36 -7.73 0.42
N GLU A 4 -16.65 -7.18 -0.53
CA GLU A 4 -15.29 -7.51 -0.78
C GLU A 4 -14.45 -6.55 0.05
N ALA A 5 -14.09 -7.00 1.23
CA ALA A 5 -13.34 -6.20 2.17
C ALA A 5 -11.98 -5.81 1.60
N GLN A 6 -11.60 -4.58 1.82
CA GLN A 6 -10.35 -4.04 1.33
C GLN A 6 -9.19 -4.74 2.01
N ARG A 7 -8.42 -5.44 1.23
CA ARG A 7 -7.24 -6.11 1.72
C ARG A 7 -6.18 -5.06 2.03
N ASP A 8 -5.19 -5.44 2.79
CA ASP A 8 -4.12 -4.52 3.14
C ASP A 8 -3.35 -4.17 1.89
N LEU A 9 -2.77 -2.99 1.87
CA LEU A 9 -2.09 -2.47 0.69
C LEU A 9 -0.97 -3.34 0.22
N VAL A 10 -0.14 -3.78 1.13
CA VAL A 10 0.95 -4.65 0.75
C VAL A 10 0.43 -6.02 0.28
N LYS A 11 -0.70 -6.44 0.77
CA LYS A 11 -1.25 -7.73 0.39
C LYS A 11 -1.73 -7.68 -1.07
N ALA A 12 -2.02 -6.47 -1.54
CA ALA A 12 -2.46 -6.25 -2.91
C ALA A 12 -1.29 -5.89 -3.81
N VAL A 13 -0.45 -4.97 -3.36
CA VAL A 13 0.69 -4.49 -4.14
C VAL A 13 1.79 -5.55 -4.26
N ALA A 14 2.15 -6.16 -3.14
CA ALA A 14 3.21 -7.16 -3.13
C ALA A 14 2.76 -8.42 -3.86
N HIS A 15 1.44 -8.57 -3.99
CA HIS A 15 0.81 -9.66 -4.75
C HIS A 15 1.22 -9.57 -6.23
N ILE A 16 1.51 -8.37 -6.68
CA ILE A 16 1.92 -8.14 -8.05
C ILE A 16 3.40 -8.48 -8.24
N LEU A 17 4.21 -8.07 -7.27
CA LEU A 17 5.64 -8.31 -7.31
C LEU A 17 5.97 -9.78 -7.05
N GLY A 18 5.13 -10.43 -6.27
CA GLY A 18 5.34 -11.82 -5.94
C GLY A 18 5.99 -11.96 -4.59
N ILE A 19 5.48 -11.21 -3.64
CA ILE A 19 5.96 -11.18 -2.29
C ILE A 19 4.82 -10.99 -1.33
N ARG A 20 5.05 -11.25 -0.08
CA ARG A 20 4.02 -11.12 0.91
C ARG A 20 4.67 -10.72 2.22
N ASP A 21 5.53 -11.60 2.72
CA ASP A 21 6.22 -11.39 3.98
C ASP A 21 7.43 -10.58 3.79
N LEU A 22 8.01 -10.65 2.59
CA LEU A 22 9.21 -9.92 2.24
C LEU A 22 10.42 -10.45 2.95
N ALA A 23 10.26 -11.66 3.45
CA ALA A 23 11.29 -12.31 4.20
C ALA A 23 12.43 -12.73 3.28
N GLY A 24 13.40 -11.88 3.16
CA GLY A 24 14.52 -12.15 2.32
C GLY A 24 14.69 -11.09 1.28
N ILE A 25 13.70 -10.25 1.14
CA ILE A 25 13.71 -9.23 0.12
C ILE A 25 14.16 -7.94 0.75
N ASN A 26 15.02 -7.28 0.06
CA ASN A 26 15.57 -6.03 0.51
C ASN A 26 14.51 -4.93 0.44
N LEU A 27 14.13 -4.41 1.59
CA LEU A 27 13.10 -3.38 1.69
C LEU A 27 13.71 -2.01 1.63
N ASP A 28 14.92 -1.96 1.16
CA ASP A 28 15.60 -0.70 0.93
C ASP A 28 15.65 -0.49 -0.56
N SER A 29 14.88 -1.30 -1.26
CA SER A 29 14.76 -1.23 -2.66
C SER A 29 13.47 -0.52 -3.01
N SER A 30 13.61 0.66 -3.51
CA SER A 30 12.50 1.45 -3.97
C SER A 30 11.89 0.78 -5.20
N LEU A 31 10.58 0.96 -5.41
CA LEU A 31 9.93 0.39 -6.60
C LEU A 31 10.51 0.95 -7.90
N ALA A 32 11.20 2.07 -7.79
CA ALA A 32 11.88 2.66 -8.92
C ALA A 32 13.06 1.82 -9.34
N ASP A 33 13.69 1.19 -8.36
CA ASP A 33 14.84 0.37 -8.63
C ASP A 33 14.37 -0.90 -9.30
N LEU A 34 13.20 -1.33 -8.86
CA LEU A 34 12.56 -2.53 -9.37
C LEU A 34 12.14 -2.29 -10.82
N GLY A 35 11.43 -1.19 -11.03
CA GLY A 35 10.98 -0.84 -12.36
C GLY A 35 9.48 -1.04 -12.52
N LEU A 36 8.71 -0.09 -12.03
CA LEU A 36 7.27 -0.21 -12.10
C LEU A 36 6.72 0.54 -13.29
N ASP A 37 5.64 -0.01 -13.83
CA ASP A 37 4.79 0.57 -14.91
C ASP A 37 4.09 -0.55 -15.60
N SER A 38 4.67 -1.74 -15.44
CA SER A 38 4.21 -2.98 -16.07
C SER A 38 2.73 -3.28 -15.76
N LEU A 39 2.31 -2.87 -14.57
CA LEU A 39 0.96 -3.07 -14.08
C LEU A 39 0.90 -2.42 -12.74
N MET A 40 1.95 -2.71 -11.98
CA MET A 40 2.20 -2.25 -10.60
C MET A 40 1.68 -0.83 -10.35
N GLY A 41 2.24 0.12 -11.07
CA GLY A 41 1.95 1.53 -10.82
C GLY A 41 0.55 1.94 -11.26
N VAL A 42 -0.09 1.11 -12.02
CA VAL A 42 -1.42 1.40 -12.48
C VAL A 42 -2.40 0.82 -11.48
N GLU A 43 -2.14 -0.40 -11.05
CA GLU A 43 -3.02 -1.06 -10.12
C GLU A 43 -2.92 -0.41 -8.73
N VAL A 44 -1.74 0.13 -8.39
CA VAL A 44 -1.58 0.88 -7.14
C VAL A 44 -2.56 2.06 -7.17
N ARG A 45 -2.61 2.73 -8.29
CA ARG A 45 -3.53 3.83 -8.50
C ARG A 45 -4.98 3.36 -8.47
N GLN A 46 -5.23 2.18 -9.01
CA GLN A 46 -6.58 1.60 -9.00
C GLN A 46 -6.99 1.09 -7.63
N ILE A 47 -6.07 1.08 -6.71
CA ILE A 47 -6.39 0.79 -5.35
C ILE A 47 -6.68 2.12 -4.68
N LEU A 48 -5.64 2.92 -4.54
CA LEU A 48 -5.71 4.18 -3.81
C LEU A 48 -6.75 5.15 -4.34
N GLU A 49 -6.78 5.38 -5.65
CA GLU A 49 -7.70 6.33 -6.24
C GLU A 49 -9.13 5.80 -6.28
N ARG A 50 -9.27 4.51 -6.43
CA ARG A 50 -10.59 3.91 -6.50
C ARG A 50 -11.21 3.86 -5.10
N GLU A 51 -10.42 3.39 -4.15
CA GLU A 51 -10.88 3.22 -2.78
C GLU A 51 -11.03 4.54 -2.04
N HIS A 52 -9.97 5.34 -2.02
CA HIS A 52 -9.97 6.56 -1.21
C HIS A 52 -9.69 7.82 -2.00
N ASP A 53 -9.62 7.70 -3.32
CA ASP A 53 -9.33 8.85 -4.23
C ASP A 53 -7.90 9.40 -3.98
N LEU A 54 -7.02 8.56 -3.49
CA LEU A 54 -5.63 8.95 -3.30
C LEU A 54 -4.88 8.80 -4.60
N VAL A 55 -4.57 9.90 -5.22
CA VAL A 55 -3.82 9.87 -6.44
C VAL A 55 -2.36 9.83 -6.11
N LEU A 56 -1.83 8.64 -6.04
CA LEU A 56 -0.43 8.47 -5.82
C LEU A 56 0.23 8.26 -7.16
N PRO A 57 0.94 9.26 -7.63
CA PRO A 57 1.57 9.24 -8.93
C PRO A 57 2.84 8.40 -8.93
N ILE A 58 3.39 8.19 -10.10
CA ILE A 58 4.59 7.41 -10.27
C ILE A 58 5.76 8.07 -9.55
N ARG A 59 5.74 9.40 -9.55
CA ARG A 59 6.78 10.16 -8.84
C ARG A 59 6.67 10.05 -7.31
N GLU A 60 5.70 9.31 -6.82
CA GLU A 60 5.62 9.02 -5.40
C GLU A 60 5.78 7.53 -5.16
N VAL A 61 5.01 6.72 -5.90
CA VAL A 61 5.02 5.26 -5.76
C VAL A 61 6.43 4.66 -6.01
N ARG A 62 7.18 5.32 -6.89
CA ARG A 62 8.53 4.89 -7.23
C ARG A 62 9.49 4.88 -6.03
N GLN A 63 9.22 5.69 -5.02
CA GLN A 63 10.17 5.82 -3.91
C GLN A 63 9.64 5.13 -2.68
N LEU A 64 8.65 4.30 -2.88
CA LEU A 64 8.13 3.49 -1.82
C LEU A 64 8.99 2.23 -1.74
N THR A 65 9.06 1.62 -0.59
CA THR A 65 9.94 0.47 -0.37
C THR A 65 9.15 -0.81 -0.18
N LEU A 66 8.08 -0.93 -0.96
CA LEU A 66 7.16 -2.06 -0.96
C LEU A 66 6.36 -2.13 0.35
N ARG A 67 7.01 -2.45 1.45
CA ARG A 67 6.33 -2.54 2.76
C ARG A 67 5.89 -1.16 3.25
N LYS A 68 6.50 -0.12 2.69
CA LYS A 68 6.13 1.25 3.00
C LYS A 68 4.69 1.54 2.53
N LEU A 69 4.20 0.71 1.62
CA LEU A 69 2.78 0.78 1.17
C LEU A 69 1.80 0.66 2.35
N GLN A 70 2.24 0.06 3.45
CA GLN A 70 1.41 -0.06 4.63
C GLN A 70 1.39 1.25 5.44
N GLU A 71 2.10 2.25 4.98
CA GLU A 71 2.01 3.56 5.59
C GLU A 71 1.05 4.38 4.77
N MET A 72 0.75 3.87 3.58
CA MET A 72 -0.09 4.56 2.62
C MET A 72 -1.38 3.76 2.47
N SER A 73 -1.57 2.84 3.39
CA SER A 73 -2.62 1.87 3.29
C SER A 73 -4.02 2.47 3.53
N SER A 74 -4.06 3.64 4.15
CA SER A 74 -5.30 4.33 4.49
C SER A 74 -6.06 3.60 5.61
N LYS A 75 -5.40 2.63 6.21
CA LYS A 75 -5.93 1.90 7.33
C LYS A 75 -5.24 2.37 8.57
N ALA A 76 -5.99 2.79 9.53
CA ALA A 76 -5.42 3.25 10.77
C ALA A 76 -4.91 2.08 11.55
N GLY A 77 -3.67 2.16 12.00
CA GLY A 77 -3.08 1.10 12.76
C GLY A 77 -3.57 1.09 14.17
N SER A 78 -4.76 0.61 14.35
CA SER A 78 -5.36 0.52 15.63
C SER A 78 -6.11 -0.78 15.74
N ASP A 79 -5.41 -1.76 16.24
CA ASP A 79 -5.95 -3.06 16.52
C ASP A 79 -6.78 -2.99 17.78
N THR A 80 -6.17 -2.48 18.81
CA THR A 80 -6.85 -2.31 20.06
C THR A 80 -6.68 -0.86 20.53
N GLU A 81 -5.47 -0.31 20.38
CA GLU A 81 -5.16 1.05 20.81
C GLU A 81 -4.29 1.72 19.77
N LEU A 82 -3.97 2.99 19.99
CA LEU A 82 -3.18 3.76 19.03
C LEU A 82 -1.76 3.23 18.90
N ALA A 83 -0.95 3.37 19.91
CA ALA A 83 0.41 2.87 19.83
C ALA A 83 0.66 1.82 20.88
N ALA A 84 0.62 0.57 20.43
CA ALA A 84 0.85 -0.62 21.26
C ALA A 84 -0.24 -0.80 22.34
N PRO A 85 -1.12 -1.79 22.15
CA PRO A 85 -2.16 -2.11 23.13
C PRO A 85 -1.54 -2.51 24.47
N LYS A 86 -2.18 -2.09 25.53
CA LYS A 86 -1.70 -2.37 26.88
C LYS A 86 -1.74 -3.87 27.13
N SER A 87 -2.78 -4.50 26.66
CA SER A 87 -2.91 -5.91 26.84
C SER A 87 -3.49 -6.61 25.59
N LYS A 88 -4.47 -5.96 24.92
CA LYS A 88 -5.25 -6.53 23.77
C LYS A 88 -6.28 -7.55 24.29
N ASN A 89 -5.90 -8.26 25.31
CA ASN A 89 -6.75 -9.16 26.03
C ASN A 89 -7.10 -8.48 27.33
N GLY A 1 -16.85 -9.76 0.89
CA GLY A 1 -16.54 -11.15 0.55
C GLY A 1 -15.30 -11.24 -0.30
N ASP A 2 -15.36 -10.68 -1.48
CA ASP A 2 -14.27 -10.75 -2.44
C ASP A 2 -13.26 -9.63 -2.19
N GLY A 3 -13.76 -8.49 -1.79
CA GLY A 3 -12.90 -7.36 -1.53
C GLY A 3 -13.75 -6.16 -1.26
N GLU A 4 -14.70 -5.97 -2.17
CA GLU A 4 -15.77 -4.95 -2.12
C GLU A 4 -15.24 -3.55 -2.39
N ALA A 5 -14.24 -3.19 -1.65
CA ALA A 5 -13.60 -1.91 -1.73
C ALA A 5 -12.11 -2.12 -1.83
N GLN A 6 -11.35 -1.08 -1.51
CA GLN A 6 -9.88 -1.07 -1.50
C GLN A 6 -9.27 -2.39 -1.02
N ARG A 7 -8.50 -2.99 -1.91
CA ARG A 7 -7.86 -4.26 -1.64
C ARG A 7 -6.66 -4.06 -0.71
N ASP A 8 -6.30 -5.10 0.02
CA ASP A 8 -5.15 -5.02 0.94
C ASP A 8 -3.87 -4.78 0.17
N LEU A 9 -3.22 -3.71 0.54
CA LEU A 9 -2.03 -3.17 -0.11
C LEU A 9 -0.92 -4.19 -0.33
N VAL A 10 -0.41 -4.74 0.73
CA VAL A 10 0.72 -5.67 0.61
C VAL A 10 0.24 -7.02 0.12
N LYS A 11 -1.02 -7.30 0.36
CA LYS A 11 -1.59 -8.52 -0.09
C LYS A 11 -1.79 -8.49 -1.61
N ALA A 12 -1.77 -7.29 -2.18
CA ALA A 12 -1.92 -7.08 -3.61
C ALA A 12 -0.58 -6.75 -4.25
N VAL A 13 0.01 -5.62 -3.85
CA VAL A 13 1.24 -5.09 -4.44
C VAL A 13 2.41 -6.07 -4.31
N ALA A 14 2.58 -6.62 -3.13
CA ALA A 14 3.66 -7.56 -2.92
C ALA A 14 3.34 -8.88 -3.62
N HIS A 15 2.06 -9.16 -3.78
CA HIS A 15 1.62 -10.40 -4.41
C HIS A 15 1.93 -10.34 -5.90
N ILE A 16 2.01 -9.13 -6.45
CA ILE A 16 2.37 -8.92 -7.85
C ILE A 16 3.81 -9.44 -8.07
N LEU A 17 4.66 -9.19 -7.09
CA LEU A 17 6.06 -9.62 -7.15
C LEU A 17 6.22 -11.05 -6.63
N GLY A 18 5.22 -11.53 -5.94
CA GLY A 18 5.25 -12.86 -5.40
C GLY A 18 5.82 -12.90 -4.01
N ILE A 19 5.57 -11.85 -3.26
CA ILE A 19 6.03 -11.71 -1.88
C ILE A 19 4.87 -11.34 -0.97
N ARG A 20 5.11 -11.43 0.32
CA ARG A 20 4.15 -11.03 1.32
C ARG A 20 4.87 -10.79 2.64
N ASP A 21 5.76 -11.71 2.99
CA ASP A 21 6.48 -11.64 4.24
C ASP A 21 7.55 -10.61 4.15
N LEU A 22 8.26 -10.61 3.01
CA LEU A 22 9.36 -9.68 2.75
C LEU A 22 10.54 -9.99 3.64
N ALA A 23 10.56 -11.20 4.13
CA ALA A 23 11.59 -11.63 4.99
C ALA A 23 12.73 -12.17 4.15
N GLY A 24 13.55 -11.28 3.65
CA GLY A 24 14.63 -11.66 2.78
C GLY A 24 14.82 -10.69 1.66
N ILE A 25 13.80 -9.92 1.43
CA ILE A 25 13.77 -8.95 0.35
C ILE A 25 14.35 -7.64 0.89
N ASN A 26 14.82 -6.80 0.02
CA ASN A 26 15.36 -5.51 0.42
C ASN A 26 14.23 -4.49 0.37
N LEU A 27 13.98 -3.83 1.48
CA LEU A 27 12.89 -2.87 1.61
C LEU A 27 13.40 -1.44 1.49
N ASP A 28 14.67 -1.30 1.18
CA ASP A 28 15.26 0.03 0.99
C ASP A 28 15.27 0.33 -0.49
N SER A 29 14.72 -0.59 -1.24
CA SER A 29 14.69 -0.49 -2.66
C SER A 29 13.41 0.20 -3.12
N SER A 30 13.53 0.96 -4.16
CA SER A 30 12.43 1.70 -4.70
C SER A 30 11.46 0.75 -5.43
N LEU A 31 10.19 1.12 -5.50
CA LEU A 31 9.15 0.31 -6.16
C LEU A 31 9.47 0.11 -7.61
N ALA A 32 10.11 1.09 -8.19
CA ALA A 32 10.49 1.03 -9.57
C ALA A 32 11.53 -0.05 -9.80
N ASP A 33 12.37 -0.25 -8.81
CA ASP A 33 13.45 -1.21 -8.88
C ASP A 33 12.84 -2.60 -8.79
N LEU A 34 11.82 -2.69 -7.94
CA LEU A 34 11.08 -3.92 -7.67
C LEU A 34 10.40 -4.44 -8.94
N GLY A 35 9.87 -3.54 -9.72
CA GLY A 35 9.20 -3.94 -10.94
C GLY A 35 8.29 -2.89 -11.53
N LEU A 36 8.24 -1.73 -10.91
CA LEU A 36 7.44 -0.66 -11.41
C LEU A 36 8.08 0.07 -12.57
N ASP A 37 7.48 -0.11 -13.69
CA ASP A 37 7.81 0.65 -14.87
C ASP A 37 6.53 1.35 -15.34
N SER A 38 5.38 0.71 -15.06
CA SER A 38 4.08 1.22 -15.46
C SER A 38 2.91 0.60 -14.63
N LEU A 39 2.65 -0.70 -14.82
CA LEU A 39 1.51 -1.41 -14.15
C LEU A 39 1.58 -1.30 -12.63
N MET A 40 2.78 -1.39 -12.08
CA MET A 40 2.95 -1.31 -10.62
C MET A 40 2.83 0.11 -10.09
N GLY A 41 2.35 0.98 -10.93
CA GLY A 41 1.98 2.31 -10.52
C GLY A 41 0.49 2.44 -10.65
N VAL A 42 -0.04 1.88 -11.72
CA VAL A 42 -1.47 1.88 -12.00
C VAL A 42 -2.25 1.14 -10.92
N GLU A 43 -1.77 -0.05 -10.56
CA GLU A 43 -2.40 -0.87 -9.51
C GLU A 43 -2.54 -0.08 -8.22
N VAL A 44 -1.48 0.66 -7.90
CA VAL A 44 -1.39 1.48 -6.71
C VAL A 44 -2.46 2.55 -6.75
N ARG A 45 -2.64 3.13 -7.90
CA ARG A 45 -3.64 4.16 -8.09
C ARG A 45 -5.04 3.57 -8.00
N GLN A 46 -5.18 2.33 -8.36
CA GLN A 46 -6.49 1.68 -8.26
C GLN A 46 -6.80 1.35 -6.79
N ILE A 47 -5.79 1.37 -5.97
CA ILE A 47 -5.97 1.15 -4.57
C ILE A 47 -6.21 2.49 -3.86
N LEU A 48 -5.33 3.44 -4.11
CA LEU A 48 -5.41 4.73 -3.45
C LEU A 48 -6.31 5.73 -4.17
N GLU A 49 -6.07 5.94 -5.46
CA GLU A 49 -6.80 6.92 -6.27
C GLU A 49 -8.25 6.53 -6.47
N ARG A 50 -8.45 5.32 -6.88
CA ARG A 50 -9.76 4.78 -7.19
C ARG A 50 -10.67 4.74 -5.96
N GLU A 51 -10.09 4.50 -4.82
CA GLU A 51 -10.88 4.32 -3.62
C GLU A 51 -10.90 5.55 -2.72
N HIS A 52 -9.74 6.02 -2.31
CA HIS A 52 -9.68 7.05 -1.30
C HIS A 52 -9.42 8.43 -1.93
N ASP A 53 -9.41 8.48 -3.27
CA ASP A 53 -9.15 9.72 -4.07
C ASP A 53 -7.67 10.16 -3.96
N LEU A 54 -6.86 9.29 -3.40
CA LEU A 54 -5.45 9.57 -3.25
C LEU A 54 -4.70 9.35 -4.54
N VAL A 55 -4.71 10.36 -5.36
CA VAL A 55 -4.01 10.32 -6.61
C VAL A 55 -2.53 10.42 -6.34
N LEU A 56 -1.91 9.30 -6.31
CA LEU A 56 -0.51 9.22 -6.12
C LEU A 56 0.11 9.03 -7.46
N PRO A 57 0.83 10.03 -7.94
CA PRO A 57 1.50 9.95 -9.21
C PRO A 57 2.68 9.01 -9.13
N ILE A 58 2.97 8.36 -10.24
CA ILE A 58 4.03 7.36 -10.32
C ILE A 58 5.39 7.94 -9.91
N ARG A 59 5.51 9.27 -10.03
CA ARG A 59 6.69 10.01 -9.55
C ARG A 59 7.04 9.59 -8.11
N GLU A 60 6.07 9.68 -7.22
CA GLU A 60 6.27 9.30 -5.83
C GLU A 60 6.14 7.81 -5.64
N VAL A 61 5.25 7.21 -6.40
CA VAL A 61 4.98 5.79 -6.33
C VAL A 61 6.24 4.94 -6.59
N ARG A 62 7.14 5.45 -7.42
CA ARG A 62 8.38 4.74 -7.73
C ARG A 62 9.30 4.55 -6.53
N GLN A 63 9.04 5.25 -5.43
CA GLN A 63 9.87 5.14 -4.23
C GLN A 63 9.15 4.37 -3.14
N LEU A 64 8.00 3.83 -3.45
CA LEU A 64 7.25 3.07 -2.45
C LEU A 64 7.90 1.72 -2.20
N THR A 65 8.53 1.60 -1.07
CA THR A 65 9.38 0.48 -0.69
C THR A 65 8.63 -0.77 -0.24
N LEU A 66 7.55 -1.06 -0.93
CA LEU A 66 6.70 -2.23 -0.70
C LEU A 66 5.96 -2.15 0.67
N ARG A 67 6.68 -2.12 1.77
CA ARG A 67 6.03 -2.08 3.07
C ARG A 67 5.50 -0.70 3.41
N LYS A 68 5.99 0.31 2.71
CA LYS A 68 5.44 1.65 2.87
C LYS A 68 4.00 1.68 2.37
N LEU A 69 3.70 0.79 1.42
CA LEU A 69 2.33 0.67 0.85
C LEU A 69 1.29 0.44 1.94
N GLN A 70 1.61 -0.39 2.90
CA GLN A 70 0.67 -0.70 3.99
C GLN A 70 0.77 0.32 5.12
N GLU A 71 1.58 1.32 4.93
CA GLU A 71 1.74 2.37 5.93
C GLU A 71 0.97 3.59 5.45
N MET A 72 0.80 3.67 4.16
CA MET A 72 0.07 4.76 3.53
C MET A 72 -1.18 4.18 2.89
N SER A 73 -1.54 3.00 3.35
CA SER A 73 -2.63 2.23 2.84
C SER A 73 -3.96 2.97 2.91
N SER A 74 -4.13 3.78 3.97
CA SER A 74 -5.36 4.55 4.18
C SER A 74 -6.57 3.60 4.26
N LYS A 75 -6.34 2.46 4.87
CA LYS A 75 -7.32 1.41 4.90
C LYS A 75 -7.81 1.26 6.33
N ALA A 76 -7.45 2.25 7.14
CA ALA A 76 -7.72 2.31 8.55
C ALA A 76 -6.94 1.26 9.32
N GLY A 77 -7.52 0.08 9.46
CA GLY A 77 -6.91 -0.96 10.23
C GLY A 77 -6.84 -0.56 11.68
N SER A 78 -5.68 -0.14 12.10
CA SER A 78 -5.46 0.35 13.43
C SER A 78 -5.89 1.80 13.55
N ASP A 79 -6.03 2.48 12.41
CA ASP A 79 -6.48 3.88 12.38
C ASP A 79 -7.97 3.95 12.46
N THR A 80 -8.46 3.63 13.61
CA THR A 80 -9.84 3.71 13.92
C THR A 80 -9.96 3.88 15.41
N GLU A 81 -10.26 5.08 15.82
CA GLU A 81 -10.51 5.32 17.20
C GLU A 81 -12.00 5.34 17.38
N LEU A 82 -12.48 4.62 18.35
CA LEU A 82 -13.91 4.49 18.56
C LEU A 82 -14.45 5.75 19.23
N ALA A 83 -14.86 6.67 18.42
CA ALA A 83 -15.43 7.91 18.87
C ALA A 83 -16.91 7.74 18.97
N ALA A 84 -17.48 7.17 17.94
CA ALA A 84 -18.88 6.92 17.89
C ALA A 84 -19.12 5.42 17.87
N PRO A 85 -19.99 4.91 18.74
CA PRO A 85 -20.34 3.50 18.76
C PRO A 85 -21.29 3.19 17.63
N LYS A 86 -20.92 2.26 16.79
CA LYS A 86 -21.71 1.89 15.65
C LYS A 86 -22.67 0.81 16.05
N SER A 87 -23.90 1.18 16.20
CA SER A 87 -24.90 0.26 16.63
C SER A 87 -25.68 -0.28 15.42
N LYS A 88 -25.55 0.38 14.30
CA LYS A 88 -26.21 -0.05 13.10
C LYS A 88 -25.18 -0.33 11.99
N ASN A 89 -24.76 -1.58 11.92
CA ASN A 89 -23.87 -2.11 10.86
C ASN A 89 -22.50 -1.45 10.84
N GLY A 1 -20.30 -5.64 3.00
CA GLY A 1 -20.91 -4.78 4.01
C GLY A 1 -19.92 -3.72 4.45
N ASP A 2 -20.37 -2.79 5.28
CA ASP A 2 -19.49 -1.72 5.76
C ASP A 2 -18.54 -2.22 6.84
N GLY A 3 -17.59 -2.98 6.41
CA GLY A 3 -16.57 -3.50 7.25
C GLY A 3 -15.29 -3.59 6.48
N GLU A 4 -15.20 -2.72 5.51
CA GLU A 4 -14.08 -2.64 4.64
C GLU A 4 -13.52 -1.26 4.72
N ALA A 5 -12.31 -1.16 5.10
CA ALA A 5 -11.63 0.08 5.18
C ALA A 5 -10.71 0.20 4.00
N GLN A 6 -9.81 -0.76 3.88
CA GLN A 6 -8.80 -0.79 2.84
C GLN A 6 -7.99 -2.06 3.00
N ARG A 7 -7.49 -2.58 1.92
CA ARG A 7 -6.59 -3.71 1.96
C ARG A 7 -5.18 -3.17 2.14
N ASP A 8 -4.31 -3.92 2.76
CA ASP A 8 -2.93 -3.50 2.89
C ASP A 8 -2.33 -3.53 1.53
N LEU A 9 -1.60 -2.50 1.17
CA LEU A 9 -1.00 -2.44 -0.14
C LEU A 9 0.07 -3.51 -0.35
N VAL A 10 0.51 -4.13 0.72
CA VAL A 10 1.45 -5.24 0.62
C VAL A 10 0.67 -6.50 0.17
N LYS A 11 -0.60 -6.53 0.47
CA LYS A 11 -1.43 -7.68 0.13
C LYS A 11 -2.09 -7.40 -1.24
N ALA A 12 -1.60 -6.35 -1.88
CA ALA A 12 -2.10 -5.93 -3.16
C ALA A 12 -0.95 -5.76 -4.15
N VAL A 13 -0.06 -4.82 -3.86
CA VAL A 13 1.08 -4.52 -4.72
C VAL A 13 2.10 -5.64 -4.61
N ALA A 14 2.51 -5.96 -3.39
CA ALA A 14 3.47 -7.04 -3.18
C ALA A 14 2.86 -8.37 -3.62
N HIS A 15 1.54 -8.45 -3.56
CA HIS A 15 0.79 -9.63 -4.00
C HIS A 15 1.02 -9.90 -5.50
N ILE A 16 1.22 -8.83 -6.26
CA ILE A 16 1.48 -8.94 -7.70
C ILE A 16 2.90 -9.51 -7.94
N LEU A 17 3.74 -9.34 -6.94
CA LEU A 17 5.10 -9.82 -7.00
C LEU A 17 5.23 -11.14 -6.26
N GLY A 18 4.13 -11.60 -5.69
CA GLY A 18 4.10 -12.86 -4.98
C GLY A 18 4.69 -12.75 -3.59
N ILE A 19 4.78 -11.55 -3.08
CA ILE A 19 5.41 -11.31 -1.82
C ILE A 19 4.49 -10.76 -0.76
N ARG A 20 4.89 -11.02 0.46
CA ARG A 20 4.29 -10.50 1.67
C ARG A 20 5.24 -10.76 2.83
N ASP A 21 6.04 -11.83 2.74
CA ASP A 21 6.98 -12.16 3.82
C ASP A 21 8.06 -11.12 3.96
N LEU A 22 8.74 -10.80 2.85
CA LEU A 22 9.79 -9.78 2.79
C LEU A 22 10.99 -10.14 3.68
N ALA A 23 11.14 -11.43 3.97
CA ALA A 23 12.20 -11.90 4.85
C ALA A 23 13.56 -11.72 4.23
N GLY A 24 13.59 -11.86 2.95
CA GLY A 24 14.82 -11.72 2.20
C GLY A 24 14.56 -11.05 0.88
N ILE A 25 13.60 -10.15 0.87
CA ILE A 25 13.23 -9.41 -0.32
C ILE A 25 13.57 -7.95 -0.04
N ASN A 26 13.94 -7.20 -1.07
CA ASN A 26 14.37 -5.79 -0.93
C ASN A 26 13.35 -4.91 -0.22
N LEU A 27 13.77 -4.36 0.90
CA LEU A 27 12.97 -3.48 1.72
C LEU A 27 13.47 -2.05 1.61
N ASP A 28 14.76 -1.91 1.39
CA ASP A 28 15.41 -0.60 1.32
C ASP A 28 15.23 0.01 -0.07
N SER A 29 15.08 -0.84 -1.03
CA SER A 29 14.97 -0.45 -2.42
C SER A 29 13.62 0.20 -2.75
N SER A 30 13.68 1.18 -3.63
CA SER A 30 12.52 1.86 -4.14
C SER A 30 11.68 0.88 -4.96
N LEU A 31 10.38 1.14 -5.08
CA LEU A 31 9.43 0.32 -5.83
C LEU A 31 9.94 0.06 -7.24
N ALA A 32 10.51 1.09 -7.83
CA ALA A 32 11.03 0.99 -9.18
C ALA A 32 12.21 0.04 -9.22
N ASP A 33 13.05 0.14 -8.19
CA ASP A 33 14.29 -0.64 -8.11
C ASP A 33 13.99 -2.12 -7.98
N LEU A 34 12.90 -2.40 -7.25
CA LEU A 34 12.40 -3.77 -7.04
C LEU A 34 12.13 -4.41 -8.40
N GLY A 35 11.59 -3.63 -9.29
CA GLY A 35 11.35 -4.09 -10.62
C GLY A 35 9.96 -3.82 -11.08
N LEU A 36 9.45 -2.63 -10.79
CA LEU A 36 8.13 -2.27 -11.25
C LEU A 36 8.23 -2.02 -12.75
N ASP A 37 7.41 -2.70 -13.51
CA ASP A 37 7.45 -2.58 -14.96
C ASP A 37 6.52 -1.47 -15.44
N SER A 38 5.21 -1.69 -15.34
CA SER A 38 4.24 -0.69 -15.74
C SER A 38 2.98 -0.80 -14.87
N LEU A 39 2.27 -1.94 -14.96
CA LEU A 39 1.07 -2.21 -14.14
C LEU A 39 1.39 -2.08 -12.66
N MET A 40 2.62 -2.38 -12.33
CA MET A 40 3.11 -2.34 -10.93
C MET A 40 3.16 -0.90 -10.39
N GLY A 41 2.92 0.08 -11.25
CA GLY A 41 2.81 1.45 -10.81
C GLY A 41 1.39 1.94 -10.96
N VAL A 42 0.71 1.44 -11.98
CA VAL A 42 -0.65 1.84 -12.28
C VAL A 42 -1.65 1.21 -11.31
N GLU A 43 -1.46 -0.08 -11.04
CA GLU A 43 -2.36 -0.84 -10.16
C GLU A 43 -2.46 -0.18 -8.80
N VAL A 44 -1.34 0.34 -8.33
CA VAL A 44 -1.21 1.01 -7.05
C VAL A 44 -2.19 2.16 -7.00
N ARG A 45 -2.04 3.05 -7.97
CA ARG A 45 -2.86 4.21 -8.07
C ARG A 45 -4.33 3.81 -8.23
N GLN A 46 -4.58 2.78 -9.05
CA GLN A 46 -5.94 2.25 -9.28
C GLN A 46 -6.61 1.78 -8.01
N ILE A 47 -5.84 1.45 -7.00
CA ILE A 47 -6.40 1.06 -5.72
C ILE A 47 -6.76 2.31 -4.93
N LEU A 48 -5.77 3.13 -4.68
CA LEU A 48 -5.92 4.31 -3.83
C LEU A 48 -6.88 5.35 -4.42
N GLU A 49 -6.72 5.62 -5.70
CA GLU A 49 -7.52 6.60 -6.42
C GLU A 49 -8.99 6.18 -6.47
N ARG A 50 -9.19 4.90 -6.55
CA ARG A 50 -10.51 4.34 -6.70
C ARG A 50 -11.22 4.23 -5.36
N GLU A 51 -10.61 3.49 -4.45
CA GLU A 51 -11.22 3.16 -3.17
C GLU A 51 -11.39 4.35 -2.24
N HIS A 52 -10.37 5.18 -2.10
CA HIS A 52 -10.43 6.30 -1.15
C HIS A 52 -10.25 7.65 -1.83
N ASP A 53 -10.12 7.62 -3.13
CA ASP A 53 -9.90 8.83 -3.95
C ASP A 53 -8.56 9.51 -3.59
N LEU A 54 -7.51 8.71 -3.60
CA LEU A 54 -6.14 9.19 -3.39
C LEU A 54 -5.34 8.99 -4.65
N VAL A 55 -5.26 10.02 -5.45
CA VAL A 55 -4.48 9.95 -6.66
C VAL A 55 -3.02 10.09 -6.31
N LEU A 56 -2.39 8.97 -6.05
CA LEU A 56 -0.98 8.96 -5.76
C LEU A 56 -0.23 8.74 -7.04
N PRO A 57 0.46 9.76 -7.52
CA PRO A 57 1.20 9.72 -8.77
C PRO A 57 2.41 8.80 -8.68
N ILE A 58 2.85 8.30 -9.83
CA ILE A 58 3.94 7.35 -9.89
C ILE A 58 5.22 8.02 -9.40
N ARG A 59 5.35 9.32 -9.65
CA ARG A 59 6.53 10.05 -9.18
C ARG A 59 6.64 10.10 -7.64
N GLU A 60 5.62 9.63 -6.93
CA GLU A 60 5.68 9.44 -5.50
C GLU A 60 5.78 7.96 -5.19
N VAL A 61 4.88 7.21 -5.81
CA VAL A 61 4.76 5.76 -5.62
C VAL A 61 6.07 5.02 -5.97
N ARG A 62 6.79 5.52 -6.93
CA ARG A 62 8.02 4.93 -7.40
C ARG A 62 9.11 4.85 -6.30
N GLN A 63 9.04 5.72 -5.31
CA GLN A 63 10.04 5.73 -4.26
C GLN A 63 9.51 5.03 -3.02
N LEU A 64 8.31 4.52 -3.11
CA LEU A 64 7.74 3.79 -2.00
C LEU A 64 8.46 2.47 -1.93
N THR A 65 8.93 2.14 -0.79
CA THR A 65 9.54 0.88 -0.60
C THR A 65 8.45 -0.12 -0.34
N LEU A 66 8.73 -1.37 -0.61
CA LEU A 66 7.73 -2.43 -0.55
C LEU A 66 6.99 -2.43 0.82
N ARG A 67 7.72 -2.27 1.90
CA ARG A 67 7.11 -2.33 3.21
C ARG A 67 6.50 -0.97 3.60
N LYS A 68 6.70 0.04 2.76
CA LYS A 68 6.12 1.37 2.98
C LYS A 68 4.71 1.38 2.37
N LEU A 69 4.45 0.41 1.49
CA LEU A 69 3.12 0.27 0.86
C LEU A 69 2.03 0.12 1.91
N GLN A 70 2.31 -0.61 2.94
CA GLN A 70 1.34 -0.83 4.00
C GLN A 70 1.22 0.39 4.91
N GLU A 71 2.17 1.29 4.83
CA GLU A 71 2.13 2.53 5.59
C GLU A 71 1.33 3.57 4.81
N MET A 72 1.49 3.55 3.49
CA MET A 72 0.78 4.48 2.60
C MET A 72 -0.60 3.92 2.23
N SER A 73 -0.86 2.72 2.72
CA SER A 73 -2.06 1.96 2.44
C SER A 73 -3.35 2.75 2.71
N SER A 74 -3.35 3.53 3.81
CA SER A 74 -4.46 4.42 4.17
C SER A 74 -5.75 3.66 4.48
N LYS A 75 -5.91 3.25 5.74
CA LYS A 75 -7.10 2.50 6.15
C LYS A 75 -8.23 3.44 6.54
N ALA A 76 -7.89 4.65 6.89
CA ALA A 76 -8.89 5.57 7.36
C ALA A 76 -9.19 6.61 6.31
N GLY A 77 -10.30 6.44 5.63
CA GLY A 77 -10.74 7.41 4.66
C GLY A 77 -11.43 8.56 5.35
N SER A 78 -11.86 8.29 6.56
CA SER A 78 -12.52 9.23 7.39
C SER A 78 -12.28 8.84 8.83
N ASP A 79 -11.84 9.79 9.61
CA ASP A 79 -11.72 9.59 11.05
C ASP A 79 -12.80 10.42 11.69
N THR A 80 -13.45 9.87 12.65
CA THR A 80 -14.57 10.53 13.25
C THR A 80 -14.42 10.63 14.78
N GLU A 81 -13.47 9.91 15.32
CA GLU A 81 -13.25 9.92 16.75
C GLU A 81 -11.75 10.04 17.04
N LEU A 82 -11.42 10.78 18.07
CA LEU A 82 -10.04 11.00 18.45
C LEU A 82 -9.54 9.82 19.28
N ALA A 83 -10.46 9.18 19.97
CA ALA A 83 -10.11 8.02 20.77
C ALA A 83 -9.82 6.83 19.87
N ALA A 84 -8.65 6.28 20.01
CA ALA A 84 -8.23 5.15 19.25
C ALA A 84 -7.31 4.28 20.09
N PRO A 85 -7.49 2.95 20.05
CA PRO A 85 -6.66 2.00 20.81
C PRO A 85 -5.28 1.81 20.17
N LYS A 86 -4.63 2.93 19.85
CA LYS A 86 -3.34 2.99 19.20
C LYS A 86 -2.30 2.23 20.01
N SER A 87 -2.33 2.44 21.30
CA SER A 87 -1.44 1.78 22.20
C SER A 87 -2.23 1.02 23.26
N LYS A 88 -2.56 -0.22 22.93
CA LYS A 88 -3.30 -1.14 23.80
C LYS A 88 -2.94 -2.55 23.38
N ASN A 89 -3.31 -2.87 22.18
CA ASN A 89 -3.04 -4.15 21.58
C ASN A 89 -2.46 -3.91 20.23
N GLY A 1 -13.38 -7.78 -1.21
CA GLY A 1 -12.38 -7.64 -0.16
C GLY A 1 -12.37 -6.24 0.38
N ASP A 2 -12.26 -5.27 -0.52
CA ASP A 2 -12.16 -3.86 -0.20
C ASP A 2 -13.48 -3.32 0.33
N GLY A 3 -13.47 -2.10 0.76
CA GLY A 3 -14.63 -1.51 1.37
C GLY A 3 -14.28 -0.98 2.73
N GLU A 4 -14.46 -1.82 3.73
CA GLU A 4 -14.09 -1.48 5.09
C GLU A 4 -12.63 -1.82 5.25
N ALA A 5 -12.28 -2.97 4.75
CA ALA A 5 -10.94 -3.44 4.77
C ALA A 5 -10.38 -3.38 3.39
N GLN A 6 -9.97 -2.19 2.99
CA GLN A 6 -9.37 -1.99 1.71
C GLN A 6 -8.10 -2.81 1.66
N ARG A 7 -7.86 -3.46 0.58
CA ARG A 7 -6.72 -4.32 0.43
C ARG A 7 -5.40 -3.57 0.61
N ASP A 8 -4.56 -4.06 1.52
CA ASP A 8 -3.23 -3.46 1.73
C ASP A 8 -2.42 -3.53 0.49
N LEU A 9 -1.66 -2.52 0.28
CA LEU A 9 -0.87 -2.38 -0.91
C LEU A 9 0.26 -3.40 -0.97
N VAL A 10 0.70 -3.92 0.16
CA VAL A 10 1.68 -4.99 0.12
C VAL A 10 0.99 -6.27 -0.33
N LYS A 11 -0.22 -6.45 0.13
CA LYS A 11 -1.01 -7.61 -0.23
C LYS A 11 -1.76 -7.37 -1.55
N ALA A 12 -1.16 -6.52 -2.37
CA ALA A 12 -1.63 -6.16 -3.67
C ALA A 12 -0.43 -6.04 -4.61
N VAL A 13 0.41 -5.04 -4.33
CA VAL A 13 1.57 -4.71 -5.16
C VAL A 13 2.66 -5.74 -4.99
N ALA A 14 2.98 -6.08 -3.76
CA ALA A 14 3.98 -7.09 -3.49
C ALA A 14 3.43 -8.45 -3.91
N HIS A 15 2.12 -8.58 -3.83
CA HIS A 15 1.44 -9.80 -4.24
C HIS A 15 1.54 -9.98 -5.77
N ILE A 16 1.77 -8.88 -6.50
CA ILE A 16 2.00 -8.91 -7.96
C ILE A 16 3.32 -9.63 -8.25
N LEU A 17 4.30 -9.41 -7.38
CA LEU A 17 5.60 -10.05 -7.53
C LEU A 17 5.60 -11.42 -6.86
N GLY A 18 4.75 -11.55 -5.88
CA GLY A 18 4.63 -12.78 -5.15
C GLY A 18 5.40 -12.72 -3.87
N ILE A 19 5.24 -11.62 -3.15
CA ILE A 19 5.89 -11.41 -1.89
C ILE A 19 4.95 -10.86 -0.83
N ARG A 20 5.13 -11.33 0.38
CA ARG A 20 4.40 -10.83 1.54
C ARG A 20 5.29 -10.96 2.77
N ASP A 21 6.08 -12.04 2.84
CA ASP A 21 6.99 -12.24 3.97
C ASP A 21 8.22 -11.38 3.79
N LEU A 22 8.67 -11.26 2.53
CA LEU A 22 9.80 -10.41 2.17
C LEU A 22 11.08 -10.81 2.89
N ALA A 23 11.15 -12.01 3.38
CA ALA A 23 12.31 -12.45 4.08
C ALA A 23 13.36 -12.86 3.06
N GLY A 24 14.15 -11.89 2.64
CA GLY A 24 15.15 -12.09 1.66
C GLY A 24 15.14 -10.99 0.63
N ILE A 25 14.04 -10.27 0.58
CA ILE A 25 13.84 -9.20 -0.38
C ILE A 25 14.02 -7.88 0.37
N ASN A 26 14.45 -6.85 -0.31
CA ASN A 26 14.72 -5.57 0.34
C ASN A 26 13.45 -4.84 0.69
N LEU A 27 13.42 -4.31 1.87
CA LEU A 27 12.34 -3.49 2.35
C LEU A 27 12.83 -2.06 2.41
N ASP A 28 14.03 -1.89 1.92
CA ASP A 28 14.67 -0.62 1.82
C ASP A 28 15.24 -0.48 0.43
N SER A 29 14.34 -0.45 -0.50
CA SER A 29 14.63 -0.25 -1.90
C SER A 29 13.42 0.35 -2.52
N SER A 30 13.62 1.16 -3.53
CA SER A 30 12.53 1.77 -4.23
C SER A 30 11.69 0.69 -4.91
N LEU A 31 10.40 0.94 -5.04
CA LEU A 31 9.47 0.00 -5.69
C LEU A 31 9.92 -0.22 -7.14
N ALA A 32 10.62 0.78 -7.67
CA ALA A 32 11.19 0.71 -9.01
C ALA A 32 12.20 -0.40 -9.11
N ASP A 33 13.09 -0.47 -8.12
CA ASP A 33 14.17 -1.46 -8.08
C ASP A 33 13.63 -2.85 -8.04
N LEU A 34 12.47 -2.98 -7.46
CA LEU A 34 11.79 -4.25 -7.33
C LEU A 34 11.28 -4.66 -8.71
N GLY A 35 10.55 -3.75 -9.35
CA GLY A 35 10.08 -4.00 -10.70
C GLY A 35 8.97 -3.04 -11.11
N LEU A 36 9.14 -1.78 -10.85
CA LEU A 36 8.11 -0.82 -11.19
C LEU A 36 8.55 0.31 -12.08
N ASP A 37 7.83 0.40 -13.17
CA ASP A 37 7.78 1.58 -14.00
C ASP A 37 6.38 1.66 -14.65
N SER A 38 5.62 0.55 -14.59
CA SER A 38 4.33 0.51 -15.23
C SER A 38 3.16 0.07 -14.29
N LEU A 39 2.89 -1.25 -14.21
CA LEU A 39 1.69 -1.76 -13.54
C LEU A 39 1.72 -1.55 -12.04
N MET A 40 2.90 -1.67 -11.44
CA MET A 40 3.07 -1.60 -9.97
C MET A 40 2.87 -0.20 -9.40
N GLY A 41 2.43 0.70 -10.25
CA GLY A 41 2.09 2.03 -9.82
C GLY A 41 0.67 2.33 -10.19
N VAL A 42 0.26 1.83 -11.34
CA VAL A 42 -1.09 2.05 -11.84
C VAL A 42 -2.13 1.32 -11.00
N GLU A 43 -1.87 0.06 -10.65
CA GLU A 43 -2.85 -0.68 -9.85
C GLU A 43 -3.02 -0.04 -8.47
N VAL A 44 -1.94 0.56 -7.98
CA VAL A 44 -1.93 1.26 -6.69
C VAL A 44 -2.92 2.42 -6.76
N ARG A 45 -2.85 3.14 -7.85
CA ARG A 45 -3.74 4.27 -8.11
C ARG A 45 -5.18 3.79 -8.11
N GLN A 46 -5.42 2.64 -8.73
CA GLN A 46 -6.79 2.11 -8.86
C GLN A 46 -7.32 1.58 -7.52
N ILE A 47 -6.52 1.69 -6.50
CA ILE A 47 -6.91 1.34 -5.17
C ILE A 47 -7.11 2.65 -4.37
N LEU A 48 -6.08 3.47 -4.31
CA LEU A 48 -6.14 4.72 -3.53
C LEU A 48 -7.01 5.79 -4.17
N GLU A 49 -6.79 6.03 -5.45
CA GLU A 49 -7.51 7.05 -6.23
C GLU A 49 -8.99 6.70 -6.30
N ARG A 50 -9.22 5.44 -6.39
CA ARG A 50 -10.52 4.91 -6.60
C ARG A 50 -11.36 5.01 -5.32
N GLU A 51 -10.85 4.47 -4.23
CA GLU A 51 -11.61 4.39 -2.98
C GLU A 51 -11.46 5.61 -2.09
N HIS A 52 -10.27 6.15 -2.01
CA HIS A 52 -10.03 7.25 -1.08
C HIS A 52 -9.78 8.58 -1.78
N ASP A 53 -9.76 8.55 -3.12
CA ASP A 53 -9.53 9.75 -3.95
C ASP A 53 -8.10 10.28 -3.85
N LEU A 54 -7.19 9.45 -3.40
CA LEU A 54 -5.78 9.81 -3.35
C LEU A 54 -5.12 9.43 -4.65
N VAL A 55 -4.91 10.40 -5.50
CA VAL A 55 -4.26 10.17 -6.74
C VAL A 55 -2.76 10.15 -6.49
N LEU A 56 -2.25 8.98 -6.24
CA LEU A 56 -0.84 8.79 -6.01
C LEU A 56 -0.20 8.34 -7.29
N PRO A 57 0.50 9.23 -7.97
CA PRO A 57 1.13 8.93 -9.24
C PRO A 57 2.39 8.11 -9.06
N ILE A 58 2.85 7.51 -10.15
CA ILE A 58 4.01 6.65 -10.14
C ILE A 58 5.25 7.44 -9.72
N ARG A 59 5.23 8.76 -9.96
CA ARG A 59 6.36 9.65 -9.57
C ARG A 59 6.68 9.51 -8.08
N GLU A 60 5.66 9.26 -7.28
CA GLU A 60 5.81 9.12 -5.83
C GLU A 60 5.74 7.64 -5.40
N VAL A 61 4.92 6.87 -6.08
CA VAL A 61 4.75 5.45 -5.77
C VAL A 61 6.02 4.63 -6.09
N ARG A 62 6.76 5.06 -7.08
CA ARG A 62 7.92 4.32 -7.57
C ARG A 62 9.08 4.27 -6.54
N GLN A 63 8.98 5.06 -5.47
CA GLN A 63 10.02 5.05 -4.44
C GLN A 63 9.51 4.49 -3.12
N LEU A 64 8.31 3.91 -3.15
CA LEU A 64 7.76 3.31 -1.96
C LEU A 64 8.49 1.98 -1.72
N THR A 65 9.08 1.84 -0.58
CA THR A 65 9.98 0.75 -0.25
C THR A 65 9.29 -0.57 0.13
N LEU A 66 8.36 -0.99 -0.71
CA LEU A 66 7.59 -2.24 -0.56
C LEU A 66 6.70 -2.18 0.69
N ARG A 67 7.28 -2.21 1.89
CA ARG A 67 6.48 -2.14 3.11
C ARG A 67 5.86 -0.79 3.28
N LYS A 68 6.49 0.24 2.70
CA LYS A 68 5.95 1.59 2.73
C LYS A 68 4.60 1.63 2.00
N LEU A 69 4.37 0.66 1.12
CA LEU A 69 3.06 0.51 0.47
C LEU A 69 1.95 0.35 1.50
N GLN A 70 2.19 -0.41 2.56
CA GLN A 70 1.18 -0.60 3.59
C GLN A 70 1.26 0.45 4.70
N GLU A 71 2.11 1.43 4.46
CA GLU A 71 2.20 2.60 5.32
C GLU A 71 1.33 3.68 4.66
N MET A 72 1.16 3.52 3.36
CA MET A 72 0.37 4.42 2.54
C MET A 72 -0.91 3.72 2.11
N SER A 73 -1.17 2.56 2.69
CA SER A 73 -2.27 1.73 2.25
C SER A 73 -3.62 2.19 2.78
N SER A 74 -3.61 3.33 3.51
CA SER A 74 -4.82 3.92 4.09
C SER A 74 -5.46 2.92 5.05
N LYS A 75 -4.62 2.22 5.77
CA LYS A 75 -5.09 1.19 6.65
C LYS A 75 -5.15 1.71 8.07
N ALA A 76 -6.38 1.93 8.54
CA ALA A 76 -6.68 2.43 9.88
C ALA A 76 -6.34 3.89 9.97
N GLY A 77 -7.17 4.69 9.34
CA GLY A 77 -6.99 6.09 9.33
C GLY A 77 -8.30 6.78 9.08
N SER A 78 -8.36 8.02 9.41
CA SER A 78 -9.54 8.79 9.21
C SER A 78 -9.27 9.92 8.22
N ASP A 79 -9.38 9.57 6.97
CA ASP A 79 -9.13 10.47 5.86
C ASP A 79 -10.40 10.70 5.06
N THR A 80 -11.22 9.68 4.94
CA THR A 80 -12.45 9.78 4.23
C THR A 80 -13.62 9.42 5.17
N GLU A 81 -13.32 8.74 6.26
CA GLU A 81 -14.32 8.42 7.24
C GLU A 81 -13.68 8.40 8.63
N LEU A 82 -14.40 8.87 9.60
CA LEU A 82 -13.90 8.93 10.95
C LEU A 82 -14.38 7.71 11.73
N ALA A 83 -13.68 6.62 11.56
CA ALA A 83 -13.98 5.40 12.24
C ALA A 83 -12.80 5.01 13.10
N ALA A 84 -12.83 5.44 14.32
CA ALA A 84 -11.76 5.17 15.25
C ALA A 84 -12.26 5.17 16.69
N PRO A 85 -12.29 4.00 17.33
CA PRO A 85 -12.64 3.88 18.73
C PRO A 85 -11.46 4.31 19.59
N LYS A 86 -11.28 5.60 19.64
CA LYS A 86 -10.18 6.24 20.34
C LYS A 86 -10.57 6.58 21.76
N SER A 87 -11.81 6.34 22.07
CA SER A 87 -12.35 6.58 23.37
C SER A 87 -12.41 5.24 24.10
N LYS A 88 -11.50 5.03 25.01
CA LYS A 88 -11.45 3.80 25.76
C LYS A 88 -11.57 4.08 27.24
N ASN A 89 -10.70 4.91 27.75
CA ASN A 89 -10.68 5.20 29.16
C ASN A 89 -10.68 6.70 29.33
N GLY A 1 -21.13 -4.70 3.13
CA GLY A 1 -19.73 -5.14 3.04
C GLY A 1 -19.02 -4.51 1.88
N ASP A 2 -19.14 -3.21 1.78
CA ASP A 2 -18.53 -2.45 0.70
C ASP A 2 -18.51 -1.00 1.07
N GLY A 3 -17.61 -0.28 0.47
CA GLY A 3 -17.43 1.11 0.75
C GLY A 3 -15.98 1.33 1.03
N GLU A 4 -15.64 1.30 2.28
CA GLU A 4 -14.28 1.39 2.67
C GLU A 4 -13.89 0.09 3.35
N ALA A 5 -13.30 -0.79 2.58
CA ALA A 5 -12.89 -2.10 3.06
C ALA A 5 -11.89 -2.68 2.07
N GLN A 6 -10.71 -2.97 2.55
CA GLN A 6 -9.65 -3.51 1.70
C GLN A 6 -8.84 -4.56 2.45
N ARG A 7 -8.12 -5.36 1.70
CA ARG A 7 -7.24 -6.34 2.28
C ARG A 7 -6.01 -5.64 2.90
N ASP A 8 -5.27 -4.90 2.05
CA ASP A 8 -4.09 -4.09 2.42
C ASP A 8 -3.35 -3.77 1.14
N LEU A 9 -2.37 -2.90 1.20
CA LEU A 9 -1.62 -2.55 0.02
C LEU A 9 -0.45 -3.50 -0.18
N VAL A 10 0.15 -3.99 0.89
CA VAL A 10 1.27 -4.93 0.76
C VAL A 10 0.73 -6.28 0.42
N LYS A 11 -0.40 -6.60 0.98
CA LYS A 11 -1.05 -7.85 0.71
C LYS A 11 -1.67 -7.87 -0.72
N ALA A 12 -1.45 -6.78 -1.44
CA ALA A 12 -1.85 -6.63 -2.82
C ALA A 12 -0.61 -6.45 -3.70
N VAL A 13 0.13 -5.37 -3.45
CA VAL A 13 1.32 -5.00 -4.23
C VAL A 13 2.44 -6.04 -4.10
N ALA A 14 2.73 -6.47 -2.89
CA ALA A 14 3.78 -7.46 -2.70
C ALA A 14 3.32 -8.78 -3.30
N HIS A 15 2.02 -9.03 -3.22
CA HIS A 15 1.45 -10.24 -3.78
C HIS A 15 1.63 -10.26 -5.31
N ILE A 16 1.55 -9.08 -5.91
CA ILE A 16 1.83 -8.88 -7.34
C ILE A 16 3.28 -9.28 -7.65
N LEU A 17 4.19 -8.90 -6.78
CA LEU A 17 5.61 -9.17 -6.94
C LEU A 17 5.93 -10.63 -6.63
N GLY A 18 5.04 -11.31 -5.95
CA GLY A 18 5.27 -12.69 -5.59
C GLY A 18 5.79 -12.81 -4.19
N ILE A 19 5.55 -11.81 -3.41
CA ILE A 19 5.97 -11.75 -2.05
C ILE A 19 4.81 -11.43 -1.13
N ARG A 20 5.08 -11.49 0.14
CA ARG A 20 4.15 -11.12 1.18
C ARG A 20 4.88 -11.17 2.51
N ASP A 21 5.80 -12.12 2.59
CA ASP A 21 6.53 -12.38 3.82
C ASP A 21 7.47 -11.25 4.08
N LEU A 22 8.44 -11.06 3.18
CA LEU A 22 9.41 -9.94 3.27
C LEU A 22 10.34 -10.08 4.46
N ALA A 23 10.49 -11.30 4.94
CA ALA A 23 11.34 -11.56 6.09
C ALA A 23 12.79 -11.59 5.66
N GLY A 24 12.96 -11.81 4.40
CA GLY A 24 14.26 -11.85 3.81
C GLY A 24 14.19 -11.43 2.37
N ILE A 25 13.54 -10.32 2.14
CA ILE A 25 13.37 -9.78 0.81
C ILE A 25 13.86 -8.33 0.87
N ASN A 26 14.22 -7.78 -0.27
CA ASN A 26 14.67 -6.39 -0.35
C ASN A 26 13.58 -5.40 0.04
N LEU A 27 13.57 -4.99 1.30
CA LEU A 27 12.61 -4.02 1.79
C LEU A 27 13.02 -2.62 1.39
N ASP A 28 14.31 -2.43 1.21
CA ASP A 28 14.85 -1.11 0.92
C ASP A 28 14.94 -0.82 -0.56
N SER A 29 14.26 -1.61 -1.35
CA SER A 29 14.23 -1.38 -2.75
C SER A 29 12.98 -0.62 -3.10
N SER A 30 13.17 0.45 -3.79
CA SER A 30 12.10 1.28 -4.21
C SER A 30 11.53 0.76 -5.52
N LEU A 31 10.27 1.04 -5.81
CA LEU A 31 9.68 0.62 -7.09
C LEU A 31 10.35 1.33 -8.26
N ALA A 32 11.12 2.35 -7.97
CA ALA A 32 11.89 3.03 -8.98
C ALA A 32 13.03 2.16 -9.43
N ASP A 33 13.51 1.33 -8.52
CA ASP A 33 14.58 0.41 -8.81
C ASP A 33 14.04 -0.73 -9.63
N LEU A 34 12.87 -1.16 -9.22
CA LEU A 34 12.15 -2.25 -9.85
C LEU A 34 11.74 -1.86 -11.28
N GLY A 35 11.30 -0.63 -11.43
CA GLY A 35 10.88 -0.14 -12.71
C GLY A 35 9.40 -0.28 -12.87
N LEU A 36 8.65 0.70 -12.44
CA LEU A 36 7.22 0.62 -12.51
C LEU A 36 6.69 1.47 -13.66
N ASP A 37 5.65 0.97 -14.29
CA ASP A 37 4.92 1.60 -15.41
C ASP A 37 4.01 0.57 -15.99
N SER A 38 4.42 -0.66 -15.84
CA SER A 38 3.72 -1.79 -16.40
C SER A 38 2.46 -2.16 -15.61
N LEU A 39 2.60 -2.97 -14.59
CA LEU A 39 1.46 -3.37 -13.79
C LEU A 39 1.48 -2.65 -12.47
N MET A 40 2.66 -2.62 -11.86
CA MET A 40 2.87 -1.95 -10.57
C MET A 40 2.33 -0.53 -10.54
N GLY A 41 2.62 0.23 -11.58
CA GLY A 41 2.18 1.61 -11.64
C GLY A 41 0.68 1.76 -11.84
N VAL A 42 0.04 0.67 -12.13
CA VAL A 42 -1.39 0.64 -12.36
C VAL A 42 -2.11 0.13 -11.14
N GLU A 43 -1.68 -1.02 -10.67
CA GLU A 43 -2.29 -1.67 -9.54
C GLU A 43 -2.29 -0.74 -8.33
N VAL A 44 -1.19 -0.05 -8.11
CA VAL A 44 -1.06 0.87 -7.00
C VAL A 44 -2.03 2.04 -7.18
N ARG A 45 -2.00 2.58 -8.39
CA ARG A 45 -2.72 3.77 -8.74
C ARG A 45 -4.21 3.53 -8.56
N GLN A 46 -4.66 2.37 -8.99
CA GLN A 46 -6.05 2.02 -8.92
C GLN A 46 -6.51 1.59 -7.54
N ILE A 47 -5.64 1.61 -6.58
CA ILE A 47 -6.06 1.38 -5.24
C ILE A 47 -6.10 2.71 -4.52
N LEU A 48 -5.02 3.46 -4.60
CA LEU A 48 -4.95 4.72 -3.91
C LEU A 48 -5.83 5.77 -4.55
N GLU A 49 -5.64 6.02 -5.83
CA GLU A 49 -6.40 7.04 -6.54
C GLU A 49 -7.82 6.58 -6.76
N ARG A 50 -7.97 5.46 -7.39
CA ARG A 50 -9.27 4.92 -7.75
C ARG A 50 -10.17 4.65 -6.53
N GLU A 51 -9.64 4.03 -5.50
CA GLU A 51 -10.49 3.65 -4.38
C GLU A 51 -10.51 4.67 -3.25
N HIS A 52 -9.34 5.09 -2.77
CA HIS A 52 -9.30 6.04 -1.63
C HIS A 52 -9.31 7.51 -2.07
N ASP A 53 -9.19 7.72 -3.38
CA ASP A 53 -9.16 9.08 -4.01
C ASP A 53 -7.86 9.80 -3.81
N LEU A 54 -6.86 9.11 -3.32
CA LEU A 54 -5.53 9.69 -3.18
C LEU A 54 -4.87 9.71 -4.50
N VAL A 55 -4.87 10.84 -5.15
CA VAL A 55 -4.21 10.98 -6.43
C VAL A 55 -2.72 11.00 -6.21
N LEU A 56 -2.16 9.83 -6.15
CA LEU A 56 -0.76 9.68 -6.00
C LEU A 56 -0.19 9.36 -7.35
N PRO A 57 0.54 10.28 -7.93
CA PRO A 57 1.13 10.09 -9.22
C PRO A 57 2.37 9.24 -9.10
N ILE A 58 2.97 8.91 -10.24
CA ILE A 58 4.24 8.18 -10.27
C ILE A 58 5.31 8.96 -9.49
N ARG A 59 5.10 10.27 -9.41
CA ARG A 59 5.98 11.19 -8.69
C ARG A 59 6.00 10.87 -7.19
N GLU A 60 5.02 10.12 -6.72
CA GLU A 60 4.97 9.65 -5.35
C GLU A 60 5.20 8.16 -5.32
N VAL A 61 4.44 7.46 -6.16
CA VAL A 61 4.42 5.99 -6.24
C VAL A 61 5.80 5.38 -6.54
N ARG A 62 6.62 6.08 -7.28
CA ARG A 62 7.86 5.51 -7.72
C ARG A 62 8.89 5.42 -6.56
N GLN A 63 8.68 6.14 -5.48
CA GLN A 63 9.64 6.12 -4.38
C GLN A 63 9.12 5.25 -3.25
N LEU A 64 8.06 4.55 -3.51
CA LEU A 64 7.54 3.60 -2.55
C LEU A 64 8.50 2.42 -2.49
N THR A 65 8.63 1.83 -1.32
CA THR A 65 9.52 0.70 -1.16
C THR A 65 8.73 -0.61 -1.29
N LEU A 66 8.11 -1.01 -0.21
CA LEU A 66 7.24 -2.16 -0.21
C LEU A 66 6.36 -2.08 1.00
N ARG A 67 6.95 -2.15 2.18
CA ARG A 67 6.18 -2.09 3.40
C ARG A 67 5.70 -0.67 3.69
N LYS A 68 6.11 0.27 2.85
CA LYS A 68 5.59 1.63 2.90
C LYS A 68 4.16 1.62 2.39
N LEU A 69 3.85 0.64 1.56
CA LEU A 69 2.49 0.48 1.02
C LEU A 69 1.48 0.23 2.13
N GLN A 70 1.78 -0.67 3.04
CA GLN A 70 0.87 -0.94 4.16
C GLN A 70 0.85 0.24 5.12
N GLU A 71 1.96 0.96 5.14
CA GLU A 71 2.13 2.17 5.93
C GLU A 71 1.22 3.28 5.37
N MET A 72 0.93 3.20 4.10
CA MET A 72 0.11 4.18 3.41
C MET A 72 -1.21 3.54 2.97
N SER A 73 -1.57 2.42 3.60
CA SER A 73 -2.74 1.68 3.17
C SER A 73 -4.03 2.44 3.45
N SER A 74 -4.03 3.20 4.57
CA SER A 74 -5.13 4.09 4.93
C SER A 74 -6.41 3.29 5.17
N LYS A 75 -6.29 2.10 5.70
CA LYS A 75 -7.44 1.27 5.92
C LYS A 75 -7.96 1.49 7.34
N ALA A 76 -8.99 2.24 7.45
CA ALA A 76 -9.65 2.43 8.71
C ALA A 76 -10.83 1.49 8.74
N GLY A 77 -11.57 1.47 7.63
CA GLY A 77 -12.70 0.58 7.48
C GLY A 77 -13.92 1.03 8.24
N SER A 78 -13.77 1.15 9.52
CA SER A 78 -14.79 1.56 10.39
C SER A 78 -14.21 2.65 11.29
N ASP A 79 -15.03 3.58 11.71
CA ASP A 79 -14.57 4.66 12.55
C ASP A 79 -15.06 4.45 13.97
N THR A 80 -14.49 5.16 14.89
CA THR A 80 -14.87 5.08 16.27
C THR A 80 -15.17 6.51 16.79
N GLU A 81 -15.55 7.38 15.88
CA GLU A 81 -15.79 8.77 16.23
C GLU A 81 -17.12 8.89 16.95
N LEU A 82 -17.24 9.88 17.79
CA LEU A 82 -18.45 10.06 18.57
C LEU A 82 -19.18 11.32 18.15
N ALA A 83 -20.19 11.15 17.35
CA ALA A 83 -21.01 12.24 16.91
C ALA A 83 -22.16 12.41 17.87
N ALA A 84 -21.93 13.22 18.87
CA ALA A 84 -22.90 13.49 19.91
C ALA A 84 -22.41 14.69 20.69
N PRO A 85 -23.33 15.57 21.12
CA PRO A 85 -22.98 16.75 21.91
C PRO A 85 -22.33 16.36 23.25
N LYS A 86 -21.46 17.21 23.75
CA LYS A 86 -20.73 16.91 24.97
C LYS A 86 -21.55 17.30 26.18
N SER A 87 -22.38 18.31 26.00
CA SER A 87 -23.30 18.72 27.02
C SER A 87 -24.50 17.77 26.96
N LYS A 88 -24.77 17.07 28.03
CA LYS A 88 -25.85 16.10 28.03
C LYS A 88 -27.13 16.61 28.69
N ASN A 89 -28.21 15.94 28.39
CA ASN A 89 -29.52 16.20 28.95
C ASN A 89 -30.34 14.93 28.82
N GLY A 1 -21.85 -4.86 2.05
CA GLY A 1 -21.06 -3.85 2.72
C GLY A 1 -19.91 -4.47 3.44
N ASP A 2 -18.73 -4.29 2.91
CA ASP A 2 -17.53 -4.86 3.48
C ASP A 2 -16.90 -3.90 4.46
N GLY A 3 -17.38 -2.67 4.47
CA GLY A 3 -16.81 -1.64 5.31
C GLY A 3 -15.72 -0.95 4.54
N GLU A 4 -14.68 -1.69 4.30
CA GLU A 4 -13.61 -1.27 3.47
C GLU A 4 -13.01 -2.51 2.85
N ALA A 5 -12.87 -2.48 1.55
CA ALA A 5 -12.36 -3.60 0.81
C ALA A 5 -10.89 -3.39 0.47
N GLN A 6 -10.43 -2.16 0.65
CA GLN A 6 -9.04 -1.85 0.46
C GLN A 6 -8.26 -2.38 1.64
N ARG A 7 -7.33 -3.25 1.36
CA ARG A 7 -6.55 -3.92 2.36
C ARG A 7 -5.15 -3.31 2.37
N ASP A 8 -4.24 -3.92 3.11
CA ASP A 8 -2.86 -3.46 3.12
C ASP A 8 -2.33 -3.56 1.73
N LEU A 9 -1.76 -2.48 1.22
CA LEU A 9 -1.26 -2.44 -0.15
C LEU A 9 -0.19 -3.48 -0.41
N VAL A 10 0.54 -3.86 0.61
CA VAL A 10 1.58 -4.87 0.48
C VAL A 10 0.99 -6.26 0.20
N LYS A 11 -0.26 -6.45 0.54
CA LYS A 11 -0.92 -7.72 0.31
C LYS A 11 -1.32 -7.80 -1.17
N ALA A 12 -1.19 -6.68 -1.86
CA ALA A 12 -1.51 -6.56 -3.26
C ALA A 12 -0.22 -6.36 -4.06
N VAL A 13 0.47 -5.28 -3.76
CA VAL A 13 1.69 -4.87 -4.47
C VAL A 13 2.80 -5.90 -4.32
N ALA A 14 3.08 -6.35 -3.10
CA ALA A 14 4.13 -7.35 -2.90
C ALA A 14 3.69 -8.65 -3.49
N HIS A 15 2.40 -8.88 -3.52
CA HIS A 15 1.84 -10.10 -4.06
C HIS A 15 2.09 -10.15 -5.58
N ILE A 16 2.23 -8.98 -6.20
CA ILE A 16 2.55 -8.86 -7.63
C ILE A 16 4.00 -9.32 -7.86
N LEU A 17 4.82 -9.10 -6.86
CA LEU A 17 6.24 -9.47 -6.90
C LEU A 17 6.43 -10.92 -6.45
N GLY A 18 5.36 -11.52 -5.97
CA GLY A 18 5.41 -12.88 -5.51
C GLY A 18 5.80 -12.96 -4.05
N ILE A 19 5.62 -11.88 -3.35
CA ILE A 19 5.91 -11.78 -1.94
C ILE A 19 4.72 -11.26 -1.16
N ARG A 20 4.96 -10.91 0.08
CA ARG A 20 3.97 -10.38 1.01
C ARG A 20 4.69 -10.22 2.30
N ASP A 21 5.41 -11.27 2.63
CA ASP A 21 6.22 -11.33 3.78
C ASP A 21 7.50 -10.65 3.42
N LEU A 22 7.89 -9.70 4.19
CA LEU A 22 9.09 -8.93 3.93
C LEU A 22 10.04 -9.08 5.08
N ALA A 23 9.79 -10.10 5.87
CA ALA A 23 10.60 -10.36 7.04
C ALA A 23 11.95 -10.93 6.63
N GLY A 24 12.02 -11.38 5.41
CA GLY A 24 13.24 -11.87 4.86
C GLY A 24 13.39 -11.47 3.42
N ILE A 25 12.86 -10.33 3.09
CA ILE A 25 12.93 -9.79 1.75
C ILE A 25 13.33 -8.36 1.91
N ASN A 26 14.24 -7.89 1.08
CA ASN A 26 14.69 -6.51 1.20
C ASN A 26 13.58 -5.53 0.88
N LEU A 27 13.20 -4.79 1.87
CA LEU A 27 12.15 -3.81 1.78
C LEU A 27 12.75 -2.41 1.70
N ASP A 28 14.04 -2.37 1.47
CA ASP A 28 14.76 -1.11 1.30
C ASP A 28 14.94 -0.80 -0.19
N SER A 29 14.40 -1.67 -1.02
CA SER A 29 14.49 -1.52 -2.45
C SER A 29 13.39 -0.56 -2.94
N SER A 30 13.69 0.24 -3.95
CA SER A 30 12.70 1.12 -4.51
C SER A 30 11.76 0.30 -5.40
N LEU A 31 10.47 0.63 -5.41
CA LEU A 31 9.46 -0.09 -6.21
C LEU A 31 9.84 -0.07 -7.69
N ALA A 32 10.52 1.00 -8.09
CA ALA A 32 11.00 1.15 -9.46
C ALA A 32 12.00 0.06 -9.81
N ASP A 33 12.89 -0.20 -8.86
CA ASP A 33 13.98 -1.15 -9.02
C ASP A 33 13.43 -2.55 -9.13
N LEU A 34 12.36 -2.78 -8.38
CA LEU A 34 11.68 -4.07 -8.33
C LEU A 34 11.14 -4.42 -9.71
N GLY A 35 10.47 -3.48 -10.31
CA GLY A 35 9.93 -3.71 -11.62
C GLY A 35 8.83 -2.74 -12.00
N LEU A 36 8.61 -1.70 -11.20
CA LEU A 36 7.61 -0.73 -11.55
C LEU A 36 8.07 0.20 -12.63
N ASP A 37 7.45 0.01 -13.76
CA ASP A 37 7.61 0.80 -14.95
C ASP A 37 6.23 1.09 -15.54
N SER A 38 5.31 0.15 -15.38
CA SER A 38 3.98 0.29 -15.91
C SER A 38 2.93 -0.33 -14.97
N LEU A 39 2.77 -1.66 -15.03
CA LEU A 39 1.70 -2.38 -14.34
C LEU A 39 1.73 -2.19 -12.83
N MET A 40 2.93 -2.15 -12.25
CA MET A 40 3.10 -2.04 -10.79
C MET A 40 2.75 -0.66 -10.24
N GLY A 41 2.19 0.17 -11.09
CA GLY A 41 1.78 1.47 -10.69
C GLY A 41 0.39 1.79 -11.16
N VAL A 42 -0.02 1.19 -12.27
CA VAL A 42 -1.36 1.41 -12.83
C VAL A 42 -2.43 0.88 -11.90
N GLU A 43 -2.33 -0.41 -11.54
CA GLU A 43 -3.34 -1.01 -10.67
C GLU A 43 -3.31 -0.34 -9.30
N VAL A 44 -2.12 0.06 -8.87
CA VAL A 44 -1.91 0.75 -7.61
C VAL A 44 -2.69 2.07 -7.61
N ARG A 45 -2.52 2.84 -8.67
CA ARG A 45 -3.27 4.09 -8.85
C ARG A 45 -4.77 3.84 -8.75
N GLN A 46 -5.22 2.77 -9.37
CA GLN A 46 -6.63 2.42 -9.35
C GLN A 46 -7.11 2.03 -7.95
N ILE A 47 -6.21 1.57 -7.11
CA ILE A 47 -6.59 1.22 -5.76
C ILE A 47 -6.73 2.50 -4.93
N LEU A 48 -5.68 3.29 -4.93
CA LEU A 48 -5.62 4.49 -4.09
C LEU A 48 -6.51 5.62 -4.55
N GLU A 49 -6.75 5.72 -5.84
CA GLU A 49 -7.59 6.80 -6.35
C GLU A 49 -9.08 6.41 -6.38
N ARG A 50 -9.37 5.11 -6.28
CA ARG A 50 -10.78 4.69 -6.35
C ARG A 50 -11.37 4.32 -5.00
N GLU A 51 -10.67 3.49 -4.21
CA GLU A 51 -11.24 3.00 -2.93
C GLU A 51 -11.36 4.16 -1.94
N HIS A 52 -10.39 5.00 -1.96
CA HIS A 52 -10.34 6.18 -1.14
C HIS A 52 -10.04 7.32 -2.06
N ASP A 53 -10.35 8.53 -1.67
CA ASP A 53 -10.05 9.63 -2.51
C ASP A 53 -8.65 10.19 -2.30
N LEU A 54 -7.68 9.45 -2.78
CA LEU A 54 -6.29 9.86 -2.76
C LEU A 54 -5.79 9.92 -4.17
N VAL A 55 -4.74 10.65 -4.37
CA VAL A 55 -4.07 10.67 -5.64
C VAL A 55 -2.58 10.52 -5.37
N LEU A 56 -2.09 9.32 -5.51
CA LEU A 56 -0.68 9.05 -5.30
C LEU A 56 -0.04 8.82 -6.65
N PRO A 57 0.70 9.80 -7.15
CA PRO A 57 1.31 9.75 -8.47
C PRO A 57 2.54 8.81 -8.51
N ILE A 58 3.06 8.57 -9.72
CA ILE A 58 4.23 7.70 -9.91
C ILE A 58 5.44 8.25 -9.18
N ARG A 59 5.52 9.58 -9.07
CA ARG A 59 6.61 10.23 -8.32
C ARG A 59 6.51 10.03 -6.81
N GLU A 60 5.47 9.33 -6.38
CA GLU A 60 5.39 8.81 -5.04
C GLU A 60 5.58 7.31 -5.11
N VAL A 61 4.63 6.66 -5.78
CA VAL A 61 4.52 5.19 -5.87
C VAL A 61 5.81 4.49 -6.30
N ARG A 62 6.47 4.99 -7.31
CA ARG A 62 7.63 4.30 -7.87
C ARG A 62 8.85 4.37 -6.93
N GLN A 63 8.74 5.21 -5.91
CA GLN A 63 9.81 5.44 -4.96
C GLN A 63 9.50 4.76 -3.64
N LEU A 64 8.33 4.13 -3.57
CA LEU A 64 7.93 3.45 -2.35
C LEU A 64 8.73 2.18 -2.23
N THR A 65 9.19 1.89 -1.06
CA THR A 65 10.06 0.77 -0.80
C THR A 65 9.30 -0.50 -0.50
N LEU A 66 8.19 -0.71 -1.19
CA LEU A 66 7.31 -1.85 -0.99
C LEU A 66 6.61 -1.75 0.37
N ARG A 67 7.37 -1.77 1.45
CA ARG A 67 6.80 -1.71 2.77
C ARG A 67 6.29 -0.34 3.15
N LYS A 68 6.56 0.62 2.30
CA LYS A 68 6.04 1.94 2.48
C LYS A 68 4.57 1.95 2.00
N LEU A 69 4.26 0.99 1.13
CA LEU A 69 2.88 0.80 0.59
C LEU A 69 1.85 0.62 1.69
N GLN A 70 2.22 -0.07 2.75
CA GLN A 70 1.27 -0.34 3.85
C GLN A 70 1.28 0.77 4.89
N GLU A 71 1.93 1.86 4.58
CA GLU A 71 1.88 3.04 5.41
C GLU A 71 1.23 4.15 4.61
N MET A 72 1.29 3.99 3.31
CA MET A 72 0.67 4.90 2.37
C MET A 72 -0.55 4.21 1.80
N SER A 73 -1.05 3.25 2.55
CA SER A 73 -2.18 2.43 2.17
C SER A 73 -3.49 3.11 2.53
N SER A 74 -3.40 4.44 2.77
CA SER A 74 -4.53 5.32 3.16
C SER A 74 -4.82 5.17 4.65
N LYS A 75 -4.08 4.31 5.29
CA LYS A 75 -4.25 4.03 6.68
C LYS A 75 -2.89 3.83 7.35
N ALA A 76 -2.40 4.87 8.00
CA ALA A 76 -1.14 4.80 8.74
C ALA A 76 -1.33 3.94 9.99
N GLY A 77 -2.56 3.85 10.43
CA GLY A 77 -2.90 3.06 11.56
C GLY A 77 -4.18 2.34 11.29
N SER A 78 -4.93 2.06 12.32
CA SER A 78 -6.20 1.37 12.18
C SER A 78 -7.20 2.29 11.47
N ASP A 79 -8.05 1.69 10.65
CA ASP A 79 -9.07 2.41 9.86
C ASP A 79 -9.99 3.15 10.80
N THR A 80 -10.32 2.48 11.85
CA THR A 80 -11.25 2.95 12.82
C THR A 80 -10.63 3.95 13.82
N GLU A 81 -9.32 4.12 13.76
CA GLU A 81 -8.68 5.05 14.65
C GLU A 81 -8.38 6.36 13.97
N LEU A 82 -8.01 6.28 12.70
CA LEU A 82 -7.68 7.47 11.94
C LEU A 82 -8.85 7.93 11.09
N ALA A 83 -9.14 9.21 11.20
CA ALA A 83 -10.21 9.88 10.47
C ALA A 83 -11.56 9.23 10.70
N ALA A 84 -12.10 9.43 11.88
CA ALA A 84 -13.37 8.88 12.23
C ALA A 84 -14.47 9.70 11.58
N PRO A 85 -15.48 9.04 10.99
CA PRO A 85 -16.62 9.73 10.37
C PRO A 85 -17.32 10.61 11.38
N LYS A 86 -17.51 11.87 11.04
CA LYS A 86 -18.10 12.84 11.92
C LYS A 86 -19.55 12.52 12.19
N SER A 87 -19.78 11.86 13.29
CA SER A 87 -21.10 11.46 13.70
C SER A 87 -21.13 11.37 15.22
N LYS A 88 -20.03 10.95 15.80
CA LYS A 88 -19.91 10.85 17.24
C LYS A 88 -19.29 12.14 17.73
N ASN A 89 -18.29 12.57 17.00
CA ASN A 89 -17.61 13.80 17.25
C ASN A 89 -17.19 14.37 15.93
N GLY A 1 -20.92 0.58 -7.94
CA GLY A 1 -21.42 -0.63 -7.30
C GLY A 1 -21.08 -0.63 -5.84
N ASP A 2 -21.93 -1.23 -5.03
CA ASP A 2 -21.67 -1.31 -3.61
C ASP A 2 -21.08 -2.65 -3.33
N GLY A 3 -20.05 -2.67 -2.55
CA GLY A 3 -19.38 -3.88 -2.25
C GLY A 3 -17.99 -3.87 -2.81
N GLU A 4 -17.35 -2.72 -2.70
CA GLU A 4 -16.02 -2.53 -3.20
C GLU A 4 -15.05 -3.25 -2.29
N ALA A 5 -14.49 -4.30 -2.80
CA ALA A 5 -13.61 -5.13 -2.01
C ALA A 5 -12.16 -4.80 -2.26
N GLN A 6 -11.60 -3.99 -1.39
CA GLN A 6 -10.22 -3.61 -1.46
C GLN A 6 -9.41 -4.67 -0.75
N ARG A 7 -8.22 -4.86 -1.19
CA ARG A 7 -7.33 -5.80 -0.57
C ARG A 7 -6.24 -5.02 0.12
N ASP A 8 -5.40 -5.69 0.91
CA ASP A 8 -4.26 -5.01 1.49
C ASP A 8 -3.37 -4.57 0.36
N LEU A 9 -2.71 -3.46 0.52
CA LEU A 9 -1.89 -2.89 -0.52
C LEU A 9 -0.66 -3.76 -0.75
N VAL A 10 -0.19 -4.38 0.30
CA VAL A 10 0.91 -5.30 0.19
C VAL A 10 0.41 -6.65 -0.36
N LYS A 11 -0.88 -6.94 -0.19
CA LYS A 11 -1.44 -8.18 -0.76
C LYS A 11 -1.84 -7.93 -2.22
N ALA A 12 -1.51 -6.76 -2.70
CA ALA A 12 -1.72 -6.43 -4.07
C ALA A 12 -0.39 -6.25 -4.75
N VAL A 13 0.29 -5.18 -4.38
CA VAL A 13 1.57 -4.80 -5.00
C VAL A 13 2.64 -5.88 -4.81
N ALA A 14 2.89 -6.27 -3.57
CA ALA A 14 3.88 -7.28 -3.28
C ALA A 14 3.43 -8.63 -3.82
N HIS A 15 2.14 -8.84 -3.79
CA HIS A 15 1.53 -10.10 -4.23
C HIS A 15 1.71 -10.28 -5.74
N ILE A 16 1.83 -9.16 -6.47
CA ILE A 16 2.13 -9.19 -7.90
C ILE A 16 3.51 -9.82 -8.09
N LEU A 17 4.48 -9.34 -7.34
CA LEU A 17 5.84 -9.86 -7.40
C LEU A 17 5.88 -11.29 -6.88
N GLY A 18 5.15 -11.53 -5.83
CA GLY A 18 5.10 -12.86 -5.24
C GLY A 18 5.59 -12.84 -3.82
N ILE A 19 5.35 -11.72 -3.16
CA ILE A 19 5.77 -11.53 -1.80
C ILE A 19 4.65 -11.05 -0.93
N ARG A 20 4.75 -11.32 0.31
CA ARG A 20 3.82 -10.92 1.32
C ARG A 20 4.54 -10.89 2.63
N ASP A 21 5.28 -11.96 2.85
CA ASP A 21 6.01 -12.16 4.08
C ASP A 21 7.18 -11.23 4.13
N LEU A 22 7.82 -11.07 2.96
CA LEU A 22 8.97 -10.20 2.81
C LEU A 22 10.16 -10.78 3.54
N ALA A 23 10.17 -12.08 3.60
CA ALA A 23 11.20 -12.80 4.28
C ALA A 23 12.43 -12.87 3.39
N GLY A 24 13.27 -11.88 3.55
CA GLY A 24 14.50 -11.81 2.84
C GLY A 24 14.38 -11.06 1.55
N ILE A 25 13.51 -10.09 1.55
CA ILE A 25 13.31 -9.24 0.40
C ILE A 25 13.73 -7.86 0.83
N ASN A 26 14.44 -7.17 -0.02
CA ASN A 26 14.94 -5.84 0.29
C ASN A 26 13.82 -4.84 0.48
N LEU A 27 13.59 -4.49 1.74
CA LEU A 27 12.58 -3.51 2.13
C LEU A 27 13.15 -2.12 1.90
N ASP A 28 14.45 -2.11 1.77
CA ASP A 28 15.25 -0.92 1.56
C ASP A 28 15.13 -0.44 0.12
N SER A 29 14.63 -1.28 -0.75
CA SER A 29 14.54 -0.93 -2.12
C SER A 29 13.26 -0.19 -2.44
N SER A 30 13.42 0.96 -3.04
CA SER A 30 12.35 1.74 -3.55
C SER A 30 11.69 0.98 -4.71
N LEU A 31 10.42 1.25 -4.96
CA LEU A 31 9.69 0.60 -6.05
C LEU A 31 10.33 0.89 -7.41
N ALA A 32 11.12 1.96 -7.48
CA ALA A 32 11.82 2.30 -8.70
C ALA A 32 13.05 1.43 -8.90
N ASP A 33 13.55 0.86 -7.82
CA ASP A 33 14.70 -0.03 -7.92
C ASP A 33 14.22 -1.33 -8.50
N LEU A 34 13.03 -1.69 -8.07
CA LEU A 34 12.28 -2.83 -8.57
C LEU A 34 11.94 -2.56 -10.04
N GLY A 35 11.38 -1.40 -10.28
CA GLY A 35 11.11 -0.96 -11.61
C GLY A 35 9.68 -1.12 -12.04
N LEU A 36 8.78 -0.45 -11.35
CA LEU A 36 7.40 -0.50 -11.77
C LEU A 36 7.16 0.56 -12.82
N ASP A 37 6.51 0.17 -13.86
CA ASP A 37 6.12 1.12 -14.89
C ASP A 37 4.74 0.81 -15.38
N SER A 38 4.32 -0.43 -15.25
CA SER A 38 3.09 -0.82 -15.86
C SER A 38 1.99 -1.21 -14.87
N LEU A 39 1.90 -2.50 -14.55
CA LEU A 39 0.83 -3.05 -13.72
C LEU A 39 0.86 -2.47 -12.34
N MET A 40 2.01 -2.51 -11.71
CA MET A 40 2.15 -1.99 -10.34
C MET A 40 1.87 -0.51 -10.27
N GLY A 41 2.14 0.20 -11.37
CA GLY A 41 1.85 1.61 -11.42
C GLY A 41 0.35 1.87 -11.47
N VAL A 42 -0.37 0.92 -12.03
CA VAL A 42 -1.82 1.01 -12.12
C VAL A 42 -2.44 0.48 -10.84
N GLU A 43 -1.92 -0.66 -10.38
CA GLU A 43 -2.39 -1.33 -9.18
C GLU A 43 -2.42 -0.36 -8.01
N VAL A 44 -1.32 0.35 -7.84
CA VAL A 44 -1.19 1.30 -6.74
C VAL A 44 -2.25 2.40 -6.86
N ARG A 45 -2.41 2.93 -8.05
CA ARG A 45 -3.37 3.98 -8.30
C ARG A 45 -4.79 3.49 -8.11
N GLN A 46 -5.07 2.27 -8.50
CA GLN A 46 -6.40 1.73 -8.32
C GLN A 46 -6.72 1.39 -6.87
N ILE A 47 -5.74 1.50 -6.01
CA ILE A 47 -5.96 1.32 -4.60
C ILE A 47 -6.06 2.69 -3.93
N LEU A 48 -5.07 3.53 -4.19
CA LEU A 48 -5.05 4.84 -3.58
C LEU A 48 -6.11 5.77 -4.16
N GLU A 49 -6.16 5.88 -5.48
CA GLU A 49 -7.09 6.79 -6.14
C GLU A 49 -8.52 6.30 -6.01
N ARG A 50 -8.77 5.09 -6.48
CA ARG A 50 -10.14 4.55 -6.54
C ARG A 50 -10.79 4.46 -5.13
N GLU A 51 -10.14 3.74 -4.25
CA GLU A 51 -10.66 3.49 -2.91
C GLU A 51 -10.52 4.69 -1.98
N HIS A 52 -9.34 5.24 -1.90
CA HIS A 52 -9.07 6.24 -0.87
C HIS A 52 -9.23 7.66 -1.39
N ASP A 53 -9.28 7.81 -2.72
CA ASP A 53 -9.39 9.12 -3.40
C ASP A 53 -8.05 9.91 -3.34
N LEU A 54 -6.97 9.18 -3.06
CA LEU A 54 -5.62 9.75 -3.03
C LEU A 54 -4.96 9.58 -4.38
N VAL A 55 -4.85 10.64 -5.10
CA VAL A 55 -4.20 10.61 -6.38
C VAL A 55 -2.69 10.62 -6.18
N LEU A 56 -2.12 9.45 -6.11
CA LEU A 56 -0.70 9.30 -5.97
C LEU A 56 -0.15 8.70 -7.24
N PRO A 57 0.44 9.53 -8.10
CA PRO A 57 0.97 9.09 -9.37
C PRO A 57 2.37 8.45 -9.24
N ILE A 58 2.85 7.90 -10.35
CA ILE A 58 4.07 7.09 -10.40
C ILE A 58 5.31 7.83 -9.95
N ARG A 59 5.39 9.11 -10.30
CA ARG A 59 6.54 9.94 -9.91
C ARG A 59 6.71 10.01 -8.37
N GLU A 60 5.65 9.72 -7.62
CA GLU A 60 5.71 9.68 -6.16
C GLU A 60 5.82 8.21 -5.72
N VAL A 61 5.01 7.35 -6.33
CA VAL A 61 4.95 5.93 -6.03
C VAL A 61 6.31 5.23 -6.17
N ARG A 62 7.09 5.65 -7.11
CA ARG A 62 8.39 5.05 -7.36
C ARG A 62 9.40 5.16 -6.20
N GLN A 63 9.21 6.09 -5.29
CA GLN A 63 10.15 6.22 -4.18
C GLN A 63 9.64 5.52 -2.96
N LEU A 64 8.47 4.94 -3.07
CA LEU A 64 7.91 4.19 -1.99
C LEU A 64 8.67 2.91 -1.89
N THR A 65 8.72 2.37 -0.75
CA THR A 65 9.35 1.12 -0.52
C THR A 65 8.26 0.05 -0.57
N LEU A 66 8.63 -1.18 -0.46
CA LEU A 66 7.67 -2.27 -0.60
C LEU A 66 6.64 -2.23 0.55
N ARG A 67 7.10 -1.99 1.74
CA ARG A 67 6.21 -1.93 2.88
C ARG A 67 5.60 -0.56 3.05
N LYS A 68 6.08 0.40 2.28
CA LYS A 68 5.55 1.77 2.29
C LYS A 68 4.10 1.72 1.89
N LEU A 69 3.79 0.76 1.04
CA LEU A 69 2.43 0.53 0.56
C LEU A 69 1.45 0.36 1.70
N GLN A 70 1.85 -0.33 2.75
CA GLN A 70 0.97 -0.48 3.88
C GLN A 70 1.21 0.58 4.93
N GLU A 71 2.38 1.18 4.89
CA GLU A 71 2.73 2.25 5.82
C GLU A 71 1.89 3.49 5.54
N MET A 72 1.73 3.80 4.28
CA MET A 72 0.92 4.95 3.89
C MET A 72 -0.32 4.46 3.18
N SER A 73 -0.79 3.30 3.60
CA SER A 73 -1.94 2.67 3.00
C SER A 73 -3.20 3.43 3.28
N SER A 74 -3.22 4.16 4.41
CA SER A 74 -4.40 4.89 4.88
C SER A 74 -5.45 3.81 5.21
N LYS A 75 -4.93 2.69 5.67
CA LYS A 75 -5.70 1.54 6.01
C LYS A 75 -5.08 0.81 7.17
N ALA A 76 -3.89 0.21 6.92
CA ALA A 76 -3.22 -0.74 7.82
C ALA A 76 -4.04 -2.04 7.88
N GLY A 77 -5.27 -1.88 8.31
CA GLY A 77 -6.22 -2.93 8.40
C GLY A 77 -7.55 -2.32 8.80
N SER A 78 -8.14 -2.85 9.81
CA SER A 78 -9.36 -2.32 10.41
C SER A 78 -9.31 -2.78 11.85
N ASP A 79 -8.09 -2.85 12.32
CA ASP A 79 -7.76 -3.51 13.56
C ASP A 79 -7.41 -2.51 14.62
N THR A 80 -7.24 -1.25 14.21
CA THR A 80 -6.93 -0.19 15.14
C THR A 80 -8.23 0.33 15.79
N GLU A 81 -9.34 -0.26 15.42
CA GLU A 81 -10.62 0.07 15.99
C GLU A 81 -10.75 -0.72 17.30
N LEU A 82 -11.03 -0.02 18.37
CA LEU A 82 -11.07 -0.61 19.69
C LEU A 82 -12.44 -1.18 19.96
N ALA A 83 -12.49 -2.16 20.81
CA ALA A 83 -13.73 -2.80 21.15
C ALA A 83 -14.10 -2.52 22.59
N ALA A 84 -15.04 -1.66 22.77
CA ALA A 84 -15.57 -1.35 24.07
C ALA A 84 -17.06 -1.57 24.00
N PRO A 85 -17.60 -2.52 24.80
CA PRO A 85 -19.01 -2.88 24.80
C PRO A 85 -19.96 -1.69 24.83
N LYS A 86 -20.51 -1.41 23.67
CA LYS A 86 -21.46 -0.33 23.47
C LYS A 86 -22.85 -0.82 23.86
N SER A 87 -23.08 -2.07 23.62
CA SER A 87 -24.29 -2.73 24.01
C SER A 87 -23.92 -4.12 24.55
N LYS A 88 -23.95 -5.11 23.69
CA LYS A 88 -23.41 -6.45 23.99
C LYS A 88 -22.05 -6.48 23.33
N ASN A 89 -21.92 -5.58 22.41
CA ASN A 89 -20.77 -5.34 21.60
C ASN A 89 -20.76 -3.86 21.51
N GLY A 1 -22.72 -7.94 4.24
CA GLY A 1 -21.86 -6.76 4.12
C GLY A 1 -21.10 -6.78 2.82
N ASP A 2 -19.81 -6.50 2.89
CA ASP A 2 -18.89 -6.55 1.74
C ASP A 2 -19.00 -5.37 0.82
N GLY A 3 -18.04 -5.29 -0.09
CA GLY A 3 -17.89 -4.15 -0.94
C GLY A 3 -17.14 -3.09 -0.18
N GLU A 4 -16.41 -3.56 0.80
CA GLU A 4 -15.70 -2.72 1.74
C GLU A 4 -14.24 -3.11 1.79
N ALA A 5 -13.88 -4.13 1.06
CA ALA A 5 -12.53 -4.63 1.09
C ALA A 5 -11.64 -3.88 0.14
N GLN A 6 -10.70 -3.17 0.69
CA GLN A 6 -9.66 -2.55 -0.07
C GLN A 6 -8.45 -3.46 0.07
N ARG A 7 -7.93 -3.94 -1.01
CA ARG A 7 -6.77 -4.79 -0.93
C ARG A 7 -5.54 -3.96 -0.64
N ASP A 8 -4.81 -4.34 0.39
CA ASP A 8 -3.61 -3.62 0.78
C ASP A 8 -2.56 -3.64 -0.30
N LEU A 9 -1.83 -2.55 -0.42
CA LEU A 9 -0.82 -2.37 -1.46
C LEU A 9 0.29 -3.44 -1.44
N VAL A 10 0.64 -3.97 -0.28
CA VAL A 10 1.67 -5.02 -0.23
C VAL A 10 1.08 -6.31 -0.74
N LYS A 11 -0.15 -6.52 -0.41
CA LYS A 11 -0.87 -7.70 -0.82
C LYS A 11 -1.43 -7.54 -2.24
N ALA A 12 -1.02 -6.48 -2.87
CA ALA A 12 -1.34 -6.19 -4.24
C ALA A 12 -0.05 -6.17 -5.06
N VAL A 13 0.78 -5.15 -4.82
CA VAL A 13 1.99 -4.90 -5.59
C VAL A 13 3.05 -5.97 -5.33
N ALA A 14 3.36 -6.18 -4.06
CA ALA A 14 4.36 -7.18 -3.69
C ALA A 14 3.85 -8.57 -4.01
N HIS A 15 2.54 -8.72 -3.94
CA HIS A 15 1.88 -9.98 -4.19
C HIS A 15 1.93 -10.33 -5.68
N ILE A 16 2.16 -9.32 -6.54
CA ILE A 16 2.36 -9.55 -7.98
C ILE A 16 3.67 -10.30 -8.18
N LEU A 17 4.66 -9.93 -7.40
CA LEU A 17 5.94 -10.59 -7.43
C LEU A 17 5.84 -11.93 -6.71
N GLY A 18 5.26 -11.89 -5.54
CA GLY A 18 5.13 -13.09 -4.74
C GLY A 18 5.67 -12.88 -3.35
N ILE A 19 5.71 -11.65 -2.94
CA ILE A 19 6.18 -11.27 -1.65
C ILE A 19 5.08 -10.66 -0.83
N ARG A 20 5.23 -10.76 0.46
CA ARG A 20 4.27 -10.23 1.41
C ARG A 20 4.86 -10.30 2.79
N ASP A 21 5.55 -11.38 3.03
CA ASP A 21 6.18 -11.61 4.32
C ASP A 21 7.54 -11.01 4.35
N LEU A 22 8.20 -11.01 3.20
CA LEU A 22 9.53 -10.42 3.03
C LEU A 22 10.50 -11.02 4.02
N ALA A 23 10.86 -12.25 3.80
CA ALA A 23 11.71 -12.92 4.72
C ALA A 23 13.13 -12.53 4.47
N GLY A 24 13.45 -12.40 3.23
CA GLY A 24 14.78 -12.02 2.85
C GLY A 24 14.78 -11.03 1.74
N ILE A 25 13.90 -10.08 1.83
CA ILE A 25 13.78 -9.03 0.86
C ILE A 25 14.11 -7.74 1.54
N ASN A 26 14.77 -6.86 0.85
CA ASN A 26 15.11 -5.58 1.42
C ASN A 26 13.90 -4.70 1.38
N LEU A 27 13.63 -4.04 2.46
CA LEU A 27 12.47 -3.18 2.55
C LEU A 27 12.90 -1.76 2.32
N ASP A 28 14.15 -1.60 1.94
CA ASP A 28 14.71 -0.31 1.65
C ASP A 28 14.94 -0.17 0.16
N SER A 29 14.52 -1.17 -0.58
CA SER A 29 14.64 -1.17 -2.00
C SER A 29 13.50 -0.41 -2.60
N SER A 30 13.79 0.43 -3.55
CA SER A 30 12.78 1.21 -4.23
C SER A 30 11.95 0.29 -5.13
N LEU A 31 10.70 0.64 -5.35
CA LEU A 31 9.79 -0.13 -6.19
C LEU A 31 10.36 -0.22 -7.60
N ALA A 32 11.13 0.78 -7.97
CA ALA A 32 11.76 0.84 -9.26
C ALA A 32 12.92 -0.15 -9.37
N ASP A 33 13.51 -0.49 -8.23
CA ASP A 33 14.61 -1.47 -8.19
C ASP A 33 14.06 -2.84 -8.44
N LEU A 34 12.87 -3.04 -7.91
CA LEU A 34 12.10 -4.24 -8.12
C LEU A 34 11.72 -4.30 -9.59
N GLY A 35 11.19 -3.20 -10.06
CA GLY A 35 10.79 -3.10 -11.41
C GLY A 35 9.31 -3.23 -11.51
N LEU A 36 8.63 -2.12 -11.44
CA LEU A 36 7.20 -2.14 -11.49
C LEU A 36 6.81 -2.16 -12.98
N ASP A 37 6.06 -3.17 -13.35
CA ASP A 37 5.73 -3.44 -14.76
C ASP A 37 4.87 -2.33 -15.40
N SER A 38 3.66 -2.24 -14.97
CA SER A 38 2.67 -1.29 -15.42
C SER A 38 1.55 -1.34 -14.41
N LEU A 39 1.08 -2.56 -14.16
CA LEU A 39 -0.01 -2.79 -13.24
C LEU A 39 0.42 -2.41 -11.83
N MET A 40 1.68 -2.68 -11.52
CA MET A 40 2.28 -2.37 -10.22
C MET A 40 2.38 -0.85 -9.97
N GLY A 41 1.96 -0.07 -10.95
CA GLY A 41 1.92 1.36 -10.78
C GLY A 41 0.50 1.89 -11.01
N VAL A 42 -0.19 1.30 -11.97
CA VAL A 42 -1.55 1.75 -12.32
C VAL A 42 -2.56 1.32 -11.28
N GLU A 43 -2.48 0.06 -10.83
CA GLU A 43 -3.47 -0.45 -9.89
C GLU A 43 -3.41 0.33 -8.59
N VAL A 44 -2.19 0.71 -8.22
CA VAL A 44 -1.94 1.48 -7.02
C VAL A 44 -2.73 2.77 -7.11
N ARG A 45 -2.57 3.46 -8.23
CA ARG A 45 -3.28 4.68 -8.51
C ARG A 45 -4.78 4.50 -8.38
N GLN A 46 -5.29 3.44 -8.98
CA GLN A 46 -6.72 3.16 -8.96
C GLN A 46 -7.23 2.95 -7.53
N ILE A 47 -6.50 2.13 -6.76
CA ILE A 47 -6.92 1.76 -5.39
C ILE A 47 -7.06 2.98 -4.55
N LEU A 48 -6.05 3.79 -4.57
CA LEU A 48 -6.02 4.96 -3.76
C LEU A 48 -7.02 6.01 -4.22
N GLU A 49 -7.19 6.13 -5.53
CA GLU A 49 -8.09 7.14 -6.09
C GLU A 49 -9.56 6.83 -5.75
N ARG A 50 -9.90 5.55 -5.66
CA ARG A 50 -11.29 5.17 -5.42
C ARG A 50 -11.58 5.08 -3.93
N GLU A 51 -10.82 4.24 -3.24
CA GLU A 51 -11.14 3.84 -1.87
C GLU A 51 -11.01 4.97 -0.85
N HIS A 52 -9.94 5.74 -0.92
CA HIS A 52 -9.74 6.80 0.07
C HIS A 52 -9.46 8.15 -0.54
N ASP A 53 -9.68 8.23 -1.84
CA ASP A 53 -9.46 9.44 -2.64
C ASP A 53 -8.05 10.03 -2.44
N LEU A 54 -7.09 9.27 -2.86
CA LEU A 54 -5.71 9.67 -2.86
C LEU A 54 -5.19 9.60 -4.26
N VAL A 55 -4.82 10.72 -4.81
CA VAL A 55 -4.22 10.71 -6.12
C VAL A 55 -2.74 10.44 -5.91
N LEU A 56 -2.39 9.19 -5.97
CA LEU A 56 -1.08 8.74 -5.65
C LEU A 56 -0.45 8.16 -6.90
N PRO A 57 0.37 8.92 -7.57
CA PRO A 57 0.96 8.57 -8.83
C PRO A 57 2.37 7.97 -8.69
N ILE A 58 2.99 7.65 -9.83
CA ILE A 58 4.28 6.95 -9.87
C ILE A 58 5.41 7.78 -9.26
N ARG A 59 5.29 9.10 -9.33
CA ARG A 59 6.27 10.01 -8.68
C ARG A 59 6.27 9.87 -7.15
N GLU A 60 5.33 9.13 -6.64
CA GLU A 60 5.29 8.75 -5.26
C GLU A 60 5.59 7.24 -5.19
N VAL A 61 4.72 6.48 -5.87
CA VAL A 61 4.70 5.01 -5.88
C VAL A 61 6.05 4.36 -6.23
N ARG A 62 6.75 4.89 -7.23
CA ARG A 62 8.01 4.30 -7.69
C ARG A 62 9.11 4.40 -6.62
N GLN A 63 8.94 5.33 -5.72
CA GLN A 63 9.90 5.59 -4.68
C GLN A 63 9.46 4.92 -3.41
N LEU A 64 8.34 4.24 -3.48
CA LEU A 64 7.88 3.48 -2.36
C LEU A 64 8.72 2.24 -2.34
N THR A 65 8.88 1.68 -1.21
CA THR A 65 9.74 0.55 -1.08
C THR A 65 8.97 -0.75 -1.14
N LEU A 66 8.49 -1.20 -0.02
CA LEU A 66 7.71 -2.39 0.01
C LEU A 66 6.66 -2.25 1.09
N ARG A 67 7.08 -2.16 2.32
CA ARG A 67 6.16 -1.98 3.43
C ARG A 67 5.70 -0.54 3.49
N LYS A 68 6.41 0.34 2.78
CA LYS A 68 5.97 1.72 2.67
C LYS A 68 4.67 1.76 1.85
N LEU A 69 4.44 0.70 1.06
CA LEU A 69 3.19 0.56 0.31
C LEU A 69 2.02 0.53 1.27
N GLN A 70 2.13 -0.28 2.31
CA GLN A 70 1.08 -0.37 3.32
C GLN A 70 0.97 0.89 4.17
N GLU A 71 2.04 1.63 4.28
CA GLU A 71 1.98 2.89 5.00
C GLU A 71 1.33 3.98 4.16
N MET A 72 1.19 3.71 2.87
CA MET A 72 0.55 4.62 1.92
C MET A 72 -0.69 3.95 1.35
N SER A 73 -1.05 2.84 1.95
CA SER A 73 -2.15 2.00 1.51
C SER A 73 -3.49 2.64 1.93
N SER A 74 -3.42 3.39 3.03
CA SER A 74 -4.54 4.12 3.59
C SER A 74 -5.78 3.24 3.81
N LYS A 75 -5.74 2.46 4.86
CA LYS A 75 -6.88 1.66 5.28
C LYS A 75 -7.82 2.54 6.02
N ALA A 76 -7.25 3.54 6.63
CA ALA A 76 -7.99 4.52 7.35
C ALA A 76 -7.45 5.89 6.99
N GLY A 77 -8.01 6.89 7.58
CA GLY A 77 -7.60 8.26 7.40
C GLY A 77 -8.01 8.99 8.61
N SER A 78 -7.46 8.57 9.71
CA SER A 78 -7.87 8.99 11.00
C SER A 78 -7.38 10.37 11.36
N ASP A 79 -8.23 11.08 12.04
CA ASP A 79 -7.98 12.41 12.54
C ASP A 79 -8.05 12.36 14.04
N THR A 80 -6.97 12.69 14.70
CA THR A 80 -6.92 12.67 16.13
C THR A 80 -7.72 13.82 16.72
N GLU A 81 -8.88 13.51 17.17
CA GLU A 81 -9.70 14.46 17.86
C GLU A 81 -9.39 14.36 19.32
N LEU A 82 -8.42 15.12 19.75
CA LEU A 82 -7.94 15.05 21.10
C LEU A 82 -8.28 16.31 21.83
N ALA A 83 -8.94 16.17 22.95
CA ALA A 83 -9.28 17.29 23.79
C ALA A 83 -8.04 17.79 24.49
N ALA A 84 -7.55 18.90 24.03
CA ALA A 84 -6.39 19.52 24.61
C ALA A 84 -6.85 20.48 25.68
N PRO A 85 -6.08 20.63 26.76
CA PRO A 85 -6.42 21.55 27.84
C PRO A 85 -6.64 22.97 27.32
N LYS A 86 -7.72 23.54 27.74
CA LYS A 86 -8.07 24.90 27.39
C LYS A 86 -7.27 25.80 28.32
N SER A 87 -7.11 25.31 29.52
CA SER A 87 -6.32 25.94 30.52
C SER A 87 -5.79 24.87 31.47
N LYS A 88 -4.50 24.73 31.54
CA LYS A 88 -3.87 23.76 32.40
C LYS A 88 -3.87 24.28 33.82
N ASN A 89 -3.15 25.34 34.03
CA ASN A 89 -3.03 25.99 35.31
C ASN A 89 -2.33 27.32 35.13
N GLY A 1 -20.92 -3.76 5.53
CA GLY A 1 -19.94 -4.75 5.11
C GLY A 1 -18.58 -4.20 5.33
N ASP A 2 -17.69 -5.00 5.84
CA ASP A 2 -16.36 -4.53 6.17
C ASP A 2 -15.34 -5.09 5.22
N GLY A 3 -15.83 -5.84 4.23
CA GLY A 3 -14.95 -6.32 3.18
C GLY A 3 -14.44 -5.15 2.39
N GLU A 4 -15.34 -4.18 2.21
CA GLU A 4 -15.01 -2.96 1.55
C GLU A 4 -14.32 -2.01 2.54
N ALA A 5 -13.08 -2.29 2.78
CA ALA A 5 -12.25 -1.50 3.67
C ALA A 5 -10.95 -1.17 2.97
N GLN A 6 -10.98 -1.38 1.65
CA GLN A 6 -9.84 -1.23 0.75
C GLN A 6 -8.76 -2.28 1.03
N ARG A 7 -8.27 -2.90 -0.01
CA ARG A 7 -7.21 -3.88 0.13
C ARG A 7 -5.91 -3.19 0.54
N ASP A 8 -4.97 -3.94 1.00
CA ASP A 8 -3.69 -3.41 1.40
C ASP A 8 -2.80 -3.32 0.18
N LEU A 9 -1.78 -2.51 0.23
CA LEU A 9 -0.93 -2.31 -0.90
C LEU A 9 0.14 -3.35 -1.00
N VAL A 10 0.57 -3.89 0.13
CA VAL A 10 1.54 -4.96 0.09
C VAL A 10 0.83 -6.24 -0.27
N LYS A 11 -0.38 -6.36 0.21
CA LYS A 11 -1.18 -7.53 -0.11
C LYS A 11 -1.73 -7.45 -1.55
N ALA A 12 -1.43 -6.37 -2.25
CA ALA A 12 -1.79 -6.24 -3.65
C ALA A 12 -0.52 -6.27 -4.52
N VAL A 13 0.35 -5.27 -4.33
CA VAL A 13 1.56 -5.09 -5.13
C VAL A 13 2.58 -6.20 -4.88
N ALA A 14 2.88 -6.45 -3.61
CA ALA A 14 3.84 -7.48 -3.26
C ALA A 14 3.29 -8.84 -3.64
N HIS A 15 1.98 -8.98 -3.57
CA HIS A 15 1.28 -10.22 -3.93
C HIS A 15 1.55 -10.59 -5.40
N ILE A 16 1.77 -9.58 -6.25
CA ILE A 16 2.09 -9.80 -7.66
C ILE A 16 3.45 -10.52 -7.75
N LEU A 17 4.38 -10.10 -6.92
CA LEU A 17 5.72 -10.69 -6.86
C LEU A 17 5.71 -11.97 -6.00
N GLY A 18 4.59 -12.21 -5.35
CA GLY A 18 4.43 -13.39 -4.51
C GLY A 18 4.85 -13.13 -3.08
N ILE A 19 5.20 -11.91 -2.80
CA ILE A 19 5.68 -11.54 -1.50
C ILE A 19 4.65 -10.90 -0.62
N ARG A 20 5.09 -10.63 0.58
CA ARG A 20 4.33 -10.01 1.65
C ARG A 20 5.25 -10.04 2.85
N ASP A 21 6.01 -11.13 2.95
CA ASP A 21 6.99 -11.34 4.02
C ASP A 21 8.10 -10.30 4.02
N LEU A 22 8.86 -10.24 2.92
CA LEU A 22 10.02 -9.33 2.79
C LEU A 22 11.10 -9.75 3.77
N ALA A 23 11.16 -11.04 4.06
CA ALA A 23 12.13 -11.58 4.99
C ALA A 23 13.47 -11.79 4.30
N GLY A 24 13.43 -11.71 3.02
CA GLY A 24 14.61 -11.83 2.22
C GLY A 24 14.42 -11.15 0.90
N ILE A 25 13.85 -9.97 0.97
CA ILE A 25 13.55 -9.16 -0.19
C ILE A 25 13.87 -7.74 0.22
N ASN A 26 14.30 -6.92 -0.73
CA ASN A 26 14.62 -5.52 -0.46
C ASN A 26 13.41 -4.76 0.04
N LEU A 27 13.40 -4.47 1.31
CA LEU A 27 12.29 -3.77 1.92
C LEU A 27 12.62 -2.31 2.16
N ASP A 28 13.84 -1.94 1.85
CA ASP A 28 14.32 -0.58 2.02
C ASP A 28 14.68 0.00 0.68
N SER A 29 14.30 -0.67 -0.36
CA SER A 29 14.61 -0.25 -1.70
C SER A 29 13.36 0.26 -2.37
N SER A 30 13.49 1.39 -3.00
CA SER A 30 12.42 2.05 -3.70
C SER A 30 11.94 1.19 -4.87
N LEU A 31 10.66 1.27 -5.21
CA LEU A 31 10.08 0.52 -6.33
C LEU A 31 10.80 0.87 -7.64
N ALA A 32 11.35 2.08 -7.71
CA ALA A 32 12.08 2.49 -8.89
C ALA A 32 13.42 1.79 -8.99
N ASP A 33 13.95 1.36 -7.87
CA ASP A 33 15.21 0.64 -7.84
C ASP A 33 14.98 -0.75 -8.33
N LEU A 34 13.83 -1.26 -7.96
CA LEU A 34 13.38 -2.56 -8.35
C LEU A 34 13.10 -2.53 -9.84
N GLY A 35 12.24 -1.62 -10.23
CA GLY A 35 11.80 -1.53 -11.58
C GLY A 35 10.43 -2.12 -11.64
N LEU A 36 9.43 -1.31 -11.41
CA LEU A 36 8.07 -1.80 -11.39
C LEU A 36 7.59 -2.12 -12.79
N ASP A 37 6.74 -3.12 -12.88
CA ASP A 37 6.14 -3.64 -14.13
C ASP A 37 5.50 -2.52 -15.00
N SER A 38 4.24 -2.28 -14.77
CA SER A 38 3.42 -1.27 -15.40
C SER A 38 2.15 -1.25 -14.58
N LEU A 39 1.62 -2.46 -14.36
CA LEU A 39 0.42 -2.65 -13.54
C LEU A 39 0.72 -2.22 -12.11
N MET A 40 1.99 -2.38 -11.74
CA MET A 40 2.51 -2.04 -10.40
C MET A 40 2.57 -0.52 -10.20
N GLY A 41 2.02 0.22 -11.13
CA GLY A 41 1.88 1.63 -11.01
C GLY A 41 0.45 2.02 -11.27
N VAL A 42 -0.11 1.45 -12.32
CA VAL A 42 -1.47 1.79 -12.77
C VAL A 42 -2.53 1.26 -11.80
N GLU A 43 -2.36 0.04 -11.32
CA GLU A 43 -3.34 -0.52 -10.41
C GLU A 43 -3.28 0.17 -9.06
N VAL A 44 -2.09 0.61 -8.70
CA VAL A 44 -1.85 1.36 -7.46
C VAL A 44 -2.75 2.57 -7.46
N ARG A 45 -2.69 3.29 -8.57
CA ARG A 45 -3.50 4.46 -8.81
C ARG A 45 -4.97 4.11 -8.63
N GLN A 46 -5.41 3.04 -9.29
CA GLN A 46 -6.81 2.59 -9.26
C GLN A 46 -7.26 2.17 -7.85
N ILE A 47 -6.32 1.86 -6.98
CA ILE A 47 -6.63 1.52 -5.62
C ILE A 47 -6.80 2.79 -4.82
N LEU A 48 -5.73 3.54 -4.67
CA LEU A 48 -5.71 4.71 -3.82
C LEU A 48 -6.69 5.79 -4.28
N GLU A 49 -6.68 6.05 -5.58
CA GLU A 49 -7.49 7.10 -6.19
C GLU A 49 -8.97 6.79 -6.11
N ARG A 50 -9.33 5.56 -6.39
CA ARG A 50 -10.74 5.22 -6.45
C ARG A 50 -11.33 4.86 -5.08
N GLU A 51 -10.53 4.25 -4.23
CA GLU A 51 -11.01 3.82 -2.93
C GLU A 51 -11.03 4.96 -1.91
N HIS A 52 -9.95 5.75 -1.83
CA HIS A 52 -9.87 6.79 -0.78
C HIS A 52 -9.51 8.19 -1.28
N ASP A 53 -9.55 8.39 -2.61
CA ASP A 53 -9.27 9.72 -3.27
C ASP A 53 -7.79 10.11 -3.23
N LEU A 54 -6.92 9.18 -2.89
CA LEU A 54 -5.50 9.48 -2.89
C LEU A 54 -4.94 9.26 -4.28
N VAL A 55 -4.86 10.30 -5.04
CA VAL A 55 -4.33 10.17 -6.37
C VAL A 55 -2.81 10.21 -6.29
N LEU A 56 -2.23 9.07 -6.01
CA LEU A 56 -0.81 8.93 -5.90
C LEU A 56 -0.25 8.54 -7.24
N PRO A 57 0.51 9.43 -7.85
CA PRO A 57 1.12 9.19 -9.14
C PRO A 57 2.41 8.37 -9.01
N ILE A 58 2.92 7.91 -10.12
CA ILE A 58 4.10 7.04 -10.16
C ILE A 58 5.33 7.69 -9.52
N ARG A 59 5.47 8.97 -9.66
CA ARG A 59 6.59 9.70 -9.05
C ARG A 59 6.50 9.75 -7.51
N GLU A 60 5.37 9.34 -6.94
CA GLU A 60 5.23 9.22 -5.49
C GLU A 60 5.33 7.74 -5.13
N VAL A 61 4.81 6.89 -5.99
CA VAL A 61 4.80 5.46 -5.78
C VAL A 61 6.22 4.87 -5.90
N ARG A 62 6.99 5.40 -6.82
CA ARG A 62 8.33 4.89 -7.08
C ARG A 62 9.34 4.97 -5.93
N GLN A 63 9.08 5.80 -4.92
CA GLN A 63 10.02 5.87 -3.80
C GLN A 63 9.55 5.01 -2.67
N LEU A 64 8.43 4.34 -2.86
CA LEU A 64 7.92 3.46 -1.85
C LEU A 64 8.80 2.23 -1.85
N THR A 65 9.17 1.80 -0.69
CA THR A 65 10.14 0.75 -0.50
C THR A 65 9.53 -0.63 -0.41
N LEU A 66 8.43 -0.82 -1.12
CA LEU A 66 7.64 -2.07 -1.13
C LEU A 66 6.96 -2.27 0.23
N ARG A 67 7.71 -2.28 1.30
CA ARG A 67 7.17 -2.38 2.64
C ARG A 67 6.35 -1.16 3.01
N LYS A 68 6.78 0.01 2.54
CA LYS A 68 6.08 1.25 2.85
C LYS A 68 4.67 1.28 2.24
N LEU A 69 4.43 0.41 1.30
CA LEU A 69 3.11 0.27 0.67
C LEU A 69 2.02 0.01 1.73
N GLN A 70 2.34 -0.77 2.74
CA GLN A 70 1.36 -1.14 3.73
C GLN A 70 1.22 -0.12 4.87
N GLU A 71 2.02 0.93 4.87
CA GLU A 71 1.83 1.99 5.85
C GLU A 71 1.09 3.14 5.19
N MET A 72 0.96 3.04 3.89
CA MET A 72 0.27 4.02 3.08
C MET A 72 -0.87 3.32 2.38
N SER A 73 -1.27 2.19 2.94
CA SER A 73 -2.24 1.34 2.32
C SER A 73 -3.68 1.76 2.61
N SER A 74 -3.85 2.84 3.38
CA SER A 74 -5.15 3.41 3.75
C SER A 74 -6.03 2.39 4.48
N LYS A 75 -5.86 2.34 5.78
CA LYS A 75 -6.57 1.42 6.63
C LYS A 75 -7.17 2.17 7.79
N ALA A 76 -8.44 2.47 7.68
CA ALA A 76 -9.13 3.22 8.68
C ALA A 76 -9.68 2.30 9.75
N GLY A 77 -9.15 2.45 10.94
CA GLY A 77 -9.60 1.67 12.04
C GLY A 77 -10.76 2.34 12.74
N SER A 78 -11.13 1.83 13.87
CA SER A 78 -12.23 2.38 14.62
C SER A 78 -11.74 3.65 15.35
N ASP A 79 -10.41 3.70 15.56
CA ASP A 79 -9.80 4.83 16.21
C ASP A 79 -9.97 6.06 15.34
N THR A 80 -10.44 7.10 15.95
CA THR A 80 -10.77 8.31 15.30
C THR A 80 -10.56 9.38 16.35
N GLU A 81 -10.37 10.62 15.97
CA GLU A 81 -10.29 11.70 16.93
C GLU A 81 -11.54 11.70 17.79
N LEU A 82 -12.69 11.71 17.14
CA LEU A 82 -13.94 11.54 17.84
C LEU A 82 -14.36 10.07 17.90
N ALA A 83 -13.78 9.35 18.82
CA ALA A 83 -14.05 7.93 18.97
C ALA A 83 -14.59 7.64 20.35
N ALA A 84 -14.78 8.67 21.12
CA ALA A 84 -15.31 8.54 22.45
C ALA A 84 -16.76 8.98 22.48
N PRO A 85 -17.68 8.07 22.79
CA PRO A 85 -19.09 8.41 22.88
C PRO A 85 -19.36 9.18 24.17
N LYS A 86 -19.47 10.47 24.05
CA LYS A 86 -19.66 11.32 25.18
C LYS A 86 -20.69 12.38 24.85
N SER A 87 -20.48 13.01 23.70
CA SER A 87 -21.33 14.06 23.23
C SER A 87 -22.71 13.54 22.88
N LYS A 88 -23.64 13.84 23.73
CA LYS A 88 -25.01 13.50 23.52
C LYS A 88 -25.82 14.75 23.79
N ASN A 89 -25.70 15.22 25.01
CA ASN A 89 -26.28 16.45 25.50
C ASN A 89 -25.73 16.61 26.89
N GLY A 1 -20.02 -2.00 1.20
CA GLY A 1 -18.66 -2.44 0.96
C GLY A 1 -18.65 -3.85 0.44
N ASP A 2 -17.50 -4.33 0.10
CA ASP A 2 -17.32 -5.69 -0.38
C ASP A 2 -16.83 -6.54 0.76
N GLY A 3 -15.86 -6.01 1.45
CA GLY A 3 -15.26 -6.68 2.58
C GLY A 3 -14.04 -5.93 2.99
N GLU A 4 -13.14 -5.78 2.05
CA GLU A 4 -11.94 -5.01 2.23
C GLU A 4 -12.00 -3.73 1.43
N ALA A 5 -11.88 -2.62 2.15
CA ALA A 5 -11.98 -1.24 1.63
C ALA A 5 -11.08 -0.96 0.41
N GLN A 6 -9.99 -1.66 0.33
CA GLN A 6 -9.01 -1.56 -0.77
C GLN A 6 -8.05 -2.71 -0.63
N ARG A 7 -8.64 -3.83 -0.19
CA ARG A 7 -7.94 -5.02 0.23
C ARG A 7 -6.91 -4.69 1.30
N ASP A 8 -5.71 -4.41 0.87
CA ASP A 8 -4.58 -4.09 1.71
C ASP A 8 -3.42 -3.82 0.80
N LEU A 9 -2.62 -2.86 1.15
CA LEU A 9 -1.51 -2.43 0.31
C LEU A 9 -0.48 -3.51 0.11
N VAL A 10 -0.14 -4.23 1.14
CA VAL A 10 0.88 -5.23 1.01
C VAL A 10 0.29 -6.53 0.47
N LYS A 11 -0.97 -6.81 0.83
CA LYS A 11 -1.61 -8.03 0.32
C LYS A 11 -1.85 -7.92 -1.18
N ALA A 12 -1.88 -6.69 -1.68
CA ALA A 12 -2.09 -6.45 -3.10
C ALA A 12 -0.77 -6.16 -3.83
N VAL A 13 -0.08 -5.07 -3.44
CA VAL A 13 1.16 -4.65 -4.13
C VAL A 13 2.24 -5.70 -4.08
N ALA A 14 2.53 -6.22 -2.90
CA ALA A 14 3.56 -7.22 -2.76
C ALA A 14 3.16 -8.48 -3.53
N HIS A 15 1.87 -8.72 -3.61
CA HIS A 15 1.33 -9.88 -4.32
C HIS A 15 1.58 -9.75 -5.83
N ILE A 16 1.60 -8.52 -6.31
CA ILE A 16 1.90 -8.23 -7.71
C ILE A 16 3.33 -8.65 -8.03
N LEU A 17 4.24 -8.33 -7.13
CA LEU A 17 5.62 -8.71 -7.25
C LEU A 17 5.76 -10.22 -7.08
N GLY A 18 5.10 -10.74 -6.09
CA GLY A 18 5.16 -12.17 -5.80
C GLY A 18 5.65 -12.42 -4.39
N ILE A 19 5.32 -11.52 -3.51
CA ILE A 19 5.72 -11.56 -2.12
C ILE A 19 4.59 -11.16 -1.22
N ARG A 20 4.78 -11.36 0.05
CA ARG A 20 3.87 -10.89 1.07
C ARG A 20 4.61 -10.99 2.38
N ASP A 21 5.30 -12.09 2.55
CA ASP A 21 6.06 -12.36 3.77
C ASP A 21 7.21 -11.39 3.86
N LEU A 22 7.83 -11.14 2.70
CA LEU A 22 8.97 -10.23 2.56
C LEU A 22 10.18 -10.83 3.20
N ALA A 23 10.13 -12.14 3.31
CA ALA A 23 11.13 -12.93 3.96
C ALA A 23 12.40 -12.98 3.16
N GLY A 24 13.22 -11.99 3.37
CA GLY A 24 14.48 -11.89 2.71
C GLY A 24 14.35 -11.14 1.43
N ILE A 25 13.41 -10.24 1.40
CA ILE A 25 13.22 -9.36 0.30
C ILE A 25 13.60 -7.99 0.79
N ASN A 26 14.34 -7.25 0.00
CA ASN A 26 14.80 -5.92 0.39
C ASN A 26 13.63 -4.96 0.61
N LEU A 27 13.57 -4.41 1.80
CA LEU A 27 12.49 -3.51 2.21
C LEU A 27 12.81 -2.06 1.85
N ASP A 28 13.95 -1.83 1.22
CA ASP A 28 14.26 -0.49 0.75
C ASP A 28 14.26 -0.43 -0.76
N SER A 29 13.67 -1.44 -1.38
CA SER A 29 13.56 -1.47 -2.80
C SER A 29 12.48 -0.51 -3.24
N SER A 30 12.92 0.64 -3.69
CA SER A 30 12.05 1.62 -4.24
C SER A 30 11.37 0.98 -5.45
N LEU A 31 10.13 1.31 -5.71
CA LEU A 31 9.43 0.72 -6.85
C LEU A 31 10.12 1.09 -8.18
N ALA A 32 10.93 2.14 -8.15
CA ALA A 32 11.72 2.57 -9.30
C ALA A 32 12.93 1.68 -9.50
N ASP A 33 13.30 0.98 -8.46
CA ASP A 33 14.43 0.07 -8.52
C ASP A 33 13.97 -1.19 -9.19
N LEU A 34 12.68 -1.41 -9.09
CA LEU A 34 12.01 -2.53 -9.68
C LEU A 34 11.71 -2.20 -11.13
N GLY A 35 11.16 -1.01 -11.34
CA GLY A 35 10.84 -0.56 -12.67
C GLY A 35 9.39 -0.76 -12.96
N LEU A 36 8.60 0.22 -12.67
CA LEU A 36 7.19 0.14 -12.89
C LEU A 36 6.82 0.83 -14.19
N ASP A 37 6.32 0.07 -15.12
CA ASP A 37 5.90 0.59 -16.43
C ASP A 37 4.97 -0.41 -17.08
N SER A 38 4.39 -1.23 -16.26
CA SER A 38 3.58 -2.31 -16.72
C SER A 38 2.24 -2.37 -16.00
N LEU A 39 2.25 -2.86 -14.78
CA LEU A 39 1.03 -3.06 -14.01
C LEU A 39 1.09 -2.26 -12.72
N MET A 40 2.21 -2.38 -12.00
CA MET A 40 2.43 -1.73 -10.69
C MET A 40 1.94 -0.29 -10.59
N GLY A 41 2.32 0.55 -11.54
CA GLY A 41 1.95 1.97 -11.47
C GLY A 41 0.46 2.19 -11.57
N VAL A 42 -0.20 1.25 -12.20
CA VAL A 42 -1.62 1.31 -12.39
C VAL A 42 -2.31 0.70 -11.20
N GLU A 43 -1.81 -0.43 -10.76
CA GLU A 43 -2.42 -1.14 -9.67
C GLU A 43 -2.33 -0.35 -8.37
N VAL A 44 -1.24 0.41 -8.20
CA VAL A 44 -1.10 1.29 -7.02
C VAL A 44 -2.27 2.28 -7.03
N ARG A 45 -2.54 2.80 -8.19
CA ARG A 45 -3.61 3.71 -8.39
C ARG A 45 -4.98 3.04 -8.21
N GLN A 46 -5.07 1.78 -8.47
CA GLN A 46 -6.34 1.09 -8.29
C GLN A 46 -6.59 0.73 -6.83
N ILE A 47 -5.56 0.82 -6.03
CA ILE A 47 -5.73 0.61 -4.62
C ILE A 47 -6.03 1.96 -3.96
N LEU A 48 -5.16 2.92 -4.21
CA LEU A 48 -5.28 4.23 -3.60
C LEU A 48 -6.31 5.12 -4.31
N GLU A 49 -6.06 5.41 -5.58
CA GLU A 49 -6.91 6.30 -6.39
C GLU A 49 -8.33 5.73 -6.56
N ARG A 50 -8.42 4.47 -6.89
CA ARG A 50 -9.71 3.86 -7.19
C ARG A 50 -10.63 3.79 -5.98
N GLU A 51 -10.10 3.29 -4.88
CA GLU A 51 -10.94 3.08 -3.71
C GLU A 51 -11.04 4.32 -2.81
N HIS A 52 -9.94 5.02 -2.61
CA HIS A 52 -9.93 6.12 -1.63
C HIS A 52 -9.60 7.48 -2.26
N ASP A 53 -9.51 7.52 -3.59
CA ASP A 53 -9.23 8.78 -4.35
C ASP A 53 -7.81 9.34 -4.08
N LEU A 54 -6.94 8.51 -3.57
CA LEU A 54 -5.56 8.92 -3.38
C LEU A 54 -4.78 8.76 -4.67
N VAL A 55 -4.82 9.77 -5.48
CA VAL A 55 -4.11 9.76 -6.73
C VAL A 55 -2.64 9.99 -6.45
N LEU A 56 -1.92 8.92 -6.30
CA LEU A 56 -0.51 9.00 -6.11
C LEU A 56 0.16 8.81 -7.44
N PRO A 57 0.77 9.87 -7.98
CA PRO A 57 1.46 9.80 -9.25
C PRO A 57 2.77 9.04 -9.12
N ILE A 58 3.31 8.59 -10.23
CA ILE A 58 4.48 7.72 -10.26
C ILE A 58 5.70 8.32 -9.55
N ARG A 59 5.92 9.61 -9.74
CA ARG A 59 7.00 10.33 -9.05
C ARG A 59 6.91 10.19 -7.51
N GLU A 60 5.73 9.86 -6.99
CA GLU A 60 5.53 9.64 -5.56
C GLU A 60 5.60 8.15 -5.26
N VAL A 61 5.03 7.37 -6.17
CA VAL A 61 4.95 5.92 -6.07
C VAL A 61 6.34 5.26 -6.13
N ARG A 62 7.22 5.83 -6.91
CA ARG A 62 8.56 5.26 -7.11
C ARG A 62 9.44 5.17 -5.86
N GLN A 63 9.12 5.91 -4.81
CA GLN A 63 9.93 5.89 -3.57
C GLN A 63 9.38 4.88 -2.62
N LEU A 64 8.28 4.29 -2.98
CA LEU A 64 7.66 3.35 -2.11
C LEU A 64 8.49 2.06 -2.05
N THR A 65 8.92 1.71 -0.87
CA THR A 65 9.85 0.61 -0.63
C THR A 65 9.14 -0.71 -0.31
N LEU A 66 8.06 -0.97 -1.03
CA LEU A 66 7.19 -2.14 -0.86
C LEU A 66 6.50 -2.11 0.52
N ARG A 67 7.26 -2.14 1.58
CA ARG A 67 6.70 -2.12 2.91
C ARG A 67 6.28 -0.72 3.32
N LYS A 68 6.65 0.26 2.52
CA LYS A 68 6.18 1.62 2.74
C LYS A 68 4.73 1.73 2.24
N LEU A 69 4.33 0.77 1.42
CA LEU A 69 2.94 0.72 0.90
C LEU A 69 1.94 0.65 2.04
N GLN A 70 2.20 -0.20 3.02
CA GLN A 70 1.30 -0.34 4.18
C GLN A 70 1.32 0.90 5.07
N GLU A 71 2.34 1.73 4.93
CA GLU A 71 2.45 2.96 5.69
C GLU A 71 1.58 4.02 5.00
N MET A 72 1.53 3.95 3.69
CA MET A 72 0.78 4.90 2.86
C MET A 72 -0.56 4.31 2.46
N SER A 73 -0.99 3.33 3.22
CA SER A 73 -2.20 2.60 2.92
C SER A 73 -3.45 3.48 3.05
N SER A 74 -3.47 4.29 4.11
CA SER A 74 -4.55 5.24 4.42
C SER A 74 -5.82 4.51 4.91
N LYS A 75 -5.74 3.19 4.98
CA LYS A 75 -6.81 2.37 5.51
C LYS A 75 -6.53 2.18 7.00
N ALA A 76 -5.30 2.46 7.37
CA ALA A 76 -4.79 2.38 8.70
C ALA A 76 -3.46 3.07 8.70
N GLY A 77 -2.84 3.18 9.84
CA GLY A 77 -1.54 3.77 9.91
C GLY A 77 -0.80 3.22 11.08
N SER A 78 -0.37 4.10 11.95
CA SER A 78 0.27 3.68 13.16
C SER A 78 -0.82 3.43 14.19
N ASP A 79 -1.82 4.32 14.17
CA ASP A 79 -3.02 4.27 15.04
C ASP A 79 -2.68 4.43 16.51
N THR A 80 -1.47 4.83 16.78
CA THR A 80 -0.94 5.01 18.10
C THR A 80 -1.65 6.15 18.82
N GLU A 81 -1.61 7.32 18.24
CA GLU A 81 -2.24 8.48 18.78
C GLU A 81 -2.71 9.32 17.61
N LEU A 82 -3.29 10.46 17.87
CA LEU A 82 -3.79 11.34 16.83
C LEU A 82 -2.72 12.33 16.42
N ALA A 83 -1.77 12.56 17.33
CA ALA A 83 -0.63 13.46 17.13
C ALA A 83 -1.08 14.91 17.06
N ALA A 84 -1.03 15.57 18.17
CA ALA A 84 -1.48 16.91 18.29
C ALA A 84 -0.36 17.78 18.83
N PRO A 85 -0.37 19.09 18.53
CA PRO A 85 0.64 20.03 19.04
C PRO A 85 0.77 19.95 20.57
N LYS A 86 1.99 19.86 21.05
CA LYS A 86 2.26 19.73 22.48
C LYS A 86 1.98 21.04 23.22
N SER A 87 1.94 22.10 22.49
CA SER A 87 1.62 23.37 23.04
C SER A 87 0.35 23.84 22.35
N LYS A 88 -0.45 24.66 23.04
CA LYS A 88 -1.62 25.28 22.41
C LYS A 88 -1.08 26.23 21.37
N ASN A 89 -0.06 26.93 21.82
CA ASN A 89 0.71 27.86 21.06
C ASN A 89 1.84 28.28 21.95
N GLY A 1 -10.37 -7.14 15.10
CA GLY A 1 -10.12 -6.82 13.71
C GLY A 1 -11.37 -6.97 12.92
N ASP A 2 -11.89 -5.86 12.49
CA ASP A 2 -13.14 -5.78 11.77
C ASP A 2 -12.95 -4.98 10.50
N GLY A 3 -13.68 -5.34 9.47
CA GLY A 3 -13.66 -4.57 8.28
C GLY A 3 -12.81 -5.16 7.20
N GLU A 4 -12.10 -4.28 6.50
CA GLU A 4 -11.25 -4.60 5.34
C GLU A 4 -12.10 -5.00 4.13
N ALA A 5 -12.32 -4.06 3.26
CA ALA A 5 -13.09 -4.27 2.06
C ALA A 5 -12.29 -3.84 0.86
N GLN A 6 -11.00 -3.68 1.07
CA GLN A 6 -10.11 -3.24 0.04
C GLN A 6 -9.04 -4.32 -0.16
N ARG A 7 -7.98 -4.19 0.60
CA ARG A 7 -6.77 -5.01 0.67
C ARG A 7 -5.69 -4.05 1.10
N ASP A 8 -4.68 -4.52 1.75
CA ASP A 8 -3.53 -3.66 2.02
C ASP A 8 -2.64 -3.65 0.83
N LEU A 9 -1.77 -2.70 0.75
CA LEU A 9 -0.95 -2.56 -0.43
C LEU A 9 0.16 -3.61 -0.51
N VAL A 10 0.48 -4.21 0.61
CA VAL A 10 1.43 -5.33 0.60
C VAL A 10 0.66 -6.60 0.21
N LYS A 11 -0.64 -6.50 0.26
CA LYS A 11 -1.51 -7.59 -0.13
C LYS A 11 -2.04 -7.27 -1.54
N ALA A 12 -1.43 -6.29 -2.16
CA ALA A 12 -1.80 -5.86 -3.49
C ALA A 12 -0.58 -5.77 -4.38
N VAL A 13 0.25 -4.78 -4.15
CA VAL A 13 1.47 -4.54 -4.92
C VAL A 13 2.42 -5.72 -4.74
N ALA A 14 2.70 -6.04 -3.51
CA ALA A 14 3.60 -7.13 -3.18
C ALA A 14 3.00 -8.46 -3.65
N HIS A 15 1.68 -8.53 -3.62
CA HIS A 15 0.93 -9.72 -4.02
C HIS A 15 1.07 -9.93 -5.54
N ILE A 16 1.31 -8.86 -6.27
CA ILE A 16 1.54 -8.93 -7.71
C ILE A 16 2.98 -9.36 -7.98
N LEU A 17 3.89 -8.86 -7.16
CA LEU A 17 5.32 -9.12 -7.32
C LEU A 17 5.68 -10.53 -6.91
N GLY A 18 5.03 -11.03 -5.88
CA GLY A 18 5.30 -12.35 -5.40
C GLY A 18 5.94 -12.30 -4.03
N ILE A 19 5.47 -11.38 -3.23
CA ILE A 19 5.95 -11.17 -1.88
C ILE A 19 4.79 -10.85 -0.95
N ARG A 20 5.09 -10.86 0.33
CA ARG A 20 4.14 -10.53 1.40
C ARG A 20 4.88 -10.43 2.71
N ASP A 21 5.71 -11.41 2.99
CA ASP A 21 6.46 -11.46 4.23
C ASP A 21 7.60 -10.50 4.20
N LEU A 22 8.24 -10.42 3.03
CA LEU A 22 9.39 -9.55 2.80
C LEU A 22 10.57 -9.97 3.63
N ALA A 23 10.49 -11.18 4.16
CA ALA A 23 11.52 -11.69 5.00
C ALA A 23 12.66 -12.20 4.14
N GLY A 24 13.45 -11.29 3.67
CA GLY A 24 14.54 -11.63 2.80
C GLY A 24 14.73 -10.56 1.77
N ILE A 25 13.68 -9.83 1.49
CA ILE A 25 13.70 -8.78 0.49
C ILE A 25 14.28 -7.53 1.11
N ASN A 26 14.94 -6.72 0.33
CA ASN A 26 15.48 -5.49 0.86
C ASN A 26 14.41 -4.45 0.81
N LEU A 27 14.19 -3.82 1.93
CA LEU A 27 13.18 -2.77 2.03
C LEU A 27 13.83 -1.43 1.74
N ASP A 28 15.03 -1.52 1.21
CA ASP A 28 15.81 -0.38 0.75
C ASP A 28 15.67 -0.31 -0.74
N SER A 29 14.89 -1.22 -1.28
CA SER A 29 14.66 -1.30 -2.67
C SER A 29 13.33 -0.60 -3.01
N SER A 30 13.44 0.50 -3.70
CA SER A 30 12.28 1.25 -4.14
C SER A 30 11.55 0.47 -5.23
N LEU A 31 10.25 0.71 -5.40
CA LEU A 31 9.46 0.01 -6.43
C LEU A 31 10.03 0.24 -7.83
N ALA A 32 10.76 1.33 -8.01
CA ALA A 32 11.39 1.63 -9.30
C ALA A 32 12.66 0.82 -9.49
N ASP A 33 13.30 0.53 -8.38
CA ASP A 33 14.53 -0.27 -8.39
C ASP A 33 14.16 -1.67 -8.79
N LEU A 34 13.03 -2.09 -8.25
CA LEU A 34 12.39 -3.35 -8.61
C LEU A 34 12.04 -3.33 -10.08
N GLY A 35 11.34 -2.29 -10.47
CA GLY A 35 10.99 -2.11 -11.83
C GLY A 35 9.51 -2.26 -12.05
N LEU A 36 8.84 -1.17 -12.30
CA LEU A 36 7.45 -1.21 -12.63
C LEU A 36 7.24 -0.46 -13.92
N ASP A 37 6.84 -1.15 -14.95
CA ASP A 37 6.60 -0.51 -16.24
C ASP A 37 5.27 -0.92 -16.81
N SER A 38 4.66 -1.89 -16.20
CA SER A 38 3.45 -2.44 -16.66
C SER A 38 2.66 -2.92 -15.48
N LEU A 39 1.50 -2.33 -15.32
CA LEU A 39 0.47 -2.69 -14.32
C LEU A 39 0.79 -2.19 -12.92
N MET A 40 2.02 -2.38 -12.52
CA MET A 40 2.51 -2.15 -11.16
C MET A 40 2.45 -0.66 -10.71
N GLY A 41 2.05 0.22 -11.59
CA GLY A 41 1.85 1.60 -11.22
C GLY A 41 0.37 1.97 -11.32
N VAL A 42 -0.29 1.38 -12.30
CA VAL A 42 -1.70 1.66 -12.56
C VAL A 42 -2.57 0.97 -11.55
N GLU A 43 -2.23 -0.29 -11.25
CA GLU A 43 -2.99 -1.11 -10.31
C GLU A 43 -3.06 -0.40 -8.98
N VAL A 44 -1.92 0.15 -8.58
CA VAL A 44 -1.77 0.88 -7.33
C VAL A 44 -2.74 2.05 -7.32
N ARG A 45 -2.67 2.85 -8.37
CA ARG A 45 -3.51 4.02 -8.48
C ARG A 45 -5.00 3.67 -8.53
N GLN A 46 -5.35 2.55 -9.13
CA GLN A 46 -6.75 2.12 -9.19
C GLN A 46 -7.24 1.61 -7.82
N ILE A 47 -6.33 1.41 -6.91
CA ILE A 47 -6.69 1.01 -5.58
C ILE A 47 -6.85 2.25 -4.70
N LEU A 48 -5.82 3.06 -4.65
CA LEU A 48 -5.82 4.23 -3.76
C LEU A 48 -6.76 5.34 -4.23
N GLU A 49 -6.76 5.64 -5.51
CA GLU A 49 -7.55 6.72 -6.07
C GLU A 49 -9.05 6.38 -6.06
N ARG A 50 -9.33 5.11 -6.13
CA ARG A 50 -10.68 4.63 -6.16
C ARG A 50 -11.26 4.59 -4.76
N GLU A 51 -10.50 4.09 -3.82
CA GLU A 51 -10.96 3.96 -2.45
C GLU A 51 -10.86 5.28 -1.68
N HIS A 52 -9.64 5.72 -1.42
CA HIS A 52 -9.43 6.86 -0.52
C HIS A 52 -9.22 8.15 -1.32
N ASP A 53 -9.40 8.04 -2.64
CA ASP A 53 -9.20 9.14 -3.61
C ASP A 53 -7.77 9.68 -3.50
N LEU A 54 -6.86 8.79 -3.19
CA LEU A 54 -5.48 9.16 -3.10
C LEU A 54 -4.81 8.98 -4.41
N VAL A 55 -4.57 10.08 -5.07
CA VAL A 55 -3.90 10.06 -6.32
C VAL A 55 -2.42 10.05 -6.04
N LEU A 56 -1.93 8.89 -5.68
CA LEU A 56 -0.53 8.71 -5.40
C LEU A 56 0.13 8.40 -6.73
N PRO A 57 0.92 9.32 -7.24
CA PRO A 57 1.52 9.20 -8.55
C PRO A 57 2.86 8.48 -8.56
N ILE A 58 3.41 8.30 -9.75
CA ILE A 58 4.67 7.60 -9.95
C ILE A 58 5.82 8.32 -9.24
N ARG A 59 5.66 9.64 -9.07
CA ARG A 59 6.66 10.50 -8.40
C ARG A 59 6.84 10.07 -6.93
N GLU A 60 5.90 9.28 -6.42
CA GLU A 60 6.00 8.74 -5.08
C GLU A 60 5.96 7.22 -5.08
N VAL A 61 5.02 6.63 -5.82
CA VAL A 61 4.84 5.16 -5.88
C VAL A 61 6.14 4.43 -6.19
N ARG A 62 6.87 4.91 -7.18
CA ARG A 62 8.13 4.29 -7.56
C ARG A 62 9.23 4.41 -6.49
N GLN A 63 9.00 5.24 -5.49
CA GLN A 63 9.98 5.51 -4.47
C GLN A 63 9.54 4.88 -3.17
N LEU A 64 8.49 4.09 -3.23
CA LEU A 64 8.01 3.39 -2.08
C LEU A 64 8.79 2.10 -1.93
N THR A 65 9.05 1.74 -0.74
CA THR A 65 9.93 0.63 -0.41
C THR A 65 9.17 -0.65 -0.09
N LEU A 66 8.09 -0.86 -0.79
CA LEU A 66 7.22 -2.02 -0.68
C LEU A 66 6.47 -2.05 0.66
N ARG A 67 7.17 -2.07 1.77
CA ARG A 67 6.50 -2.08 3.05
C ARG A 67 5.88 -0.74 3.39
N LYS A 68 6.43 0.32 2.82
CA LYS A 68 5.86 1.65 3.00
C LYS A 68 4.47 1.73 2.33
N LEU A 69 4.21 0.79 1.43
CA LEU A 69 2.90 0.66 0.77
C LEU A 69 1.78 0.45 1.79
N GLN A 70 2.01 -0.37 2.79
CA GLN A 70 0.98 -0.64 3.79
C GLN A 70 0.93 0.45 4.86
N GLU A 71 1.79 1.44 4.72
CA GLU A 71 1.79 2.60 5.58
C GLU A 71 0.92 3.65 4.88
N MET A 72 0.76 3.47 3.58
CA MET A 72 -0.04 4.32 2.73
C MET A 72 -1.25 3.56 2.23
N SER A 73 -1.57 2.46 2.92
CA SER A 73 -2.64 1.59 2.47
C SER A 73 -4.03 2.20 2.76
N SER A 74 -4.00 3.39 3.38
CA SER A 74 -5.16 4.24 3.60
C SER A 74 -6.12 3.68 4.63
N LYS A 75 -5.59 3.03 5.64
CA LYS A 75 -6.43 2.48 6.68
C LYS A 75 -5.96 2.94 8.02
N ALA A 76 -6.79 2.74 9.01
CA ALA A 76 -6.47 3.08 10.35
C ALA A 76 -6.47 1.82 11.19
N GLY A 77 -7.43 0.97 10.94
CA GLY A 77 -7.58 -0.24 11.68
C GLY A 77 -8.53 -0.03 12.84
N SER A 78 -9.80 -0.05 12.56
CA SER A 78 -10.81 0.17 13.57
C SER A 78 -11.17 -1.16 14.22
N ASP A 79 -10.60 -1.42 15.37
CA ASP A 79 -10.78 -2.68 16.05
C ASP A 79 -12.04 -2.57 16.90
N THR A 80 -13.10 -3.17 16.42
CA THR A 80 -14.42 -2.96 16.98
C THR A 80 -14.72 -3.90 18.16
N GLU A 81 -14.25 -5.11 18.09
CA GLU A 81 -14.52 -6.07 19.14
C GLU A 81 -13.61 -5.84 20.35
N LEU A 82 -14.14 -5.16 21.33
CA LEU A 82 -13.41 -4.89 22.55
C LEU A 82 -13.79 -5.87 23.63
N ALA A 83 -14.97 -6.43 23.52
CA ALA A 83 -15.42 -7.46 24.42
C ALA A 83 -14.90 -8.76 23.87
N ALA A 84 -14.00 -9.39 24.56
CA ALA A 84 -13.36 -10.56 24.03
C ALA A 84 -13.38 -11.72 25.01
N PRO A 85 -14.11 -12.78 24.68
CA PRO A 85 -14.06 -14.02 25.42
C PRO A 85 -12.81 -14.78 24.99
N LYS A 86 -11.71 -14.42 25.57
CA LYS A 86 -10.43 -14.92 25.15
C LYS A 86 -10.08 -16.19 25.89
N SER A 87 -10.82 -16.48 26.93
CA SER A 87 -10.57 -17.65 27.72
C SER A 87 -11.43 -18.83 27.20
N LYS A 88 -11.90 -18.70 25.97
CA LYS A 88 -12.66 -19.72 25.34
C LYS A 88 -11.83 -20.43 24.29
N ASN A 89 -12.41 -21.40 23.66
CA ASN A 89 -11.76 -22.16 22.61
C ASN A 89 -12.42 -21.80 21.32
N GLY A 1 -10.43 -11.57 11.56
CA GLY A 1 -10.62 -10.40 10.71
C GLY A 1 -12.06 -10.27 10.33
N ASP A 2 -12.32 -10.15 9.02
CA ASP A 2 -13.65 -9.99 8.42
C ASP A 2 -14.09 -8.54 8.52
N GLY A 3 -14.79 -8.08 7.52
CA GLY A 3 -15.11 -6.69 7.43
C GLY A 3 -14.04 -6.04 6.62
N GLU A 4 -13.61 -6.77 5.61
CA GLU A 4 -12.51 -6.38 4.77
C GLU A 4 -12.93 -5.24 3.88
N ALA A 5 -12.18 -4.17 3.92
CA ALA A 5 -12.44 -3.01 3.13
C ALA A 5 -11.41 -2.89 2.03
N GLN A 6 -10.18 -3.18 2.35
CA GLN A 6 -9.10 -3.07 1.41
C GLN A 6 -8.09 -4.15 1.68
N ARG A 7 -7.51 -4.69 0.62
CA ARG A 7 -6.56 -5.81 0.69
C ARG A 7 -5.16 -5.41 1.14
N ASP A 8 -4.97 -4.15 1.58
CA ASP A 8 -3.65 -3.58 1.96
C ASP A 8 -2.86 -3.26 0.68
N LEU A 9 -1.65 -2.79 0.80
CA LEU A 9 -0.89 -2.43 -0.37
C LEU A 9 0.29 -3.34 -0.58
N VAL A 10 0.82 -3.92 0.48
CA VAL A 10 1.90 -4.89 0.34
C VAL A 10 1.27 -6.20 -0.04
N LYS A 11 0.11 -6.40 0.49
CA LYS A 11 -0.66 -7.59 0.21
C LYS A 11 -1.40 -7.41 -1.15
N ALA A 12 -1.00 -6.38 -1.89
CA ALA A 12 -1.53 -6.07 -3.20
C ALA A 12 -0.39 -5.93 -4.20
N VAL A 13 0.43 -4.89 -4.04
CA VAL A 13 1.56 -4.60 -4.93
C VAL A 13 2.60 -5.69 -4.84
N ALA A 14 3.01 -6.03 -3.62
CA ALA A 14 3.98 -7.09 -3.42
C ALA A 14 3.33 -8.41 -3.81
N HIS A 15 2.02 -8.50 -3.68
CA HIS A 15 1.27 -9.70 -4.05
C HIS A 15 1.35 -9.94 -5.57
N ILE A 16 1.47 -8.86 -6.34
CA ILE A 16 1.65 -8.96 -7.80
C ILE A 16 2.96 -9.69 -8.09
N LEU A 17 4.00 -9.29 -7.37
CA LEU A 17 5.31 -9.91 -7.51
C LEU A 17 5.30 -11.32 -6.91
N GLY A 18 4.47 -11.50 -5.90
CA GLY A 18 4.34 -12.79 -5.25
C GLY A 18 5.01 -12.78 -3.90
N ILE A 19 5.06 -11.63 -3.28
CA ILE A 19 5.73 -11.44 -2.03
C ILE A 19 4.84 -10.86 -0.93
N ARG A 20 5.22 -11.18 0.29
CA ARG A 20 4.59 -10.70 1.53
C ARG A 20 5.44 -11.09 2.71
N ASP A 21 6.12 -12.21 2.58
CA ASP A 21 7.02 -12.65 3.64
C ASP A 21 8.40 -12.19 3.34
N LEU A 22 8.66 -12.04 2.03
CA LEU A 22 9.93 -11.56 1.52
C LEU A 22 11.03 -12.50 1.96
N ALA A 23 11.10 -13.61 1.29
CA ALA A 23 12.03 -14.66 1.67
C ALA A 23 13.44 -14.27 1.27
N GLY A 24 13.51 -13.43 0.30
CA GLY A 24 14.76 -12.94 -0.18
C GLY A 24 14.56 -11.72 -1.03
N ILE A 25 13.83 -10.78 -0.49
CA ILE A 25 13.53 -9.56 -1.18
C ILE A 25 13.78 -8.42 -0.21
N ASN A 26 14.19 -7.28 -0.73
CA ASN A 26 14.45 -6.11 0.10
C ASN A 26 13.16 -5.46 0.55
N LEU A 27 13.25 -4.72 1.62
CA LEU A 27 12.12 -4.02 2.18
C LEU A 27 12.37 -2.53 2.04
N ASP A 28 13.63 -2.15 2.15
CA ASP A 28 14.05 -0.74 2.10
C ASP A 28 14.37 -0.29 0.70
N SER A 29 14.00 -1.07 -0.27
CA SER A 29 14.18 -0.68 -1.62
C SER A 29 12.97 0.07 -2.10
N SER A 30 13.22 1.19 -2.73
CA SER A 30 12.17 1.98 -3.30
C SER A 30 11.66 1.27 -4.54
N LEU A 31 10.40 1.43 -4.85
CA LEU A 31 9.81 0.79 -6.02
C LEU A 31 10.34 1.38 -7.32
N ALA A 32 11.09 2.46 -7.21
CA ALA A 32 11.78 3.06 -8.33
C ALA A 32 12.95 2.22 -8.72
N ASP A 33 13.61 1.66 -7.71
CA ASP A 33 14.80 0.83 -7.87
C ASP A 33 14.40 -0.43 -8.61
N LEU A 34 13.22 -0.87 -8.27
CA LEU A 34 12.62 -2.02 -8.87
C LEU A 34 12.21 -1.64 -10.30
N GLY A 35 11.39 -0.62 -10.40
CA GLY A 35 10.96 -0.14 -11.69
C GLY A 35 9.54 -0.54 -12.00
N LEU A 36 8.59 0.20 -11.47
CA LEU A 36 7.19 -0.04 -11.80
C LEU A 36 6.69 1.06 -12.70
N ASP A 37 5.59 0.77 -13.36
CA ASP A 37 4.85 1.72 -14.22
C ASP A 37 3.77 0.96 -14.93
N SER A 38 4.08 -0.27 -15.26
CA SER A 38 3.24 -1.06 -16.15
C SER A 38 1.90 -1.50 -15.52
N LEU A 39 1.91 -2.48 -14.66
CA LEU A 39 0.70 -2.89 -13.99
C LEU A 39 0.72 -2.36 -12.59
N MET A 40 1.88 -2.47 -11.97
CA MET A 40 2.08 -2.04 -10.60
C MET A 40 1.99 -0.55 -10.48
N GLY A 41 2.08 0.12 -11.61
CA GLY A 41 1.96 1.55 -11.63
C GLY A 41 0.52 1.99 -11.83
N VAL A 42 -0.33 1.09 -12.26
CA VAL A 42 -1.70 1.43 -12.55
C VAL A 42 -2.63 0.84 -11.50
N GLU A 43 -2.46 -0.45 -11.19
CA GLU A 43 -3.33 -1.10 -10.23
C GLU A 43 -3.18 -0.44 -8.85
N VAL A 44 -1.96 0.08 -8.59
CA VAL A 44 -1.68 0.80 -7.35
C VAL A 44 -2.61 2.02 -7.24
N ARG A 45 -2.81 2.66 -8.35
CA ARG A 45 -3.57 3.86 -8.44
C ARG A 45 -5.03 3.57 -8.44
N GLN A 46 -5.40 2.41 -8.94
CA GLN A 46 -6.79 2.01 -8.92
C GLN A 46 -7.21 1.65 -7.50
N ILE A 47 -6.24 1.57 -6.63
CA ILE A 47 -6.48 1.43 -5.23
C ILE A 47 -6.36 2.80 -4.58
N LEU A 48 -5.24 3.48 -4.85
CA LEU A 48 -4.96 4.81 -4.27
C LEU A 48 -5.99 5.85 -4.66
N GLU A 49 -6.18 6.07 -5.95
CA GLU A 49 -7.07 7.12 -6.47
C GLU A 49 -8.52 6.81 -6.17
N ARG A 50 -8.86 5.55 -6.29
CA ARG A 50 -10.23 5.10 -6.14
C ARG A 50 -10.67 5.01 -4.67
N GLU A 51 -9.96 4.21 -3.89
CA GLU A 51 -10.34 3.95 -2.50
C GLU A 51 -9.89 5.04 -1.56
N HIS A 52 -8.61 5.39 -1.67
CA HIS A 52 -8.02 6.33 -0.71
C HIS A 52 -8.36 7.77 -1.10
N ASP A 53 -8.57 7.96 -2.42
CA ASP A 53 -8.80 9.29 -3.06
C ASP A 53 -7.48 10.04 -3.20
N LEU A 54 -6.41 9.27 -3.21
CA LEU A 54 -5.05 9.79 -3.32
C LEU A 54 -4.53 9.59 -4.72
N VAL A 55 -4.46 10.65 -5.47
CA VAL A 55 -3.92 10.57 -6.80
C VAL A 55 -2.39 10.57 -6.71
N LEU A 56 -1.86 9.40 -6.52
CA LEU A 56 -0.44 9.23 -6.43
C LEU A 56 0.04 8.45 -7.63
N PRO A 57 0.55 9.14 -8.63
CA PRO A 57 1.04 8.51 -9.85
C PRO A 57 2.41 7.84 -9.64
N ILE A 58 3.04 7.43 -10.74
CA ILE A 58 4.35 6.76 -10.72
C ILE A 58 5.41 7.68 -10.08
N ARG A 59 5.16 8.97 -10.22
CA ARG A 59 6.05 10.00 -9.68
C ARG A 59 6.07 9.95 -8.14
N GLU A 60 5.04 9.38 -7.55
CA GLU A 60 4.95 9.27 -6.10
C GLU A 60 5.24 7.84 -5.65
N VAL A 61 4.56 6.89 -6.30
CA VAL A 61 4.65 5.47 -5.94
C VAL A 61 6.09 4.92 -6.03
N ARG A 62 6.88 5.49 -6.91
CA ARG A 62 8.25 5.03 -7.07
C ARG A 62 9.16 5.29 -5.85
N GLN A 63 8.85 6.28 -5.00
CA GLN A 63 9.71 6.53 -3.83
C GLN A 63 9.22 5.78 -2.64
N LEU A 64 8.14 5.07 -2.82
CA LEU A 64 7.62 4.25 -1.77
C LEU A 64 8.49 3.02 -1.68
N THR A 65 8.70 2.54 -0.51
CA THR A 65 9.47 1.36 -0.32
C THR A 65 8.53 0.22 -0.05
N LEU A 66 9.01 -1.00 -0.22
CA LEU A 66 8.20 -2.20 -0.13
C LEU A 66 7.30 -2.21 1.13
N ARG A 67 7.88 -1.98 2.29
CA ARG A 67 7.08 -2.01 3.51
C ARG A 67 6.48 -0.65 3.87
N LYS A 68 6.60 0.32 2.98
CA LYS A 68 5.95 1.59 3.22
C LYS A 68 4.53 1.51 2.72
N LEU A 69 4.31 0.66 1.73
CA LEU A 69 2.98 0.46 1.14
C LEU A 69 1.92 0.11 2.19
N GLN A 70 2.31 -0.72 3.13
CA GLN A 70 1.41 -1.19 4.17
C GLN A 70 1.35 -0.24 5.37
N GLU A 71 1.99 0.90 5.23
CA GLU A 71 1.96 1.92 6.27
C GLU A 71 1.06 3.05 5.78
N MET A 72 0.54 2.83 4.62
CA MET A 72 -0.34 3.75 3.95
C MET A 72 -1.34 2.93 3.17
N SER A 73 -1.62 1.76 3.71
CA SER A 73 -2.48 0.80 3.07
C SER A 73 -3.92 1.03 3.48
N SER A 74 -4.11 2.07 4.31
CA SER A 74 -5.43 2.56 4.74
C SER A 74 -5.99 1.73 5.88
N LYS A 75 -5.22 0.79 6.37
CA LYS A 75 -5.67 -0.04 7.45
C LYS A 75 -4.49 -0.54 8.24
N ALA A 76 -4.78 -1.14 9.35
CA ALA A 76 -3.80 -1.84 10.11
C ALA A 76 -3.92 -3.30 9.76
N GLY A 77 -5.17 -3.71 9.53
CA GLY A 77 -5.48 -5.05 9.11
C GLY A 77 -5.00 -6.07 10.09
N SER A 78 -4.53 -7.17 9.58
CA SER A 78 -4.02 -8.24 10.39
C SER A 78 -2.54 -8.04 10.76
N ASP A 79 -2.05 -6.82 10.66
CA ASP A 79 -0.68 -6.53 11.06
C ASP A 79 -0.65 -6.36 12.56
N THR A 80 -1.52 -5.50 13.03
CA THR A 80 -1.66 -5.26 14.41
C THR A 80 -3.10 -5.62 14.80
N GLU A 81 -3.25 -6.82 15.31
CA GLU A 81 -4.53 -7.39 15.66
C GLU A 81 -5.11 -6.75 16.90
N LEU A 82 -4.26 -6.42 17.84
CA LEU A 82 -4.70 -5.82 19.07
C LEU A 82 -4.93 -4.34 18.88
N ALA A 83 -6.18 -3.96 18.83
CA ALA A 83 -6.55 -2.57 18.70
C ALA A 83 -6.65 -1.97 20.09
N ALA A 84 -5.86 -0.93 20.32
CA ALA A 84 -5.76 -0.20 21.60
C ALA A 84 -5.00 -1.00 22.66
N PRO A 85 -3.91 -0.43 23.17
CA PRO A 85 -3.08 -1.09 24.19
C PRO A 85 -3.84 -1.29 25.50
N LYS A 86 -3.50 -2.35 26.19
CA LYS A 86 -4.11 -2.67 27.48
C LYS A 86 -3.46 -1.78 28.52
N SER A 87 -2.18 -1.55 28.34
CA SER A 87 -1.40 -0.66 29.13
C SER A 87 -0.31 -0.11 28.23
N LYS A 88 -0.22 1.21 28.17
CA LYS A 88 0.74 1.88 27.29
C LYS A 88 2.18 1.59 27.68
N ASN A 89 2.44 1.42 28.95
CA ASN A 89 3.77 1.11 29.39
C ASN A 89 3.91 -0.38 29.56
N GLY A 1 -10.20 -12.35 7.95
CA GLY A 1 -11.33 -11.43 7.95
C GLY A 1 -12.00 -11.45 6.61
N ASP A 2 -13.19 -10.89 6.53
CA ASP A 2 -13.93 -10.85 5.27
C ASP A 2 -13.53 -9.61 4.52
N GLY A 3 -14.05 -8.48 4.96
CA GLY A 3 -13.72 -7.23 4.37
C GLY A 3 -12.93 -6.40 5.34
N GLU A 4 -11.72 -6.12 5.00
CA GLU A 4 -10.85 -5.36 5.88
C GLU A 4 -10.96 -3.90 5.51
N ALA A 5 -10.32 -3.04 6.29
CA ALA A 5 -10.30 -1.64 5.96
C ALA A 5 -9.35 -1.45 4.80
N GLN A 6 -9.92 -1.40 3.58
CA GLN A 6 -9.17 -1.33 2.32
C GLN A 6 -8.43 -2.67 2.12
N ARG A 7 -7.21 -2.70 2.64
CA ARG A 7 -6.27 -3.81 2.68
C ARG A 7 -4.92 -3.14 2.86
N ASP A 8 -3.86 -3.88 2.90
CA ASP A 8 -2.56 -3.24 2.86
C ASP A 8 -2.18 -3.14 1.43
N LEU A 9 -1.57 -2.05 1.02
CA LEU A 9 -1.06 -1.95 -0.35
C LEU A 9 -0.02 -3.02 -0.60
N VAL A 10 0.66 -3.46 0.45
CA VAL A 10 1.60 -4.55 0.36
C VAL A 10 0.89 -5.84 -0.06
N LYS A 11 -0.35 -5.99 0.36
CA LYS A 11 -1.14 -7.17 0.04
C LYS A 11 -1.55 -7.18 -1.44
N ALA A 12 -1.30 -6.09 -2.13
CA ALA A 12 -1.60 -5.99 -3.54
C ALA A 12 -0.32 -5.84 -4.35
N VAL A 13 0.45 -4.81 -4.03
CA VAL A 13 1.68 -4.47 -4.75
C VAL A 13 2.72 -5.58 -4.60
N ALA A 14 2.92 -6.03 -3.38
CA ALA A 14 3.88 -7.08 -3.13
C ALA A 14 3.35 -8.39 -3.68
N HIS A 15 2.03 -8.52 -3.71
CA HIS A 15 1.36 -9.73 -4.19
C HIS A 15 1.56 -9.87 -5.71
N ILE A 16 1.68 -8.73 -6.40
CA ILE A 16 1.96 -8.67 -7.84
C ILE A 16 3.31 -9.33 -8.14
N LEU A 17 4.23 -9.19 -7.20
CA LEU A 17 5.57 -9.73 -7.32
C LEU A 17 5.61 -11.16 -6.77
N GLY A 18 4.87 -11.37 -5.71
CA GLY A 18 4.80 -12.67 -5.08
C GLY A 18 5.38 -12.65 -3.69
N ILE A 19 5.19 -11.55 -3.00
CA ILE A 19 5.67 -11.36 -1.66
C ILE A 19 4.59 -10.81 -0.75
N ARG A 20 4.74 -11.08 0.52
CA ARG A 20 3.83 -10.59 1.54
C ARG A 20 4.54 -10.65 2.88
N ASP A 21 5.19 -11.76 3.13
CA ASP A 21 5.92 -12.00 4.36
C ASP A 21 7.33 -11.55 4.23
N LEU A 22 7.77 -11.43 3.00
CA LEU A 22 9.10 -10.93 2.69
C LEU A 22 10.15 -11.80 3.33
N ALA A 23 10.34 -12.96 2.78
CA ALA A 23 11.27 -13.87 3.35
C ALA A 23 12.68 -13.58 2.81
N GLY A 24 13.26 -12.50 3.29
CA GLY A 24 14.59 -12.12 2.86
C GLY A 24 14.58 -11.28 1.61
N ILE A 25 13.62 -10.40 1.52
CA ILE A 25 13.53 -9.46 0.43
C ILE A 25 13.96 -8.13 0.98
N ASN A 26 14.71 -7.39 0.22
CA ASN A 26 15.23 -6.15 0.71
C ASN A 26 14.18 -5.07 0.61
N LEU A 27 13.80 -4.58 1.74
CA LEU A 27 12.74 -3.62 1.84
C LEU A 27 13.26 -2.21 1.69
N ASP A 28 14.53 -2.13 1.33
CA ASP A 28 15.19 -0.86 1.07
C ASP A 28 15.00 -0.53 -0.40
N SER A 29 14.53 -1.52 -1.14
CA SER A 29 14.33 -1.40 -2.55
C SER A 29 12.97 -0.79 -2.89
N SER A 30 13.01 0.26 -3.67
CA SER A 30 11.84 0.94 -4.17
C SER A 30 11.10 0.09 -5.22
N LEU A 31 9.85 0.45 -5.50
CA LEU A 31 9.03 -0.24 -6.49
C LEU A 31 9.73 -0.27 -7.84
N ALA A 32 10.42 0.82 -8.14
CA ALA A 32 11.18 0.94 -9.38
C ALA A 32 12.29 -0.10 -9.46
N ASP A 33 12.84 -0.44 -8.31
CA ASP A 33 13.94 -1.40 -8.25
C ASP A 33 13.41 -2.80 -8.52
N LEU A 34 12.29 -3.08 -7.89
CA LEU A 34 11.58 -4.35 -7.98
C LEU A 34 11.19 -4.66 -9.41
N GLY A 35 10.63 -3.69 -10.09
CA GLY A 35 10.24 -3.91 -11.46
C GLY A 35 9.11 -3.01 -11.91
N LEU A 36 8.78 -1.98 -11.14
CA LEU A 36 7.78 -1.04 -11.57
C LEU A 36 8.26 -0.21 -12.73
N ASP A 37 7.81 -0.60 -13.87
CA ASP A 37 8.02 0.13 -15.08
C ASP A 37 6.72 0.13 -15.88
N SER A 38 5.91 -0.91 -15.70
CA SER A 38 4.65 -1.01 -16.41
C SER A 38 3.40 -0.97 -15.48
N LEU A 39 2.98 -2.13 -15.00
CA LEU A 39 1.73 -2.31 -14.25
C LEU A 39 1.84 -1.98 -12.77
N MET A 40 3.01 -2.14 -12.21
CA MET A 40 3.27 -2.04 -10.75
C MET A 40 3.04 -0.65 -10.15
N GLY A 41 2.57 0.27 -10.95
CA GLY A 41 2.21 1.59 -10.47
C GLY A 41 0.77 1.90 -10.82
N VAL A 42 0.29 1.25 -11.87
CA VAL A 42 -1.04 1.48 -12.38
C VAL A 42 -2.07 0.95 -11.43
N GLU A 43 -1.95 -0.33 -11.07
CA GLU A 43 -2.92 -0.96 -10.20
C GLU A 43 -2.94 -0.28 -8.85
N VAL A 44 -1.77 0.17 -8.42
CA VAL A 44 -1.59 0.90 -7.16
C VAL A 44 -2.46 2.14 -7.19
N ARG A 45 -2.24 2.96 -8.17
CA ARG A 45 -2.99 4.17 -8.38
C ARG A 45 -4.49 3.87 -8.50
N GLN A 46 -4.81 2.75 -9.14
CA GLN A 46 -6.18 2.31 -9.32
C GLN A 46 -6.72 1.56 -8.07
N ILE A 47 -6.00 1.65 -6.97
CA ILE A 47 -6.46 1.17 -5.68
C ILE A 47 -6.73 2.38 -4.82
N LEU A 48 -5.75 3.24 -4.71
CA LEU A 48 -5.84 4.43 -3.89
C LEU A 48 -6.95 5.36 -4.34
N GLU A 49 -7.07 5.52 -5.64
CA GLU A 49 -8.07 6.39 -6.23
C GLU A 49 -9.40 5.62 -6.35
N ARG A 50 -9.32 4.30 -6.23
CA ARG A 50 -10.50 3.47 -6.39
C ARG A 50 -11.21 3.29 -5.04
N GLU A 51 -10.53 2.64 -4.11
CA GLU A 51 -11.11 2.30 -2.83
C GLU A 51 -11.36 3.56 -2.04
N HIS A 52 -10.43 4.49 -2.11
CA HIS A 52 -10.57 5.73 -1.40
C HIS A 52 -10.89 6.88 -2.32
N ASP A 53 -9.86 7.62 -2.70
CA ASP A 53 -9.99 8.86 -3.44
C ASP A 53 -8.61 9.49 -3.63
N LEU A 54 -7.56 8.74 -3.33
CA LEU A 54 -6.21 9.29 -3.35
C LEU A 54 -5.55 9.08 -4.69
N VAL A 55 -5.30 10.15 -5.38
CA VAL A 55 -4.57 10.06 -6.60
C VAL A 55 -3.12 10.19 -6.26
N LEU A 56 -2.50 9.07 -5.98
CA LEU A 56 -1.10 9.04 -5.68
C LEU A 56 -0.30 8.86 -6.95
N PRO A 57 0.44 9.88 -7.33
CA PRO A 57 1.22 9.90 -8.55
C PRO A 57 2.47 9.01 -8.49
N ILE A 58 3.03 8.74 -9.65
CA ILE A 58 4.17 7.85 -9.78
C ILE A 58 5.41 8.46 -9.13
N ARG A 59 5.49 9.79 -9.13
CA ARG A 59 6.60 10.51 -8.50
C ARG A 59 6.59 10.37 -6.98
N GLU A 60 5.55 9.76 -6.45
CA GLU A 60 5.47 9.34 -5.07
C GLU A 60 5.61 7.82 -5.00
N VAL A 61 4.66 7.15 -5.65
CA VAL A 61 4.50 5.68 -5.66
C VAL A 61 5.77 4.90 -6.03
N ARG A 62 6.42 5.27 -7.13
CA ARG A 62 7.55 4.48 -7.66
C ARG A 62 8.74 4.39 -6.69
N GLN A 63 8.86 5.38 -5.85
CA GLN A 63 9.98 5.52 -4.95
C GLN A 63 9.70 4.78 -3.67
N LEU A 64 8.45 4.39 -3.47
CA LEU A 64 8.05 3.69 -2.28
C LEU A 64 8.72 2.36 -2.21
N THR A 65 9.20 2.05 -1.06
CA THR A 65 9.81 0.80 -0.82
C THR A 65 8.71 -0.18 -0.46
N LEU A 66 8.97 -1.46 -0.67
CA LEU A 66 7.99 -2.52 -0.54
C LEU A 66 7.11 -2.40 0.75
N ARG A 67 7.70 -2.21 1.89
CA ARG A 67 6.93 -2.14 3.12
C ARG A 67 6.47 -0.75 3.47
N LYS A 68 6.83 0.21 2.65
CA LYS A 68 6.35 1.57 2.84
C LYS A 68 4.94 1.64 2.27
N LEU A 69 4.63 0.72 1.37
CA LEU A 69 3.29 0.60 0.76
C LEU A 69 2.18 0.44 1.80
N GLN A 70 2.43 -0.28 2.87
CA GLN A 70 1.39 -0.47 3.89
C GLN A 70 1.33 0.70 4.87
N GLU A 71 2.27 1.60 4.75
CA GLU A 71 2.29 2.78 5.59
C GLU A 71 1.60 3.92 4.83
N MET A 72 1.73 3.87 3.51
CA MET A 72 1.10 4.84 2.61
C MET A 72 -0.11 4.20 1.96
N SER A 73 -0.70 3.27 2.67
CA SER A 73 -1.79 2.49 2.16
C SER A 73 -3.08 3.29 2.32
N SER A 74 -3.22 3.95 3.47
CA SER A 74 -4.37 4.78 3.79
C SER A 74 -5.64 3.94 3.89
N LYS A 75 -5.80 3.28 5.03
CA LYS A 75 -6.97 2.48 5.28
C LYS A 75 -7.99 3.37 5.96
N ALA A 76 -7.51 4.08 6.96
CA ALA A 76 -8.30 5.00 7.75
C ALA A 76 -7.39 5.71 8.71
N GLY A 77 -7.43 7.02 8.69
CA GLY A 77 -6.68 7.78 9.65
C GLY A 77 -7.57 7.99 10.84
N SER A 78 -8.37 9.04 10.77
CA SER A 78 -9.43 9.32 11.72
C SER A 78 -8.96 9.38 13.20
N ASP A 79 -7.72 9.81 13.45
CA ASP A 79 -7.25 9.97 14.84
C ASP A 79 -7.85 11.22 15.44
N THR A 80 -8.25 12.09 14.56
CA THR A 80 -8.84 13.35 14.86
C THR A 80 -10.33 13.23 15.30
N GLU A 81 -10.80 12.01 15.43
CA GLU A 81 -12.12 11.73 15.90
C GLU A 81 -12.04 10.68 16.99
N LEU A 82 -12.50 11.03 18.16
CA LEU A 82 -12.43 10.16 19.31
C LEU A 82 -13.83 9.79 19.78
N ALA A 83 -14.75 10.71 19.63
CA ALA A 83 -16.15 10.49 19.99
C ALA A 83 -16.95 10.27 18.72
N ALA A 84 -16.28 9.71 17.74
CA ALA A 84 -16.86 9.39 16.46
C ALA A 84 -17.89 8.30 16.64
N PRO A 85 -19.05 8.43 16.00
CA PRO A 85 -20.12 7.46 16.11
C PRO A 85 -19.77 6.18 15.35
N LYS A 86 -20.10 5.04 15.93
CA LYS A 86 -19.83 3.75 15.28
C LYS A 86 -20.71 3.57 14.06
N SER A 87 -21.87 4.23 14.08
CA SER A 87 -22.86 4.17 13.03
C SER A 87 -23.48 2.78 12.96
N LYS A 88 -24.56 2.63 13.68
CA LYS A 88 -25.21 1.36 13.87
C LYS A 88 -26.13 0.98 12.71
N ASN A 89 -26.72 -0.19 12.81
CA ASN A 89 -27.57 -0.71 11.76
C ASN A 89 -28.83 -1.27 12.39
N GLY A 1 -18.79 7.95 3.44
CA GLY A 1 -18.44 7.57 4.80
C GLY A 1 -17.30 6.60 4.77
N ASP A 2 -17.24 5.75 5.76
CA ASP A 2 -16.20 4.75 5.83
C ASP A 2 -16.79 3.42 5.52
N GLY A 3 -16.82 3.11 4.26
CA GLY A 3 -17.39 1.86 3.82
C GLY A 3 -16.37 1.01 3.13
N GLU A 4 -15.56 1.64 2.29
CA GLU A 4 -14.56 0.94 1.52
C GLU A 4 -13.46 0.42 2.46
N ALA A 5 -13.40 -0.87 2.61
CA ALA A 5 -12.40 -1.48 3.41
C ALA A 5 -11.14 -1.58 2.57
N GLN A 6 -10.20 -0.75 2.89
CA GLN A 6 -8.97 -0.68 2.16
C GLN A 6 -8.17 -1.94 2.45
N ARG A 7 -7.71 -2.57 1.40
CA ARG A 7 -6.86 -3.73 1.52
C ARG A 7 -5.48 -3.29 1.98
N ASP A 8 -4.66 -4.23 2.33
CA ASP A 8 -3.31 -3.89 2.64
C ASP A 8 -2.55 -3.79 1.33
N LEU A 9 -1.79 -2.74 1.16
CA LEU A 9 -1.13 -2.50 -0.10
C LEU A 9 0.02 -3.46 -0.38
N VAL A 10 0.52 -4.10 0.64
CA VAL A 10 1.56 -5.08 0.46
C VAL A 10 0.93 -6.37 -0.03
N LYS A 11 -0.31 -6.56 0.31
CA LYS A 11 -1.06 -7.71 -0.13
C LYS A 11 -1.63 -7.46 -1.53
N ALA A 12 -1.24 -6.36 -2.10
CA ALA A 12 -1.61 -5.99 -3.43
C ALA A 12 -0.36 -5.86 -4.29
N VAL A 13 0.42 -4.80 -4.03
CA VAL A 13 1.60 -4.46 -4.82
C VAL A 13 2.65 -5.55 -4.73
N ALA A 14 2.97 -5.94 -3.52
CA ALA A 14 3.96 -6.97 -3.31
C ALA A 14 3.43 -8.30 -3.81
N HIS A 15 2.14 -8.50 -3.68
CA HIS A 15 1.48 -9.73 -4.11
C HIS A 15 1.55 -9.88 -5.65
N ILE A 16 1.69 -8.75 -6.35
CA ILE A 16 1.90 -8.77 -7.80
C ILE A 16 3.24 -9.44 -8.11
N LEU A 17 4.26 -9.07 -7.34
CA LEU A 17 5.60 -9.66 -7.48
C LEU A 17 5.63 -11.06 -6.89
N GLY A 18 4.74 -11.33 -5.98
CA GLY A 18 4.65 -12.62 -5.35
C GLY A 18 5.20 -12.61 -3.95
N ILE A 19 5.35 -11.42 -3.41
CA ILE A 19 5.86 -11.24 -2.07
C ILE A 19 4.78 -10.83 -1.08
N ARG A 20 4.92 -11.31 0.11
CA ARG A 20 4.02 -11.03 1.22
C ARG A 20 4.81 -11.12 2.51
N ASP A 21 5.57 -12.18 2.61
CA ASP A 21 6.39 -12.45 3.77
C ASP A 21 7.62 -11.62 3.72
N LEU A 22 8.13 -11.43 2.50
CA LEU A 22 9.30 -10.58 2.25
C LEU A 22 10.55 -11.12 2.90
N ALA A 23 10.56 -12.42 3.10
CA ALA A 23 11.64 -13.07 3.78
C ALA A 23 12.88 -13.16 2.90
N GLY A 24 13.66 -12.09 2.88
CA GLY A 24 14.83 -12.06 2.08
C GLY A 24 14.85 -10.89 1.13
N ILE A 25 13.75 -10.19 1.07
CA ILE A 25 13.63 -9.09 0.13
C ILE A 25 14.15 -7.82 0.78
N ASN A 26 14.77 -7.00 -0.02
CA ASN A 26 15.33 -5.76 0.46
C ASN A 26 14.25 -4.71 0.55
N LEU A 27 13.78 -4.48 1.77
CA LEU A 27 12.69 -3.53 2.04
C LEU A 27 13.22 -2.10 2.08
N ASP A 28 14.51 -1.99 1.92
CA ASP A 28 15.18 -0.70 1.85
C ASP A 28 15.26 -0.24 0.37
N SER A 29 14.72 -1.06 -0.50
CA SER A 29 14.68 -0.77 -1.91
C SER A 29 13.44 0.02 -2.25
N SER A 30 13.56 0.91 -3.20
CA SER A 30 12.45 1.70 -3.65
C SER A 30 11.60 0.82 -4.57
N LEU A 31 10.36 1.22 -4.83
CA LEU A 31 9.50 0.45 -5.73
C LEU A 31 10.10 0.44 -7.13
N ALA A 32 10.88 1.47 -7.42
CA ALA A 32 11.58 1.57 -8.68
C ALA A 32 12.78 0.60 -8.71
N ASP A 33 13.30 0.25 -7.54
CA ASP A 33 14.41 -0.71 -7.46
C ASP A 33 13.89 -2.09 -7.77
N LEU A 34 12.67 -2.31 -7.37
CA LEU A 34 11.95 -3.53 -7.67
C LEU A 34 11.60 -3.54 -9.14
N GLY A 35 11.15 -2.39 -9.59
CA GLY A 35 10.84 -2.22 -10.97
C GLY A 35 9.37 -2.31 -11.21
N LEU A 36 8.68 -1.22 -10.97
CA LEU A 36 7.27 -1.20 -11.24
C LEU A 36 7.11 -1.00 -12.74
N ASP A 37 6.58 -1.99 -13.40
CA ASP A 37 6.46 -1.94 -14.86
C ASP A 37 5.45 -0.93 -15.27
N SER A 38 4.22 -1.21 -14.97
CA SER A 38 3.14 -0.33 -15.29
C SER A 38 1.95 -0.71 -14.43
N LEU A 39 1.70 -2.03 -14.31
CA LEU A 39 0.60 -2.51 -13.48
C LEU A 39 0.79 -2.05 -12.05
N MET A 40 2.01 -2.16 -11.55
CA MET A 40 2.37 -1.69 -10.19
C MET A 40 2.45 -0.15 -10.11
N GLY A 41 1.72 0.49 -10.98
CA GLY A 41 1.59 1.90 -11.01
C GLY A 41 0.15 2.26 -11.31
N VAL A 42 -0.45 1.53 -12.24
CA VAL A 42 -1.84 1.76 -12.62
C VAL A 42 -2.78 1.13 -11.61
N GLU A 43 -2.55 -0.14 -11.30
CA GLU A 43 -3.42 -0.87 -10.39
C GLU A 43 -3.36 -0.26 -9.00
N VAL A 44 -2.17 0.25 -8.66
CA VAL A 44 -1.96 0.93 -7.40
C VAL A 44 -2.88 2.15 -7.33
N ARG A 45 -2.85 2.95 -8.38
CA ARG A 45 -3.70 4.11 -8.51
C ARG A 45 -5.17 3.72 -8.41
N GLN A 46 -5.54 2.68 -9.13
CA GLN A 46 -6.93 2.21 -9.16
C GLN A 46 -7.41 1.76 -7.76
N ILE A 47 -6.50 1.37 -6.90
CA ILE A 47 -6.86 1.02 -5.55
C ILE A 47 -7.00 2.30 -4.71
N LEU A 48 -5.93 3.04 -4.64
CA LEU A 48 -5.86 4.23 -3.79
C LEU A 48 -6.82 5.36 -4.22
N GLU A 49 -6.85 5.66 -5.50
CA GLU A 49 -7.68 6.72 -6.06
C GLU A 49 -9.15 6.41 -5.82
N ARG A 50 -9.53 5.21 -6.19
CA ARG A 50 -10.92 4.82 -6.22
C ARG A 50 -11.47 4.43 -4.87
N GLU A 51 -10.62 4.12 -3.91
CA GLU A 51 -11.14 3.71 -2.62
C GLU A 51 -10.93 4.74 -1.51
N HIS A 52 -9.88 5.53 -1.58
CA HIS A 52 -9.67 6.54 -0.53
C HIS A 52 -9.25 7.88 -1.06
N ASP A 53 -9.32 8.04 -2.38
CA ASP A 53 -8.98 9.29 -3.05
C ASP A 53 -7.52 9.69 -2.79
N LEU A 54 -6.64 8.89 -3.33
CA LEU A 54 -5.20 9.11 -3.31
C LEU A 54 -4.65 8.87 -4.70
N VAL A 55 -4.37 9.92 -5.41
CA VAL A 55 -3.83 9.78 -6.74
C VAL A 55 -2.33 10.01 -6.71
N LEU A 56 -1.59 8.93 -6.70
CA LEU A 56 -0.15 9.04 -6.71
C LEU A 56 0.34 8.65 -8.12
N PRO A 57 0.76 9.62 -8.92
CA PRO A 57 1.12 9.43 -10.37
C PRO A 57 2.46 8.73 -10.64
N ILE A 58 2.85 7.79 -9.81
CA ILE A 58 4.07 6.96 -10.00
C ILE A 58 5.31 7.65 -9.53
N ARG A 59 5.43 8.93 -9.83
CA ARG A 59 6.57 9.73 -9.36
C ARG A 59 6.59 9.82 -7.84
N GLU A 60 5.46 9.54 -7.22
CA GLU A 60 5.34 9.52 -5.78
C GLU A 60 5.05 8.08 -5.30
N VAL A 61 5.25 7.13 -6.19
CA VAL A 61 5.01 5.71 -5.90
C VAL A 61 6.31 4.94 -5.99
N ARG A 62 7.17 5.33 -6.93
CA ARG A 62 8.44 4.65 -7.18
C ARG A 62 9.39 4.63 -5.98
N GLN A 63 9.13 5.46 -5.01
CA GLN A 63 10.01 5.56 -3.88
C GLN A 63 9.44 4.81 -2.68
N LEU A 64 8.28 4.21 -2.86
CA LEU A 64 7.65 3.44 -1.80
C LEU A 64 8.40 2.13 -1.63
N THR A 65 9.02 1.97 -0.49
CA THR A 65 9.91 0.88 -0.19
C THR A 65 9.22 -0.45 0.14
N LEU A 66 8.25 -0.82 -0.70
CA LEU A 66 7.47 -2.07 -0.59
C LEU A 66 6.64 -2.09 0.70
N ARG A 67 7.29 -2.09 1.83
CA ARG A 67 6.62 -2.09 3.10
C ARG A 67 6.12 -0.72 3.49
N LYS A 68 6.56 0.28 2.74
CA LYS A 68 6.03 1.62 2.94
C LYS A 68 4.61 1.66 2.40
N LEU A 69 4.31 0.69 1.55
CA LEU A 69 2.94 0.48 1.04
C LEU A 69 1.94 0.23 2.18
N GLN A 70 2.37 -0.47 3.24
CA GLN A 70 1.47 -0.70 4.40
C GLN A 70 1.54 0.44 5.39
N GLU A 71 2.25 1.47 5.01
CA GLU A 71 2.36 2.70 5.76
C GLU A 71 1.46 3.74 5.09
N MET A 72 1.41 3.67 3.79
CA MET A 72 0.61 4.59 2.98
C MET A 72 -0.61 3.87 2.46
N SER A 73 -1.03 2.88 3.22
CA SER A 73 -2.12 2.02 2.86
C SER A 73 -3.47 2.73 2.96
N SER A 74 -3.54 3.73 3.83
CA SER A 74 -4.75 4.53 4.05
C SER A 74 -5.90 3.65 4.60
N LYS A 75 -5.77 3.26 5.85
CA LYS A 75 -6.77 2.47 6.52
C LYS A 75 -7.37 3.29 7.64
N ALA A 76 -8.55 2.95 8.06
CA ALA A 76 -9.20 3.68 9.14
C ALA A 76 -9.09 2.93 10.43
N GLY A 77 -8.62 3.57 11.45
CA GLY A 77 -8.54 2.96 12.75
C GLY A 77 -9.32 3.76 13.76
N SER A 78 -10.28 4.49 13.28
CA SER A 78 -11.09 5.32 14.13
C SER A 78 -12.57 5.10 13.88
N ASP A 79 -13.20 4.39 14.79
CA ASP A 79 -14.64 4.13 14.75
C ASP A 79 -15.35 5.35 15.24
N THR A 80 -14.86 5.86 16.33
CA THR A 80 -15.36 7.04 16.91
C THR A 80 -14.33 8.14 16.69
N GLU A 81 -14.67 9.08 15.85
CA GLU A 81 -13.77 10.16 15.48
C GLU A 81 -13.53 11.09 16.66
N LEU A 82 -12.55 11.93 16.55
CA LEU A 82 -12.17 12.78 17.62
C LEU A 82 -13.00 14.04 17.61
N ALA A 83 -13.59 14.32 18.74
CA ALA A 83 -14.36 15.53 18.94
C ALA A 83 -13.39 16.61 19.37
N ALA A 84 -12.21 16.16 19.74
CA ALA A 84 -11.09 17.03 20.00
C ALA A 84 -10.48 17.35 18.65
N PRO A 85 -10.17 18.64 18.38
CA PRO A 85 -9.67 19.11 17.07
C PRO A 85 -8.60 18.20 16.45
N LYS A 86 -8.96 17.51 15.39
CA LYS A 86 -8.04 16.64 14.70
C LYS A 86 -7.39 17.39 13.56
N SER A 87 -8.14 18.27 12.97
CA SER A 87 -7.67 19.17 11.95
C SER A 87 -8.42 20.48 12.09
N LYS A 88 -8.26 21.11 13.27
CA LYS A 88 -9.02 22.28 13.72
C LYS A 88 -10.41 21.84 14.18
N ASN A 89 -11.02 20.99 13.40
CA ASN A 89 -12.26 20.37 13.72
C ASN A 89 -12.09 18.90 13.42
N GLY A 1 -18.75 -3.31 4.76
CA GLY A 1 -17.33 -3.53 5.05
C GLY A 1 -16.77 -2.40 5.86
N ASP A 2 -16.37 -2.69 7.07
CA ASP A 2 -15.82 -1.66 7.95
C ASP A 2 -14.35 -1.85 8.18
N GLY A 3 -13.99 -2.90 8.85
CA GLY A 3 -12.61 -3.18 9.07
C GLY A 3 -12.07 -4.03 7.97
N GLU A 4 -12.58 -5.23 7.91
CA GLU A 4 -12.17 -6.20 6.92
C GLU A 4 -12.98 -5.99 5.66
N ALA A 5 -12.38 -5.31 4.72
CA ALA A 5 -12.98 -4.99 3.43
C ALA A 5 -11.90 -4.42 2.56
N GLN A 6 -11.13 -3.55 3.16
CA GLN A 6 -10.03 -2.96 2.51
C GLN A 6 -8.81 -3.67 3.04
N ARG A 7 -7.76 -3.72 2.27
CA ARG A 7 -6.58 -4.41 2.69
C ARG A 7 -5.41 -3.48 2.71
N ASP A 8 -4.35 -3.91 3.29
CA ASP A 8 -3.16 -3.11 3.27
C ASP A 8 -2.39 -3.42 2.04
N LEU A 9 -1.67 -2.47 1.54
CA LEU A 9 -1.08 -2.54 0.21
C LEU A 9 -0.11 -3.69 -0.01
N VAL A 10 0.49 -4.21 1.04
CA VAL A 10 1.40 -5.36 0.90
C VAL A 10 0.59 -6.64 0.59
N LYS A 11 -0.67 -6.58 0.86
CA LYS A 11 -1.57 -7.68 0.63
C LYS A 11 -2.20 -7.55 -0.75
N ALA A 12 -1.74 -6.59 -1.52
CA ALA A 12 -2.24 -6.33 -2.86
C ALA A 12 -1.08 -6.08 -3.82
N VAL A 13 -0.40 -4.95 -3.63
CA VAL A 13 0.71 -4.48 -4.47
C VAL A 13 1.83 -5.50 -4.52
N ALA A 14 2.16 -6.06 -3.38
CA ALA A 14 3.23 -7.01 -3.28
C ALA A 14 2.92 -8.29 -4.08
N HIS A 15 1.64 -8.57 -4.32
CA HIS A 15 1.25 -9.74 -5.12
C HIS A 15 1.68 -9.60 -6.56
N ILE A 16 1.87 -8.36 -7.01
CA ILE A 16 2.31 -8.10 -8.38
C ILE A 16 3.77 -8.58 -8.53
N LEU A 17 4.49 -8.55 -7.43
CA LEU A 17 5.88 -8.98 -7.42
C LEU A 17 6.00 -10.42 -6.94
N GLY A 18 4.90 -10.96 -6.44
CA GLY A 18 4.92 -12.32 -5.91
C GLY A 18 5.38 -12.35 -4.47
N ILE A 19 5.10 -11.30 -3.75
CA ILE A 19 5.49 -11.18 -2.39
C ILE A 19 4.35 -10.75 -1.51
N ARG A 20 4.66 -10.68 -0.23
CA ARG A 20 3.79 -10.23 0.86
C ARG A 20 4.51 -10.58 2.13
N ASP A 21 5.20 -11.71 2.05
CA ASP A 21 6.01 -12.22 3.14
C ASP A 21 7.21 -11.31 3.37
N LEU A 22 7.96 -10.99 2.28
CA LEU A 22 9.13 -10.10 2.35
C LEU A 22 10.28 -10.73 3.11
N ALA A 23 10.29 -12.05 3.16
CA ALA A 23 11.29 -12.77 3.93
C ALA A 23 12.67 -12.77 3.28
N GLY A 24 12.73 -12.26 2.09
CA GLY A 24 13.99 -12.18 1.39
C GLY A 24 13.97 -11.10 0.36
N ILE A 25 13.35 -9.99 0.70
CA ILE A 25 13.24 -8.86 -0.20
C ILE A 25 13.76 -7.63 0.53
N ASN A 26 14.26 -6.67 -0.20
CA ASN A 26 14.75 -5.44 0.39
C ASN A 26 13.60 -4.52 0.69
N LEU A 27 13.67 -3.88 1.82
CA LEU A 27 12.68 -2.93 2.25
C LEU A 27 13.23 -1.52 2.09
N ASP A 28 14.49 -1.42 1.76
CA ASP A 28 15.15 -0.11 1.60
C ASP A 28 15.16 0.35 0.16
N SER A 29 14.99 -0.59 -0.74
CA SER A 29 15.02 -0.32 -2.16
C SER A 29 13.71 0.31 -2.63
N SER A 30 13.82 1.20 -3.59
CA SER A 30 12.66 1.83 -4.19
C SER A 30 11.83 0.78 -4.95
N LEU A 31 10.53 1.01 -5.01
CA LEU A 31 9.58 0.13 -5.69
C LEU A 31 9.94 0.00 -7.16
N ALA A 32 10.61 1.01 -7.68
CA ALA A 32 11.06 1.01 -9.05
C ALA A 32 12.19 0.00 -9.25
N ASP A 33 12.96 -0.20 -8.22
CA ASP A 33 14.09 -1.12 -8.25
C ASP A 33 13.57 -2.54 -8.16
N LEU A 34 12.45 -2.66 -7.48
CA LEU A 34 11.80 -3.94 -7.27
C LEU A 34 11.15 -4.42 -8.55
N GLY A 35 10.47 -3.52 -9.24
CA GLY A 35 9.84 -3.90 -10.50
C GLY A 35 8.82 -2.91 -11.04
N LEU A 36 8.62 -1.78 -10.37
CA LEU A 36 7.68 -0.80 -10.87
C LEU A 36 8.25 0.11 -11.94
N ASP A 37 7.85 -0.19 -13.15
CA ASP A 37 8.17 0.63 -14.29
C ASP A 37 6.89 1.26 -14.80
N SER A 38 5.78 0.51 -14.73
CA SER A 38 4.52 0.99 -15.23
C SER A 38 3.31 0.34 -14.51
N LEU A 39 3.10 -0.96 -14.76
CA LEU A 39 1.93 -1.70 -14.26
C LEU A 39 1.71 -1.54 -12.77
N MET A 40 2.78 -1.59 -11.98
CA MET A 40 2.66 -1.49 -10.54
C MET A 40 2.03 -0.21 -10.12
N GLY A 41 2.39 0.87 -10.76
CA GLY A 41 1.85 2.16 -10.41
C GLY A 41 0.40 2.26 -10.79
N VAL A 42 0.05 1.58 -11.85
CA VAL A 42 -1.33 1.52 -12.32
C VAL A 42 -2.15 0.74 -11.31
N GLU A 43 -1.65 -0.41 -10.95
CA GLU A 43 -2.31 -1.29 -10.02
C GLU A 43 -2.50 -0.56 -8.67
N VAL A 44 -1.47 0.16 -8.27
CA VAL A 44 -1.47 0.95 -7.02
C VAL A 44 -2.52 2.05 -7.10
N ARG A 45 -2.54 2.77 -8.21
CA ARG A 45 -3.49 3.86 -8.41
C ARG A 45 -4.92 3.39 -8.32
N GLN A 46 -5.22 2.26 -8.94
CA GLN A 46 -6.59 1.71 -8.93
C GLN A 46 -7.00 1.30 -7.51
N ILE A 47 -6.06 1.23 -6.62
CA ILE A 47 -6.34 0.97 -5.24
C ILE A 47 -6.55 2.31 -4.54
N LEU A 48 -5.49 3.08 -4.42
CA LEU A 48 -5.50 4.32 -3.65
C LEU A 48 -6.48 5.38 -4.19
N GLU A 49 -6.56 5.53 -5.50
CA GLU A 49 -7.42 6.53 -6.14
C GLU A 49 -8.89 6.16 -6.00
N ARG A 50 -9.14 4.90 -5.80
CA ARG A 50 -10.46 4.35 -5.72
C ARG A 50 -10.93 4.17 -4.27
N GLU A 51 -10.01 3.81 -3.40
CA GLU A 51 -10.37 3.55 -2.02
C GLU A 51 -10.30 4.80 -1.15
N HIS A 52 -9.25 5.57 -1.27
CA HIS A 52 -9.08 6.70 -0.37
C HIS A 52 -9.06 8.03 -1.14
N ASP A 53 -9.38 7.94 -2.46
CA ASP A 53 -9.36 9.11 -3.39
C ASP A 53 -7.95 9.66 -3.54
N LEU A 54 -6.99 8.86 -3.20
CA LEU A 54 -5.61 9.26 -3.14
C LEU A 54 -4.92 9.07 -4.48
N VAL A 55 -4.56 10.15 -5.10
CA VAL A 55 -3.89 10.11 -6.36
C VAL A 55 -2.38 10.04 -6.14
N LEU A 56 -1.83 8.87 -6.34
CA LEU A 56 -0.40 8.65 -6.25
C LEU A 56 0.12 8.24 -7.61
N PRO A 57 0.76 9.12 -8.34
CA PRO A 57 1.33 8.81 -9.65
C PRO A 57 2.60 7.98 -9.49
N ILE A 58 3.08 7.40 -10.59
CA ILE A 58 4.27 6.53 -10.58
C ILE A 58 5.49 7.35 -10.14
N ARG A 59 5.42 8.66 -10.38
CA ARG A 59 6.47 9.59 -9.99
C ARG A 59 6.68 9.59 -8.47
N GLU A 60 5.64 9.25 -7.73
CA GLU A 60 5.70 9.17 -6.28
C GLU A 60 5.75 7.73 -5.81
N VAL A 61 4.94 6.89 -6.43
CA VAL A 61 4.84 5.46 -6.08
C VAL A 61 6.20 4.75 -6.24
N ARG A 62 7.03 5.23 -7.15
CA ARG A 62 8.34 4.63 -7.38
C ARG A 62 9.29 4.68 -6.18
N GLN A 63 9.05 5.59 -5.24
CA GLN A 63 9.94 5.70 -4.09
C GLN A 63 9.34 5.06 -2.88
N LEU A 64 8.22 4.39 -3.07
CA LEU A 64 7.68 3.60 -2.02
C LEU A 64 8.55 2.37 -1.98
N THR A 65 8.61 1.70 -0.90
CA THR A 65 9.44 0.54 -0.86
C THR A 65 8.60 -0.70 -0.98
N LEU A 66 8.28 -1.29 0.11
CA LEU A 66 7.40 -2.40 0.10
C LEU A 66 6.61 -2.38 1.37
N ARG A 67 7.27 -2.37 2.50
CA ARG A 67 6.55 -2.28 3.76
C ARG A 67 6.10 -0.84 4.03
N LYS A 68 6.56 0.08 3.19
CA LYS A 68 6.05 1.44 3.24
C LYS A 68 4.64 1.46 2.66
N LEU A 69 4.31 0.42 1.90
CA LEU A 69 2.98 0.27 1.32
C LEU A 69 1.95 0.04 2.41
N GLN A 70 2.38 -0.43 3.56
CA GLN A 70 1.50 -0.61 4.71
C GLN A 70 1.52 0.61 5.64
N GLU A 71 2.20 1.66 5.20
CA GLU A 71 2.16 2.93 5.89
C GLU A 71 1.43 3.94 4.98
N MET A 72 1.52 3.69 3.69
CA MET A 72 0.82 4.47 2.68
C MET A 72 -0.48 3.78 2.30
N SER A 73 -0.83 2.74 3.06
CA SER A 73 -1.98 1.92 2.77
C SER A 73 -3.31 2.64 3.04
N SER A 74 -3.19 3.79 3.71
CA SER A 74 -4.26 4.73 3.97
C SER A 74 -5.48 4.09 4.67
N LYS A 75 -5.41 4.02 5.98
CA LYS A 75 -6.48 3.44 6.74
C LYS A 75 -7.01 4.37 7.77
N ALA A 76 -8.29 4.59 7.74
CA ALA A 76 -8.95 5.27 8.81
C ALA A 76 -9.28 4.21 9.85
N GLY A 77 -8.24 3.76 10.52
CA GLY A 77 -8.33 2.64 11.41
C GLY A 77 -9.12 2.94 12.65
N SER A 78 -9.97 2.02 13.00
CA SER A 78 -10.72 2.12 14.21
C SER A 78 -9.85 1.62 15.35
N ASP A 79 -9.36 2.54 16.13
CA ASP A 79 -8.47 2.21 17.22
C ASP A 79 -9.26 1.73 18.41
N THR A 80 -9.81 2.66 19.17
CA THR A 80 -10.54 2.39 20.39
C THR A 80 -9.71 1.55 21.38
N GLU A 81 -8.91 2.22 22.17
CA GLU A 81 -8.13 1.55 23.19
C GLU A 81 -9.05 0.94 24.23
N LEU A 82 -8.88 -0.33 24.47
CA LEU A 82 -9.76 -1.05 25.35
C LEU A 82 -9.41 -0.84 26.81
N ALA A 83 -10.43 -0.71 27.59
CA ALA A 83 -10.31 -0.59 29.01
C ALA A 83 -10.76 -1.90 29.61
N ALA A 84 -9.85 -2.61 30.19
CA ALA A 84 -10.16 -3.89 30.74
C ALA A 84 -10.10 -3.83 32.25
N PRO A 85 -11.21 -4.11 32.93
CA PRO A 85 -11.28 -4.13 34.39
C PRO A 85 -10.87 -5.49 34.96
N LYS A 86 -10.00 -6.17 34.25
CA LYS A 86 -9.51 -7.46 34.66
C LYS A 86 -8.43 -7.26 35.71
N SER A 87 -7.47 -6.45 35.37
CA SER A 87 -6.43 -6.09 36.27
C SER A 87 -6.37 -4.56 36.26
N LYS A 88 -6.67 -3.95 37.39
CA LYS A 88 -6.77 -2.49 37.50
C LYS A 88 -5.48 -1.75 37.13
N ASN A 89 -4.41 -2.07 37.85
CA ASN A 89 -3.16 -1.31 37.83
C ASN A 89 -3.33 -0.06 38.67
N GLY A 1 -22.73 -3.84 -2.42
CA GLY A 1 -22.80 -3.44 -3.82
C GLY A 1 -21.52 -2.79 -4.24
N ASP A 2 -20.57 -3.59 -4.63
CA ASP A 2 -19.24 -3.14 -4.98
C ASP A 2 -18.53 -4.23 -5.69
N GLY A 3 -17.62 -3.88 -6.55
CA GLY A 3 -16.84 -4.85 -7.23
C GLY A 3 -15.62 -5.20 -6.42
N GLU A 4 -15.21 -4.28 -5.59
CA GLU A 4 -14.06 -4.47 -4.75
C GLU A 4 -14.12 -3.57 -3.53
N ALA A 5 -13.55 -4.05 -2.47
CA ALA A 5 -13.28 -3.28 -1.30
C ALA A 5 -11.82 -2.90 -1.39
N GLN A 6 -11.36 -1.96 -0.62
CA GLN A 6 -9.98 -1.61 -0.72
C GLN A 6 -9.12 -2.64 0.00
N ARG A 7 -8.20 -3.23 -0.72
CA ARG A 7 -7.29 -4.20 -0.15
C ARG A 7 -6.03 -3.46 0.30
N ASP A 8 -5.05 -4.20 0.74
CA ASP A 8 -3.80 -3.58 1.13
C ASP A 8 -2.87 -3.51 -0.08
N LEU A 9 -1.93 -2.60 -0.05
CA LEU A 9 -1.04 -2.41 -1.18
C LEU A 9 0.08 -3.46 -1.22
N VAL A 10 0.44 -4.01 -0.08
CA VAL A 10 1.44 -5.07 -0.04
C VAL A 10 0.78 -6.37 -0.51
N LYS A 11 -0.50 -6.44 -0.30
CA LYS A 11 -1.30 -7.56 -0.76
C LYS A 11 -1.60 -7.43 -2.26
N ALA A 12 -1.06 -6.39 -2.87
CA ALA A 12 -1.20 -6.16 -4.29
C ALA A 12 0.18 -6.12 -4.93
N VAL A 13 0.94 -5.07 -4.62
CA VAL A 13 2.27 -4.82 -5.22
C VAL A 13 3.23 -5.94 -4.89
N ALA A 14 3.30 -6.27 -3.62
CA ALA A 14 4.18 -7.31 -3.17
C ALA A 14 3.68 -8.66 -3.66
N HIS A 15 2.37 -8.81 -3.78
CA HIS A 15 1.76 -10.05 -4.25
C HIS A 15 2.19 -10.31 -5.70
N ILE A 16 2.31 -9.24 -6.48
CA ILE A 16 2.80 -9.29 -7.86
C ILE A 16 4.24 -9.84 -7.91
N LEU A 17 5.03 -9.46 -6.94
CA LEU A 17 6.44 -9.86 -6.89
C LEU A 17 6.64 -11.20 -6.20
N GLY A 18 5.58 -11.74 -5.63
CA GLY A 18 5.66 -12.99 -4.93
C GLY A 18 6.15 -12.82 -3.50
N ILE A 19 5.87 -11.69 -2.93
CA ILE A 19 6.23 -11.38 -1.56
C ILE A 19 5.03 -10.98 -0.76
N ARG A 20 5.18 -11.05 0.54
CA ARG A 20 4.10 -10.68 1.43
C ARG A 20 4.67 -10.45 2.81
N ASP A 21 5.52 -11.35 3.23
CA ASP A 21 6.08 -11.30 4.57
C ASP A 21 7.23 -10.34 4.67
N LEU A 22 8.14 -10.41 3.70
CA LEU A 22 9.32 -9.53 3.68
C LEU A 22 10.19 -9.73 4.92
N ALA A 23 10.12 -10.90 5.53
CA ALA A 23 10.89 -11.18 6.74
C ALA A 23 12.30 -11.59 6.36
N GLY A 24 12.48 -11.82 5.10
CA GLY A 24 13.77 -12.17 4.58
C GLY A 24 13.91 -11.75 3.16
N ILE A 25 13.33 -10.61 2.86
CA ILE A 25 13.35 -10.05 1.53
C ILE A 25 13.55 -8.57 1.75
N ASN A 26 14.31 -7.93 0.90
CA ASN A 26 14.57 -6.51 1.04
C ASN A 26 13.33 -5.70 0.77
N LEU A 27 12.77 -5.17 1.82
CA LEU A 27 11.60 -4.34 1.74
C LEU A 27 11.98 -2.88 1.58
N ASP A 28 13.26 -2.66 1.39
CA ASP A 28 13.85 -1.34 1.26
C ASP A 28 13.82 -0.91 -0.19
N SER A 29 13.53 -1.84 -1.05
CA SER A 29 13.55 -1.62 -2.46
C SER A 29 12.40 -0.73 -2.93
N SER A 30 12.77 0.29 -3.66
CA SER A 30 11.84 1.22 -4.23
C SER A 30 11.15 0.58 -5.44
N LEU A 31 9.89 0.93 -5.70
CA LEU A 31 9.15 0.36 -6.82
C LEU A 31 9.80 0.61 -8.17
N ALA A 32 10.55 1.69 -8.29
CA ALA A 32 11.24 1.96 -9.55
C ALA A 32 12.38 0.97 -9.76
N ASP A 33 12.88 0.40 -8.66
CA ASP A 33 13.92 -0.61 -8.75
C ASP A 33 13.30 -1.91 -9.19
N LEU A 34 12.16 -2.19 -8.61
CA LEU A 34 11.39 -3.40 -8.88
C LEU A 34 11.03 -3.45 -10.36
N GLY A 35 10.45 -2.35 -10.85
CA GLY A 35 10.11 -2.24 -12.24
C GLY A 35 8.83 -1.46 -12.47
N LEU A 36 8.61 -0.42 -11.70
CA LEU A 36 7.42 0.38 -11.86
C LEU A 36 7.45 1.35 -13.02
N ASP A 37 6.86 0.86 -14.05
CA ASP A 37 6.46 1.57 -15.23
C ASP A 37 5.64 0.58 -15.98
N SER A 38 4.51 0.26 -15.35
CA SER A 38 3.58 -0.70 -15.79
C SER A 38 2.46 -0.65 -14.75
N LEU A 39 1.86 -1.78 -14.57
CA LEU A 39 0.78 -2.03 -13.62
C LEU A 39 1.22 -1.75 -12.19
N MET A 40 2.54 -1.90 -11.93
CA MET A 40 3.20 -1.80 -10.58
C MET A 40 3.12 -0.41 -9.93
N GLY A 41 2.14 0.35 -10.33
CA GLY A 41 1.94 1.68 -9.82
C GLY A 41 0.58 2.16 -10.20
N VAL A 42 0.16 1.78 -11.40
CA VAL A 42 -1.16 2.15 -11.89
C VAL A 42 -2.26 1.47 -11.09
N GLU A 43 -2.10 0.18 -10.80
CA GLU A 43 -3.12 -0.54 -10.03
C GLU A 43 -3.15 0.00 -8.60
N VAL A 44 -1.96 0.33 -8.10
CA VAL A 44 -1.77 0.90 -6.75
C VAL A 44 -2.58 2.16 -6.63
N ARG A 45 -2.33 3.05 -7.57
CA ARG A 45 -3.00 4.33 -7.66
C ARG A 45 -4.51 4.17 -7.75
N GLN A 46 -4.98 3.19 -8.50
CA GLN A 46 -6.41 2.92 -8.61
C GLN A 46 -7.01 2.50 -7.27
N ILE A 47 -6.29 1.66 -6.54
CA ILE A 47 -6.75 1.17 -5.24
C ILE A 47 -6.88 2.34 -4.26
N LEU A 48 -5.99 3.28 -4.38
CA LEU A 48 -5.96 4.43 -3.50
C LEU A 48 -6.95 5.51 -3.94
N GLU A 49 -6.90 5.87 -5.19
CA GLU A 49 -7.69 6.97 -5.74
C GLU A 49 -9.14 6.56 -5.93
N ARG A 50 -9.37 5.38 -6.50
CA ARG A 50 -10.73 4.96 -6.84
C ARG A 50 -11.52 4.51 -5.59
N GLU A 51 -10.81 4.35 -4.49
CA GLU A 51 -11.44 4.03 -3.21
C GLU A 51 -11.47 5.23 -2.25
N HIS A 52 -10.31 5.80 -1.95
CA HIS A 52 -10.24 6.86 -0.92
C HIS A 52 -9.76 8.21 -1.46
N ASP A 53 -9.73 8.33 -2.78
CA ASP A 53 -9.32 9.59 -3.48
C ASP A 53 -7.85 9.94 -3.29
N LEU A 54 -7.04 8.99 -2.89
CA LEU A 54 -5.61 9.24 -2.76
C LEU A 54 -4.94 9.19 -4.11
N VAL A 55 -4.67 10.34 -4.64
CA VAL A 55 -4.06 10.43 -5.93
C VAL A 55 -2.56 10.40 -5.77
N LEU A 56 -2.03 9.21 -5.75
CA LEU A 56 -0.61 9.04 -5.68
C LEU A 56 -0.13 8.52 -7.02
N PRO A 57 0.43 9.40 -7.83
CA PRO A 57 0.89 9.08 -9.17
C PRO A 57 2.20 8.30 -9.16
N ILE A 58 2.56 7.77 -10.31
CA ILE A 58 3.72 6.88 -10.46
C ILE A 58 5.03 7.54 -10.02
N ARG A 59 5.22 8.80 -10.37
CA ARG A 59 6.42 9.55 -9.97
C ARG A 59 6.59 9.61 -8.44
N GLU A 60 5.51 9.41 -7.71
CA GLU A 60 5.55 9.39 -6.25
C GLU A 60 5.71 7.95 -5.77
N VAL A 61 4.89 7.06 -6.34
CA VAL A 61 4.85 5.66 -5.96
C VAL A 61 6.19 4.95 -6.23
N ARG A 62 6.94 5.46 -7.20
CA ARG A 62 8.26 4.92 -7.53
C ARG A 62 9.25 4.94 -6.37
N GLN A 63 9.07 5.85 -5.42
CA GLN A 63 9.99 5.94 -4.30
C GLN A 63 9.47 5.22 -3.10
N LEU A 64 8.30 4.64 -3.23
CA LEU A 64 7.75 3.89 -2.13
C LEU A 64 8.52 2.58 -2.02
N THR A 65 8.92 2.27 -0.83
CA THR A 65 9.75 1.14 -0.58
C THR A 65 8.96 -0.04 -0.08
N LEU A 66 8.42 -0.83 -1.02
CA LEU A 66 7.64 -2.08 -0.81
C LEU A 66 6.71 -2.05 0.44
N ARG A 67 7.28 -2.20 1.63
CA ARG A 67 6.52 -2.16 2.87
C ARG A 67 6.03 -0.75 3.24
N LYS A 68 6.50 0.24 2.54
CA LYS A 68 6.01 1.60 2.73
C LYS A 68 4.63 1.72 2.09
N LEU A 69 4.35 0.82 1.17
CA LEU A 69 3.03 0.75 0.51
C LEU A 69 1.89 0.56 1.51
N GLN A 70 2.06 -0.35 2.46
CA GLN A 70 1.03 -0.62 3.49
C GLN A 70 0.98 0.49 4.54
N GLU A 71 1.95 1.36 4.49
CA GLU A 71 2.02 2.48 5.39
C GLU A 71 1.18 3.62 4.78
N MET A 72 0.99 3.53 3.49
CA MET A 72 0.24 4.51 2.73
C MET A 72 -1.01 3.87 2.12
N SER A 73 -1.32 2.64 2.57
CA SER A 73 -2.38 1.88 1.95
C SER A 73 -3.77 2.33 2.40
N SER A 74 -3.83 3.15 3.46
CA SER A 74 -5.05 3.67 4.03
C SER A 74 -6.02 2.57 4.49
N LYS A 75 -5.91 2.17 5.72
CA LYS A 75 -6.80 1.17 6.22
C LYS A 75 -7.08 1.42 7.67
N ALA A 76 -8.11 2.17 7.91
CA ALA A 76 -8.52 2.50 9.25
C ALA A 76 -9.99 2.15 9.42
N GLY A 77 -10.29 1.42 10.44
CA GLY A 77 -11.66 1.03 10.70
C GLY A 77 -12.25 1.86 11.80
N SER A 78 -11.37 2.57 12.52
CA SER A 78 -11.74 3.44 13.62
C SER A 78 -12.33 2.57 14.76
N ASP A 79 -11.76 1.40 14.90
CA ASP A 79 -12.17 0.44 15.92
C ASP A 79 -11.47 0.77 17.21
N THR A 80 -12.14 1.53 18.04
CA THR A 80 -11.58 1.96 19.31
C THR A 80 -12.40 1.39 20.48
N GLU A 81 -13.68 1.16 20.25
CA GLU A 81 -14.56 0.67 21.29
C GLU A 81 -15.11 -0.69 20.92
N LEU A 82 -15.49 -0.83 19.68
CA LEU A 82 -16.05 -2.05 19.19
C LEU A 82 -15.03 -2.74 18.31
N ALA A 83 -14.77 -4.02 18.62
CA ALA A 83 -13.83 -4.87 17.87
C ALA A 83 -12.43 -4.27 17.86
N ALA A 84 -12.11 -3.56 18.92
CA ALA A 84 -10.87 -2.85 19.02
C ALA A 84 -9.75 -3.78 19.44
N PRO A 85 -8.54 -3.60 18.89
CA PRO A 85 -7.36 -4.38 19.30
C PRO A 85 -6.94 -4.00 20.71
N LYS A 86 -7.41 -2.86 21.11
CA LYS A 86 -7.15 -2.27 22.41
C LYS A 86 -8.22 -2.76 23.41
N SER A 87 -8.48 -4.03 23.36
CA SER A 87 -9.37 -4.72 24.25
C SER A 87 -9.08 -6.20 24.11
N LYS A 88 -8.38 -6.75 25.07
CA LYS A 88 -7.98 -8.13 25.00
C LYS A 88 -8.66 -8.95 26.08
N ASN A 89 -9.51 -8.30 26.83
CA ASN A 89 -10.25 -8.93 27.90
C ASN A 89 -11.63 -8.38 27.86
N GLY A 1 -16.99 -2.88 7.43
CA GLY A 1 -16.81 -2.82 5.99
C GLY A 1 -17.25 -4.10 5.36
N ASP A 2 -18.52 -4.19 5.06
CA ASP A 2 -19.09 -5.38 4.51
C ASP A 2 -19.08 -5.28 3.01
N GLY A 3 -19.00 -6.40 2.36
CA GLY A 3 -18.97 -6.45 0.94
C GLY A 3 -17.57 -6.23 0.43
N GLU A 4 -17.31 -5.04 0.00
CA GLU A 4 -16.03 -4.66 -0.50
C GLU A 4 -15.08 -4.30 0.62
N ALA A 5 -13.89 -4.79 0.50
CA ALA A 5 -12.81 -4.41 1.35
C ALA A 5 -11.94 -3.49 0.53
N GLN A 6 -11.07 -2.74 1.16
CA GLN A 6 -10.23 -1.81 0.44
C GLN A 6 -9.21 -2.53 -0.42
N ARG A 7 -8.78 -3.72 0.07
CA ARG A 7 -7.67 -4.50 -0.47
C ARG A 7 -6.37 -4.00 0.13
N ASP A 8 -5.51 -4.91 0.48
CA ASP A 8 -4.27 -4.53 1.12
C ASP A 8 -3.29 -4.13 0.07
N LEU A 9 -2.53 -3.12 0.37
CA LEU A 9 -1.52 -2.57 -0.55
C LEU A 9 -0.42 -3.59 -0.79
N VAL A 10 -0.07 -4.32 0.24
CA VAL A 10 0.96 -5.31 0.13
C VAL A 10 0.42 -6.59 -0.49
N LYS A 11 -0.86 -6.85 -0.31
CA LYS A 11 -1.47 -8.02 -0.94
C LYS A 11 -1.89 -7.69 -2.37
N ALA A 12 -1.54 -6.50 -2.80
CA ALA A 12 -1.76 -6.05 -4.14
C ALA A 12 -0.43 -5.98 -4.87
N VAL A 13 0.42 -5.07 -4.43
CA VAL A 13 1.71 -4.81 -5.06
C VAL A 13 2.67 -5.97 -4.86
N ALA A 14 2.92 -6.33 -3.61
CA ALA A 14 3.86 -7.40 -3.30
C ALA A 14 3.39 -8.73 -3.89
N HIS A 15 2.08 -8.86 -4.01
CA HIS A 15 1.44 -10.06 -4.56
C HIS A 15 1.87 -10.28 -6.02
N ILE A 16 2.12 -9.20 -6.72
CA ILE A 16 2.51 -9.26 -8.13
C ILE A 16 3.96 -9.74 -8.25
N LEU A 17 4.79 -9.30 -7.31
CA LEU A 17 6.18 -9.74 -7.26
C LEU A 17 6.28 -11.17 -6.73
N GLY A 18 5.31 -11.56 -5.94
CA GLY A 18 5.28 -12.89 -5.36
C GLY A 18 5.70 -12.87 -3.92
N ILE A 19 5.57 -11.73 -3.31
CA ILE A 19 5.95 -11.55 -1.95
C ILE A 19 4.79 -11.15 -1.06
N ARG A 20 5.01 -11.36 0.20
CA ARG A 20 4.12 -11.00 1.30
C ARG A 20 4.88 -11.31 2.56
N ASP A 21 5.79 -12.23 2.42
CA ASP A 21 6.71 -12.68 3.45
C ASP A 21 7.54 -11.51 3.91
N LEU A 22 8.50 -11.11 3.08
CA LEU A 22 9.32 -9.93 3.30
C LEU A 22 10.27 -10.08 4.48
N ALA A 23 10.50 -11.31 4.90
CA ALA A 23 11.39 -11.56 6.02
C ALA A 23 12.83 -11.49 5.56
N GLY A 24 13.00 -11.59 4.28
CA GLY A 24 14.30 -11.49 3.68
C GLY A 24 14.23 -10.82 2.35
N ILE A 25 13.63 -9.66 2.31
CA ILE A 25 13.46 -8.89 1.09
C ILE A 25 13.89 -7.45 1.38
N ASN A 26 14.49 -6.78 0.41
CA ASN A 26 14.94 -5.39 0.56
C ASN A 26 13.76 -4.45 0.78
N LEU A 27 13.81 -3.68 1.86
CA LEU A 27 12.73 -2.75 2.17
C LEU A 27 13.22 -1.31 2.25
N ASP A 28 14.46 -1.09 1.90
CA ASP A 28 15.00 0.28 1.87
C ASP A 28 15.11 0.74 0.45
N SER A 29 14.77 -0.14 -0.43
CA SER A 29 14.86 0.11 -1.84
C SER A 29 13.54 0.63 -2.38
N SER A 30 13.63 1.61 -3.24
CA SER A 30 12.48 2.20 -3.90
C SER A 30 11.78 1.13 -4.78
N LEU A 31 10.48 1.29 -5.01
CA LEU A 31 9.69 0.32 -5.81
C LEU A 31 10.25 0.22 -7.23
N ALA A 32 10.83 1.30 -7.71
CA ALA A 32 11.41 1.35 -9.04
C ALA A 32 12.71 0.55 -9.08
N ASP A 33 13.39 0.52 -7.94
CA ASP A 33 14.65 -0.20 -7.81
C ASP A 33 14.37 -1.67 -7.75
N LEU A 34 13.18 -1.99 -7.27
CA LEU A 34 12.68 -3.35 -7.23
C LEU A 34 12.27 -3.74 -8.64
N GLY A 35 11.55 -2.85 -9.27
CA GLY A 35 11.11 -3.05 -10.62
C GLY A 35 9.65 -3.32 -10.68
N LEU A 36 8.86 -2.27 -10.71
CA LEU A 36 7.43 -2.43 -10.80
C LEU A 36 7.09 -2.70 -12.28
N ASP A 37 6.19 -3.62 -12.52
CA ASP A 37 5.88 -4.07 -13.86
C ASP A 37 5.18 -2.98 -14.68
N SER A 38 4.04 -2.57 -14.20
CA SER A 38 3.17 -1.60 -14.80
C SER A 38 1.91 -1.61 -13.96
N LEU A 39 1.42 -2.82 -13.67
CA LEU A 39 0.24 -3.00 -12.85
C LEU A 39 0.52 -2.51 -11.45
N MET A 40 1.73 -2.77 -10.98
CA MET A 40 2.17 -2.30 -9.66
C MET A 40 2.38 -0.76 -9.63
N GLY A 41 1.98 -0.10 -10.67
CA GLY A 41 1.95 1.34 -10.70
C GLY A 41 0.54 1.85 -10.94
N VAL A 42 -0.25 1.04 -11.65
CA VAL A 42 -1.63 1.39 -11.98
C VAL A 42 -2.57 0.96 -10.88
N GLU A 43 -2.43 -0.28 -10.42
CA GLU A 43 -3.33 -0.85 -9.42
C GLU A 43 -3.24 -0.08 -8.12
N VAL A 44 -2.05 0.43 -7.82
CA VAL A 44 -1.82 1.26 -6.65
C VAL A 44 -2.75 2.47 -6.74
N ARG A 45 -2.70 3.12 -7.89
CA ARG A 45 -3.51 4.27 -8.18
C ARG A 45 -5.00 3.95 -8.12
N GLN A 46 -5.38 2.80 -8.69
CA GLN A 46 -6.79 2.34 -8.67
C GLN A 46 -7.34 2.26 -7.26
N ILE A 47 -6.52 1.76 -6.32
CA ILE A 47 -6.95 1.58 -4.96
C ILE A 47 -7.09 2.92 -4.30
N LEU A 48 -5.98 3.63 -4.25
CA LEU A 48 -5.93 4.88 -3.53
C LEU A 48 -6.88 5.94 -4.07
N GLU A 49 -7.05 5.98 -5.38
CA GLU A 49 -7.97 6.90 -6.02
C GLU A 49 -9.42 6.62 -5.60
N ARG A 50 -9.86 5.40 -5.79
CA ARG A 50 -11.27 5.10 -5.66
C ARG A 50 -11.68 4.71 -4.25
N GLU A 51 -10.71 4.45 -3.39
CA GLU A 51 -11.02 4.15 -2.01
C GLU A 51 -10.99 5.38 -1.12
N HIS A 52 -9.98 6.22 -1.26
CA HIS A 52 -9.85 7.38 -0.36
C HIS A 52 -9.50 8.67 -1.06
N ASP A 53 -9.40 8.61 -2.37
CA ASP A 53 -8.97 9.76 -3.20
C ASP A 53 -7.57 10.23 -2.86
N LEU A 54 -6.63 9.38 -3.19
CA LEU A 54 -5.22 9.68 -3.09
C LEU A 54 -4.56 9.30 -4.39
N VAL A 55 -4.58 10.18 -5.35
CA VAL A 55 -3.92 9.91 -6.60
C VAL A 55 -2.42 10.07 -6.42
N LEU A 56 -1.78 8.97 -6.10
CA LEU A 56 -0.36 8.92 -5.94
C LEU A 56 0.23 8.57 -7.29
N PRO A 57 0.89 9.51 -7.94
CA PRO A 57 1.48 9.29 -9.27
C PRO A 57 2.74 8.42 -9.21
N ILE A 58 3.23 8.01 -10.36
CA ILE A 58 4.38 7.09 -10.45
C ILE A 58 5.64 7.65 -9.82
N ARG A 59 5.85 8.94 -9.96
CA ARG A 59 7.02 9.61 -9.37
C ARG A 59 6.94 9.69 -7.84
N GLU A 60 5.88 9.15 -7.29
CA GLU A 60 5.72 8.98 -5.85
C GLU A 60 5.79 7.48 -5.56
N VAL A 61 4.95 6.73 -6.26
CA VAL A 61 4.83 5.27 -6.12
C VAL A 61 6.18 4.55 -6.30
N ARG A 62 6.98 5.03 -7.24
CA ARG A 62 8.30 4.43 -7.50
C ARG A 62 9.26 4.46 -6.32
N GLN A 63 8.97 5.22 -5.29
CA GLN A 63 9.85 5.30 -4.14
C GLN A 63 9.25 4.60 -2.94
N LEU A 64 8.14 3.93 -3.16
CA LEU A 64 7.52 3.19 -2.09
C LEU A 64 8.25 1.88 -1.91
N THR A 65 8.86 1.73 -0.78
CA THR A 65 9.75 0.63 -0.45
C THR A 65 9.04 -0.70 -0.12
N LEU A 66 8.06 -1.04 -0.94
CA LEU A 66 7.24 -2.27 -0.84
C LEU A 66 6.38 -2.24 0.45
N ARG A 67 7.00 -2.26 1.61
CA ARG A 67 6.26 -2.20 2.85
C ARG A 67 5.87 -0.76 3.17
N LYS A 68 6.27 0.17 2.32
CA LYS A 68 5.86 1.54 2.47
C LYS A 68 4.46 1.70 1.88
N LEU A 69 4.09 0.76 1.04
CA LEU A 69 2.74 0.70 0.45
C LEU A 69 1.69 0.67 1.56
N GLN A 70 1.95 -0.15 2.57
CA GLN A 70 1.06 -0.30 3.73
C GLN A 70 1.21 0.87 4.72
N GLU A 71 2.08 1.80 4.41
CA GLU A 71 2.23 3.01 5.22
C GLU A 71 1.37 4.10 4.59
N MET A 72 1.18 3.98 3.28
CA MET A 72 0.43 4.97 2.49
C MET A 72 -0.90 4.39 2.10
N SER A 73 -1.27 3.35 2.80
CA SER A 73 -2.42 2.56 2.46
C SER A 73 -3.74 3.28 2.74
N SER A 74 -3.76 4.19 3.75
CA SER A 74 -4.98 4.91 4.12
C SER A 74 -6.04 3.85 4.54
N LYS A 75 -5.56 2.85 5.24
CA LYS A 75 -6.33 1.70 5.57
C LYS A 75 -6.80 1.73 7.02
N ALA A 76 -5.88 1.87 7.91
CA ALA A 76 -6.17 1.76 9.32
C ALA A 76 -5.38 2.77 10.10
N GLY A 77 -5.33 2.59 11.39
CA GLY A 77 -4.59 3.47 12.23
C GLY A 77 -4.53 2.93 13.61
N SER A 78 -3.77 3.56 14.46
CA SER A 78 -3.66 3.13 15.84
C SER A 78 -4.95 3.45 16.58
N ASP A 79 -5.54 4.57 16.25
CA ASP A 79 -6.81 4.92 16.83
C ASP A 79 -7.90 4.74 15.80
N THR A 80 -8.73 3.78 16.01
CA THR A 80 -9.82 3.49 15.12
C THR A 80 -11.04 3.10 15.91
N GLU A 81 -11.96 4.00 16.01
CA GLU A 81 -13.18 3.77 16.70
C GLU A 81 -14.32 3.97 15.74
N LEU A 82 -14.70 5.21 15.52
CA LEU A 82 -15.80 5.54 14.64
C LEU A 82 -15.38 6.62 13.64
N ALA A 83 -14.56 7.54 14.08
CA ALA A 83 -14.12 8.65 13.26
C ALA A 83 -12.92 8.29 12.40
N ALA A 84 -13.15 8.19 11.13
CA ALA A 84 -12.11 7.96 10.19
C ALA A 84 -11.71 9.29 9.62
N PRO A 85 -10.46 9.69 9.76
CA PRO A 85 -9.98 10.95 9.23
C PRO A 85 -9.68 10.82 7.74
N LYS A 86 -10.59 11.26 6.93
CA LYS A 86 -10.41 11.14 5.50
C LYS A 86 -9.98 12.48 4.96
N SER A 87 -10.84 13.44 5.11
CA SER A 87 -10.59 14.77 4.66
C SER A 87 -9.90 15.56 5.77
N LYS A 88 -10.53 15.52 6.97
CA LYS A 88 -10.14 16.32 8.15
C LYS A 88 -10.50 17.78 7.90
N ASN A 89 -11.55 17.97 7.12
CA ASN A 89 -12.04 19.29 6.78
C ASN A 89 -13.01 19.77 7.83
N GLY A 1 -17.66 7.28 -1.38
CA GLY A 1 -16.97 6.33 -0.51
C GLY A 1 -17.65 6.23 0.81
N ASP A 2 -18.64 5.35 0.88
CA ASP A 2 -19.45 5.17 2.07
C ASP A 2 -19.16 3.86 2.74
N GLY A 3 -18.75 2.87 1.97
CA GLY A 3 -18.48 1.58 2.55
C GLY A 3 -17.96 0.62 1.54
N GLU A 4 -17.02 1.07 0.76
CA GLU A 4 -16.41 0.22 -0.24
C GLU A 4 -15.15 -0.38 0.36
N ALA A 5 -14.71 0.23 1.47
CA ALA A 5 -13.50 -0.15 2.19
C ALA A 5 -12.28 0.03 1.29
N GLN A 6 -11.17 -0.54 1.69
CA GLN A 6 -9.96 -0.43 0.92
C GLN A 6 -9.21 -1.75 1.03
N ARG A 7 -8.81 -2.30 -0.11
CA ARG A 7 -8.06 -3.56 -0.16
C ARG A 7 -6.66 -3.34 0.42
N ASP A 8 -6.04 -4.39 0.93
CA ASP A 8 -4.71 -4.26 1.52
C ASP A 8 -3.68 -4.04 0.45
N LEU A 9 -2.90 -3.02 0.67
CA LEU A 9 -1.86 -2.55 -0.22
C LEU A 9 -0.87 -3.63 -0.57
N VAL A 10 -0.33 -4.27 0.43
CA VAL A 10 0.73 -5.22 0.23
C VAL A 10 0.20 -6.54 -0.31
N LYS A 11 -1.01 -6.92 0.08
CA LYS A 11 -1.59 -8.16 -0.43
C LYS A 11 -1.97 -8.01 -1.90
N ALA A 12 -1.96 -6.78 -2.38
CA ALA A 12 -2.22 -6.48 -3.75
C ALA A 12 -0.91 -6.27 -4.52
N VAL A 13 -0.14 -5.26 -4.11
CA VAL A 13 1.09 -4.85 -4.81
C VAL A 13 2.20 -5.89 -4.71
N ALA A 14 2.49 -6.36 -3.51
CA ALA A 14 3.56 -7.31 -3.32
C ALA A 14 3.22 -8.62 -3.98
N HIS A 15 1.93 -8.92 -4.03
CA HIS A 15 1.42 -10.13 -4.67
C HIS A 15 1.70 -10.12 -6.17
N ILE A 16 1.79 -8.92 -6.77
CA ILE A 16 2.09 -8.79 -8.19
C ILE A 16 3.52 -9.31 -8.44
N LEU A 17 4.40 -9.05 -7.50
CA LEU A 17 5.77 -9.54 -7.60
C LEU A 17 5.86 -10.98 -7.11
N GLY A 18 5.03 -11.30 -6.14
CA GLY A 18 5.02 -12.64 -5.59
C GLY A 18 5.53 -12.66 -4.17
N ILE A 19 5.64 -11.49 -3.60
CA ILE A 19 6.11 -11.35 -2.23
C ILE A 19 4.96 -11.08 -1.30
N ARG A 20 5.19 -11.33 -0.04
CA ARG A 20 4.22 -11.08 1.00
C ARG A 20 4.94 -11.05 2.32
N ASP A 21 5.81 -12.02 2.50
CA ASP A 21 6.60 -12.14 3.72
C ASP A 21 7.55 -11.00 3.84
N LEU A 22 8.30 -10.78 2.78
CA LEU A 22 9.29 -9.72 2.71
C LEU A 22 10.47 -10.00 3.60
N ALA A 23 10.48 -11.17 4.18
CA ALA A 23 11.55 -11.57 5.02
C ALA A 23 12.65 -12.11 4.13
N GLY A 24 13.43 -11.21 3.61
CA GLY A 24 14.47 -11.58 2.70
C GLY A 24 14.55 -10.63 1.56
N ILE A 25 13.58 -9.75 1.48
CA ILE A 25 13.51 -8.78 0.43
C ILE A 25 13.60 -7.41 1.07
N ASN A 26 14.35 -6.52 0.44
CA ASN A 26 14.57 -5.15 0.91
C ASN A 26 13.27 -4.39 1.12
N LEU A 27 13.18 -3.74 2.25
CA LEU A 27 12.04 -2.92 2.59
C LEU A 27 12.44 -1.47 2.44
N ASP A 28 13.67 -1.25 2.01
CA ASP A 28 14.25 0.08 1.90
C ASP A 28 14.48 0.47 0.45
N SER A 29 14.19 -0.43 -0.45
CA SER A 29 14.39 -0.18 -1.84
C SER A 29 13.17 0.45 -2.48
N SER A 30 13.39 1.54 -3.20
CA SER A 30 12.38 2.21 -3.96
C SER A 30 11.75 1.23 -4.96
N LEU A 31 10.45 1.39 -5.24
CA LEU A 31 9.72 0.51 -6.17
C LEU A 31 10.42 0.46 -7.53
N ALA A 32 11.10 1.55 -7.85
CA ALA A 32 11.86 1.68 -9.08
C ALA A 32 13.03 0.70 -9.14
N ASP A 33 13.65 0.45 -7.99
CA ASP A 33 14.82 -0.44 -7.94
C ASP A 33 14.39 -1.86 -8.16
N LEU A 34 13.18 -2.13 -7.73
CA LEU A 34 12.52 -3.40 -7.95
C LEU A 34 12.16 -3.47 -9.43
N GLY A 35 11.55 -2.41 -9.88
CA GLY A 35 11.13 -2.29 -11.21
C GLY A 35 9.69 -2.63 -11.34
N LEU A 36 8.84 -1.63 -11.21
CA LEU A 36 7.43 -1.86 -11.34
C LEU A 36 7.17 -2.06 -12.83
N ASP A 37 6.48 -3.13 -13.17
CA ASP A 37 6.28 -3.50 -14.58
C ASP A 37 5.49 -2.45 -15.34
N SER A 38 4.29 -2.20 -14.88
CA SER A 38 3.34 -1.26 -15.43
C SER A 38 2.04 -1.51 -14.70
N LEU A 39 1.70 -2.80 -14.54
CA LEU A 39 0.49 -3.21 -13.87
C LEU A 39 0.62 -2.85 -12.41
N MET A 40 1.82 -2.98 -11.87
CA MET A 40 2.11 -2.55 -10.50
C MET A 40 1.71 -1.11 -10.31
N GLY A 41 2.11 -0.25 -11.22
CA GLY A 41 1.78 1.16 -11.11
C GLY A 41 0.29 1.41 -11.21
N VAL A 42 -0.37 0.62 -12.03
CA VAL A 42 -1.81 0.70 -12.20
C VAL A 42 -2.52 0.25 -10.95
N GLU A 43 -2.11 -0.90 -10.44
CA GLU A 43 -2.72 -1.48 -9.29
C GLU A 43 -2.53 -0.57 -8.08
N VAL A 44 -1.34 0.05 -8.00
CA VAL A 44 -1.05 0.99 -6.93
C VAL A 44 -2.01 2.18 -7.02
N ARG A 45 -2.15 2.72 -8.22
CA ARG A 45 -3.05 3.83 -8.46
C ARG A 45 -4.49 3.46 -8.19
N GLN A 46 -4.88 2.26 -8.57
CA GLN A 46 -6.24 1.81 -8.33
C GLN A 46 -6.49 1.51 -6.85
N ILE A 47 -5.45 1.51 -6.04
CA ILE A 47 -5.66 1.43 -4.62
C ILE A 47 -5.70 2.82 -4.04
N LEU A 48 -4.62 3.55 -4.14
CA LEU A 48 -4.55 4.86 -3.52
C LEU A 48 -5.54 5.83 -4.16
N GLU A 49 -5.43 6.00 -5.45
CA GLU A 49 -6.22 6.98 -6.17
C GLU A 49 -7.68 6.54 -6.25
N ARG A 50 -7.92 5.27 -6.50
CA ARG A 50 -9.28 4.79 -6.67
C ARG A 50 -9.98 4.45 -5.33
N GLU A 51 -9.39 3.57 -4.52
CA GLU A 51 -10.03 3.11 -3.26
C GLU A 51 -10.25 4.24 -2.29
N HIS A 52 -9.21 4.97 -1.99
CA HIS A 52 -9.29 5.98 -0.95
C HIS A 52 -9.50 7.38 -1.54
N ASP A 53 -9.21 7.51 -2.83
CA ASP A 53 -9.16 8.81 -3.52
C ASP A 53 -8.00 9.60 -2.94
N LEU A 54 -6.86 9.20 -3.38
CA LEU A 54 -5.61 9.72 -2.94
C LEU A 54 -4.68 9.64 -4.13
N VAL A 55 -4.59 10.72 -4.87
CA VAL A 55 -3.85 10.72 -6.11
C VAL A 55 -2.35 10.68 -5.89
N LEU A 56 -1.81 9.49 -5.84
CA LEU A 56 -0.38 9.30 -5.80
C LEU A 56 0.08 8.91 -7.18
N PRO A 57 0.79 9.81 -7.85
CA PRO A 57 1.32 9.57 -9.20
C PRO A 57 2.58 8.71 -9.18
N ILE A 58 3.01 8.25 -10.37
CA ILE A 58 4.17 7.35 -10.48
C ILE A 58 5.43 8.03 -9.93
N ARG A 59 5.53 9.33 -10.11
CA ARG A 59 6.66 10.11 -9.57
C ARG A 59 6.77 10.03 -8.02
N GLU A 60 5.73 9.51 -7.36
CA GLU A 60 5.78 9.25 -5.92
C GLU A 60 5.65 7.76 -5.63
N VAL A 61 5.00 7.06 -6.52
CA VAL A 61 4.81 5.62 -6.41
C VAL A 61 6.12 4.87 -6.67
N ARG A 62 6.91 5.40 -7.55
CA ARG A 62 8.12 4.75 -7.99
C ARG A 62 9.21 4.72 -6.87
N GLN A 63 8.96 5.41 -5.75
CA GLN A 63 9.90 5.37 -4.64
C GLN A 63 9.30 4.65 -3.44
N LEU A 64 8.13 4.05 -3.63
CA LEU A 64 7.48 3.32 -2.56
C LEU A 64 8.25 2.05 -2.27
N THR A 65 8.71 1.91 -1.06
CA THR A 65 9.60 0.82 -0.65
C THR A 65 8.88 -0.50 -0.36
N LEU A 66 7.81 -0.76 -1.11
CA LEU A 66 6.97 -1.96 -1.01
C LEU A 66 6.21 -2.01 0.33
N ARG A 67 6.93 -2.02 1.43
CA ARG A 67 6.30 -2.07 2.74
C ARG A 67 5.83 -0.71 3.22
N LYS A 68 6.28 0.34 2.54
CA LYS A 68 5.80 1.70 2.82
C LYS A 68 4.30 1.74 2.55
N LEU A 69 3.88 0.92 1.58
CA LEU A 69 2.48 0.80 1.18
C LEU A 69 1.55 0.51 2.34
N GLN A 70 1.98 -0.31 3.29
CA GLN A 70 1.13 -0.66 4.44
C GLN A 70 1.31 0.30 5.60
N GLU A 71 2.11 1.31 5.44
CA GLU A 71 2.28 2.28 6.48
C GLU A 71 1.59 3.58 6.07
N MET A 72 1.51 3.79 4.77
CA MET A 72 0.82 4.95 4.24
C MET A 72 -0.43 4.46 3.53
N SER A 73 -0.88 3.30 3.94
CA SER A 73 -2.02 2.64 3.36
C SER A 73 -3.29 3.45 3.59
N SER A 74 -3.49 3.87 4.85
CA SER A 74 -4.59 4.72 5.24
C SER A 74 -5.93 4.01 4.92
N LYS A 75 -5.95 2.70 5.11
CA LYS A 75 -7.11 1.94 4.70
C LYS A 75 -8.29 2.21 5.61
N ALA A 76 -8.02 2.50 6.85
CA ALA A 76 -9.05 2.83 7.78
C ALA A 76 -8.87 4.26 8.26
N GLY A 77 -9.47 5.20 7.53
CA GLY A 77 -9.39 6.63 7.86
C GLY A 77 -10.35 7.00 8.96
N SER A 78 -10.85 6.01 9.62
CA SER A 78 -11.74 6.11 10.71
C SER A 78 -10.95 6.30 12.00
N ASP A 79 -9.63 6.14 11.89
CA ASP A 79 -8.68 6.18 13.01
C ASP A 79 -9.08 5.13 14.03
N THR A 80 -9.18 3.93 13.54
CA THR A 80 -9.53 2.80 14.35
C THR A 80 -8.28 2.12 14.88
N GLU A 81 -7.15 2.73 14.53
CA GLU A 81 -5.88 2.31 15.04
C GLU A 81 -5.80 2.86 16.47
N LEU A 82 -6.21 2.07 17.42
CA LEU A 82 -6.32 2.54 18.79
C LEU A 82 -5.44 1.75 19.72
N ALA A 83 -4.71 2.45 20.55
CA ALA A 83 -3.96 1.83 21.58
C ALA A 83 -4.87 1.68 22.78
N ALA A 84 -5.00 0.49 23.26
CA ALA A 84 -5.91 0.20 24.34
C ALA A 84 -5.15 0.07 25.65
N PRO A 85 -5.81 0.39 26.78
CA PRO A 85 -5.21 0.25 28.10
C PRO A 85 -5.43 -1.17 28.64
N LYS A 86 -5.77 -2.07 27.75
CA LYS A 86 -5.98 -3.43 28.08
C LYS A 86 -5.49 -4.31 26.93
N SER A 87 -4.24 -4.15 26.62
CA SER A 87 -3.60 -4.94 25.61
C SER A 87 -2.57 -5.83 26.28
N LYS A 88 -2.33 -6.98 25.74
CA LYS A 88 -1.38 -7.87 26.35
C LYS A 88 -0.20 -8.12 25.46
N ASN A 89 0.93 -7.75 25.95
CA ASN A 89 2.17 -7.95 25.25
C ASN A 89 3.05 -8.74 26.17
N GLY A 1 -16.56 -0.90 3.58
CA GLY A 1 -17.52 -0.72 4.66
C GLY A 1 -16.85 -0.93 5.99
N ASP A 2 -17.61 -1.31 6.99
CA ASP A 2 -17.07 -1.53 8.31
C ASP A 2 -16.65 -2.98 8.43
N GLY A 3 -15.58 -3.23 9.13
CA GLY A 3 -15.04 -4.56 9.22
C GLY A 3 -13.78 -4.65 8.41
N GLU A 4 -13.92 -4.41 7.13
CA GLU A 4 -12.80 -4.35 6.23
C GLU A 4 -12.76 -2.95 5.68
N ALA A 5 -11.84 -2.16 6.16
CA ALA A 5 -11.71 -0.79 5.71
C ALA A 5 -11.17 -0.78 4.30
N GLN A 6 -10.27 -1.70 4.06
CA GLN A 6 -9.62 -1.93 2.80
C GLN A 6 -8.59 -2.99 3.04
N ARG A 7 -8.13 -3.67 2.03
CA ARG A 7 -7.05 -4.58 2.24
C ARG A 7 -5.75 -3.79 2.21
N ASP A 8 -4.74 -4.29 2.86
CA ASP A 8 -3.47 -3.58 2.91
C ASP A 8 -2.71 -3.71 1.59
N LEU A 9 -1.82 -2.77 1.33
CA LEU A 9 -1.12 -2.71 0.07
C LEU A 9 -0.06 -3.79 -0.07
N VAL A 10 0.43 -4.34 1.03
CA VAL A 10 1.39 -5.43 0.91
C VAL A 10 0.66 -6.73 0.59
N LYS A 11 -0.63 -6.69 0.79
CA LYS A 11 -1.49 -7.82 0.52
C LYS A 11 -2.08 -7.70 -0.89
N ALA A 12 -1.63 -6.67 -1.63
CA ALA A 12 -2.10 -6.42 -2.98
C ALA A 12 -0.92 -6.11 -3.91
N VAL A 13 -0.21 -5.04 -3.62
CA VAL A 13 0.93 -4.58 -4.44
C VAL A 13 2.07 -5.59 -4.40
N ALA A 14 2.41 -6.04 -3.21
CA ALA A 14 3.46 -7.04 -3.05
C ALA A 14 3.02 -8.35 -3.70
N HIS A 15 1.72 -8.55 -3.73
CA HIS A 15 1.12 -9.72 -4.32
C HIS A 15 1.25 -9.69 -5.87
N ILE A 16 1.45 -8.51 -6.43
CA ILE A 16 1.67 -8.38 -7.87
C ILE A 16 3.05 -8.92 -8.22
N LEU A 17 4.00 -8.67 -7.33
CA LEU A 17 5.36 -9.18 -7.48
C LEU A 17 5.40 -10.66 -7.17
N GLY A 18 4.80 -11.01 -6.07
CA GLY A 18 4.82 -12.37 -5.61
C GLY A 18 5.48 -12.45 -4.25
N ILE A 19 5.18 -11.46 -3.44
CA ILE A 19 5.69 -11.37 -2.09
C ILE A 19 4.61 -10.97 -1.16
N ARG A 20 4.89 -11.10 0.13
CA ARG A 20 3.98 -10.72 1.18
C ARG A 20 4.69 -10.83 2.52
N ASP A 21 5.42 -11.91 2.71
CA ASP A 21 6.16 -12.13 3.96
C ASP A 21 7.28 -11.13 4.16
N LEU A 22 8.01 -10.83 3.09
CA LEU A 22 9.11 -9.85 3.09
C LEU A 22 10.22 -10.24 4.05
N ALA A 23 10.34 -11.52 4.32
CA ALA A 23 11.32 -12.01 5.25
C ALA A 23 12.71 -12.08 4.63
N GLY A 24 12.78 -11.92 3.34
CA GLY A 24 14.06 -11.96 2.68
C GLY A 24 14.15 -10.99 1.54
N ILE A 25 13.33 -9.98 1.57
CA ILE A 25 13.32 -8.97 0.54
C ILE A 25 13.88 -7.70 1.15
N ASN A 26 14.44 -6.82 0.36
CA ASN A 26 15.01 -5.59 0.88
C ASN A 26 13.89 -4.56 1.00
N LEU A 27 13.72 -4.02 2.18
CA LEU A 27 12.61 -3.13 2.47
C LEU A 27 12.95 -1.71 2.10
N ASP A 28 14.12 -1.50 1.56
CA ASP A 28 14.52 -0.20 1.11
C ASP A 28 14.75 -0.17 -0.38
N SER A 29 14.26 -1.18 -1.05
CA SER A 29 14.34 -1.21 -2.49
C SER A 29 13.18 -0.40 -3.06
N SER A 30 13.49 0.52 -3.96
CA SER A 30 12.48 1.34 -4.58
C SER A 30 11.53 0.48 -5.41
N LEU A 31 10.30 0.94 -5.57
CA LEU A 31 9.27 0.19 -6.27
C LEU A 31 9.68 -0.06 -7.73
N ALA A 32 10.40 0.90 -8.29
CA ALA A 32 10.89 0.79 -9.64
C ALA A 32 11.89 -0.34 -9.78
N ASP A 33 12.64 -0.57 -8.71
CA ASP A 33 13.67 -1.60 -8.69
C ASP A 33 13.02 -2.95 -8.60
N LEU A 34 11.95 -3.00 -7.81
CA LEU A 34 11.15 -4.21 -7.58
C LEU A 34 10.56 -4.72 -8.89
N GLY A 35 10.10 -3.80 -9.72
CA GLY A 35 9.55 -4.19 -10.98
C GLY A 35 8.67 -3.14 -11.62
N LEU A 36 8.44 -2.02 -10.94
CA LEU A 36 7.64 -0.96 -11.53
C LEU A 36 8.29 -0.36 -12.76
N ASP A 37 7.69 -0.65 -13.87
CA ASP A 37 8.05 -0.10 -15.15
C ASP A 37 6.78 0.38 -15.86
N SER A 38 5.63 -0.13 -15.42
CA SER A 38 4.32 0.26 -15.95
C SER A 38 3.18 -0.08 -14.95
N LEU A 39 2.84 -1.37 -14.88
CA LEU A 39 1.68 -1.85 -14.10
C LEU A 39 1.78 -1.54 -12.61
N MET A 40 2.98 -1.62 -12.07
CA MET A 40 3.18 -1.51 -10.61
C MET A 40 3.07 -0.09 -10.10
N GLY A 41 2.70 0.81 -10.96
CA GLY A 41 2.38 2.15 -10.57
C GLY A 41 0.92 2.40 -10.80
N VAL A 42 0.41 1.78 -11.84
CA VAL A 42 -0.98 1.93 -12.24
C VAL A 42 -1.88 1.18 -11.25
N GLU A 43 -1.49 -0.06 -10.95
CA GLU A 43 -2.23 -0.92 -10.03
C GLU A 43 -2.43 -0.20 -8.70
N VAL A 44 -1.35 0.42 -8.23
CA VAL A 44 -1.33 1.15 -6.98
C VAL A 44 -2.36 2.28 -7.02
N ARG A 45 -2.34 3.04 -8.10
CA ARG A 45 -3.28 4.12 -8.30
C ARG A 45 -4.70 3.61 -8.32
N GLN A 46 -4.95 2.52 -9.03
CA GLN A 46 -6.28 1.92 -9.13
C GLN A 46 -6.84 1.55 -7.77
N ILE A 47 -5.97 1.22 -6.84
CA ILE A 47 -6.39 0.87 -5.51
C ILE A 47 -6.72 2.15 -4.76
N LEU A 48 -5.73 3.00 -4.62
CA LEU A 48 -5.86 4.21 -3.83
C LEU A 48 -6.89 5.19 -4.37
N GLU A 49 -6.96 5.35 -5.68
CA GLU A 49 -7.94 6.25 -6.30
C GLU A 49 -9.33 5.73 -6.10
N ARG A 50 -9.57 4.50 -6.48
CA ARG A 50 -10.91 3.92 -6.42
C ARG A 50 -11.40 3.72 -5.00
N GLU A 51 -10.50 3.43 -4.10
CA GLU A 51 -10.90 3.23 -2.72
C GLU A 51 -11.01 4.53 -1.95
N HIS A 52 -9.94 5.30 -1.89
CA HIS A 52 -9.95 6.48 -1.01
C HIS A 52 -9.68 7.80 -1.73
N ASP A 53 -9.75 7.80 -3.07
CA ASP A 53 -9.58 9.06 -3.86
C ASP A 53 -8.11 9.56 -3.86
N LEU A 54 -7.21 8.75 -3.36
CA LEU A 54 -5.80 9.13 -3.31
C LEU A 54 -5.12 8.86 -4.64
N VAL A 55 -5.03 9.86 -5.46
CA VAL A 55 -4.26 9.75 -6.68
C VAL A 55 -2.81 9.92 -6.32
N LEU A 56 -2.14 8.82 -6.19
CA LEU A 56 -0.75 8.84 -5.91
C LEU A 56 -0.02 8.55 -7.19
N PRO A 57 0.61 9.55 -7.79
CA PRO A 57 1.29 9.41 -9.06
C PRO A 57 2.58 8.60 -8.92
N ILE A 58 3.11 8.14 -10.04
CA ILE A 58 4.33 7.34 -10.08
C ILE A 58 5.49 8.19 -9.54
N ARG A 59 5.35 9.50 -9.67
CA ARG A 59 6.31 10.47 -9.12
C ARG A 59 6.56 10.22 -7.62
N GLU A 60 5.56 9.73 -6.93
CA GLU A 60 5.67 9.43 -5.51
C GLU A 60 5.75 7.91 -5.27
N VAL A 61 4.85 7.19 -5.92
CA VAL A 61 4.72 5.73 -5.79
C VAL A 61 6.01 4.96 -6.14
N ARG A 62 6.79 5.48 -7.06
CA ARG A 62 8.01 4.81 -7.54
C ARG A 62 9.07 4.64 -6.42
N GLN A 63 8.89 5.38 -5.34
CA GLN A 63 9.82 5.36 -4.21
C GLN A 63 9.27 4.54 -3.07
N LEU A 64 8.13 3.92 -3.27
CA LEU A 64 7.54 3.08 -2.24
C LEU A 64 8.30 1.75 -2.16
N THR A 65 9.02 1.59 -1.09
CA THR A 65 9.95 0.48 -0.87
C THR A 65 9.27 -0.81 -0.41
N LEU A 66 8.18 -1.13 -1.07
CA LEU A 66 7.36 -2.32 -0.83
C LEU A 66 6.68 -2.27 0.56
N ARG A 67 7.45 -2.26 1.62
CA ARG A 67 6.86 -2.20 2.95
C ARG A 67 6.47 -0.78 3.30
N LYS A 68 6.85 0.16 2.46
CA LYS A 68 6.41 1.53 2.62
C LYS A 68 4.98 1.62 2.13
N LEU A 69 4.59 0.62 1.32
CA LEU A 69 3.20 0.51 0.83
C LEU A 69 2.23 0.41 1.99
N GLN A 70 2.58 -0.34 3.02
CA GLN A 70 1.70 -0.50 4.18
C GLN A 70 1.80 0.67 5.18
N GLU A 71 2.56 1.66 4.82
CA GLU A 71 2.65 2.88 5.61
C GLU A 71 1.83 3.93 4.90
N MET A 72 1.68 3.73 3.61
CA MET A 72 0.92 4.59 2.74
C MET A 72 -0.31 3.85 2.26
N SER A 73 -0.69 2.82 3.01
CA SER A 73 -1.80 1.97 2.62
C SER A 73 -3.14 2.57 2.99
N SER A 74 -3.10 3.81 3.51
CA SER A 74 -4.29 4.59 3.81
C SER A 74 -5.11 3.89 4.92
N LYS A 75 -4.42 3.20 5.80
CA LYS A 75 -5.05 2.48 6.89
C LYS A 75 -5.19 3.38 8.08
N ALA A 76 -6.38 3.84 8.31
CA ALA A 76 -6.65 4.67 9.45
C ALA A 76 -6.65 3.82 10.70
N GLY A 77 -7.50 2.81 10.70
CA GLY A 77 -7.60 1.94 11.83
C GLY A 77 -8.45 2.55 12.91
N SER A 78 -8.63 1.83 13.96
CA SER A 78 -9.40 2.28 15.11
C SER A 78 -8.94 1.51 16.32
N ASP A 79 -8.03 2.10 17.07
CA ASP A 79 -7.49 1.45 18.25
C ASP A 79 -8.56 1.32 19.31
N THR A 80 -8.67 0.16 19.88
CA THR A 80 -9.71 -0.09 20.84
C THR A 80 -9.08 -0.53 22.18
N GLU A 81 -7.86 -0.09 22.41
CA GLU A 81 -7.20 -0.43 23.63
C GLU A 81 -7.57 0.57 24.70
N LEU A 82 -7.71 0.08 25.93
CA LEU A 82 -8.11 0.85 27.09
C LEU A 82 -9.58 1.27 27.00
N ALA A 83 -10.40 0.71 27.86
CA ALA A 83 -11.83 0.97 27.88
C ALA A 83 -12.17 2.14 28.81
N ALA A 84 -11.19 2.98 29.02
CA ALA A 84 -11.38 4.16 29.83
C ALA A 84 -11.85 5.29 28.91
N PRO A 85 -12.96 5.92 29.23
CA PRO A 85 -13.51 6.98 28.42
C PRO A 85 -12.89 8.34 28.75
N LYS A 86 -13.21 9.31 27.94
CA LYS A 86 -12.76 10.66 28.15
C LYS A 86 -13.79 11.33 29.03
N SER A 87 -13.51 11.33 30.30
CA SER A 87 -14.44 11.83 31.26
C SER A 87 -14.19 13.31 31.51
N LYS A 88 -13.11 13.63 32.17
CA LYS A 88 -12.83 15.02 32.45
C LYS A 88 -11.57 15.50 31.74
N ASN A 89 -11.69 15.67 30.45
CA ASN A 89 -10.61 16.14 29.61
C ASN A 89 -11.13 17.16 28.66
N GLY A 1 -17.29 -5.74 5.18
CA GLY A 1 -17.18 -7.18 5.40
C GLY A 1 -17.05 -7.91 4.08
N ASP A 2 -16.86 -9.23 4.14
CA ASP A 2 -16.63 -10.11 2.96
C ASP A 2 -15.23 -9.89 2.42
N GLY A 3 -15.00 -8.74 1.89
CA GLY A 3 -13.73 -8.35 1.39
C GLY A 3 -13.35 -7.08 2.05
N GLU A 4 -12.13 -6.69 1.98
CA GLU A 4 -11.75 -5.47 2.61
C GLU A 4 -11.64 -4.37 1.59
N ALA A 5 -12.31 -3.27 1.86
CA ALA A 5 -12.25 -2.11 1.04
C ALA A 5 -10.93 -1.43 1.29
N GLN A 6 -10.02 -1.65 0.36
CA GLN A 6 -8.65 -1.16 0.43
C GLN A 6 -7.84 -1.94 1.46
N ARG A 7 -7.11 -2.89 0.96
CA ARG A 7 -6.24 -3.74 1.74
C ARG A 7 -4.91 -3.02 1.96
N ASP A 8 -3.97 -3.70 2.59
CA ASP A 8 -2.62 -3.15 2.73
C ASP A 8 -2.03 -3.18 1.35
N LEU A 9 -1.36 -2.14 0.94
CA LEU A 9 -0.82 -2.08 -0.43
C LEU A 9 0.18 -3.20 -0.70
N VAL A 10 0.80 -3.69 0.35
CA VAL A 10 1.72 -4.81 0.24
C VAL A 10 0.98 -6.09 -0.19
N LYS A 11 -0.29 -6.19 0.15
CA LYS A 11 -1.09 -7.38 -0.17
C LYS A 11 -1.58 -7.31 -1.62
N ALA A 12 -1.07 -6.34 -2.36
CA ALA A 12 -1.36 -6.16 -3.75
C ALA A 12 -0.03 -6.01 -4.51
N VAL A 13 0.77 -5.05 -4.10
CA VAL A 13 2.06 -4.75 -4.72
C VAL A 13 3.05 -5.90 -4.53
N ALA A 14 3.21 -6.36 -3.30
CA ALA A 14 4.11 -7.47 -3.05
C ALA A 14 3.50 -8.74 -3.61
N HIS A 15 2.17 -8.74 -3.69
CA HIS A 15 1.39 -9.86 -4.23
C HIS A 15 1.71 -10.04 -5.71
N ILE A 16 2.05 -8.93 -6.40
CA ILE A 16 2.43 -8.96 -7.82
C ILE A 16 3.69 -9.81 -7.99
N LEU A 17 4.59 -9.66 -7.05
CA LEU A 17 5.87 -10.35 -7.08
C LEU A 17 5.73 -11.76 -6.49
N GLY A 18 4.87 -11.89 -5.51
CA GLY A 18 4.67 -13.18 -4.88
C GLY A 18 5.07 -13.16 -3.43
N ILE A 19 5.42 -12.00 -2.95
CA ILE A 19 5.81 -11.81 -1.57
C ILE A 19 4.66 -11.33 -0.72
N ARG A 20 4.83 -11.40 0.57
CA ARG A 20 3.79 -11.01 1.50
C ARG A 20 4.43 -10.85 2.87
N ASP A 21 5.23 -11.82 3.23
CA ASP A 21 5.85 -11.93 4.53
C ASP A 21 7.03 -11.02 4.65
N LEU A 22 7.83 -10.96 3.58
CA LEU A 22 9.02 -10.09 3.53
C LEU A 22 10.01 -10.46 4.62
N ALA A 23 10.12 -11.73 4.89
CA ALA A 23 10.99 -12.21 5.96
C ALA A 23 12.43 -12.35 5.49
N GLY A 24 12.59 -12.36 4.20
CA GLY A 24 13.91 -12.48 3.62
C GLY A 24 14.02 -11.70 2.35
N ILE A 25 13.39 -10.56 2.33
CA ILE A 25 13.38 -9.71 1.16
C ILE A 25 13.82 -8.33 1.58
N ASN A 26 14.61 -7.69 0.77
CA ASN A 26 15.07 -6.34 1.05
C ASN A 26 13.89 -5.37 0.97
N LEU A 27 13.60 -4.76 2.09
CA LEU A 27 12.43 -3.90 2.22
C LEU A 27 12.67 -2.57 1.53
N ASP A 28 13.92 -2.17 1.49
CA ASP A 28 14.32 -0.86 1.01
C ASP A 28 14.43 -0.78 -0.50
N SER A 29 13.93 -1.79 -1.17
CA SER A 29 13.93 -1.81 -2.60
C SER A 29 12.79 -0.89 -3.07
N SER A 30 13.14 0.06 -3.91
CA SER A 30 12.19 1.02 -4.42
C SER A 30 11.19 0.33 -5.32
N LEU A 31 10.01 0.89 -5.46
CA LEU A 31 8.98 0.35 -6.33
C LEU A 31 9.52 0.25 -7.75
N ALA A 32 10.34 1.22 -8.13
CA ALA A 32 10.95 1.23 -9.43
C ALA A 32 11.94 0.09 -9.58
N ASP A 33 12.66 -0.24 -8.49
CA ASP A 33 13.66 -1.29 -8.53
C ASP A 33 13.01 -2.65 -8.73
N LEU A 34 11.80 -2.77 -8.21
CA LEU A 34 10.96 -3.98 -8.32
C LEU A 34 10.60 -4.26 -9.77
N GLY A 35 10.52 -3.22 -10.55
CA GLY A 35 10.18 -3.37 -11.92
C GLY A 35 8.96 -2.58 -12.29
N LEU A 36 8.68 -1.52 -11.53
CA LEU A 36 7.58 -0.63 -11.87
C LEU A 36 7.81 0.06 -13.18
N ASP A 37 7.01 -0.31 -14.13
CA ASP A 37 7.01 0.32 -15.41
C ASP A 37 5.69 1.00 -15.61
N SER A 38 4.63 0.24 -15.56
CA SER A 38 3.31 0.74 -15.78
C SER A 38 2.31 0.20 -14.74
N LEU A 39 2.08 -1.12 -14.74
CA LEU A 39 1.09 -1.75 -13.86
C LEU A 39 1.37 -1.50 -12.39
N MET A 40 2.66 -1.50 -12.03
CA MET A 40 3.07 -1.29 -10.63
C MET A 40 2.82 0.14 -10.15
N GLY A 41 2.29 0.96 -11.03
CA GLY A 41 1.89 2.28 -10.68
C GLY A 41 0.41 2.46 -10.92
N VAL A 42 -0.08 1.86 -11.99
CA VAL A 42 -1.49 1.94 -12.37
C VAL A 42 -2.39 1.20 -11.39
N GLU A 43 -2.04 -0.05 -11.05
CA GLU A 43 -2.88 -0.83 -10.14
C GLU A 43 -2.87 -0.21 -8.75
N VAL A 44 -1.75 0.40 -8.40
CA VAL A 44 -1.63 1.11 -7.13
C VAL A 44 -2.61 2.29 -7.13
N ARG A 45 -2.58 3.07 -8.21
CA ARG A 45 -3.50 4.19 -8.35
C ARG A 45 -4.95 3.72 -8.36
N GLN A 46 -5.19 2.56 -8.93
CA GLN A 46 -6.53 1.96 -8.97
C GLN A 46 -6.99 1.52 -7.58
N ILE A 47 -6.10 1.51 -6.63
CA ILE A 47 -6.46 1.24 -5.26
C ILE A 47 -6.72 2.56 -4.58
N LEU A 48 -5.68 3.37 -4.51
CA LEU A 48 -5.72 4.64 -3.81
C LEU A 48 -6.78 5.60 -4.34
N GLU A 49 -6.87 5.73 -5.65
CA GLU A 49 -7.80 6.66 -6.26
C GLU A 49 -9.23 6.13 -6.21
N ARG A 50 -9.37 4.85 -6.14
CA ARG A 50 -10.67 4.24 -6.16
C ARG A 50 -11.23 4.16 -4.74
N GLU A 51 -10.44 3.63 -3.84
CA GLU A 51 -10.88 3.35 -2.49
C GLU A 51 -10.81 4.58 -1.58
N HIS A 52 -9.89 5.50 -1.85
CA HIS A 52 -9.74 6.68 -0.98
C HIS A 52 -9.72 7.98 -1.81
N ASP A 53 -9.94 7.86 -3.11
CA ASP A 53 -9.88 9.03 -4.05
C ASP A 53 -8.53 9.73 -4.05
N LEU A 54 -7.51 8.99 -3.68
CA LEU A 54 -6.16 9.50 -3.64
C LEU A 54 -5.47 9.36 -4.95
N VAL A 55 -5.33 10.45 -5.65
CA VAL A 55 -4.57 10.44 -6.87
C VAL A 55 -3.11 10.57 -6.49
N LEU A 56 -2.49 9.44 -6.22
CA LEU A 56 -1.10 9.42 -5.87
C LEU A 56 -0.35 8.99 -7.13
N PRO A 57 0.36 9.92 -7.77
CA PRO A 57 1.03 9.65 -9.02
C PRO A 57 2.29 8.80 -8.84
N ILE A 58 2.77 8.22 -9.93
CA ILE A 58 3.99 7.39 -9.93
C ILE A 58 5.18 8.20 -9.43
N ARG A 59 5.10 9.52 -9.62
CA ARG A 59 6.14 10.46 -9.19
C ARG A 59 6.36 10.41 -7.67
N GLU A 60 5.38 9.90 -6.94
CA GLU A 60 5.50 9.71 -5.50
C GLU A 60 5.63 8.23 -5.18
N VAL A 61 4.75 7.44 -5.75
CA VAL A 61 4.64 6.01 -5.47
C VAL A 61 5.93 5.23 -5.85
N ARG A 62 6.65 5.72 -6.84
CA ARG A 62 7.88 5.08 -7.33
C ARG A 62 8.97 5.00 -6.24
N GLN A 63 8.91 5.91 -5.29
CA GLN A 63 9.92 5.98 -4.25
C GLN A 63 9.45 5.30 -3.00
N LEU A 64 8.34 4.63 -3.10
CA LEU A 64 7.87 3.84 -2.01
C LEU A 64 8.62 2.54 -2.06
N THR A 65 9.13 2.14 -0.97
CA THR A 65 9.81 0.90 -0.87
C THR A 65 8.78 -0.16 -0.55
N LEU A 66 9.09 -1.42 -0.85
CA LEU A 66 8.14 -2.54 -0.78
C LEU A 66 7.29 -2.53 0.51
N ARG A 67 7.90 -2.42 1.66
CA ARG A 67 7.11 -2.44 2.89
C ARG A 67 6.52 -1.11 3.24
N LYS A 68 7.00 -0.07 2.61
CA LYS A 68 6.46 1.25 2.84
C LYS A 68 5.10 1.37 2.18
N LEU A 69 4.82 0.47 1.23
CA LEU A 69 3.50 0.38 0.62
C LEU A 69 2.40 0.20 1.68
N GLN A 70 2.69 -0.51 2.77
CA GLN A 70 1.67 -0.69 3.79
C GLN A 70 1.71 0.41 4.84
N GLU A 71 2.67 1.29 4.74
CA GLU A 71 2.71 2.47 5.59
C GLU A 71 1.86 3.52 4.93
N MET A 72 2.07 3.66 3.64
CA MET A 72 1.43 4.65 2.81
C MET A 72 0.20 4.06 2.17
N SER A 73 -0.39 3.09 2.84
CA SER A 73 -1.54 2.42 2.34
C SER A 73 -2.76 3.34 2.39
N SER A 74 -2.79 4.22 3.42
CA SER A 74 -3.84 5.24 3.63
C SER A 74 -5.22 4.67 3.34
N LYS A 75 -5.67 3.78 4.18
CA LYS A 75 -6.91 3.09 3.94
C LYS A 75 -8.08 3.92 4.35
N ALA A 76 -9.16 3.76 3.63
CA ALA A 76 -10.42 4.38 3.97
C ALA A 76 -10.91 3.87 5.31
N GLY A 77 -10.63 2.60 5.56
CA GLY A 77 -11.04 1.94 6.78
C GLY A 77 -10.10 2.18 7.95
N SER A 78 -9.10 3.04 7.77
CA SER A 78 -8.22 3.38 8.86
C SER A 78 -8.89 4.42 9.74
N ASP A 79 -9.48 3.95 10.83
CA ASP A 79 -10.20 4.79 11.75
C ASP A 79 -9.24 5.48 12.67
N THR A 80 -9.12 6.75 12.50
CA THR A 80 -8.26 7.57 13.30
C THR A 80 -8.87 8.96 13.38
N GLU A 81 -8.87 9.52 14.54
CA GLU A 81 -9.46 10.82 14.76
C GLU A 81 -8.50 11.72 15.52
N LEU A 82 -8.55 13.02 15.20
CA LEU A 82 -7.74 14.05 15.86
C LEU A 82 -6.27 14.04 15.45
N ALA A 83 -5.87 13.03 14.69
CA ALA A 83 -4.52 12.92 14.22
C ALA A 83 -4.31 13.90 13.09
N ALA A 84 -5.35 14.14 12.35
CA ALA A 84 -5.37 15.15 11.34
C ALA A 84 -5.90 16.44 11.99
N PRO A 85 -5.02 17.45 12.21
CA PRO A 85 -5.36 18.72 12.87
C PRO A 85 -6.67 19.32 12.36
N LYS A 86 -7.62 19.46 13.27
CA LYS A 86 -8.98 19.91 12.95
C LYS A 86 -9.08 21.41 12.66
N SER A 87 -8.01 21.98 12.25
CA SER A 87 -8.00 23.34 11.79
C SER A 87 -8.12 23.32 10.26
N LYS A 88 -8.00 22.12 9.71
CA LYS A 88 -8.18 21.86 8.30
C LYS A 88 -8.25 20.36 8.10
N ASN A 89 -9.43 19.86 7.86
CA ASN A 89 -9.64 18.45 7.65
C ASN A 89 -10.21 18.25 6.28
N GLY A 1 -20.70 2.90 9.32
CA GLY A 1 -20.16 1.87 10.21
C GLY A 1 -19.06 1.13 9.53
N ASP A 2 -19.32 -0.08 9.10
CA ASP A 2 -18.31 -0.84 8.39
C ASP A 2 -18.58 -0.78 6.92
N GLY A 3 -17.55 -0.70 6.15
CA GLY A 3 -17.67 -0.67 4.73
C GLY A 3 -16.39 -1.07 4.10
N GLU A 4 -15.67 -0.13 3.59
CA GLU A 4 -14.39 -0.43 3.02
C GLU A 4 -13.32 -0.14 4.01
N ALA A 5 -12.66 -1.15 4.43
CA ALA A 5 -11.51 -1.01 5.26
C ALA A 5 -10.33 -1.25 4.38
N GLN A 6 -9.55 -0.21 4.12
CA GLN A 6 -8.45 -0.35 3.23
C GLN A 6 -7.39 -1.27 3.83
N ARG A 7 -6.94 -2.18 3.02
CA ARG A 7 -6.06 -3.24 3.43
C ARG A 7 -4.61 -2.87 3.28
N ASP A 8 -3.73 -3.81 3.66
CA ASP A 8 -2.31 -3.66 3.44
C ASP A 8 -2.10 -3.56 1.99
N LEU A 9 -1.41 -2.54 1.57
CA LEU A 9 -1.12 -2.39 0.17
C LEU A 9 -0.10 -3.42 -0.27
N VAL A 10 0.54 -4.06 0.70
CA VAL A 10 1.45 -5.16 0.44
C VAL A 10 0.65 -6.38 0.00
N LYS A 11 -0.52 -6.55 0.57
CA LYS A 11 -1.41 -7.66 0.24
C LYS A 11 -2.16 -7.40 -1.08
N ALA A 12 -1.75 -6.36 -1.77
CA ALA A 12 -2.31 -5.99 -3.03
C ALA A 12 -1.21 -5.81 -4.07
N VAL A 13 -0.28 -4.91 -3.79
CA VAL A 13 0.83 -4.60 -4.67
C VAL A 13 1.87 -5.71 -4.65
N ALA A 14 2.30 -6.09 -3.45
CA ALA A 14 3.31 -7.15 -3.31
C ALA A 14 2.69 -8.48 -3.72
N HIS A 15 1.37 -8.56 -3.61
CA HIS A 15 0.62 -9.73 -4.04
C HIS A 15 0.78 -9.96 -5.56
N ILE A 16 1.03 -8.89 -6.29
CA ILE A 16 1.29 -8.97 -7.73
C ILE A 16 2.70 -9.50 -7.96
N LEU A 17 3.60 -9.13 -7.09
CA LEU A 17 5.00 -9.51 -7.21
C LEU A 17 5.24 -10.90 -6.66
N GLY A 18 4.26 -11.41 -5.93
CA GLY A 18 4.37 -12.71 -5.34
C GLY A 18 5.08 -12.67 -4.02
N ILE A 19 4.90 -11.58 -3.31
CA ILE A 19 5.50 -11.40 -2.02
C ILE A 19 4.50 -10.94 -1.00
N ARG A 20 4.80 -11.24 0.23
CA ARG A 20 4.03 -10.79 1.37
C ARG A 20 4.94 -10.76 2.58
N ASP A 21 5.89 -11.69 2.59
CA ASP A 21 6.88 -11.86 3.66
C ASP A 21 7.82 -10.69 3.78
N LEU A 22 8.63 -10.46 2.74
CA LEU A 22 9.52 -9.29 2.68
C LEU A 22 10.65 -9.33 3.72
N ALA A 23 10.85 -10.47 4.34
CA ALA A 23 11.88 -10.59 5.33
C ALA A 23 13.21 -10.94 4.66
N GLY A 24 13.13 -11.18 3.38
CA GLY A 24 14.28 -11.47 2.57
C GLY A 24 14.42 -10.51 1.42
N ILE A 25 13.29 -9.97 0.99
CA ILE A 25 13.25 -9.01 -0.09
C ILE A 25 13.81 -7.67 0.40
N ASN A 26 14.45 -6.96 -0.48
CA ASN A 26 15.03 -5.68 -0.15
C ASN A 26 13.99 -4.63 0.07
N LEU A 27 14.04 -4.06 1.24
CA LEU A 27 13.13 -3.01 1.64
C LEU A 27 13.87 -1.69 1.56
N ASP A 28 15.11 -1.77 1.12
CA ASP A 28 15.99 -0.60 0.93
C ASP A 28 15.96 -0.22 -0.53
N SER A 29 14.95 -0.72 -1.19
CA SER A 29 14.72 -0.55 -2.58
C SER A 29 14.04 0.80 -2.85
N SER A 30 13.57 0.98 -4.04
CA SER A 30 12.81 2.12 -4.41
C SER A 30 11.37 1.69 -4.58
N LEU A 31 11.20 0.79 -5.56
CA LEU A 31 9.94 0.16 -6.01
C LEU A 31 10.09 -0.01 -7.49
N ALA A 32 10.70 1.00 -8.09
CA ALA A 32 10.94 1.03 -9.54
C ALA A 32 11.93 -0.01 -9.93
N ASP A 33 12.87 -0.22 -9.06
CA ASP A 33 13.96 -1.16 -9.24
C ASP A 33 13.45 -2.60 -9.24
N LEU A 34 12.25 -2.77 -8.71
CA LEU A 34 11.56 -4.06 -8.63
C LEU A 34 10.85 -4.35 -9.94
N GLY A 35 10.73 -3.34 -10.78
CA GLY A 35 10.06 -3.51 -12.05
C GLY A 35 9.01 -2.44 -12.30
N LEU A 36 8.81 -1.54 -11.36
CA LEU A 36 7.85 -0.47 -11.55
C LEU A 36 8.28 0.50 -12.63
N ASP A 37 7.47 0.54 -13.65
CA ASP A 37 7.61 1.47 -14.74
C ASP A 37 6.23 1.77 -15.28
N SER A 38 5.32 0.81 -15.16
CA SER A 38 3.95 1.03 -15.58
C SER A 38 2.92 0.31 -14.66
N LEU A 39 2.76 -1.00 -14.83
CA LEU A 39 1.73 -1.79 -14.12
C LEU A 39 1.86 -1.68 -12.59
N MET A 40 3.09 -1.60 -12.09
CA MET A 40 3.34 -1.50 -10.63
C MET A 40 3.03 -0.11 -10.09
N GLY A 41 2.53 0.75 -10.95
CA GLY A 41 2.07 2.04 -10.53
C GLY A 41 0.59 2.14 -10.81
N VAL A 42 0.16 1.45 -11.85
CA VAL A 42 -1.25 1.37 -12.25
C VAL A 42 -2.07 0.67 -11.18
N GLU A 43 -1.61 -0.51 -10.77
CA GLU A 43 -2.29 -1.31 -9.76
C GLU A 43 -2.44 -0.51 -8.47
N VAL A 44 -1.39 0.22 -8.14
CA VAL A 44 -1.35 1.05 -6.96
C VAL A 44 -2.41 2.15 -7.05
N ARG A 45 -2.45 2.82 -8.18
CA ARG A 45 -3.41 3.88 -8.42
C ARG A 45 -4.84 3.35 -8.42
N GLN A 46 -5.02 2.13 -8.89
CA GLN A 46 -6.34 1.52 -8.89
C GLN A 46 -6.77 1.07 -7.49
N ILE A 47 -5.93 1.31 -6.52
CA ILE A 47 -6.28 1.06 -5.15
C ILE A 47 -6.53 2.41 -4.49
N LEU A 48 -5.52 3.24 -4.49
CA LEU A 48 -5.59 4.53 -3.82
C LEU A 48 -6.59 5.48 -4.50
N GLU A 49 -6.46 5.63 -5.81
CA GLU A 49 -7.29 6.56 -6.58
C GLU A 49 -8.68 6.00 -6.77
N ARG A 50 -8.76 4.73 -7.00
CA ARG A 50 -10.03 4.11 -7.30
C ARG A 50 -10.88 3.90 -6.04
N GLU A 51 -10.28 3.57 -4.91
CA GLU A 51 -11.06 3.37 -3.71
C GLU A 51 -11.28 4.66 -2.93
N HIS A 52 -10.22 5.44 -2.74
CA HIS A 52 -10.29 6.62 -1.84
C HIS A 52 -9.99 7.93 -2.55
N ASP A 53 -9.83 7.89 -3.87
CA ASP A 53 -9.49 9.08 -4.71
C ASP A 53 -8.11 9.67 -4.43
N LEU A 54 -7.24 8.88 -3.83
CA LEU A 54 -5.86 9.32 -3.59
C LEU A 54 -5.05 9.15 -4.86
N VAL A 55 -4.89 10.21 -5.59
CA VAL A 55 -4.15 10.15 -6.81
C VAL A 55 -2.69 10.28 -6.51
N LEU A 56 -2.07 9.16 -6.30
CA LEU A 56 -0.66 9.10 -6.07
C LEU A 56 -0.01 8.62 -7.36
N PRO A 57 0.62 9.53 -8.09
CA PRO A 57 1.28 9.19 -9.34
C PRO A 57 2.59 8.45 -9.07
N ILE A 58 3.17 7.90 -10.11
CA ILE A 58 4.40 7.13 -10.00
C ILE A 58 5.54 7.99 -9.47
N ARG A 59 5.44 9.32 -9.69
CA ARG A 59 6.43 10.31 -9.17
C ARG A 59 6.64 10.10 -7.65
N GLU A 60 5.56 9.80 -6.97
CA GLU A 60 5.57 9.65 -5.51
C GLU A 60 5.55 8.17 -5.12
N VAL A 61 4.88 7.36 -5.91
CA VAL A 61 4.78 5.91 -5.65
C VAL A 61 6.13 5.19 -5.86
N ARG A 62 6.96 5.74 -6.73
CA ARG A 62 8.21 5.10 -7.14
C ARG A 62 9.25 5.00 -6.01
N GLN A 63 8.97 5.64 -4.88
CA GLN A 63 9.87 5.58 -3.74
C GLN A 63 9.25 4.76 -2.62
N LEU A 64 8.13 4.13 -2.89
CA LEU A 64 7.48 3.32 -1.88
C LEU A 64 8.13 1.95 -1.83
N THR A 65 8.95 1.76 -0.83
CA THR A 65 9.84 0.61 -0.66
C THR A 65 9.13 -0.71 -0.31
N LEU A 66 8.02 -0.96 -0.98
CA LEU A 66 7.18 -2.13 -0.85
C LEU A 66 6.51 -2.18 0.54
N ARG A 67 7.29 -2.21 1.59
CA ARG A 67 6.74 -2.25 2.93
C ARG A 67 6.21 -0.91 3.37
N LYS A 68 6.60 0.14 2.67
CA LYS A 68 6.04 1.44 2.96
C LYS A 68 4.58 1.48 2.51
N LEU A 69 4.24 0.59 1.58
CA LEU A 69 2.86 0.42 1.10
C LEU A 69 1.91 0.06 2.25
N GLN A 70 2.34 -0.81 3.15
CA GLN A 70 1.48 -1.18 4.26
C GLN A 70 1.56 -0.17 5.39
N GLU A 71 2.38 0.83 5.22
CA GLU A 71 2.48 1.90 6.20
C GLU A 71 1.52 3.01 5.75
N MET A 72 1.04 2.86 4.53
CA MET A 72 0.11 3.80 3.91
C MET A 72 -1.16 3.02 3.56
N SER A 73 -1.39 1.94 4.29
CA SER A 73 -2.48 1.03 4.00
C SER A 73 -3.85 1.60 4.42
N SER A 74 -3.81 2.63 5.27
CA SER A 74 -5.02 3.35 5.74
C SER A 74 -5.84 2.53 6.74
N LYS A 75 -5.24 1.51 7.31
CA LYS A 75 -5.92 0.67 8.27
C LYS A 75 -6.29 1.43 9.53
N ALA A 76 -7.54 1.38 9.86
CA ALA A 76 -8.05 1.92 11.07
C ALA A 76 -8.77 0.81 11.80
N GLY A 77 -8.07 0.16 12.71
CA GLY A 77 -8.61 -0.99 13.43
C GLY A 77 -9.59 -0.61 14.51
N SER A 78 -10.49 0.28 14.20
CA SER A 78 -11.48 0.78 15.11
C SER A 78 -12.71 -0.12 15.12
N ASP A 79 -12.81 -0.99 14.15
CA ASP A 79 -13.94 -1.90 14.05
C ASP A 79 -13.72 -3.12 14.89
N THR A 80 -14.59 -3.34 15.82
CA THR A 80 -14.52 -4.48 16.65
C THR A 80 -15.91 -4.93 17.13
N GLU A 81 -16.50 -5.81 16.35
CA GLU A 81 -17.75 -6.40 16.73
C GLU A 81 -17.65 -7.92 16.62
N LEU A 82 -16.85 -8.36 15.66
CA LEU A 82 -16.70 -9.79 15.42
C LEU A 82 -15.37 -10.26 16.02
N ALA A 83 -14.78 -9.42 16.85
CA ALA A 83 -13.52 -9.76 17.49
C ALA A 83 -13.79 -10.53 18.77
N ALA A 84 -14.90 -10.19 19.42
CA ALA A 84 -15.33 -10.87 20.61
C ALA A 84 -15.68 -12.31 20.26
N PRO A 85 -15.03 -13.29 20.92
CA PRO A 85 -15.23 -14.71 20.65
C PRO A 85 -16.65 -15.18 20.92
N LYS A 86 -17.39 -15.36 19.85
CA LYS A 86 -18.73 -15.87 19.89
C LYS A 86 -18.86 -16.83 18.74
N SER A 87 -18.59 -18.07 18.99
CA SER A 87 -18.65 -19.07 17.96
C SER A 87 -19.24 -20.34 18.50
N LYS A 88 -20.41 -20.68 18.03
CA LYS A 88 -21.03 -21.93 18.38
C LYS A 88 -20.49 -22.99 17.44
N ASN A 89 -20.34 -22.59 16.20
CA ASN A 89 -19.87 -23.42 15.13
C ASN A 89 -19.34 -22.52 14.07
N GLY A 1 -14.52 -7.46 -10.65
CA GLY A 1 -13.28 -8.04 -10.12
C GLY A 1 -12.76 -7.23 -8.97
N ASP A 2 -13.37 -7.40 -7.82
CA ASP A 2 -13.01 -6.64 -6.64
C ASP A 2 -13.14 -7.49 -5.39
N GLY A 3 -14.05 -8.45 -5.40
CA GLY A 3 -14.22 -9.35 -4.28
C GLY A 3 -14.97 -8.71 -3.16
N GLU A 4 -14.26 -8.12 -2.25
CA GLU A 4 -14.85 -7.41 -1.15
C GLU A 4 -14.98 -5.95 -1.52
N ALA A 5 -13.83 -5.34 -1.83
CA ALA A 5 -13.76 -3.96 -2.26
C ALA A 5 -12.31 -3.60 -2.52
N GLN A 6 -11.52 -3.62 -1.48
CA GLN A 6 -10.14 -3.23 -1.55
C GLN A 6 -9.26 -4.33 -0.97
N ARG A 7 -8.00 -4.29 -1.31
CA ARG A 7 -7.03 -5.18 -0.79
C ARG A 7 -5.91 -4.32 -0.22
N ASP A 8 -5.11 -4.87 0.63
CA ASP A 8 -4.00 -4.12 1.18
C ASP A 8 -2.92 -3.96 0.13
N LEU A 9 -2.24 -2.83 0.17
CA LEU A 9 -1.26 -2.48 -0.83
C LEU A 9 -0.06 -3.41 -0.90
N VAL A 10 0.30 -4.02 0.20
CA VAL A 10 1.41 -4.96 0.16
C VAL A 10 0.92 -6.30 -0.35
N LYS A 11 -0.32 -6.59 -0.07
CA LYS A 11 -0.93 -7.82 -0.55
C LYS A 11 -1.37 -7.61 -2.00
N ALA A 12 -1.12 -6.42 -2.50
CA ALA A 12 -1.34 -6.06 -3.86
C ALA A 12 -0.01 -6.02 -4.59
N VAL A 13 0.81 -5.01 -4.28
CA VAL A 13 2.10 -4.76 -4.94
C VAL A 13 3.05 -5.92 -4.77
N ALA A 14 3.29 -6.29 -3.52
CA ALA A 14 4.21 -7.36 -3.21
C ALA A 14 3.71 -8.67 -3.77
N HIS A 15 2.41 -8.87 -3.72
CA HIS A 15 1.80 -10.11 -4.22
C HIS A 15 1.81 -10.18 -5.76
N ILE A 16 2.08 -9.06 -6.41
CA ILE A 16 2.28 -9.05 -7.85
C ILE A 16 3.66 -9.63 -8.14
N LEU A 17 4.62 -9.20 -7.34
CA LEU A 17 6.00 -9.65 -7.46
C LEU A 17 6.12 -11.10 -7.02
N GLY A 18 5.32 -11.45 -6.05
CA GLY A 18 5.32 -12.80 -5.53
C GLY A 18 5.77 -12.84 -4.09
N ILE A 19 5.68 -11.73 -3.42
CA ILE A 19 6.09 -11.61 -2.04
C ILE A 19 4.96 -11.11 -1.17
N ARG A 20 5.20 -11.19 0.11
CA ARG A 20 4.30 -10.72 1.13
C ARG A 20 4.99 -10.77 2.47
N ASP A 21 5.84 -11.78 2.65
CA ASP A 21 6.56 -11.97 3.91
C ASP A 21 7.51 -10.81 4.16
N LEU A 22 8.42 -10.56 3.22
CA LEU A 22 9.40 -9.48 3.32
C LEU A 22 10.35 -9.73 4.49
N ALA A 23 10.50 -10.98 4.88
CA ALA A 23 11.34 -11.32 6.02
C ALA A 23 12.79 -11.31 5.64
N GLY A 24 13.05 -11.42 4.38
CA GLY A 24 14.39 -11.38 3.90
C GLY A 24 14.47 -10.74 2.55
N ILE A 25 13.56 -9.85 2.30
CA ILE A 25 13.51 -9.11 1.06
C ILE A 25 13.92 -7.70 1.42
N ASN A 26 14.56 -6.99 0.52
CA ASN A 26 15.06 -5.67 0.81
C ASN A 26 13.96 -4.65 0.91
N LEU A 27 13.76 -4.15 2.12
CA LEU A 27 12.75 -3.12 2.41
C LEU A 27 13.27 -1.77 1.95
N ASP A 28 14.52 -1.77 1.55
CA ASP A 28 15.17 -0.61 0.98
C ASP A 28 14.74 -0.44 -0.47
N SER A 29 14.30 -1.52 -1.07
CA SER A 29 13.97 -1.53 -2.46
C SER A 29 12.63 -0.87 -2.77
N SER A 30 12.75 0.29 -3.37
CA SER A 30 11.65 1.05 -3.86
C SER A 30 11.04 0.34 -5.08
N LEU A 31 9.83 0.75 -5.48
CA LEU A 31 9.22 0.20 -6.70
C LEU A 31 10.04 0.54 -7.94
N ALA A 32 10.85 1.58 -7.84
CA ALA A 32 11.79 1.93 -8.88
C ALA A 32 12.84 0.85 -9.00
N ASP A 33 13.23 0.28 -7.86
CA ASP A 33 14.22 -0.78 -7.84
C ASP A 33 13.64 -2.02 -8.48
N LEU A 34 12.39 -2.30 -8.13
CA LEU A 34 11.67 -3.44 -8.68
C LEU A 34 11.46 -3.26 -10.18
N GLY A 35 11.20 -2.03 -10.57
CA GLY A 35 11.09 -1.72 -11.97
C GLY A 35 9.69 -1.34 -12.39
N LEU A 36 8.95 -0.66 -11.50
CA LEU A 36 7.60 -0.19 -11.82
C LEU A 36 7.56 0.66 -13.08
N ASP A 37 6.81 0.17 -14.03
CA ASP A 37 6.62 0.83 -15.31
C ASP A 37 5.19 0.62 -15.82
N SER A 38 4.56 -0.48 -15.42
CA SER A 38 3.24 -0.79 -15.91
C SER A 38 2.24 -1.13 -14.77
N LEU A 39 2.09 -2.44 -14.47
CA LEU A 39 1.02 -2.93 -13.58
C LEU A 39 1.35 -2.60 -12.12
N MET A 40 2.64 -2.43 -11.83
CA MET A 40 3.13 -2.13 -10.47
C MET A 40 2.60 -0.77 -9.96
N GLY A 41 1.97 -0.02 -10.83
CA GLY A 41 1.38 1.23 -10.43
C GLY A 41 -0.12 1.28 -10.69
N VAL A 42 -0.60 0.37 -11.53
CA VAL A 42 -2.01 0.40 -11.96
C VAL A 42 -2.96 0.03 -10.82
N GLU A 43 -2.83 -1.18 -10.31
CA GLU A 43 -3.72 -1.66 -9.26
C GLU A 43 -3.59 -0.77 -8.02
N VAL A 44 -2.40 -0.27 -7.81
CA VAL A 44 -2.07 0.61 -6.71
C VAL A 44 -2.88 1.90 -6.84
N ARG A 45 -2.67 2.61 -7.92
CA ARG A 45 -3.25 3.92 -8.13
C ARG A 45 -4.77 3.87 -8.10
N GLN A 46 -5.36 2.75 -8.54
CA GLN A 46 -6.81 2.55 -8.47
C GLN A 46 -7.27 2.60 -7.01
N ILE A 47 -6.55 1.89 -6.16
CA ILE A 47 -6.86 1.76 -4.75
C ILE A 47 -6.75 3.12 -4.06
N LEU A 48 -5.77 3.85 -4.41
CA LEU A 48 -5.60 5.13 -3.80
C LEU A 48 -6.59 6.15 -4.34
N GLU A 49 -6.72 6.22 -5.66
CA GLU A 49 -7.57 7.20 -6.35
C GLU A 49 -9.06 6.98 -6.08
N ARG A 50 -9.50 5.77 -6.20
CA ARG A 50 -10.93 5.50 -6.17
C ARG A 50 -11.46 5.22 -4.79
N GLU A 51 -10.63 4.66 -3.96
CA GLU A 51 -11.08 4.28 -2.64
C GLU A 51 -10.84 5.40 -1.64
N HIS A 52 -9.75 6.13 -1.82
CA HIS A 52 -9.41 7.19 -0.86
C HIS A 52 -9.36 8.57 -1.50
N ASP A 53 -9.35 8.61 -2.82
CA ASP A 53 -9.26 9.87 -3.61
C ASP A 53 -7.87 10.47 -3.62
N LEU A 54 -6.87 9.62 -3.42
CA LEU A 54 -5.47 10.03 -3.47
C LEU A 54 -4.86 9.57 -4.77
N VAL A 55 -4.64 10.45 -5.69
CA VAL A 55 -3.98 10.06 -6.91
C VAL A 55 -2.49 10.08 -6.68
N LEU A 56 -1.95 8.95 -6.27
CA LEU A 56 -0.54 8.85 -6.06
C LEU A 56 0.16 8.57 -7.38
N PRO A 57 0.96 9.52 -7.84
CA PRO A 57 1.64 9.46 -9.11
C PRO A 57 2.96 8.69 -9.00
N ILE A 58 3.73 8.66 -10.09
CA ILE A 58 5.00 7.96 -10.13
C ILE A 58 5.98 8.60 -9.16
N ARG A 59 5.90 9.93 -9.05
CA ARG A 59 6.75 10.70 -8.13
C ARG A 59 6.53 10.36 -6.65
N GLU A 60 5.56 9.51 -6.37
CA GLU A 60 5.36 9.02 -5.02
C GLU A 60 5.47 7.48 -4.99
N VAL A 61 4.62 6.82 -5.76
CA VAL A 61 4.51 5.35 -5.79
C VAL A 61 5.84 4.64 -6.11
N ARG A 62 6.59 5.19 -7.05
CA ARG A 62 7.82 4.55 -7.54
C ARG A 62 8.91 4.53 -6.45
N GLN A 63 8.79 5.40 -5.49
CA GLN A 63 9.81 5.55 -4.46
C GLN A 63 9.47 4.76 -3.21
N LEU A 64 8.24 4.29 -3.14
CA LEU A 64 7.78 3.53 -2.01
C LEU A 64 8.55 2.22 -1.91
N THR A 65 8.99 1.91 -0.74
CA THR A 65 9.89 0.80 -0.46
C THR A 65 9.16 -0.52 -0.17
N LEU A 66 8.25 -0.86 -1.06
CA LEU A 66 7.44 -2.10 -1.01
C LEU A 66 6.53 -2.16 0.24
N ARG A 67 7.11 -2.27 1.42
CA ARG A 67 6.35 -2.36 2.64
C ARG A 67 5.73 -1.04 3.03
N LYS A 68 6.36 0.04 2.61
CA LYS A 68 5.86 1.39 2.89
C LYS A 68 4.53 1.63 2.15
N LEU A 69 4.25 0.79 1.17
CA LEU A 69 2.95 0.84 0.44
C LEU A 69 1.78 0.79 1.41
N GLN A 70 1.82 -0.11 2.36
CA GLN A 70 0.72 -0.26 3.30
C GLN A 70 0.78 0.75 4.44
N GLU A 71 1.74 1.64 4.38
CA GLU A 71 1.82 2.74 5.32
C GLU A 71 1.18 3.96 4.66
N MET A 72 1.25 3.98 3.35
CA MET A 72 0.67 5.03 2.53
C MET A 72 -0.61 4.51 1.93
N SER A 73 -1.15 3.49 2.54
CA SER A 73 -2.32 2.85 2.04
C SER A 73 -3.56 3.68 2.39
N SER A 74 -3.49 4.34 3.56
CA SER A 74 -4.54 5.19 4.08
C SER A 74 -5.79 4.39 4.45
N LYS A 75 -5.62 3.09 4.60
CA LYS A 75 -6.73 2.23 4.95
C LYS A 75 -6.73 1.93 6.42
N ALA A 76 -5.80 2.54 7.13
CA ALA A 76 -5.66 2.35 8.54
C ALA A 76 -6.73 3.10 9.30
N GLY A 77 -7.72 2.38 9.77
CA GLY A 77 -8.77 2.97 10.57
C GLY A 77 -8.53 2.75 12.04
N SER A 78 -7.40 2.14 12.35
CA SER A 78 -7.00 1.91 13.70
C SER A 78 -5.50 2.10 13.86
N ASP A 79 -5.10 3.27 14.32
CA ASP A 79 -3.71 3.51 14.65
C ASP A 79 -3.56 3.32 16.15
N THR A 80 -4.68 3.51 16.84
CA THR A 80 -4.79 3.41 18.28
C THR A 80 -3.83 4.39 18.95
N GLU A 81 -4.23 5.63 19.00
CA GLU A 81 -3.40 6.68 19.55
C GLU A 81 -3.40 6.66 21.06
N LEU A 82 -4.33 5.91 21.65
CA LEU A 82 -4.34 5.71 23.08
C LEU A 82 -3.26 4.71 23.45
N ALA A 83 -2.06 5.23 23.53
CA ALA A 83 -0.86 4.52 23.86
C ALA A 83 0.17 5.56 24.21
N ALA A 84 1.15 5.19 24.98
CA ALA A 84 2.18 6.10 25.41
C ALA A 84 3.34 5.30 25.95
N PRO A 85 4.57 5.59 25.49
CA PRO A 85 5.77 4.93 26.00
C PRO A 85 5.93 5.20 27.49
N LYS A 86 5.67 4.20 28.27
CA LYS A 86 5.74 4.32 29.69
C LYS A 86 6.92 3.55 30.23
N SER A 87 8.06 4.10 30.01
CA SER A 87 9.31 3.55 30.46
C SER A 87 9.57 4.08 31.87
N LYS A 88 9.27 5.34 32.05
CA LYS A 88 9.48 6.04 33.30
C LYS A 88 8.17 6.60 33.84
N ASN A 89 7.32 7.07 32.93
CA ASN A 89 6.08 7.80 33.26
C ASN A 89 6.49 9.16 33.80
N GLY A 1 -19.50 1.36 6.40
CA GLY A 1 -18.57 0.54 5.64
C GLY A 1 -18.98 0.48 4.19
N ASP A 2 -18.20 1.08 3.34
CA ASP A 2 -18.44 1.01 1.91
C ASP A 2 -17.47 0.03 1.33
N GLY A 3 -17.86 -1.22 1.37
CA GLY A 3 -16.99 -2.27 0.95
C GLY A 3 -16.40 -2.93 2.16
N GLU A 4 -15.39 -2.29 2.72
CA GLU A 4 -14.77 -2.74 3.95
C GLU A 4 -13.91 -1.59 4.50
N ALA A 5 -12.75 -1.43 3.89
CA ALA A 5 -11.72 -0.47 4.24
C ALA A 5 -10.59 -0.79 3.32
N GLN A 6 -9.50 -0.09 3.40
CA GLN A 6 -8.40 -0.43 2.55
C GLN A 6 -7.47 -1.35 3.33
N ARG A 7 -7.16 -2.47 2.74
CA ARG A 7 -6.34 -3.49 3.37
C ARG A 7 -4.86 -3.14 3.26
N ASP A 8 -4.02 -4.04 3.75
CA ASP A 8 -2.58 -3.91 3.61
C ASP A 8 -2.27 -3.92 2.14
N LEU A 9 -1.74 -2.83 1.63
CA LEU A 9 -1.40 -2.75 0.22
C LEU A 9 -0.34 -3.76 -0.16
N VAL A 10 0.40 -4.22 0.83
CA VAL A 10 1.40 -5.26 0.66
C VAL A 10 0.76 -6.59 0.26
N LYS A 11 -0.45 -6.84 0.76
CA LYS A 11 -1.16 -8.09 0.44
C LYS A 11 -1.57 -8.12 -1.03
N ALA A 12 -1.54 -6.97 -1.67
CA ALA A 12 -1.86 -6.86 -3.06
C ALA A 12 -0.59 -6.65 -3.89
N VAL A 13 0.12 -5.56 -3.59
CA VAL A 13 1.31 -5.15 -4.33
C VAL A 13 2.44 -6.17 -4.23
N ALA A 14 2.70 -6.67 -3.04
CA ALA A 14 3.77 -7.63 -2.88
C ALA A 14 3.36 -8.96 -3.48
N HIS A 15 2.06 -9.21 -3.51
CA HIS A 15 1.52 -10.46 -4.06
C HIS A 15 1.69 -10.47 -5.58
N ILE A 16 1.82 -9.29 -6.18
CA ILE A 16 2.08 -9.15 -7.61
C ILE A 16 3.50 -9.67 -7.90
N LEU A 17 4.42 -9.33 -7.02
CA LEU A 17 5.82 -9.72 -7.13
C LEU A 17 6.02 -11.17 -6.70
N GLY A 18 5.27 -11.58 -5.70
CA GLY A 18 5.36 -12.91 -5.17
C GLY A 18 5.91 -12.91 -3.76
N ILE A 19 5.68 -11.82 -3.08
CA ILE A 19 6.13 -11.65 -1.74
C ILE A 19 4.99 -11.23 -0.82
N ARG A 20 5.34 -11.10 0.43
CA ARG A 20 4.50 -10.63 1.53
C ARG A 20 5.35 -10.82 2.76
N ASP A 21 6.03 -11.94 2.75
CA ASP A 21 6.96 -12.33 3.81
C ASP A 21 8.14 -11.38 3.85
N LEU A 22 8.70 -11.05 2.67
CA LEU A 22 9.82 -10.13 2.55
C LEU A 22 11.08 -10.67 3.17
N ALA A 23 11.09 -11.97 3.42
CA ALA A 23 12.21 -12.58 4.04
C ALA A 23 13.28 -12.84 3.00
N GLY A 24 14.09 -11.86 2.77
CA GLY A 24 15.09 -11.98 1.75
C GLY A 24 15.00 -10.84 0.76
N ILE A 25 13.93 -10.09 0.84
CA ILE A 25 13.71 -8.98 -0.06
C ILE A 25 13.99 -7.72 0.71
N ASN A 26 14.63 -6.78 0.08
CA ASN A 26 15.00 -5.56 0.76
C ASN A 26 13.82 -4.63 0.88
N LEU A 27 13.67 -4.08 2.06
CA LEU A 27 12.56 -3.18 2.40
C LEU A 27 12.98 -1.74 2.07
N ASP A 28 14.11 -1.62 1.43
CA ASP A 28 14.68 -0.33 1.07
C ASP A 28 14.66 -0.16 -0.42
N SER A 29 14.19 -1.16 -1.11
CA SER A 29 14.16 -1.14 -2.54
C SER A 29 12.95 -0.36 -3.04
N SER A 30 13.18 0.56 -3.94
CA SER A 30 12.14 1.33 -4.53
C SER A 30 11.30 0.45 -5.45
N LEU A 31 10.13 0.94 -5.80
CA LEU A 31 9.20 0.18 -6.61
C LEU A 31 9.75 -0.03 -8.02
N ALA A 32 10.62 0.88 -8.43
CA ALA A 32 11.24 0.78 -9.72
C ALA A 32 12.30 -0.32 -9.74
N ASP A 33 12.88 -0.62 -8.57
CA ASP A 33 13.86 -1.71 -8.45
C ASP A 33 13.14 -3.00 -8.72
N LEU A 34 12.00 -3.11 -8.06
CA LEU A 34 11.10 -4.25 -8.13
C LEU A 34 10.66 -4.50 -9.57
N GLY A 35 10.21 -3.46 -10.25
CA GLY A 35 9.86 -3.64 -11.64
C GLY A 35 8.73 -2.76 -12.13
N LEU A 36 8.46 -1.66 -11.45
CA LEU A 36 7.45 -0.72 -11.90
C LEU A 36 7.78 -0.13 -13.28
N ASP A 37 6.97 -0.49 -14.24
CA ASP A 37 7.09 -0.01 -15.61
C ASP A 37 5.75 0.54 -16.07
N SER A 38 4.66 -0.04 -15.59
CA SER A 38 3.36 0.38 -15.99
C SER A 38 2.31 -0.07 -14.97
N LEU A 39 2.09 -1.39 -14.88
CA LEU A 39 1.08 -1.95 -14.00
C LEU A 39 1.31 -1.57 -12.55
N MET A 40 2.56 -1.51 -12.14
CA MET A 40 2.90 -1.19 -10.75
C MET A 40 2.63 0.27 -10.40
N GLY A 41 2.18 1.04 -11.37
CA GLY A 41 1.75 2.39 -11.12
C GLY A 41 0.25 2.51 -11.29
N VAL A 42 -0.27 1.74 -12.23
CA VAL A 42 -1.70 1.74 -12.54
C VAL A 42 -2.48 1.02 -11.45
N GLU A 43 -1.98 -0.15 -11.04
CA GLU A 43 -2.61 -0.97 -10.01
C GLU A 43 -2.78 -0.13 -8.76
N VAL A 44 -1.71 0.58 -8.41
CA VAL A 44 -1.66 1.42 -7.23
C VAL A 44 -2.69 2.54 -7.33
N ARG A 45 -2.69 3.23 -8.45
CA ARG A 45 -3.60 4.32 -8.66
C ARG A 45 -5.06 3.88 -8.72
N GLN A 46 -5.32 2.69 -9.19
CA GLN A 46 -6.69 2.18 -9.21
C GLN A 46 -7.08 1.57 -7.86
N ILE A 47 -6.23 1.76 -6.87
CA ILE A 47 -6.56 1.39 -5.50
C ILE A 47 -6.74 2.68 -4.71
N LEU A 48 -5.72 3.51 -4.73
CA LEU A 48 -5.70 4.74 -3.96
C LEU A 48 -6.73 5.77 -4.45
N GLU A 49 -6.80 6.01 -5.76
CA GLU A 49 -7.78 6.96 -6.32
C GLU A 49 -9.18 6.38 -6.22
N ARG A 50 -9.23 5.08 -6.29
CA ARG A 50 -10.46 4.34 -6.29
C ARG A 50 -11.17 4.44 -4.93
N GLU A 51 -10.46 4.09 -3.87
CA GLU A 51 -11.01 4.07 -2.52
C GLU A 51 -10.95 5.42 -1.84
N HIS A 52 -9.80 6.02 -1.85
CA HIS A 52 -9.54 7.17 -1.01
C HIS A 52 -9.49 8.47 -1.82
N ASP A 53 -9.72 8.36 -3.15
CA ASP A 53 -9.61 9.52 -4.10
C ASP A 53 -8.21 10.08 -4.06
N LEU A 54 -7.29 9.25 -3.61
CA LEU A 54 -5.94 9.64 -3.35
C LEU A 54 -5.10 9.52 -4.59
N VAL A 55 -4.75 10.64 -5.15
CA VAL A 55 -3.96 10.67 -6.33
C VAL A 55 -2.50 10.68 -5.94
N LEU A 56 -1.88 9.56 -6.13
CA LEU A 56 -0.47 9.44 -5.92
C LEU A 56 0.17 9.11 -7.24
N PRO A 57 0.81 10.08 -7.87
CA PRO A 57 1.50 9.87 -9.13
C PRO A 57 2.78 9.04 -8.95
N ILE A 58 3.31 8.51 -10.04
CA ILE A 58 4.49 7.63 -10.02
C ILE A 58 5.72 8.34 -9.43
N ARG A 59 5.69 9.67 -9.45
CA ARG A 59 6.75 10.50 -8.86
C ARG A 59 6.95 10.10 -7.39
N GLU A 60 5.86 9.72 -6.74
CA GLU A 60 5.88 9.29 -5.36
C GLU A 60 5.69 7.79 -5.23
N VAL A 61 5.04 7.19 -6.19
CA VAL A 61 4.80 5.75 -6.20
C VAL A 61 6.09 4.97 -6.44
N ARG A 62 7.01 5.55 -7.17
CA ARG A 62 8.27 4.91 -7.50
C ARG A 62 9.14 4.62 -6.26
N GLN A 63 8.91 5.33 -5.18
CA GLN A 63 9.72 5.12 -3.99
C GLN A 63 8.94 4.36 -2.96
N LEU A 64 7.86 3.74 -3.38
CA LEU A 64 7.11 2.85 -2.51
C LEU A 64 7.94 1.58 -2.29
N THR A 65 8.64 1.56 -1.19
CA THR A 65 9.61 0.53 -0.84
C THR A 65 9.00 -0.75 -0.31
N LEU A 66 7.94 -1.16 -0.96
CA LEU A 66 7.16 -2.35 -0.66
C LEU A 66 6.47 -2.25 0.72
N ARG A 67 7.23 -2.09 1.78
CA ARG A 67 6.64 -1.99 3.10
C ARG A 67 6.05 -0.62 3.34
N LYS A 68 6.43 0.33 2.51
CA LYS A 68 5.82 1.65 2.56
C LYS A 68 4.35 1.53 2.12
N LEU A 69 4.06 0.47 1.40
CA LEU A 69 2.67 0.16 0.99
C LEU A 69 1.76 -0.08 2.21
N GLN A 70 2.32 -0.61 3.28
CA GLN A 70 1.55 -0.82 4.50
C GLN A 70 1.68 0.38 5.45
N GLU A 71 2.33 1.43 4.96
CA GLU A 71 2.44 2.71 5.66
C GLU A 71 1.48 3.70 5.00
N MET A 72 1.15 3.40 3.76
CA MET A 72 0.25 4.21 2.94
C MET A 72 -1.01 3.41 2.66
N SER A 73 -1.24 2.40 3.48
CA SER A 73 -2.33 1.47 3.27
C SER A 73 -3.70 2.10 3.54
N SER A 74 -3.69 3.33 4.09
CA SER A 74 -4.88 4.18 4.23
C SER A 74 -6.01 3.53 5.07
N LYS A 75 -5.64 2.54 5.85
CA LYS A 75 -6.58 1.87 6.69
C LYS A 75 -6.90 2.70 7.93
N ALA A 76 -8.17 2.91 8.14
CA ALA A 76 -8.68 3.68 9.26
C ALA A 76 -10.16 3.36 9.44
N GLY A 77 -10.73 3.85 10.51
CA GLY A 77 -12.13 3.68 10.77
C GLY A 77 -12.37 3.18 12.15
N SER A 78 -12.65 1.90 12.25
CA SER A 78 -12.88 1.24 13.51
C SER A 78 -11.53 0.89 14.12
N ASP A 79 -10.58 0.63 13.27
CA ASP A 79 -9.20 0.41 13.67
C ASP A 79 -8.44 1.55 13.05
N THR A 80 -7.52 2.11 13.80
CA THR A 80 -6.75 3.27 13.39
C THR A 80 -7.63 4.52 13.48
N GLU A 81 -7.61 5.09 14.64
CA GLU A 81 -8.43 6.21 14.96
C GLU A 81 -7.59 7.47 14.94
N LEU A 82 -7.90 8.34 14.03
CA LEU A 82 -7.20 9.59 13.88
C LEU A 82 -7.88 10.66 14.71
N ALA A 83 -7.13 11.30 15.55
CA ALA A 83 -7.66 12.34 16.39
C ALA A 83 -7.73 13.61 15.58
N ALA A 84 -8.69 14.44 15.88
CA ALA A 84 -8.86 15.68 15.19
C ALA A 84 -7.69 16.61 15.51
N PRO A 85 -7.01 17.11 14.46
CA PRO A 85 -5.90 18.06 14.64
C PRO A 85 -6.38 19.28 15.41
N LYS A 86 -5.48 19.87 16.18
CA LYS A 86 -5.77 21.01 17.07
C LYS A 86 -6.62 22.06 16.39
N SER A 87 -7.86 22.09 16.76
CA SER A 87 -8.77 23.08 16.29
C SER A 87 -9.40 23.78 17.47
N LYS A 88 -9.19 23.20 18.64
CA LYS A 88 -9.64 23.79 19.87
C LYS A 88 -8.63 24.82 20.31
N ASN A 89 -9.05 25.74 21.13
CA ASN A 89 -8.17 26.77 21.60
C ASN A 89 -8.30 26.92 23.07
N GLY A 1 -21.85 -5.90 4.46
CA GLY A 1 -21.16 -6.50 5.59
C GLY A 1 -19.91 -5.74 5.87
N ASP A 2 -19.10 -6.26 6.75
CA ASP A 2 -17.86 -5.61 7.10
C ASP A 2 -16.86 -6.63 7.60
N GLY A 3 -15.83 -6.80 6.82
CA GLY A 3 -14.80 -7.75 7.13
C GLY A 3 -13.48 -7.25 6.62
N GLU A 4 -13.43 -6.98 5.34
CA GLU A 4 -12.27 -6.41 4.74
C GLU A 4 -12.66 -5.63 3.50
N ALA A 5 -12.53 -4.33 3.59
CA ALA A 5 -12.77 -3.46 2.46
C ALA A 5 -11.60 -3.61 1.51
N GLN A 6 -10.45 -3.75 2.11
CA GLN A 6 -9.20 -3.98 1.46
C GLN A 6 -8.41 -4.83 2.43
N ARG A 7 -7.54 -5.68 1.97
CA ARG A 7 -6.81 -6.52 2.92
C ARG A 7 -5.60 -5.77 3.43
N ASP A 8 -4.94 -5.08 2.51
CA ASP A 8 -3.68 -4.35 2.71
C ASP A 8 -3.12 -4.08 1.33
N LEU A 9 -2.17 -3.19 1.22
CA LEU A 9 -1.63 -2.84 -0.06
C LEU A 9 -0.47 -3.76 -0.43
N VAL A 10 0.30 -4.19 0.56
CA VAL A 10 1.44 -5.07 0.32
C VAL A 10 0.95 -6.47 0.01
N LYS A 11 -0.10 -6.87 0.70
CA LYS A 11 -0.70 -8.20 0.50
C LYS A 11 -1.25 -8.32 -0.95
N ALA A 12 -1.39 -7.18 -1.61
CA ALA A 12 -1.83 -7.14 -2.98
C ALA A 12 -0.63 -6.89 -3.92
N VAL A 13 0.03 -5.75 -3.75
CA VAL A 13 1.15 -5.33 -4.62
C VAL A 13 2.31 -6.32 -4.58
N ALA A 14 2.69 -6.75 -3.40
CA ALA A 14 3.79 -7.68 -3.27
C ALA A 14 3.37 -9.04 -3.79
N HIS A 15 2.07 -9.36 -3.70
CA HIS A 15 1.56 -10.64 -4.18
C HIS A 15 1.66 -10.69 -5.71
N ILE A 16 1.56 -9.52 -6.33
CA ILE A 16 1.74 -9.38 -7.77
C ILE A 16 3.16 -9.80 -8.16
N LEU A 17 4.11 -9.44 -7.32
CA LEU A 17 5.51 -9.75 -7.54
C LEU A 17 5.79 -11.20 -7.16
N GLY A 18 5.15 -11.65 -6.11
CA GLY A 18 5.33 -13.00 -5.63
C GLY A 18 5.90 -13.02 -4.24
N ILE A 19 5.66 -11.97 -3.50
CA ILE A 19 6.16 -11.82 -2.16
C ILE A 19 5.08 -11.41 -1.20
N ARG A 20 5.37 -11.57 0.07
CA ARG A 20 4.51 -11.14 1.15
C ARG A 20 5.28 -11.19 2.44
N ASP A 21 6.12 -12.21 2.56
CA ASP A 21 6.93 -12.42 3.77
C ASP A 21 7.94 -11.32 3.97
N LEU A 22 8.71 -11.04 2.91
CA LEU A 22 9.72 -9.97 2.91
C LEU A 22 10.87 -10.29 3.86
N ALA A 23 11.05 -11.57 4.16
CA ALA A 23 12.07 -11.99 5.10
C ALA A 23 13.46 -11.84 4.52
N GLY A 24 13.52 -11.91 3.23
CA GLY A 24 14.76 -11.78 2.54
C GLY A 24 14.65 -10.86 1.37
N ILE A 25 13.73 -9.96 1.47
CA ILE A 25 13.50 -8.99 0.44
C ILE A 25 13.72 -7.64 1.06
N ASN A 26 14.26 -6.71 0.31
CA ASN A 26 14.58 -5.41 0.84
C ASN A 26 13.34 -4.56 1.02
N LEU A 27 13.21 -4.02 2.21
CA LEU A 27 12.11 -3.13 2.56
C LEU A 27 12.57 -1.71 2.25
N ASP A 28 13.85 -1.61 1.96
CA ASP A 28 14.49 -0.35 1.67
C ASP A 28 14.54 -0.11 0.17
N SER A 29 14.03 -1.03 -0.60
CA SER A 29 14.03 -0.87 -2.00
C SER A 29 12.76 -0.22 -2.45
N SER A 30 12.91 0.87 -3.13
CA SER A 30 11.82 1.57 -3.68
C SER A 30 11.37 0.79 -4.91
N LEU A 31 10.16 0.99 -5.35
CA LEU A 31 9.69 0.33 -6.55
C LEU A 31 10.57 0.77 -7.75
N ALA A 32 11.20 1.93 -7.60
CA ALA A 32 12.15 2.45 -8.56
C ALA A 32 13.41 1.58 -8.64
N ASP A 33 13.76 0.93 -7.54
CA ASP A 33 14.94 0.07 -7.52
C ASP A 33 14.65 -1.20 -8.27
N LEU A 34 13.39 -1.58 -8.21
CA LEU A 34 12.90 -2.81 -8.79
C LEU A 34 12.65 -2.63 -10.28
N GLY A 35 11.99 -1.55 -10.60
CA GLY A 35 11.61 -1.27 -11.96
C GLY A 35 10.14 -1.58 -12.16
N LEU A 36 9.28 -0.65 -11.80
CA LEU A 36 7.85 -0.86 -11.92
C LEU A 36 7.41 -0.51 -13.33
N ASP A 37 6.71 -1.40 -13.98
CA ASP A 37 6.25 -1.13 -15.32
C ASP A 37 4.77 -1.35 -15.50
N SER A 38 4.06 -0.26 -15.53
CA SER A 38 2.66 -0.17 -15.89
C SER A 38 1.75 -0.63 -14.77
N LEU A 39 1.74 -1.91 -14.51
CA LEU A 39 0.79 -2.47 -13.55
C LEU A 39 1.15 -2.07 -12.15
N MET A 40 2.43 -2.12 -11.86
CA MET A 40 2.98 -1.72 -10.56
C MET A 40 2.82 -0.22 -10.29
N GLY A 41 2.16 0.47 -11.19
CA GLY A 41 1.81 1.83 -10.97
C GLY A 41 0.30 1.97 -10.98
N VAL A 42 -0.33 1.34 -11.98
CA VAL A 42 -1.77 1.42 -12.18
C VAL A 42 -2.54 0.73 -11.08
N GLU A 43 -2.16 -0.51 -10.74
CA GLU A 43 -2.85 -1.26 -9.68
C GLU A 43 -2.84 -0.45 -8.41
N VAL A 44 -1.67 0.10 -8.13
CA VAL A 44 -1.43 0.90 -6.94
C VAL A 44 -2.33 2.11 -6.94
N ARG A 45 -2.27 2.86 -8.02
CA ARG A 45 -2.99 4.10 -8.14
C ARG A 45 -4.49 3.85 -8.09
N GLN A 46 -4.95 2.77 -8.70
CA GLN A 46 -6.38 2.46 -8.70
C GLN A 46 -6.87 2.00 -7.33
N ILE A 47 -5.96 1.76 -6.42
CA ILE A 47 -6.35 1.49 -5.06
C ILE A 47 -6.39 2.82 -4.31
N LEU A 48 -5.27 3.53 -4.37
CA LEU A 48 -5.12 4.78 -3.65
C LEU A 48 -6.02 5.90 -4.18
N GLU A 49 -5.94 6.18 -5.45
CA GLU A 49 -6.67 7.28 -6.09
C GLU A 49 -8.17 7.01 -6.09
N ARG A 50 -8.54 5.85 -6.58
CA ARG A 50 -9.94 5.46 -6.72
C ARG A 50 -10.65 5.32 -5.37
N GLU A 51 -10.09 4.53 -4.49
CA GLU A 51 -10.75 4.22 -3.24
C GLU A 51 -10.47 5.23 -2.15
N HIS A 52 -9.20 5.55 -1.96
CA HIS A 52 -8.82 6.40 -0.82
C HIS A 52 -8.76 7.88 -1.20
N ASP A 53 -8.86 8.18 -2.49
CA ASP A 53 -8.73 9.55 -3.02
C ASP A 53 -7.29 10.07 -2.83
N LEU A 54 -6.33 9.20 -3.09
CA LEU A 54 -4.92 9.57 -3.06
C LEU A 54 -4.36 9.53 -4.46
N VAL A 55 -4.41 10.65 -5.14
CA VAL A 55 -3.88 10.77 -6.48
C VAL A 55 -2.37 10.80 -6.42
N LEU A 56 -1.78 9.65 -6.58
CA LEU A 56 -0.35 9.51 -6.54
C LEU A 56 0.13 9.11 -7.91
N PRO A 57 0.81 10.01 -8.61
CA PRO A 57 1.41 9.70 -9.92
C PRO A 57 2.69 8.87 -9.76
N ILE A 58 3.40 8.60 -10.87
CA ILE A 58 4.60 7.76 -10.82
C ILE A 58 5.64 8.38 -9.90
N ARG A 59 5.75 9.70 -9.95
CA ARG A 59 6.71 10.43 -9.11
C ARG A 59 6.45 10.27 -7.60
N GLU A 60 5.35 9.67 -7.20
CA GLU A 60 5.11 9.38 -5.80
C GLU A 60 4.97 7.88 -5.53
N VAL A 61 4.51 7.15 -6.51
CA VAL A 61 4.34 5.70 -6.41
C VAL A 61 5.70 4.98 -6.56
N ARG A 62 6.57 5.54 -7.34
CA ARG A 62 7.81 4.88 -7.67
C ARG A 62 8.80 4.82 -6.47
N GLN A 63 8.60 5.66 -5.45
CA GLN A 63 9.52 5.64 -4.30
C GLN A 63 8.93 4.84 -3.17
N LEU A 64 7.83 4.17 -3.45
CA LEU A 64 7.24 3.29 -2.45
C LEU A 64 8.21 2.14 -2.19
N THR A 65 8.64 2.00 -0.97
CA THR A 65 9.64 1.02 -0.55
C THR A 65 9.01 -0.36 -0.32
N LEU A 66 7.97 -0.66 -1.07
CA LEU A 66 7.15 -1.84 -0.93
C LEU A 66 6.39 -1.83 0.41
N ARG A 67 7.10 -1.76 1.51
CA ARG A 67 6.45 -1.75 2.81
C ARG A 67 5.85 -0.40 3.15
N LYS A 68 6.10 0.59 2.31
CA LYS A 68 5.44 1.88 2.45
C LYS A 68 3.97 1.73 2.04
N LEU A 69 3.70 0.70 1.24
CA LEU A 69 2.31 0.38 0.84
C LEU A 69 1.44 0.12 2.08
N GLN A 70 1.94 -0.66 3.03
CA GLN A 70 1.20 -0.94 4.27
C GLN A 70 1.31 0.20 5.28
N GLU A 71 1.98 1.25 4.89
CA GLU A 71 2.11 2.43 5.69
C GLU A 71 1.10 3.49 5.21
N MET A 72 0.67 3.31 3.98
CA MET A 72 -0.32 4.21 3.37
C MET A 72 -1.53 3.41 2.96
N SER A 73 -1.67 2.26 3.59
CA SER A 73 -2.70 1.33 3.23
C SER A 73 -4.08 1.74 3.73
N SER A 74 -4.12 2.31 4.95
CA SER A 74 -5.35 2.75 5.60
C SER A 74 -6.43 1.63 5.65
N LYS A 75 -6.31 0.73 6.63
CA LYS A 75 -7.28 -0.36 6.76
C LYS A 75 -8.54 0.14 7.41
N ALA A 76 -8.39 1.08 8.35
CA ALA A 76 -9.49 1.57 9.19
C ALA A 76 -10.02 0.38 9.98
N GLY A 77 -9.07 -0.33 10.54
CA GLY A 77 -9.32 -1.56 11.22
C GLY A 77 -8.05 -2.36 11.30
N SER A 78 -7.27 -2.11 12.33
CA SER A 78 -5.99 -2.76 12.52
C SER A 78 -6.13 -4.25 12.85
N ASP A 79 -7.35 -4.72 13.01
CA ASP A 79 -7.61 -6.11 13.27
C ASP A 79 -7.97 -6.85 11.99
N THR A 80 -7.35 -6.46 10.89
CA THR A 80 -7.55 -7.17 9.63
C THR A 80 -6.61 -8.40 9.62
N GLU A 81 -5.54 -8.29 10.37
CA GLU A 81 -4.65 -9.41 10.65
C GLU A 81 -5.17 -10.08 11.94
N LEU A 82 -6.09 -9.36 12.56
CA LEU A 82 -6.76 -9.69 13.81
C LEU A 82 -5.79 -9.77 14.97
N ALA A 83 -5.35 -10.97 15.24
CA ALA A 83 -4.49 -11.30 16.33
C ALA A 83 -4.32 -12.79 16.25
N ALA A 84 -3.57 -13.35 17.14
CA ALA A 84 -3.38 -14.77 17.16
C ALA A 84 -4.09 -15.34 18.38
N PRO A 85 -5.27 -15.92 18.19
CA PRO A 85 -6.01 -16.54 19.27
C PRO A 85 -5.48 -17.95 19.51
N LYS A 86 -4.67 -18.09 20.52
CA LYS A 86 -4.02 -19.34 20.78
C LYS A 86 -4.82 -20.19 21.74
N SER A 87 -5.66 -19.55 22.51
CA SER A 87 -6.46 -20.26 23.46
C SER A 87 -7.92 -20.10 23.11
N LYS A 88 -8.55 -21.20 22.76
CA LYS A 88 -9.97 -21.18 22.45
C LYS A 88 -10.82 -21.45 23.68
N ASN A 89 -10.19 -21.78 24.75
CA ASN A 89 -10.87 -22.00 25.99
C ASN A 89 -10.16 -21.24 27.06
#